data_8SAW
#
_entry.id   8SAW
#
_cell.length_a   1.00
_cell.length_b   1.00
_cell.length_c   1.00
_cell.angle_alpha   90.00
_cell.angle_beta   90.00
_cell.angle_gamma   90.00
#
_symmetry.space_group_name_H-M   'P 1'
#
loop_
_entity.id
_entity.type
_entity.pdbx_description
1 polymer 'CH848.3.D0949.10.17chim.6R.SOSIP.664 gp120A'
2 polymer 'CH848.3.D0949.10.17chim.6R.SOSIP.664 gp41'
3 polymer 'DH270.UCA. G57R heavy chain'
4 polymer 'DH270.UCA. G57R light chain'
5 branched beta-D-mannopyranose-(1-4)-2-acetamido-2-deoxy-beta-D-glucopyranose-(1-4)-2-acetamido-2-deoxy-beta-D-glucopyranose
6 branched alpha-D-mannopyranose-(1-2)-alpha-D-mannopyranose-(1-2)-alpha-D-mannopyranose-(1-3)-[alpha-D-mannopyranose-(1-3)-[alpha-D-mannopyranose-(1-6)]alpha-D-mannopyranose-(1-6)]beta-D-mannopyranose-(1-4)-2-acetamido-2-deoxy-beta-D-glucopyranose-(1-4)-2-acetamido-2-deoxy-beta-D-glucopyranose
7 branched 2-acetamido-2-deoxy-beta-D-glucopyranose-(1-4)-2-acetamido-2-deoxy-beta-D-glucopyranose
#
loop_
_entity_poly.entity_id
_entity_poly.type
_entity_poly.pdbx_seq_one_letter_code
_entity_poly.pdbx_strand_id
1 'polypeptide(L)'
;AENLWVTVYYGVPVWKEAKTTLFCASDARAYEKEVHNVWATHACVPTDPSPQELVLGNVTENFNMWKNDMVDQMHEDIIS
LWDQSLKPCVKLTPLCVTLICSNATVKNGTVEEMKNCSFNTTTEIRDKEKKEYALFYKPDIVPLSETNNTSEYRLINCNT
SACTQACPKVTFEPIPIHYCAPAGYAILKCNDETFNGTGPCSNVSTVQCTHGIRPVVSTQLLLNGSLAEKEIVIRSENLT
NNAKIIIVHLHTPVEIVCTRPNNNTRKSVRIGPGQTFYATGDIIGDIKQAHCNISEEKWNDTLQKVGIELQKHFPNKTIK
YNQSAGGDMEITTHSFNCGGEFFYCNTSNLFNGTYNGTYISTNSSANSTSTITLQCRIKQIINMWQGVGRCMYAPPIAGN
ITCRSNITGLLLTRDGGTNSNETETFRPAGGDMRDNWRSELYKYKVVKIEPLGVAPTRCKRRVVGRRRRRR
;
A,E,K
2 'polypeptide(L)'
;AVGIGAVFLGFLGAAGSTMGAASMTLTVQARNLLSGTVWGIKQLQARVLAVERYLRDQQLLGIWGCSGKLICCTNVPWNS
SWSNRNLSEIWDNMTWLQWDKEISNYTQIIYGLLEESQNQQEKNEQDLLALD
;
B,F,L
3 'polypeptide(L)'
;QVQLVQSGAEVKKPGASVKVSCKASGYTFTGYYMHWVRQAPGQGLEWMGWINPNSGRTNYAQKFQGRVTMTRDTSISTAY
MELSRLRSDDTAVYYCARGGWISLYYDSSGYPNFDYWGQGTLVTVSS
;
C,H,M
4 'polypeptide(L)'
;QSALTQPASVSGSPGQSITISCTGTSSDVGSYNLVSWYQQHPGKAPKLMIYEVSKRPSGVSNRFSGSKSGNTASLTISGL
QAEDEADYYCCSYAGSSTVIFGGGTKLTVL
;
D,I,N
#
loop_
_chem_comp.id
_chem_comp.type
_chem_comp.name
_chem_comp.formula
BMA D-saccharide, beta linking beta-D-mannopyranose 'C6 H12 O6'
MAN D-saccharide, alpha linking alpha-D-mannopyranose 'C6 H12 O6'
NAG D-saccharide, beta linking 2-acetamido-2-deoxy-beta-D-glucopyranose 'C8 H15 N O6'
#
# COMPACT_ATOMS: atom_id res chain seq x y z
N GLU A 2 35.70 39.31 45.24
CA GLU A 2 36.08 39.61 43.86
C GLU A 2 34.85 39.75 42.97
N ASN A 3 34.95 40.58 41.94
CA ASN A 3 33.86 40.80 41.01
C ASN A 3 33.87 39.72 39.94
N LEU A 4 32.70 39.15 39.67
CA LEU A 4 32.54 38.06 38.72
C LEU A 4 31.60 38.51 37.60
N TRP A 5 31.80 37.90 36.42
CA TRP A 5 31.01 38.19 35.23
C TRP A 5 30.56 36.89 34.60
N VAL A 6 29.40 36.92 33.97
CA VAL A 6 28.84 35.73 33.32
C VAL A 6 29.61 35.44 32.03
N THR A 7 29.90 34.17 31.80
CA THR A 7 30.56 33.71 30.58
C THR A 7 29.84 32.45 30.10
N VAL A 8 29.57 32.39 28.80
CA VAL A 8 28.86 31.27 28.19
C VAL A 8 29.88 30.31 27.58
N TYR A 9 29.70 29.03 27.87
CA TYR A 9 30.55 27.96 27.37
C TYR A 9 29.73 27.02 26.50
N TYR A 10 30.30 26.65 25.36
CA TYR A 10 29.68 25.74 24.41
C TYR A 10 30.48 24.45 24.34
N GLY A 11 29.78 23.35 24.07
CA GLY A 11 30.40 22.04 24.10
C GLY A 11 30.69 21.59 25.51
N VAL A 12 29.65 21.52 26.33
CA VAL A 12 29.75 21.21 27.76
C VAL A 12 29.18 19.81 27.96
N PRO A 13 29.90 18.89 28.65
CA PRO A 13 29.34 17.55 28.85
C PRO A 13 28.30 17.51 29.96
N VAL A 14 27.09 17.99 29.65
CA VAL A 14 25.94 17.92 30.54
C VAL A 14 24.81 17.23 29.78
N TRP A 15 24.19 16.23 30.42
CA TRP A 15 23.15 15.43 29.79
C TRP A 15 21.95 15.29 30.69
N LYS A 16 20.79 15.07 30.07
CA LYS A 16 19.54 14.84 30.78
C LYS A 16 18.78 13.69 30.13
N GLU A 17 17.95 13.02 30.93
CA GLU A 17 17.13 11.94 30.39
C GLU A 17 16.12 12.48 29.39
N ALA A 18 15.95 11.77 28.28
CA ALA A 18 15.04 12.20 27.22
C ALA A 18 14.60 10.97 26.43
N LYS A 19 13.67 11.21 25.50
CA LYS A 19 13.10 10.16 24.66
C LYS A 19 13.45 10.43 23.20
N THR A 20 13.90 9.39 22.50
CA THR A 20 14.25 9.51 21.09
C THR A 20 14.18 8.14 20.43
N THR A 21 14.15 8.15 19.11
CA THR A 21 14.10 6.93 18.32
C THR A 21 15.52 6.55 17.89
N LEU A 22 15.96 5.35 18.27
CA LEU A 22 17.29 4.89 17.95
C LEU A 22 17.31 4.19 16.60
N PHE A 23 18.52 3.90 16.12
CA PHE A 23 18.74 3.22 14.85
C PHE A 23 19.22 1.81 15.09
N CYS A 24 18.68 0.86 14.31
CA CYS A 24 19.14 -0.52 14.35
C CYS A 24 20.34 -0.68 13.43
N ALA A 25 21.25 -1.57 13.80
CA ALA A 25 22.46 -1.82 13.04
C ALA A 25 22.84 -3.28 13.16
N SER A 26 23.62 -3.76 12.19
CA SER A 26 24.07 -5.14 12.13
C SER A 26 25.49 -5.18 11.60
N ASP A 27 26.08 -6.36 11.63
CA ASP A 27 27.44 -6.56 11.13
C ASP A 27 27.45 -6.62 9.62
N ALA A 28 28.63 -6.79 9.04
CA ALA A 28 28.81 -6.83 7.59
C ALA A 28 28.45 -8.24 7.08
N ARG A 29 27.16 -8.53 7.10
CA ARG A 29 26.65 -9.81 6.63
C ARG A 29 26.49 -9.77 5.12
N ALA A 30 27.01 -10.80 4.44
CA ALA A 30 26.90 -10.88 2.99
C ALA A 30 25.48 -11.27 2.60
N TYR A 31 25.07 -10.82 1.41
CA TYR A 31 23.74 -11.16 0.90
C TYR A 31 23.60 -12.65 0.68
N GLU A 32 24.65 -13.31 0.18
CA GLU A 32 24.69 -14.75 -0.05
C GLU A 32 23.60 -15.11 -1.04
N LYS A 33 22.62 -15.96 -0.70
CA LYS A 33 21.59 -16.36 -1.62
C LYS A 33 20.50 -15.30 -1.68
N GLU A 34 19.45 -15.57 -2.47
CA GLU A 34 18.32 -14.66 -2.56
C GLU A 34 17.55 -14.56 -1.25
N VAL A 35 17.58 -15.60 -0.42
CA VAL A 35 16.92 -15.56 0.87
C VAL A 35 17.60 -14.54 1.76
N HIS A 36 16.82 -13.69 2.41
CA HIS A 36 17.32 -12.66 3.31
C HIS A 36 16.53 -12.69 4.61
N ASN A 37 17.18 -12.29 5.69
CA ASN A 37 16.54 -12.29 6.99
C ASN A 37 15.49 -11.19 7.07
N VAL A 38 14.52 -11.39 7.98
CA VAL A 38 13.44 -10.43 8.14
C VAL A 38 13.97 -9.09 8.65
N TRP A 39 14.91 -9.12 9.59
CA TRP A 39 15.41 -7.94 10.28
C TRP A 39 16.92 -7.77 10.10
N ALA A 40 17.40 -7.93 8.86
CA ALA A 40 18.80 -7.69 8.57
C ALA A 40 18.96 -7.33 7.10
N THR A 41 19.79 -6.32 6.85
CA THR A 41 20.13 -5.89 5.49
C THR A 41 18.92 -5.37 4.72
N HIS A 42 17.84 -5.01 5.42
CA HIS A 42 16.65 -4.44 4.80
C HIS A 42 16.12 -3.21 5.52
N ALA A 43 16.44 -3.02 6.81
CA ALA A 43 15.95 -1.88 7.57
C ALA A 43 16.99 -1.28 8.51
N CYS A 44 18.25 -1.70 8.44
CA CYS A 44 19.29 -1.26 9.36
C CYS A 44 20.52 -0.84 8.54
N VAL A 45 21.59 -0.51 9.25
CA VAL A 45 22.80 0.06 8.66
C VAL A 45 24.01 -0.73 9.17
N PRO A 46 25.03 -1.02 8.33
CA PRO A 46 26.26 -1.61 8.87
C PRO A 46 26.94 -0.68 9.85
N THR A 47 27.53 -1.25 10.89
CA THR A 47 28.19 -0.52 11.96
C THR A 47 29.68 -0.84 11.95
N ASP A 48 30.41 -0.16 12.84
CA ASP A 48 31.85 -0.33 13.00
C ASP A 48 32.18 -0.32 14.49
N PRO A 49 32.78 -1.39 15.05
CA PRO A 49 33.07 -1.39 16.50
C PRO A 49 34.35 -0.66 16.88
N SER A 50 34.88 0.16 15.97
CA SER A 50 36.10 0.91 16.26
C SER A 50 35.97 1.79 17.50
N PRO A 51 34.94 2.62 17.67
CA PRO A 51 34.80 3.34 18.94
C PRO A 51 34.50 2.38 20.08
N GLN A 52 35.12 2.65 21.23
CA GLN A 52 35.01 1.82 22.42
C GLN A 52 34.19 2.53 23.48
N GLU A 53 33.83 1.78 24.51
CA GLU A 53 33.07 2.32 25.64
C GLU A 53 34.05 3.03 26.57
N LEU A 54 33.96 4.36 26.63
CA LEU A 54 34.86 5.15 27.46
C LEU A 54 34.29 5.27 28.87
N VAL A 55 35.05 4.83 29.86
CA VAL A 55 34.57 4.75 31.23
C VAL A 55 34.75 6.11 31.91
N LEU A 56 33.68 6.59 32.55
CA LEU A 56 33.71 7.83 33.33
C LEU A 56 33.92 7.45 34.79
N GLY A 57 35.09 7.78 35.34
CA GLY A 57 35.47 7.34 36.66
C GLY A 57 35.06 8.23 37.81
N ASN A 58 34.28 9.29 37.56
CA ASN A 58 33.87 10.22 38.61
C ASN A 58 32.42 10.65 38.45
N VAL A 59 31.57 9.80 37.87
CA VAL A 59 30.15 10.11 37.68
C VAL A 59 29.32 9.09 38.44
N THR A 60 28.18 9.55 38.96
CA THR A 60 27.21 8.72 39.68
C THR A 60 25.85 8.96 39.03
N GLU A 61 25.50 8.11 38.06
CA GLU A 61 24.28 8.23 37.29
C GLU A 61 23.28 7.18 37.74
N ASN A 62 22.05 7.60 38.02
CA ASN A 62 20.99 6.67 38.41
C ASN A 62 20.43 5.99 37.17
N PHE A 63 20.17 4.69 37.31
CA PHE A 63 19.64 3.87 36.22
C PHE A 63 18.34 3.21 36.64
N ASN A 64 17.44 3.07 35.68
CA ASN A 64 16.16 2.40 35.89
C ASN A 64 15.94 1.38 34.79
N MET A 65 15.30 0.26 35.14
CA MET A 65 15.06 -0.84 34.23
C MET A 65 13.60 -0.91 33.78
N TRP A 66 12.66 -0.94 34.72
CA TRP A 66 11.26 -1.16 34.37
C TRP A 66 10.63 0.07 33.72
N LYS A 67 11.06 1.27 34.11
CA LYS A 67 10.57 2.51 33.49
C LYS A 67 11.56 2.92 32.41
N ASN A 68 11.43 2.27 31.26
CA ASN A 68 12.31 2.53 30.12
C ASN A 68 11.54 2.30 28.83
N ASP A 69 11.53 3.31 27.96
CA ASP A 69 10.83 3.24 26.68
C ASP A 69 11.68 2.62 25.57
N MET A 70 12.95 2.32 25.84
CA MET A 70 13.79 1.71 24.82
C MET A 70 13.26 0.32 24.44
N VAL A 71 12.87 -0.47 25.44
CA VAL A 71 12.32 -1.80 25.16
C VAL A 71 10.99 -1.68 24.44
N ASP A 72 10.18 -0.67 24.80
CA ASP A 72 8.92 -0.45 24.09
C ASP A 72 9.17 -0.07 22.64
N GLN A 73 10.17 0.77 22.40
CA GLN A 73 10.52 1.15 21.03
C GLN A 73 11.01 -0.07 20.25
N MET A 74 11.80 -0.92 20.89
CA MET A 74 12.25 -2.15 20.22
C MET A 74 11.07 -3.05 19.87
N HIS A 75 10.13 -3.19 20.80
CA HIS A 75 8.95 -4.01 20.53
C HIS A 75 8.14 -3.44 19.37
N GLU A 76 7.96 -2.11 19.35
CA GLU A 76 7.22 -1.49 18.25
C GLU A 76 7.94 -1.69 16.92
N ASP A 77 9.27 -1.56 16.91
CA ASP A 77 10.02 -1.77 15.67
C ASP A 77 9.91 -3.21 15.20
N ILE A 78 9.98 -4.17 16.12
CA ILE A 78 9.86 -5.57 15.74
C ILE A 78 8.47 -5.85 15.18
N ILE A 79 7.43 -5.29 15.82
CA ILE A 79 6.07 -5.47 15.32
C ILE A 79 5.92 -4.88 13.93
N SER A 80 6.47 -3.68 13.71
CA SER A 80 6.39 -3.06 12.40
C SER A 80 7.11 -3.89 11.34
N LEU A 81 8.29 -4.41 11.67
CA LEU A 81 9.03 -5.23 10.72
C LEU A 81 8.27 -6.52 10.39
N TRP A 82 7.68 -7.15 11.41
CA TRP A 82 6.93 -8.38 11.16
C TRP A 82 5.69 -8.10 10.32
N ASP A 83 5.00 -6.98 10.56
CA ASP A 83 3.86 -6.62 9.73
C ASP A 83 4.29 -6.36 8.29
N GLN A 84 5.43 -5.68 8.11
CA GLN A 84 5.91 -5.40 6.76
C GLN A 84 6.29 -6.69 6.04
N SER A 85 6.90 -7.64 6.75
CA SER A 85 7.38 -8.86 6.10
C SER A 85 6.23 -9.72 5.60
N LEU A 86 5.07 -9.68 6.27
CA LEU A 86 3.94 -10.51 5.89
C LEU A 86 3.11 -9.93 4.76
N LYS A 87 3.41 -8.70 4.30
CA LYS A 87 2.63 -8.11 3.22
C LYS A 87 2.89 -8.80 1.88
N PRO A 88 4.13 -8.86 1.36
CA PRO A 88 4.32 -9.39 0.00
C PRO A 88 4.04 -10.88 -0.14
N CYS A 89 3.97 -11.64 0.96
CA CYS A 89 3.75 -13.06 0.88
C CYS A 89 2.29 -13.34 0.51
N VAL A 90 2.01 -14.60 0.16
CA VAL A 90 0.70 -14.95 -0.40
C VAL A 90 -0.38 -14.82 0.68
N LYS A 91 -1.59 -14.50 0.23
CA LYS A 91 -2.75 -14.35 1.10
C LYS A 91 -3.54 -15.65 1.26
N LEU A 92 -3.14 -16.73 0.58
CA LEU A 92 -3.86 -18.00 0.60
C LEU A 92 -5.30 -17.79 0.13
N THR A 93 -6.30 -17.95 1.03
CA THR A 93 -7.76 -17.83 0.86
C THR A 93 -8.43 -19.20 0.81
N PRO A 94 -8.42 -19.94 -0.32
CA PRO A 94 -9.45 -20.98 -0.49
C PRO A 94 -9.20 -22.27 0.30
N LEU A 95 -8.23 -22.26 1.22
CA LEU A 95 -7.84 -23.51 1.86
C LEU A 95 -8.92 -24.04 2.78
N CYS A 96 -9.52 -23.19 3.62
CA CYS A 96 -10.47 -23.68 4.61
C CYS A 96 -11.77 -24.02 3.89
N VAL A 97 -12.00 -25.32 3.67
CA VAL A 97 -13.23 -25.81 3.05
C VAL A 97 -13.67 -27.04 3.82
N THR A 98 -14.71 -27.72 3.36
CA THR A 98 -15.19 -28.92 4.02
C THR A 98 -14.14 -30.02 3.82
N LEU A 99 -13.10 -29.95 4.65
CA LEU A 99 -12.02 -30.94 4.58
C LEU A 99 -12.56 -32.31 4.97
N ILE A 100 -12.15 -33.33 4.23
CA ILE A 100 -12.50 -34.72 4.51
C ILE A 100 -11.24 -35.39 5.05
N CYS A 101 -11.19 -35.60 6.36
CA CYS A 101 -10.00 -36.14 7.03
C CYS A 101 -10.22 -37.61 7.37
N SER A 102 -9.18 -38.41 7.17
CA SER A 102 -9.25 -39.85 7.36
C SER A 102 -8.04 -40.31 8.18
N ASN A 103 -8.18 -41.49 8.79
CA ASN A 103 -7.09 -42.06 9.57
C ASN A 103 -5.87 -42.36 8.72
N ALA A 104 -6.09 -42.78 7.47
CA ALA A 104 -5.01 -43.03 6.52
C ALA A 104 -4.08 -44.13 7.01
N THR A 105 -2.86 -44.19 6.45
CA THR A 105 -1.93 -45.26 6.80
C THR A 105 -1.42 -45.16 8.23
N VAL A 106 -1.47 -43.98 8.84
CA VAL A 106 -0.96 -43.83 10.19
C VAL A 106 -1.98 -44.41 11.17
N LYS A 107 -1.48 -45.13 12.17
CA LYS A 107 -2.30 -45.90 13.10
C LYS A 107 -2.12 -45.36 14.52
N ASN A 108 -2.75 -46.03 15.47
CA ASN A 108 -2.78 -45.56 16.85
C ASN A 108 -1.37 -45.55 17.45
N GLY A 109 -1.12 -44.57 18.30
CA GLY A 109 0.17 -44.47 19.00
C GLY A 109 0.13 -43.33 19.98
N THR A 110 1.20 -43.24 20.77
CA THR A 110 1.34 -42.17 21.75
C THR A 110 1.78 -40.85 21.14
N VAL A 111 2.17 -40.85 19.86
CA VAL A 111 2.59 -39.61 19.22
C VAL A 111 1.37 -38.74 18.93
N GLU A 112 1.62 -37.44 18.76
CA GLU A 112 0.54 -36.50 18.47
C GLU A 112 -0.11 -36.80 17.13
N GLU A 113 0.67 -37.35 16.19
CA GLU A 113 0.14 -37.83 14.91
C GLU A 113 -0.38 -36.68 14.05
N MET A 114 -0.72 -36.98 12.80
CA MET A 114 -1.27 -36.01 11.85
C MET A 114 -2.50 -36.61 11.19
N LYS A 115 -3.35 -35.74 10.66
CA LYS A 115 -4.57 -36.14 9.96
C LYS A 115 -4.40 -35.88 8.47
N ASN A 116 -4.71 -36.88 7.67
CA ASN A 116 -4.67 -36.77 6.21
C ASN A 116 -6.02 -36.28 5.73
N CYS A 117 -6.07 -35.03 5.25
CA CYS A 117 -7.30 -34.39 4.85
C CYS A 117 -7.24 -34.07 3.36
N SER A 118 -8.30 -34.48 2.64
CA SER A 118 -8.48 -34.19 1.24
C SER A 118 -9.52 -33.08 1.08
N PHE A 119 -9.32 -32.25 0.06
CA PHE A 119 -10.19 -31.12 -0.18
C PHE A 119 -10.07 -30.69 -1.64
N ASN A 120 -11.04 -29.88 -2.07
CA ASN A 120 -11.08 -29.37 -3.43
C ASN A 120 -10.35 -28.04 -3.50
N THR A 121 -9.42 -27.93 -4.45
CA THR A 121 -8.62 -26.74 -4.65
C THR A 121 -8.84 -26.19 -6.06
N THR A 122 -8.80 -24.87 -6.17
CA THR A 122 -8.93 -24.23 -7.47
C THR A 122 -7.64 -24.41 -8.26
N THR A 123 -7.77 -24.95 -9.48
CA THR A 123 -6.61 -25.20 -10.32
C THR A 123 -6.16 -23.91 -11.00
N GLU A 124 -5.26 -24.03 -11.98
CA GLU A 124 -4.82 -22.87 -12.73
C GLU A 124 -6.01 -22.18 -13.42
N ILE A 125 -7.01 -22.93 -13.82
CA ILE A 125 -8.29 -22.36 -14.23
C ILE A 125 -9.06 -21.94 -12.99
N ARG A 126 -9.46 -20.68 -12.94
CA ARG A 126 -10.11 -20.12 -11.76
C ARG A 126 -11.60 -20.42 -11.70
N ASP A 127 -12.16 -21.09 -12.72
CA ASP A 127 -13.53 -21.57 -12.71
C ASP A 127 -13.56 -23.09 -12.83
N LYS A 128 -12.57 -23.75 -12.21
CA LYS A 128 -12.47 -25.19 -12.22
C LYS A 128 -11.77 -25.63 -10.94
N GLU A 129 -12.09 -26.85 -10.50
CA GLU A 129 -11.59 -27.38 -9.24
C GLU A 129 -11.04 -28.79 -9.46
N LYS A 130 -10.08 -29.16 -8.62
CA LYS A 130 -9.51 -30.50 -8.60
C LYS A 130 -9.37 -30.95 -7.16
N LYS A 131 -8.99 -32.21 -6.97
CA LYS A 131 -8.87 -32.82 -5.64
C LYS A 131 -7.41 -32.86 -5.22
N GLU A 132 -7.14 -32.45 -3.99
CA GLU A 132 -5.79 -32.50 -3.43
C GLU A 132 -5.90 -32.99 -1.99
N TYR A 133 -4.74 -33.30 -1.39
CA TYR A 133 -4.70 -33.81 -0.04
C TYR A 133 -3.44 -33.29 0.66
N ALA A 134 -3.50 -33.25 1.99
CA ALA A 134 -2.36 -32.79 2.77
C ALA A 134 -2.48 -33.31 4.19
N LEU A 135 -1.35 -33.35 4.88
CA LEU A 135 -1.28 -33.77 6.28
C LEU A 135 -1.29 -32.52 7.17
N PHE A 136 -2.17 -32.50 8.16
CA PHE A 136 -2.32 -31.37 9.06
C PHE A 136 -2.23 -31.83 10.51
N TYR A 137 -1.71 -30.95 11.36
CA TYR A 137 -1.62 -31.25 12.79
C TYR A 137 -3.00 -31.13 13.44
N LYS A 138 -3.19 -31.90 14.51
CA LYS A 138 -4.47 -31.91 15.19
C LYS A 138 -4.87 -30.54 15.76
N PRO A 139 -3.97 -29.79 16.42
CA PRO A 139 -4.37 -28.44 16.87
C PRO A 139 -4.82 -27.51 15.76
N ASP A 140 -4.35 -27.73 14.53
CA ASP A 140 -4.75 -26.92 13.38
C ASP A 140 -6.06 -27.38 12.74
N ILE A 141 -6.68 -28.43 13.27
CA ILE A 141 -7.91 -29.00 12.74
C ILE A 141 -8.98 -28.93 13.81
N VAL A 142 -10.18 -28.48 13.43
CA VAL A 142 -11.31 -28.34 14.34
C VAL A 142 -12.53 -28.98 13.67
N PRO A 143 -13.46 -29.60 14.42
CA PRO A 143 -14.70 -30.06 13.78
C PRO A 143 -15.48 -28.90 13.18
N LEU A 144 -16.12 -29.18 12.04
CA LEU A 144 -16.82 -28.12 11.31
C LEU A 144 -18.02 -27.61 12.09
N SER A 145 -18.84 -28.51 12.62
CA SER A 145 -20.09 -28.17 13.28
C SER A 145 -20.27 -29.00 14.54
N GLU A 146 -21.13 -28.52 15.42
CA GLU A 146 -21.41 -29.23 16.67
C GLU A 146 -22.06 -30.59 16.44
N THR A 147 -22.65 -30.82 15.28
CA THR A 147 -23.26 -32.11 14.99
C THR A 147 -22.20 -33.21 14.92
N ASN A 148 -22.61 -34.43 15.23
CA ASN A 148 -21.72 -35.57 15.29
C ASN A 148 -21.29 -35.94 13.87
N ASN A 149 -20.03 -35.67 13.54
CA ASN A 149 -19.48 -36.05 12.23
C ASN A 149 -17.98 -36.18 12.38
N THR A 150 -17.47 -37.40 12.24
CA THR A 150 -16.06 -37.70 12.45
C THR A 150 -15.24 -37.67 11.17
N SER A 151 -15.84 -37.25 10.04
CA SER A 151 -15.17 -37.21 8.75
C SER A 151 -15.00 -35.82 8.17
N GLU A 152 -15.85 -34.86 8.56
CA GLU A 152 -15.81 -33.50 8.02
C GLU A 152 -15.16 -32.59 9.04
N TYR A 153 -14.15 -31.84 8.60
CA TYR A 153 -13.37 -30.99 9.51
C TYR A 153 -13.08 -29.63 8.86
N ARG A 154 -12.34 -28.78 9.56
CA ARG A 154 -12.11 -27.41 9.13
C ARG A 154 -10.79 -26.95 9.73
N LEU A 155 -10.21 -25.91 9.13
CA LEU A 155 -9.07 -25.27 9.75
C LEU A 155 -9.51 -24.50 11.00
N ILE A 156 -8.55 -24.28 11.90
CA ILE A 156 -8.82 -23.50 13.10
C ILE A 156 -9.12 -22.04 12.78
N ASN A 157 -8.77 -21.58 11.59
CA ASN A 157 -8.96 -20.19 11.18
C ASN A 157 -10.33 -20.04 10.52
N CYS A 158 -10.53 -18.91 9.84
CA CYS A 158 -11.72 -18.54 9.07
C CYS A 158 -12.90 -18.21 9.97
N ASN A 159 -12.72 -18.19 11.29
CA ASN A 159 -13.62 -17.51 12.21
C ASN A 159 -13.05 -16.17 12.69
N THR A 160 -11.75 -15.96 12.53
CA THR A 160 -11.05 -14.74 12.87
C THR A 160 -10.46 -14.14 11.59
N SER A 161 -9.60 -13.13 11.74
CA SER A 161 -8.99 -12.47 10.61
C SER A 161 -8.24 -13.47 9.74
N ALA A 162 -8.02 -13.07 8.48
CA ALA A 162 -7.41 -13.95 7.50
C ALA A 162 -5.95 -14.25 7.86
N CYS A 163 -5.41 -15.28 7.20
CA CYS A 163 -4.07 -15.79 7.47
C CYS A 163 -3.21 -15.64 6.23
N THR A 164 -1.94 -15.27 6.45
CA THR A 164 -0.96 -15.11 5.39
C THR A 164 0.16 -16.12 5.61
N GLN A 165 0.44 -16.93 4.59
CA GLN A 165 1.54 -17.88 4.68
C GLN A 165 2.86 -17.15 4.68
N ALA A 166 3.78 -17.60 5.54
CA ALA A 166 5.11 -17.03 5.58
C ALA A 166 5.85 -17.37 4.29
N CYS A 167 6.59 -16.40 3.76
CA CYS A 167 7.36 -16.63 2.55
C CYS A 167 8.40 -17.72 2.79
N PRO A 168 8.63 -18.61 1.82
CA PRO A 168 9.74 -19.58 1.99
C PRO A 168 11.11 -18.97 1.75
N LYS A 169 11.20 -17.76 1.22
CA LYS A 169 12.45 -17.09 0.92
C LYS A 169 12.88 -16.12 2.02
N VAL A 170 12.38 -16.29 3.24
CA VAL A 170 12.81 -15.51 4.40
C VAL A 170 13.07 -16.48 5.55
N THR A 171 13.98 -16.07 6.44
CA THR A 171 14.42 -16.89 7.57
C THR A 171 14.17 -16.16 8.88
N PHE A 172 13.85 -16.94 9.91
CA PHE A 172 13.59 -16.43 11.25
C PHE A 172 14.78 -16.60 12.18
N GLU A 173 16.00 -16.50 11.65
CA GLU A 173 17.20 -16.65 12.46
C GLU A 173 17.37 -15.44 13.37
N PRO A 174 17.41 -15.59 14.71
CA PRO A 174 17.64 -14.38 15.54
C PRO A 174 19.08 -13.91 15.52
N ILE A 175 19.45 -13.23 14.44
CA ILE A 175 20.79 -12.65 14.30
C ILE A 175 20.93 -11.49 15.28
N PRO A 176 22.11 -11.24 15.86
CA PRO A 176 22.25 -10.14 16.80
C PRO A 176 22.12 -8.79 16.11
N ILE A 177 21.61 -7.81 16.85
CA ILE A 177 21.45 -6.44 16.37
C ILE A 177 21.95 -5.49 17.43
N HIS A 178 22.28 -4.26 17.00
CA HIS A 178 22.76 -3.21 17.87
C HIS A 178 21.85 -1.99 17.73
N TYR A 179 21.75 -1.22 18.81
CA TYR A 179 20.98 0.01 18.83
C TYR A 179 21.94 1.18 19.05
N CYS A 180 21.89 2.16 18.14
CA CYS A 180 22.75 3.33 18.17
C CYS A 180 21.89 4.57 18.31
N ALA A 181 22.33 5.50 19.17
CA ALA A 181 21.59 6.74 19.36
C ALA A 181 21.87 7.68 18.19
N PRO A 182 20.92 8.58 17.86
CA PRO A 182 21.20 9.56 16.80
C PRO A 182 22.18 10.63 17.25
N ALA A 183 22.47 11.59 16.36
CA ALA A 183 23.36 12.69 16.71
C ALA A 183 22.75 13.53 17.82
N GLY A 184 23.59 14.01 18.72
CA GLY A 184 23.15 14.81 19.85
C GLY A 184 22.72 14.02 21.06
N TYR A 185 22.72 12.69 20.97
CA TYR A 185 22.36 11.80 22.08
C TYR A 185 23.53 10.90 22.42
N ALA A 186 23.42 10.24 23.57
CA ALA A 186 24.48 9.36 24.05
C ALA A 186 23.85 8.17 24.77
N ILE A 187 24.63 7.08 24.84
CA ILE A 187 24.22 5.85 25.50
C ILE A 187 25.18 5.59 26.65
N LEU A 188 24.64 5.42 27.85
CA LEU A 188 25.41 5.14 29.05
C LEU A 188 25.14 3.70 29.48
N LYS A 189 26.21 2.95 29.71
CA LYS A 189 26.15 1.54 30.10
C LYS A 189 26.75 1.40 31.49
N CYS A 190 26.05 0.67 32.36
CA CYS A 190 26.54 0.41 33.71
C CYS A 190 27.35 -0.88 33.70
N ASN A 191 28.62 -0.78 34.06
CA ASN A 191 29.53 -1.92 34.06
C ASN A 191 29.51 -2.69 35.38
N ASP A 192 28.77 -2.22 36.39
CA ASP A 192 28.70 -2.93 37.64
C ASP A 192 27.99 -4.26 37.47
N GLU A 193 28.53 -5.30 38.10
CA GLU A 193 27.96 -6.64 38.03
C GLU A 193 26.95 -6.92 39.14
N THR A 194 26.78 -6.00 40.09
CA THR A 194 25.85 -6.15 41.19
C THR A 194 24.62 -5.27 41.03
N PHE A 195 24.22 -5.02 39.79
CA PHE A 195 23.08 -4.15 39.51
C PHE A 195 21.79 -4.93 39.74
N ASN A 196 20.97 -4.47 40.70
CA ASN A 196 19.74 -5.15 41.08
C ASN A 196 18.51 -4.62 40.32
N GLY A 197 18.70 -3.71 39.38
CA GLY A 197 17.60 -3.16 38.59
C GLY A 197 17.46 -1.67 38.74
N THR A 198 17.75 -1.14 39.94
CA THR A 198 17.65 0.29 40.21
C THR A 198 18.83 0.74 41.06
N GLY A 199 18.86 2.03 41.40
CA GLY A 199 19.91 2.58 42.23
C GLY A 199 21.06 3.14 41.40
N PRO A 200 21.97 3.86 42.05
CA PRO A 200 23.07 4.48 41.32
C PRO A 200 24.08 3.45 40.81
N CYS A 201 24.78 3.84 39.75
CA CYS A 201 25.84 3.03 39.16
C CYS A 201 27.18 3.73 39.38
N SER A 202 28.13 2.99 39.96
CA SER A 202 29.45 3.53 40.26
C SER A 202 30.44 3.36 39.12
N ASN A 203 30.08 2.63 38.05
CA ASN A 203 30.96 2.40 36.91
C ASN A 203 30.12 2.57 35.64
N VAL A 204 30.14 3.78 35.09
CA VAL A 204 29.36 4.13 33.91
C VAL A 204 30.33 4.34 32.75
N SER A 205 29.88 4.00 31.54
CA SER A 205 30.68 4.16 30.35
C SER A 205 29.81 4.67 29.20
N THR A 206 30.34 5.64 28.46
CA THR A 206 29.68 6.15 27.27
C THR A 206 30.04 5.28 26.07
N VAL A 207 29.03 4.77 25.37
CA VAL A 207 29.22 3.87 24.25
C VAL A 207 28.43 4.38 23.05
N GLN A 208 28.99 4.13 21.86
CA GLN A 208 28.33 4.57 20.63
C GLN A 208 27.09 3.75 20.35
N CYS A 209 27.18 2.43 20.48
CA CYS A 209 26.08 1.52 20.18
C CYS A 209 26.04 0.41 21.22
N THR A 210 24.88 -0.24 21.31
CA THR A 210 24.72 -1.38 22.21
C THR A 210 25.36 -2.63 21.62
N HIS A 211 25.45 -3.68 22.44
CA HIS A 211 26.04 -4.93 22.01
C HIS A 211 25.01 -5.72 21.19
N GLY A 212 25.39 -6.94 20.79
CA GLY A 212 24.49 -7.77 20.00
C GLY A 212 23.27 -8.18 20.80
N ILE A 213 22.08 -7.83 20.32
CA ILE A 213 20.81 -8.16 20.97
C ILE A 213 20.17 -9.28 20.18
N ARG A 214 19.91 -10.40 20.85
CA ARG A 214 19.34 -11.57 20.20
C ARG A 214 17.82 -11.53 20.32
N PRO A 215 17.07 -11.39 19.20
CA PRO A 215 15.59 -11.41 19.30
C PRO A 215 15.02 -12.82 19.27
N VAL A 216 15.30 -13.59 20.32
CA VAL A 216 14.80 -14.96 20.43
C VAL A 216 13.40 -14.93 21.01
N VAL A 217 12.50 -15.70 20.43
CA VAL A 217 11.11 -15.77 20.87
C VAL A 217 10.97 -16.92 21.86
N SER A 218 10.64 -16.57 23.11
CA SER A 218 10.44 -17.58 24.15
C SER A 218 9.53 -17.00 25.21
N THR A 219 8.88 -17.89 25.97
CA THR A 219 7.91 -17.51 27.00
C THR A 219 8.39 -17.88 28.39
N GLN A 220 8.75 -19.14 28.62
CA GLN A 220 9.13 -19.60 29.96
C GLN A 220 10.61 -19.40 30.24
N LEU A 221 11.47 -19.71 29.27
CA LEU A 221 12.91 -19.66 29.42
C LEU A 221 13.50 -18.60 28.49
N LEU A 222 14.79 -18.32 28.66
CA LEU A 222 15.54 -17.40 27.82
C LEU A 222 16.65 -18.19 27.13
N LEU A 223 16.65 -18.17 25.80
CA LEU A 223 17.58 -18.95 24.99
C LEU A 223 18.54 -18.01 24.25
N ASN A 224 19.82 -18.39 24.22
CA ASN A 224 20.86 -17.65 23.52
C ASN A 224 20.94 -16.20 24.01
N GLY A 225 20.75 -16.02 25.32
CA GLY A 225 20.88 -14.71 25.93
C GLY A 225 22.29 -14.46 26.41
N SER A 226 22.45 -13.32 27.09
CA SER A 226 23.73 -12.95 27.66
C SER A 226 23.93 -13.67 28.99
N LEU A 227 25.19 -13.71 29.44
CA LEU A 227 25.58 -14.36 30.68
C LEU A 227 26.02 -13.33 31.71
N ALA A 228 25.73 -13.62 32.97
CA ALA A 228 26.13 -12.74 34.05
C ALA A 228 27.64 -12.80 34.25
N GLU A 229 28.17 -11.78 34.93
CA GLU A 229 29.61 -11.67 35.10
C GLU A 229 30.13 -12.61 36.19
N LYS A 230 29.54 -12.55 37.38
CA LYS A 230 30.05 -13.27 38.55
C LYS A 230 29.08 -14.31 39.07
N GLU A 231 27.82 -13.94 39.32
CA GLU A 231 26.86 -14.85 39.95
C GLU A 231 25.48 -14.65 39.35
N ILE A 232 24.57 -15.55 39.71
CA ILE A 232 23.17 -15.44 39.30
C ILE A 232 22.57 -14.21 39.97
N VAL A 233 21.88 -13.38 39.18
CA VAL A 233 21.33 -12.12 39.67
C VAL A 233 19.82 -12.12 39.45
N ILE A 234 19.08 -11.72 40.49
CA ILE A 234 17.62 -11.76 40.48
C ILE A 234 17.11 -10.32 40.35
N ARG A 235 16.17 -10.12 39.42
CA ARG A 235 15.59 -8.81 39.14
C ARG A 235 14.09 -8.87 39.28
N SER A 236 13.49 -7.81 39.82
CA SER A 236 12.06 -7.74 40.00
C SER A 236 11.66 -6.30 40.32
N GLU A 237 10.52 -5.88 39.78
CA GLU A 237 10.02 -4.54 40.06
C GLU A 237 9.71 -4.37 41.55
N ASN A 238 9.07 -5.37 42.14
CA ASN A 238 8.76 -5.32 43.57
C ASN A 238 8.48 -6.75 44.03
N LEU A 239 9.29 -7.25 44.97
CA LEU A 239 9.11 -8.62 45.46
C LEU A 239 7.81 -8.77 46.25
N THR A 240 7.32 -7.71 46.88
CA THR A 240 6.09 -7.81 47.66
C THR A 240 4.90 -8.15 46.76
N ASN A 241 4.82 -7.54 45.59
CA ASN A 241 3.72 -7.77 44.67
C ASN A 241 3.92 -9.10 43.96
N ASN A 242 2.98 -10.02 44.15
CA ASN A 242 3.05 -11.32 43.48
C ASN A 242 2.54 -11.29 42.05
N ALA A 243 1.83 -10.23 41.65
CA ALA A 243 1.35 -10.13 40.28
C ALA A 243 2.48 -9.85 39.29
N LYS A 244 3.60 -9.30 39.76
CA LYS A 244 4.71 -8.99 38.88
C LYS A 244 5.45 -10.26 38.46
N ILE A 245 6.37 -10.08 37.51
CA ILE A 245 7.15 -11.18 36.94
C ILE A 245 8.60 -11.01 37.40
N ILE A 246 9.18 -12.09 37.92
CA ILE A 246 10.52 -12.05 38.52
C ILE A 246 11.49 -12.75 37.56
N ILE A 247 12.56 -12.04 37.18
CA ILE A 247 13.54 -12.52 36.22
C ILE A 247 14.75 -13.01 36.99
N VAL A 248 15.33 -14.12 36.54
CA VAL A 248 16.56 -14.67 37.10
C VAL A 248 17.56 -14.81 35.97
N HIS A 249 18.68 -14.09 36.07
CA HIS A 249 19.72 -14.10 35.05
C HIS A 249 20.84 -15.01 35.54
N LEU A 250 21.07 -16.10 34.80
CA LEU A 250 22.01 -17.13 35.20
C LEU A 250 23.44 -16.67 34.95
N HIS A 251 24.37 -17.38 35.59
CA HIS A 251 25.81 -17.17 35.39
C HIS A 251 26.41 -18.17 34.42
N THR A 252 25.97 -19.43 34.47
CA THR A 252 26.44 -20.49 33.59
C THR A 252 25.30 -20.96 32.70
N PRO A 253 25.50 -21.07 31.37
CA PRO A 253 24.40 -21.55 30.53
C PRO A 253 24.13 -23.03 30.74
N VAL A 254 22.91 -23.44 30.37
CA VAL A 254 22.51 -24.85 30.42
C VAL A 254 22.25 -25.31 28.99
N GLU A 255 22.94 -26.36 28.57
CA GLU A 255 22.79 -26.86 27.21
C GLU A 255 21.43 -27.54 27.05
N ILE A 256 20.73 -27.21 25.97
CA ILE A 256 19.43 -27.80 25.66
C ILE A 256 19.45 -28.24 24.20
N VAL A 257 18.96 -29.46 23.94
CA VAL A 257 18.99 -30.04 22.60
C VAL A 257 17.58 -30.51 22.25
N CYS A 258 16.92 -29.83 21.31
CA CYS A 258 15.62 -30.23 20.82
C CYS A 258 15.75 -30.89 19.46
N THR A 259 14.81 -31.77 19.14
CA THR A 259 14.88 -32.50 17.88
C THR A 259 13.49 -32.98 17.46
N ARG A 260 13.31 -33.07 16.15
CA ARG A 260 12.11 -33.65 15.53
C ARG A 260 12.55 -34.85 14.70
N PRO A 261 12.51 -36.08 15.23
CA PRO A 261 13.00 -37.23 14.45
C PRO A 261 12.20 -37.52 13.18
N ASN A 262 10.98 -37.01 13.07
CA ASN A 262 10.16 -37.30 11.90
C ASN A 262 10.79 -36.74 10.64
N ASN A 263 10.67 -37.49 9.54
CA ASN A 263 11.21 -37.11 8.23
C ASN A 263 10.02 -36.73 7.35
N ASN A 264 9.65 -35.45 7.39
CA ASN A 264 8.53 -34.96 6.61
C ASN A 264 8.95 -34.71 5.16
N THR A 265 7.96 -34.62 4.28
CA THR A 265 8.16 -34.36 2.86
C THR A 265 7.42 -33.08 2.49
N ARG A 266 8.10 -32.18 1.78
CA ARG A 266 7.52 -30.90 1.39
C ARG A 266 6.70 -31.10 0.11
N LYS A 267 5.43 -30.69 0.17
CA LYS A 267 4.52 -30.76 -0.96
C LYS A 267 4.34 -29.38 -1.58
N SER A 268 3.79 -29.35 -2.79
CA SER A 268 3.52 -28.11 -3.51
C SER A 268 2.15 -28.22 -4.16
N VAL A 269 1.25 -27.31 -3.80
CA VAL A 269 -0.10 -27.27 -4.36
C VAL A 269 -0.31 -25.89 -4.97
N ARG A 270 -0.79 -25.86 -6.21
CA ARG A 270 -1.06 -24.59 -6.89
C ARG A 270 -2.37 -24.03 -6.37
N ILE A 271 -2.29 -23.22 -5.32
CA ILE A 271 -3.43 -22.53 -4.74
C ILE A 271 -3.41 -21.11 -5.29
N GLY A 272 -4.25 -20.86 -6.30
CA GLY A 272 -4.29 -19.58 -6.95
C GLY A 272 -3.29 -19.49 -8.09
N PRO A 273 -3.33 -18.40 -8.85
CA PRO A 273 -2.45 -18.26 -10.02
C PRO A 273 -1.05 -17.78 -9.62
N GLY A 274 -0.05 -18.59 -9.92
CA GLY A 274 1.33 -18.20 -9.72
C GLY A 274 1.81 -18.21 -8.28
N GLN A 275 0.96 -18.61 -7.34
CA GLN A 275 1.30 -18.66 -5.93
C GLN A 275 1.09 -20.07 -5.41
N THR A 276 2.14 -20.65 -4.83
CA THR A 276 2.14 -22.03 -4.38
C THR A 276 1.90 -22.11 -2.88
N PHE A 277 1.41 -23.27 -2.43
CA PHE A 277 1.15 -23.55 -1.03
C PHE A 277 1.92 -24.80 -0.65
N TYR A 278 2.66 -24.73 0.45
CA TYR A 278 3.54 -25.81 0.90
C TYR A 278 2.94 -26.46 2.15
N ALA A 279 2.89 -27.79 2.14
CA ALA A 279 2.37 -28.56 3.26
C ALA A 279 3.19 -29.84 3.40
N THR A 280 2.79 -30.68 4.34
CA THR A 280 3.44 -31.96 4.57
C THR A 280 2.75 -33.02 3.73
N GLY A 281 3.50 -33.64 2.81
CA GLY A 281 2.93 -34.62 1.91
C GLY A 281 2.86 -36.01 2.51
N ASP A 282 4.00 -36.51 3.00
CA ASP A 282 4.05 -37.84 3.57
C ASP A 282 5.23 -37.91 4.53
N ILE A 283 5.16 -38.87 5.45
CA ILE A 283 6.22 -39.12 6.43
C ILE A 283 6.89 -40.43 6.04
N ILE A 284 8.20 -40.39 5.85
CA ILE A 284 8.98 -41.55 5.44
C ILE A 284 9.59 -42.17 6.68
N GLY A 285 9.37 -43.47 6.86
CA GLY A 285 9.89 -44.19 8.02
C GLY A 285 8.84 -44.33 9.11
N ASP A 286 9.29 -44.37 10.36
CA ASP A 286 8.41 -44.52 11.51
C ASP A 286 8.06 -43.16 12.09
N ILE A 287 6.99 -43.13 12.88
CA ILE A 287 6.50 -41.92 13.52
C ILE A 287 7.05 -41.88 14.93
N LYS A 288 7.70 -40.76 15.28
CA LYS A 288 8.33 -40.58 16.58
C LYS A 288 7.92 -39.24 17.17
N GLN A 289 8.32 -39.03 18.43
CA GLN A 289 7.95 -37.85 19.19
C GLN A 289 9.10 -36.83 19.17
N ALA A 290 8.80 -35.63 18.70
CA ALA A 290 9.76 -34.53 18.84
C ALA A 290 9.91 -34.17 20.31
N HIS A 291 11.14 -33.93 20.75
CA HIS A 291 11.41 -33.79 22.17
C HIS A 291 12.62 -32.92 22.40
N CYS A 292 12.71 -32.37 23.61
CA CYS A 292 13.85 -31.58 24.06
C CYS A 292 14.52 -32.29 25.22
N ASN A 293 15.85 -32.19 25.29
CA ASN A 293 16.66 -32.86 26.30
C ASN A 293 17.52 -31.83 27.02
N ILE A 294 17.58 -31.95 28.35
CA ILE A 294 18.59 -31.24 29.13
C ILE A 294 19.15 -32.22 30.16
N SER A 295 20.29 -31.84 30.74
CA SER A 295 20.93 -32.68 31.74
C SER A 295 20.29 -32.47 33.11
N GLU A 296 20.00 -33.56 33.80
CA GLU A 296 19.29 -33.47 35.07
C GLU A 296 20.18 -32.90 36.17
N GLU A 297 21.44 -33.32 36.23
CA GLU A 297 22.32 -32.88 37.31
C GLU A 297 22.61 -31.39 37.22
N LYS A 298 22.93 -30.89 36.03
CA LYS A 298 23.22 -29.47 35.87
C LYS A 298 21.97 -28.64 36.13
N TRP A 299 20.81 -29.11 35.68
CA TRP A 299 19.57 -28.39 35.94
C TRP A 299 19.26 -28.33 37.43
N ASN A 300 19.47 -29.45 38.14
CA ASN A 300 19.24 -29.45 39.58
C ASN A 300 20.21 -28.51 40.30
N ASP A 301 21.47 -28.51 39.87
CA ASP A 301 22.44 -27.60 40.49
C ASP A 301 22.07 -26.14 40.22
N THR A 302 21.61 -25.84 39.01
CA THR A 302 21.17 -24.48 38.70
C THR A 302 19.96 -24.09 39.54
N LEU A 303 19.02 -25.02 39.71
CA LEU A 303 17.85 -24.72 40.54
C LEU A 303 18.26 -24.49 42.00
N GLN A 304 19.23 -25.26 42.50
CA GLN A 304 19.70 -25.04 43.86
C GLN A 304 20.41 -23.69 43.99
N LYS A 305 21.18 -23.29 42.98
CA LYS A 305 21.79 -21.97 43.00
C LYS A 305 20.74 -20.87 43.01
N VAL A 306 19.71 -21.02 42.18
CA VAL A 306 18.62 -20.05 42.17
C VAL A 306 17.91 -20.03 43.52
N GLY A 307 17.77 -21.20 44.15
CA GLY A 307 17.12 -21.25 45.44
C GLY A 307 17.90 -20.54 46.53
N ILE A 308 19.21 -20.75 46.58
CA ILE A 308 20.01 -20.05 47.58
C ILE A 308 20.05 -18.55 47.29
N GLU A 309 20.04 -18.15 46.01
CA GLU A 309 19.95 -16.73 45.71
C GLU A 309 18.61 -16.14 46.13
N LEU A 310 17.52 -16.87 45.95
CA LEU A 310 16.21 -16.39 46.37
C LEU A 310 16.09 -16.33 47.88
N GLN A 311 16.76 -17.25 48.59
CA GLN A 311 16.66 -17.30 50.05
C GLN A 311 17.17 -16.04 50.72
N LYS A 312 17.96 -15.21 50.03
CA LYS A 312 18.39 -13.94 50.61
C LYS A 312 17.20 -13.04 50.90
N HIS A 313 16.25 -12.97 49.97
CA HIS A 313 15.05 -12.17 50.17
C HIS A 313 14.00 -12.89 51.01
N PHE A 314 14.12 -14.21 51.19
CA PHE A 314 13.13 -15.02 51.90
C PHE A 314 13.88 -15.88 52.92
N PRO A 315 14.31 -15.31 54.04
CA PRO A 315 15.14 -16.09 54.99
C PRO A 315 14.40 -17.23 55.65
N ASN A 316 13.17 -16.98 56.11
CA ASN A 316 12.41 -17.95 56.90
C ASN A 316 11.38 -18.72 56.09
N LYS A 317 11.37 -18.57 54.76
CA LYS A 317 10.43 -19.27 53.88
C LYS A 317 11.18 -20.21 52.96
N THR A 318 10.65 -21.41 52.79
CA THR A 318 11.25 -22.39 51.90
C THR A 318 10.89 -22.09 50.44
N ILE A 319 11.72 -22.60 49.53
CA ILE A 319 11.53 -22.42 48.10
C ILE A 319 10.95 -23.70 47.53
N LYS A 320 9.92 -23.59 46.70
CA LYS A 320 9.31 -24.73 46.03
C LYS A 320 9.09 -24.40 44.57
N TYR A 321 9.34 -25.38 43.70
CA TYR A 321 9.14 -25.24 42.25
C TYR A 321 8.03 -26.17 41.83
N ASN A 322 7.02 -25.63 41.15
CA ASN A 322 5.84 -26.37 40.74
C ASN A 322 5.55 -26.06 39.26
N GLN A 323 4.46 -26.64 38.76
CA GLN A 323 4.09 -26.48 37.35
C GLN A 323 3.40 -25.13 37.14
N SER A 324 3.07 -24.84 35.89
CA SER A 324 2.38 -23.61 35.56
C SER A 324 0.95 -23.65 36.07
N ALA A 325 0.37 -22.46 36.24
CA ALA A 325 -0.98 -22.32 36.78
C ALA A 325 -2.03 -22.42 35.68
N GLY A 326 -2.05 -23.58 35.03
CA GLY A 326 -3.04 -23.84 34.00
C GLY A 326 -2.88 -22.92 32.80
N GLY A 327 -4.00 -22.66 32.13
CA GLY A 327 -4.04 -21.82 30.95
C GLY A 327 -4.09 -22.63 29.67
N ASP A 328 -4.12 -21.90 28.56
CA ASP A 328 -4.19 -22.51 27.24
C ASP A 328 -2.83 -23.07 26.86
N MET A 329 -2.76 -23.74 25.70
CA MET A 329 -1.50 -24.32 25.24
C MET A 329 -0.45 -23.24 25.00
N GLU A 330 -0.85 -22.07 24.50
CA GLU A 330 0.09 -21.01 24.19
C GLU A 330 0.69 -20.36 25.44
N ILE A 331 0.11 -20.59 26.61
CA ILE A 331 0.53 -19.95 27.85
C ILE A 331 1.30 -20.91 28.75
N THR A 332 0.76 -22.12 28.94
CA THR A 332 1.32 -23.05 29.91
C THR A 332 2.53 -23.83 29.37
N THR A 333 2.83 -23.71 28.08
CA THR A 333 3.91 -24.47 27.46
C THR A 333 5.00 -23.53 26.97
N HIS A 334 6.25 -23.99 27.08
CA HIS A 334 7.39 -23.25 26.55
C HIS A 334 7.28 -23.21 25.03
N SER A 335 6.94 -22.04 24.49
CA SER A 335 6.74 -21.85 23.06
C SER A 335 7.95 -21.17 22.45
N PHE A 336 8.52 -21.77 21.41
CA PHE A 336 9.65 -21.18 20.72
C PHE A 336 9.63 -21.63 19.27
N ASN A 337 10.58 -21.11 18.49
CA ASN A 337 10.71 -21.47 17.08
C ASN A 337 12.18 -21.67 16.75
N CYS A 338 12.46 -22.71 15.98
CA CYS A 338 13.82 -22.98 15.53
C CYS A 338 13.76 -23.76 14.23
N GLY A 339 14.69 -23.46 13.31
CA GLY A 339 14.75 -24.11 12.03
C GLY A 339 13.63 -23.77 11.08
N GLY A 340 12.66 -22.95 11.51
CA GLY A 340 11.42 -22.72 10.80
C GLY A 340 10.22 -23.39 11.42
N GLU A 341 10.41 -24.27 12.40
CA GLU A 341 9.33 -24.98 13.04
C GLU A 341 9.06 -24.41 14.43
N PHE A 342 7.77 -24.34 14.78
CA PHE A 342 7.31 -23.78 16.04
C PHE A 342 6.98 -24.93 17.00
N PHE A 343 7.71 -24.98 18.11
CA PHE A 343 7.56 -26.01 19.13
C PHE A 343 6.87 -25.43 20.36
N TYR A 344 6.04 -26.25 21.01
CA TYR A 344 5.42 -25.94 22.29
C TYR A 344 5.70 -27.14 23.19
N CYS A 345 6.59 -26.96 24.16
CA CYS A 345 7.07 -28.06 24.99
C CYS A 345 6.48 -27.93 26.40
N ASN A 346 5.94 -29.06 26.90
CA ASN A 346 5.39 -29.11 28.25
C ASN A 346 6.54 -29.20 29.25
N THR A 347 6.69 -28.17 30.08
CA THR A 347 7.78 -28.08 31.05
C THR A 347 7.34 -28.47 32.45
N SER A 348 6.33 -29.35 32.57
CA SER A 348 5.86 -29.77 33.87
C SER A 348 6.89 -30.63 34.61
N ASN A 349 7.77 -31.31 33.87
CA ASN A 349 8.76 -32.20 34.48
C ASN A 349 10.02 -31.48 34.93
N LEU A 350 10.20 -30.21 34.55
CA LEU A 350 11.39 -29.47 34.96
C LEU A 350 11.25 -28.96 36.39
N PHE A 351 10.24 -28.13 36.63
CA PHE A 351 10.08 -27.44 37.91
C PHE A 351 9.37 -28.35 38.89
N ASN A 352 10.13 -29.31 39.43
CA ASN A 352 9.65 -30.26 40.44
C ASN A 352 10.75 -30.43 41.47
N GLY A 353 10.70 -29.63 42.54
CA GLY A 353 11.70 -29.72 43.59
C GLY A 353 11.44 -28.71 44.67
N THR A 354 12.27 -28.78 45.72
CA THR A 354 12.15 -27.89 46.85
C THR A 354 13.53 -27.67 47.46
N TYR A 355 13.66 -26.56 48.18
CA TYR A 355 14.90 -26.20 48.86
C TYR A 355 14.53 -25.47 50.13
N ASN A 356 14.81 -26.10 51.28
CA ASN A 356 14.53 -25.53 52.59
C ASN A 356 15.77 -24.96 53.28
N GLY A 357 16.90 -24.92 52.58
CA GLY A 357 18.15 -24.43 53.14
C GLY A 357 19.25 -25.46 53.26
N THR A 358 19.01 -26.72 52.86
CA THR A 358 20.02 -27.77 52.92
C THR A 358 20.63 -27.95 51.54
N TYR A 359 21.95 -27.83 51.45
CA TYR A 359 22.65 -27.96 50.18
C TYR A 359 22.97 -29.42 49.89
N ILE A 360 22.71 -29.85 48.66
CA ILE A 360 22.95 -31.21 48.20
C ILE A 360 23.90 -31.14 47.02
N SER A 361 24.97 -31.95 47.08
CA SER A 361 25.99 -31.99 46.04
C SER A 361 25.98 -33.37 45.39
N THR A 362 25.99 -33.39 44.06
CA THR A 362 26.05 -34.64 43.29
C THR A 362 27.50 -34.86 42.87
N ASN A 363 28.13 -35.87 43.46
CA ASN A 363 29.54 -36.17 43.24
C ASN A 363 29.67 -37.51 42.52
N SER A 364 30.85 -37.74 41.95
CA SER A 364 31.16 -38.96 41.20
C SER A 364 30.19 -39.02 40.02
N SER A 365 29.46 -40.12 39.83
CA SER A 365 28.50 -40.26 38.72
C SER A 365 29.20 -40.07 37.37
N ALA A 366 30.14 -40.96 37.08
CA ALA A 366 30.81 -40.93 35.79
C ALA A 366 29.82 -41.15 34.65
N ASN A 367 28.91 -42.10 34.82
CA ASN A 367 27.85 -42.35 33.84
C ASN A 367 26.69 -41.40 34.14
N SER A 368 26.88 -40.15 33.74
CA SER A 368 25.93 -39.07 34.01
C SER A 368 24.98 -38.83 32.85
N THR A 369 24.64 -39.88 32.11
CA THR A 369 23.71 -39.77 30.99
C THR A 369 22.25 -39.66 31.42
N SER A 370 21.97 -39.62 32.72
CA SER A 370 20.60 -39.45 33.20
C SER A 370 20.15 -38.03 32.88
N THR A 371 19.39 -37.90 31.79
CA THR A 371 18.90 -36.62 31.31
C THR A 371 17.39 -36.57 31.49
N ILE A 372 16.84 -35.36 31.39
CA ILE A 372 15.40 -35.12 31.47
C ILE A 372 14.91 -34.70 30.10
N THR A 373 13.85 -35.36 29.64
CA THR A 373 13.29 -35.18 28.32
C THR A 373 11.89 -34.60 28.43
N LEU A 374 11.59 -33.60 27.60
CA LEU A 374 10.29 -32.94 27.55
C LEU A 374 9.66 -33.19 26.19
N GLN A 375 8.43 -33.71 26.21
CA GLN A 375 7.65 -33.87 24.98
C GLN A 375 7.21 -32.51 24.47
N CYS A 376 7.14 -32.39 23.15
CA CYS A 376 6.78 -31.15 22.49
C CYS A 376 5.77 -31.41 21.38
N ARG A 377 4.94 -30.40 21.11
CA ARG A 377 3.96 -30.41 20.04
C ARG A 377 4.30 -29.32 19.04
N ILE A 378 4.28 -29.67 17.76
CA ILE A 378 4.71 -28.77 16.69
C ILE A 378 3.46 -28.15 16.07
N LYS A 379 3.45 -26.82 15.95
CA LYS A 379 2.32 -26.09 15.41
C LYS A 379 2.73 -25.32 14.17
N GLN A 380 1.78 -25.16 13.25
CA GLN A 380 1.95 -24.39 12.02
C GLN A 380 1.19 -23.07 12.02
N ILE A 381 0.02 -23.04 12.64
CA ILE A 381 -0.77 -21.80 12.76
C ILE A 381 -0.30 -21.07 14.01
N ILE A 382 0.18 -19.84 13.83
CA ILE A 382 0.79 -19.05 14.89
C ILE A 382 0.00 -17.75 15.04
N ASN A 383 -0.32 -17.41 16.28
CA ASN A 383 -0.98 -16.16 16.65
C ASN A 383 -0.15 -15.43 17.70
N MET A 384 1.14 -15.30 17.42
CA MET A 384 2.10 -14.86 18.43
C MET A 384 1.81 -13.44 18.92
N TRP A 385 1.47 -12.53 18.01
CA TRP A 385 1.20 -11.12 18.36
C TRP A 385 -0.22 -10.77 17.91
N GLN A 386 -1.07 -10.44 18.87
CA GLN A 386 -2.48 -10.23 18.61
C GLN A 386 -2.75 -8.83 18.06
N GLY A 387 -3.73 -8.75 17.17
CA GLY A 387 -4.24 -7.46 16.71
C GLY A 387 -3.42 -6.76 15.64
N VAL A 388 -2.45 -7.45 15.03
CA VAL A 388 -1.59 -6.84 14.02
C VAL A 388 -1.43 -7.79 12.84
N GLY A 389 -2.41 -8.68 12.65
CA GLY A 389 -2.29 -9.72 11.66
C GLY A 389 -1.71 -10.98 12.27
N ARG A 390 -2.31 -11.42 13.37
CA ARG A 390 -1.71 -12.45 14.20
C ARG A 390 -1.51 -13.76 13.44
N CYS A 391 -2.50 -14.16 12.65
CA CYS A 391 -2.46 -15.49 12.04
C CYS A 391 -1.34 -15.59 11.02
N MET A 392 -0.51 -16.62 11.18
CA MET A 392 0.56 -16.91 10.24
C MET A 392 0.70 -18.42 10.07
N TYR A 393 0.88 -18.88 8.84
CA TYR A 393 1.09 -20.28 8.54
C TYR A 393 2.57 -20.51 8.25
N ALA A 394 3.23 -21.28 9.10
CA ALA A 394 4.66 -21.57 8.92
C ALA A 394 4.79 -22.78 8.00
N PRO A 395 5.42 -22.66 6.82
CA PRO A 395 5.52 -23.82 5.95
C PRO A 395 6.40 -24.90 6.55
N PRO A 396 6.14 -26.17 6.27
CA PRO A 396 7.00 -27.22 6.81
C PRO A 396 8.32 -27.30 6.06
N ILE A 397 9.26 -28.02 6.67
CA ILE A 397 10.61 -28.19 6.13
C ILE A 397 10.92 -29.67 6.04
N ALA A 398 11.44 -30.08 4.88
CA ALA A 398 11.74 -31.48 4.64
C ALA A 398 12.91 -31.95 5.51
N GLY A 399 12.88 -33.23 5.88
CA GLY A 399 13.93 -33.81 6.68
C GLY A 399 13.75 -33.56 8.16
N ASN A 400 14.54 -34.28 8.95
CA ASN A 400 14.51 -34.14 10.40
C ASN A 400 15.48 -33.06 10.84
N ILE A 401 15.12 -32.36 11.92
CA ILE A 401 15.85 -31.18 12.37
C ILE A 401 16.22 -31.34 13.84
N THR A 402 17.28 -30.63 14.22
CA THR A 402 17.71 -30.52 15.61
C THR A 402 18.17 -29.09 15.86
N CYS A 403 18.04 -28.66 17.12
CA CYS A 403 18.38 -27.31 17.54
C CYS A 403 19.05 -27.38 18.89
N ARG A 404 20.32 -26.98 18.95
CA ARG A 404 21.09 -26.94 20.18
C ARG A 404 21.26 -25.49 20.60
N SER A 405 20.88 -25.19 21.84
CA SER A 405 20.90 -23.81 22.32
C SER A 405 21.27 -23.81 23.80
N ASN A 406 21.34 -22.60 24.37
CA ASN A 406 21.78 -22.38 25.74
C ASN A 406 20.71 -21.62 26.50
N ILE A 407 20.24 -22.21 27.61
CA ILE A 407 19.35 -21.52 28.52
C ILE A 407 20.21 -20.61 29.39
N THR A 408 19.84 -19.32 29.43
CA THR A 408 20.59 -18.31 30.16
C THR A 408 19.75 -17.53 31.16
N GLY A 409 18.46 -17.80 31.27
CA GLY A 409 17.61 -17.06 32.19
C GLY A 409 16.30 -17.78 32.43
N LEU A 410 15.64 -17.36 33.50
CA LEU A 410 14.36 -17.93 33.92
C LEU A 410 13.39 -16.80 34.25
N LEU A 411 12.10 -17.08 34.05
CA LEU A 411 11.01 -16.18 34.39
C LEU A 411 10.06 -16.91 35.33
N LEU A 412 9.78 -16.32 36.49
CA LEU A 412 8.98 -16.96 37.52
C LEU A 412 7.94 -15.98 38.05
N THR A 413 6.98 -16.54 38.79
CA THR A 413 5.94 -15.76 39.45
C THR A 413 5.54 -16.49 40.73
N ARG A 414 5.38 -15.73 41.81
CA ARG A 414 5.04 -16.31 43.11
C ARG A 414 3.52 -16.45 43.23
N ASP A 415 3.06 -16.92 44.39
CA ASP A 415 1.63 -17.05 44.69
C ASP A 415 1.40 -16.56 46.12
N GLY A 416 0.17 -16.15 46.38
CA GLY A 416 -0.17 -15.58 47.67
C GLY A 416 -0.31 -16.61 48.76
N GLY A 417 -0.45 -16.11 49.99
CA GLY A 417 -0.61 -16.96 51.16
C GLY A 417 -0.97 -16.11 52.35
N THR A 418 -1.36 -16.81 53.43
CA THR A 418 -1.79 -16.13 54.65
C THR A 418 -1.64 -17.09 55.82
N ASN A 419 -1.69 -16.53 57.03
CA ASN A 419 -1.66 -17.28 58.28
C ASN A 419 -0.36 -18.08 58.40
N SER A 420 0.77 -17.36 58.36
CA SER A 420 2.09 -17.94 58.57
C SER A 420 2.36 -19.10 57.61
N ASN A 421 1.96 -18.92 56.35
CA ASN A 421 2.17 -19.95 55.33
C ASN A 421 3.58 -19.81 54.79
N GLU A 422 4.47 -20.71 55.24
CA GLU A 422 5.87 -20.70 54.83
C GLU A 422 6.13 -21.62 53.65
N THR A 423 5.11 -21.91 52.85
CA THR A 423 5.21 -22.83 51.71
C THR A 423 4.94 -22.09 50.41
N GLU A 424 5.48 -20.88 50.26
CA GLU A 424 5.34 -20.13 49.02
C GLU A 424 6.06 -20.87 47.89
N THR A 425 5.43 -20.90 46.72
CA THR A 425 5.92 -21.64 45.57
C THR A 425 6.17 -20.71 44.39
N PHE A 426 7.05 -21.15 43.50
CA PHE A 426 7.39 -20.43 42.28
C PHE A 426 6.88 -21.23 41.08
N ARG A 427 6.29 -20.54 40.11
CA ARG A 427 5.74 -21.15 38.91
C ARG A 427 6.30 -20.47 37.67
N PRO A 428 6.35 -21.17 36.53
CA PRO A 428 6.80 -20.49 35.30
C PRO A 428 5.86 -19.37 34.89
N ALA A 429 6.42 -18.38 34.21
CA ALA A 429 5.68 -17.21 33.78
C ALA A 429 5.92 -16.97 32.28
N GLY A 430 4.94 -16.31 31.66
CA GLY A 430 5.02 -15.97 30.25
C GLY A 430 4.11 -14.83 29.90
N GLY A 431 3.47 -14.89 28.73
CA GLY A 431 2.50 -13.89 28.34
C GLY A 431 3.11 -12.70 27.61
N ASP A 432 3.32 -11.61 28.34
CA ASP A 432 3.83 -10.39 27.73
C ASP A 432 5.22 -10.62 27.15
N MET A 433 5.44 -10.09 25.94
CA MET A 433 6.70 -10.26 25.23
C MET A 433 7.73 -9.19 25.57
N ARG A 434 7.35 -8.13 26.29
CA ARG A 434 8.30 -7.09 26.62
C ARG A 434 9.36 -7.58 27.60
N ASP A 435 8.99 -8.48 28.51
CA ASP A 435 9.92 -8.96 29.53
C ASP A 435 11.07 -9.75 28.92
N ASN A 436 10.86 -10.39 27.77
CA ASN A 436 11.94 -11.16 27.15
C ASN A 436 13.11 -10.26 26.76
N TRP A 437 12.82 -9.12 26.15
CA TRP A 437 13.86 -8.17 25.77
C TRP A 437 14.19 -7.17 26.87
N ARG A 438 13.40 -7.12 27.95
CA ARG A 438 13.69 -6.19 29.03
C ARG A 438 14.96 -6.59 29.78
N SER A 439 15.28 -7.88 29.82
CA SER A 439 16.44 -8.37 30.54
C SER A 439 17.74 -8.19 29.77
N GLU A 440 17.68 -7.74 28.51
CA GLU A 440 18.88 -7.58 27.69
C GLU A 440 19.31 -6.13 27.52
N LEU A 441 18.38 -5.18 27.63
CA LEU A 441 18.69 -3.75 27.54
C LEU A 441 18.57 -3.07 28.89
N TYR A 442 18.76 -3.81 29.99
CA TYR A 442 18.65 -3.22 31.32
C TYR A 442 19.85 -2.35 31.68
N LYS A 443 20.97 -2.49 30.96
CA LYS A 443 22.17 -1.74 31.28
C LYS A 443 22.24 -0.39 30.59
N TYR A 444 21.55 -0.20 29.47
CA TYR A 444 21.72 0.96 28.62
C TYR A 444 20.67 2.03 28.96
N LYS A 445 21.12 3.28 29.02
CA LYS A 445 20.26 4.43 29.19
C LYS A 445 20.58 5.46 28.12
N VAL A 446 19.55 6.03 27.52
CA VAL A 446 19.70 7.02 26.46
C VAL A 446 19.53 8.42 27.07
N VAL A 447 20.48 9.31 26.77
CA VAL A 447 20.47 10.66 27.31
C VAL A 447 20.69 11.66 26.19
N LYS A 448 20.24 12.89 26.44
CA LYS A 448 20.33 14.01 25.51
C LYS A 448 21.34 15.01 26.04
N ILE A 449 22.29 15.39 25.18
CA ILE A 449 23.36 16.31 25.56
C ILE A 449 22.85 17.74 25.45
N GLU A 450 23.15 18.55 26.46
CA GLU A 450 22.84 19.98 26.47
C GLU A 450 24.16 20.75 26.51
N PRO A 451 24.72 21.17 25.38
CA PRO A 451 26.09 21.72 25.40
C PRO A 451 26.20 23.17 25.84
N LEU A 452 25.09 23.89 26.01
CA LEU A 452 25.12 25.29 26.37
C LEU A 452 25.18 25.43 27.89
N GLY A 453 26.16 26.20 28.38
CA GLY A 453 26.32 26.38 29.81
C GLY A 453 26.73 27.81 30.13
N VAL A 454 26.52 28.17 31.39
CA VAL A 454 26.83 29.50 31.92
C VAL A 454 27.65 29.33 33.19
N ALA A 455 28.72 30.10 33.32
CA ALA A 455 29.57 30.05 34.50
C ALA A 455 30.07 31.45 34.85
N PRO A 456 30.36 31.71 36.13
CA PRO A 456 30.97 32.99 36.50
C PRO A 456 32.48 32.94 36.49
N THR A 457 33.08 34.00 35.94
CA THR A 457 34.54 34.14 35.93
C THR A 457 34.88 35.61 35.80
N ARG A 458 36.11 35.96 36.18
CA ARG A 458 36.57 37.34 36.23
C ARG A 458 37.12 37.73 34.86
N CYS A 459 36.22 38.13 33.97
CA CYS A 459 36.61 38.61 32.65
C CYS A 459 35.53 39.54 32.12
N LYS A 460 35.90 40.34 31.13
CA LYS A 460 35.00 41.28 30.50
C LYS A 460 35.26 41.32 29.00
N ARG A 461 34.30 41.87 28.26
CA ARG A 461 34.44 42.01 26.82
C ARG A 461 35.55 43.02 26.51
N ARG A 462 36.34 42.69 25.49
CA ARG A 462 37.40 43.59 25.03
C ARG A 462 36.79 44.63 24.11
N VAL A 463 36.83 45.89 24.54
CA VAL A 463 36.29 47.01 23.77
C VAL A 463 37.42 47.94 23.36
N GLY B 10 37.78 11.32 23.45
CA GLY B 10 36.53 10.84 24.02
C GLY B 10 35.40 11.83 23.85
N PHE B 11 34.20 11.30 23.55
CA PHE B 11 33.05 12.17 23.36
C PHE B 11 32.62 12.83 24.68
N LEU B 12 32.73 12.10 25.78
CA LEU B 12 32.44 12.61 27.11
C LEU B 12 33.60 12.32 28.06
N GLY B 13 34.83 12.51 27.58
CA GLY B 13 36.00 12.30 28.41
C GLY B 13 36.18 13.34 29.49
N ALA B 14 35.63 14.55 29.29
CA ALA B 14 35.74 15.61 30.28
C ALA B 14 34.70 15.50 31.39
N ALA B 15 33.70 14.63 31.25
CA ALA B 15 32.68 14.49 32.27
C ALA B 15 33.26 13.91 33.54
N GLY B 16 32.79 14.39 34.68
CA GLY B 16 33.25 13.94 35.98
C GLY B 16 34.40 14.72 36.56
N SER B 17 35.11 15.50 35.74
CA SER B 17 36.22 16.30 36.22
C SER B 17 35.72 17.66 36.70
N THR B 18 36.65 18.49 37.18
CA THR B 18 36.30 19.80 37.67
C THR B 18 35.93 20.73 36.50
N MET B 19 35.30 21.85 36.83
CA MET B 19 34.92 22.81 35.79
C MET B 19 36.15 23.37 35.09
N GLY B 20 37.20 23.68 35.84
CA GLY B 20 38.42 24.16 35.23
C GLY B 20 39.08 23.12 34.35
N ALA B 21 39.13 21.87 34.82
CA ALA B 21 39.69 20.78 34.01
C ALA B 21 38.79 20.44 32.83
N ALA B 22 37.48 20.57 33.00
CA ALA B 22 36.54 20.25 31.94
C ALA B 22 36.44 21.36 30.89
N SER B 23 37.00 22.53 31.14
CA SER B 23 36.98 23.63 30.17
C SER B 23 38.20 23.54 29.24
N MET B 24 38.38 22.38 28.63
CA MET B 24 39.50 22.13 27.72
C MET B 24 39.06 21.11 26.69
N THR B 25 39.55 21.25 25.46
CA THR B 25 39.23 20.34 24.37
C THR B 25 37.72 20.24 24.17
N LEU B 26 37.05 21.40 24.22
CA LEU B 26 35.60 21.42 24.04
C LEU B 26 35.17 21.04 22.63
N THR B 27 36.09 21.11 21.66
CA THR B 27 35.72 20.85 20.27
C THR B 27 35.19 19.44 20.07
N VAL B 28 35.69 18.46 20.84
CA VAL B 28 35.21 17.10 20.72
C VAL B 28 33.76 16.94 21.16
N GLN B 29 33.23 17.90 21.93
CA GLN B 29 31.86 17.84 22.40
C GLN B 29 30.85 18.32 21.35
N ALA B 30 31.31 18.94 20.27
CA ALA B 30 30.42 19.55 19.27
C ALA B 30 30.86 19.15 17.87
N ARG B 31 31.15 17.87 17.68
CA ARG B 31 31.54 17.30 16.39
C ARG B 31 30.71 16.06 16.09
N ASN B 32 29.40 16.19 16.22
CA ASN B 32 28.48 15.13 15.84
C ASN B 32 28.25 15.15 14.34
N LEU B 33 28.20 13.97 13.74
CA LEU B 33 28.06 13.80 12.29
C LEU B 33 26.85 12.92 12.00
N LEU B 34 26.63 12.64 10.70
CA LEU B 34 25.50 11.84 10.27
C LEU B 34 25.72 10.38 10.60
N SER B 35 24.62 9.63 10.63
CA SER B 35 24.67 8.20 10.93
C SER B 35 23.35 7.56 10.56
N GLY B 36 23.42 6.28 10.17
CA GLY B 36 22.25 5.48 9.91
C GLY B 36 21.83 5.50 8.45
N THR B 37 21.03 4.50 8.10
CA THR B 37 20.43 4.37 6.77
C THR B 37 18.92 4.41 6.92
N VAL B 38 18.25 4.97 5.92
CA VAL B 38 16.84 5.32 6.04
C VAL B 38 15.99 4.06 6.09
N TRP B 39 15.10 3.98 7.07
CA TRP B 39 14.01 3.01 7.11
C TRP B 39 12.79 3.73 7.66
N GLY B 40 11.93 4.21 6.77
CA GLY B 40 10.78 5.00 7.17
C GLY B 40 11.12 6.46 7.34
N ILE B 41 10.13 7.21 7.83
CA ILE B 41 10.30 8.66 7.97
C ILE B 41 10.95 9.00 9.31
N LYS B 42 10.74 8.18 10.34
CA LYS B 42 11.31 8.47 11.65
C LYS B 42 12.84 8.47 11.63
N GLN B 43 13.45 7.68 10.75
CA GLN B 43 14.91 7.67 10.65
C GLN B 43 15.42 9.03 10.18
N LEU B 44 14.74 9.64 9.21
CA LEU B 44 15.09 10.97 8.75
C LEU B 44 14.68 12.05 9.73
N GLN B 45 13.67 11.79 10.57
CA GLN B 45 13.27 12.76 11.56
C GLN B 45 14.38 13.01 12.57
N ALA B 46 15.14 11.99 12.92
CA ALA B 46 16.28 12.19 13.82
C ALA B 46 17.30 13.15 13.20
N ARG B 47 17.60 12.96 11.91
CA ARG B 47 18.56 13.85 11.24
C ARG B 47 18.05 15.28 11.24
N VAL B 48 16.80 15.49 10.83
CA VAL B 48 16.33 16.87 10.70
C VAL B 48 16.19 17.53 12.07
N LEU B 49 15.77 16.78 13.09
CA LEU B 49 15.66 17.39 14.42
C LEU B 49 17.02 17.69 15.01
N ALA B 50 18.03 16.84 14.73
CA ALA B 50 19.38 17.16 15.15
C ALA B 50 19.88 18.43 14.48
N VAL B 51 19.61 18.57 13.18
CA VAL B 51 20.02 19.78 12.46
C VAL B 51 19.32 21.00 13.05
N GLU B 52 18.01 20.87 13.33
CA GLU B 52 17.27 22.00 13.89
C GLU B 52 17.82 22.38 15.26
N ARG B 53 18.14 21.39 16.10
CA ARG B 53 18.70 21.69 17.41
C ARG B 53 20.06 22.38 17.30
N TYR B 54 20.91 21.90 16.37
CA TYR B 54 22.20 22.54 16.19
C TYR B 54 22.05 23.98 15.72
N LEU B 55 21.13 24.22 14.77
CA LEU B 55 20.91 25.58 14.30
C LEU B 55 20.34 26.46 15.41
N ARG B 56 19.45 25.91 16.23
CA ARG B 56 18.90 26.67 17.36
C ARG B 56 20.02 27.06 18.33
N ASP B 57 20.90 26.12 18.67
CA ASP B 57 21.98 26.42 19.59
C ASP B 57 22.92 27.48 19.01
N GLN B 58 23.27 27.34 17.72
CA GLN B 58 24.16 28.31 17.09
C GLN B 58 23.51 29.69 17.02
N GLN B 59 22.21 29.76 16.72
CA GLN B 59 21.54 31.05 16.65
C GLN B 59 21.45 31.69 18.03
N LEU B 60 21.16 30.91 19.06
CA LEU B 60 21.12 31.45 20.41
C LEU B 60 22.49 31.96 20.83
N LEU B 61 23.56 31.24 20.49
CA LEU B 61 24.89 31.69 20.83
C LEU B 61 25.29 32.92 20.03
N GLY B 62 24.79 33.04 18.80
CA GLY B 62 25.19 34.16 17.94
C GLY B 62 24.51 35.47 18.28
N ILE B 63 23.26 35.41 18.77
CA ILE B 63 22.54 36.64 19.10
C ILE B 63 23.07 37.32 20.35
N TRP B 64 23.98 36.66 21.09
CA TRP B 64 24.65 37.26 22.24
C TRP B 64 25.99 37.88 21.89
N GLY B 65 26.35 37.93 20.61
CA GLY B 65 27.65 38.43 20.20
C GLY B 65 28.76 37.41 20.24
N CYS B 66 28.43 36.12 20.24
CA CYS B 66 29.40 35.02 20.34
C CYS B 66 29.23 34.14 19.10
N SER B 67 30.07 34.36 18.09
CA SER B 67 30.05 33.61 16.85
C SER B 67 31.41 33.00 16.60
N GLY B 68 31.46 31.69 16.39
CA GLY B 68 32.69 31.01 16.06
C GLY B 68 33.62 30.74 17.23
N LYS B 69 33.19 31.03 18.46
CA LYS B 69 34.02 30.84 19.64
C LYS B 69 33.19 30.19 20.74
N LEU B 70 33.72 29.10 21.31
CA LEU B 70 32.99 28.39 22.36
C LEU B 70 33.03 29.16 23.67
N ILE B 71 34.19 29.71 24.03
CA ILE B 71 34.33 30.53 25.22
C ILE B 71 34.14 31.98 24.82
N CYS B 72 33.25 32.68 25.54
CA CYS B 72 32.84 34.03 25.15
C CYS B 72 32.56 34.83 26.42
N CYS B 73 33.53 35.64 26.84
CA CYS B 73 33.34 36.52 27.98
C CYS B 73 32.48 37.71 27.59
N THR B 74 31.50 38.02 28.45
CA THR B 74 30.54 39.09 28.22
C THR B 74 30.72 40.18 29.27
N ASN B 75 29.89 41.23 29.18
CA ASN B 75 29.98 42.39 30.06
C ASN B 75 28.80 42.48 31.04
N VAL B 76 27.92 41.49 31.06
CA VAL B 76 26.77 41.54 31.97
C VAL B 76 27.26 41.26 33.39
N PRO B 77 26.91 42.08 34.39
CA PRO B 77 27.35 41.78 35.76
C PRO B 77 26.68 40.51 36.28
N TRP B 78 27.41 39.80 37.15
CA TRP B 78 26.92 38.57 37.75
C TRP B 78 26.24 38.90 39.07
N ASN B 79 24.93 38.66 39.13
CA ASN B 79 24.20 38.89 40.37
C ASN B 79 24.60 37.87 41.42
N SER B 80 24.78 38.35 42.66
CA SER B 80 25.20 37.46 43.74
C SER B 80 24.08 36.54 44.21
N SER B 81 22.82 36.88 43.94
CA SER B 81 21.70 36.07 44.40
C SER B 81 21.52 34.78 43.61
N TRP B 82 22.15 34.65 42.45
CA TRP B 82 21.96 33.46 41.63
C TRP B 82 22.60 32.24 42.27
N SER B 83 23.83 32.38 42.77
CA SER B 83 24.59 31.25 43.31
C SER B 83 25.06 31.52 44.73
N ASN B 84 25.46 32.77 45.00
CA ASN B 84 26.02 33.21 46.28
C ASN B 84 27.02 32.22 46.86
N ARG B 85 27.91 31.69 46.01
CA ARG B 85 28.99 30.80 46.43
C ARG B 85 30.32 31.36 45.95
N ASN B 86 31.37 31.06 46.71
CA ASN B 86 32.70 31.60 46.43
C ASN B 86 33.27 30.97 45.16
N LEU B 87 34.31 31.63 44.63
CA LEU B 87 34.94 31.14 43.41
C LEU B 87 35.60 29.78 43.63
N SER B 88 36.12 29.53 44.84
CA SER B 88 36.73 28.25 45.15
C SER B 88 35.71 27.11 45.24
N GLU B 89 34.41 27.42 45.31
CA GLU B 89 33.37 26.41 45.36
C GLU B 89 32.84 26.03 43.98
N ILE B 90 33.40 26.59 42.90
CA ILE B 90 32.87 26.39 41.56
C ILE B 90 33.92 25.72 40.68
N TRP B 91 35.07 26.37 40.52
CA TRP B 91 36.08 25.94 39.56
C TRP B 91 37.12 24.99 40.14
N ASP B 92 36.99 24.59 41.40
CA ASP B 92 37.99 23.75 42.07
C ASP B 92 37.52 22.33 42.31
N ASN B 93 36.25 22.13 42.67
CA ASN B 93 35.75 20.80 43.02
C ASN B 93 34.45 20.45 42.32
N MET B 94 33.65 21.45 41.95
CA MET B 94 32.34 21.19 41.38
C MET B 94 32.45 20.75 39.93
N THR B 95 31.56 19.84 39.54
CA THR B 95 31.49 19.35 38.17
C THR B 95 30.46 20.15 37.37
N TRP B 96 30.50 19.99 36.05
CA TRP B 96 29.58 20.71 35.19
C TRP B 96 28.13 20.26 35.37
N LEU B 97 27.91 18.96 35.58
CA LEU B 97 26.54 18.48 35.75
C LEU B 97 25.92 19.02 37.03
N GLN B 98 26.67 18.99 38.14
CA GLN B 98 26.15 19.54 39.40
C GLN B 98 25.90 21.03 39.27
N TRP B 99 26.82 21.75 38.61
CA TRP B 99 26.63 23.19 38.43
C TRP B 99 25.40 23.49 37.58
N ASP B 100 25.18 22.71 36.52
CA ASP B 100 23.99 22.91 35.70
C ASP B 100 22.73 22.63 36.50
N LYS B 101 22.72 21.54 37.28
CA LYS B 101 21.54 21.23 38.08
C LYS B 101 21.29 22.32 39.13
N GLU B 102 22.34 22.96 39.62
CA GLU B 102 22.18 24.01 40.62
C GLU B 102 21.83 25.37 40.02
N ILE B 103 22.18 25.62 38.77
CA ILE B 103 22.02 26.93 38.15
C ILE B 103 20.92 26.96 37.09
N SER B 104 20.25 25.84 36.81
CA SER B 104 19.21 25.82 35.79
C SER B 104 18.01 26.70 36.13
N ASN B 105 17.86 27.11 37.39
CA ASN B 105 16.69 27.88 37.80
C ASN B 105 16.73 29.34 37.37
N TYR B 106 17.85 29.83 36.83
CA TYR B 106 18.02 31.23 36.49
C TYR B 106 18.62 31.38 35.09
N THR B 107 18.26 30.50 34.17
CA THR B 107 18.78 30.59 32.81
C THR B 107 18.09 31.68 32.00
N GLN B 108 16.78 31.86 32.19
CA GLN B 108 16.03 32.81 31.37
C GLN B 108 16.47 34.25 31.63
N ILE B 109 16.70 34.58 32.91
CA ILE B 109 17.13 35.94 33.24
C ILE B 109 18.48 36.24 32.60
N ILE B 110 19.41 35.28 32.66
CA ILE B 110 20.72 35.47 32.07
C ILE B 110 20.61 35.62 30.56
N TYR B 111 19.77 34.80 29.92
CA TYR B 111 19.60 34.90 28.47
C TYR B 111 19.03 36.26 28.08
N GLY B 112 18.01 36.74 28.81
CA GLY B 112 17.46 38.04 28.50
C GLY B 112 18.46 39.16 28.70
N LEU B 113 19.23 39.09 29.79
CA LEU B 113 20.24 40.12 30.01
C LEU B 113 21.29 40.10 28.92
N LEU B 114 21.71 38.91 28.47
CA LEU B 114 22.70 38.83 27.41
C LEU B 114 22.16 39.39 26.11
N GLU B 115 20.90 39.09 25.79
CA GLU B 115 20.31 39.63 24.57
C GLU B 115 20.24 41.15 24.63
N GLU B 116 19.78 41.69 25.76
CA GLU B 116 19.67 43.14 25.89
C GLU B 116 21.05 43.80 25.82
N SER B 117 22.04 43.20 26.48
CA SER B 117 23.39 43.77 26.46
C SER B 117 23.99 43.74 25.06
N GLN B 118 23.79 42.64 24.33
CA GLN B 118 24.32 42.57 22.97
C GLN B 118 23.67 43.61 22.07
N ASN B 119 22.34 43.76 22.17
CA ASN B 119 21.66 44.77 21.35
C ASN B 119 22.15 46.17 21.71
N GLN B 120 22.30 46.45 23.01
CA GLN B 120 22.75 47.77 23.44
C GLN B 120 24.17 48.05 22.96
N GLN B 121 25.06 47.06 23.05
CA GLN B 121 26.43 47.24 22.58
C GLN B 121 26.48 47.45 21.08
N GLU B 122 25.66 46.70 20.32
CA GLU B 122 25.64 46.89 18.88
C GLU B 122 25.15 48.29 18.52
N LYS B 123 24.08 48.76 19.18
CA LYS B 123 23.57 50.09 18.89
C LYS B 123 24.58 51.16 19.27
N ASN B 124 25.26 51.00 20.41
CA ASN B 124 26.26 51.98 20.82
C ASN B 124 27.44 52.01 19.85
N GLU B 125 27.87 50.84 19.38
CA GLU B 125 28.95 50.78 18.40
C GLU B 125 28.53 51.47 17.10
N GLN B 126 27.30 51.21 16.65
CA GLN B 126 26.83 51.84 15.41
C GLN B 126 26.74 53.35 15.57
N ASP B 127 26.33 53.83 16.73
CA ASP B 127 26.25 55.27 16.97
C ASP B 127 27.62 55.92 17.06
N LEU B 128 28.57 55.28 17.76
CA LEU B 128 29.87 55.90 17.97
C LEU B 128 30.75 55.85 16.72
N LEU B 129 30.70 54.75 15.96
CA LEU B 129 31.49 54.68 14.74
C LEU B 129 31.00 55.66 13.70
N ALA B 130 29.68 55.84 13.60
CA ALA B 130 29.10 56.66 12.55
C ALA B 130 29.32 58.16 12.77
N LEU B 131 29.18 58.63 14.01
CA LEU B 131 29.20 60.07 14.27
C LEU B 131 30.59 60.69 14.17
N ASP B 132 31.64 59.90 14.07
CA ASP B 132 32.99 60.44 13.94
C ASP B 132 33.23 60.95 12.52
N GLN C 1 15.37 -68.50 26.06
CA GLN C 1 16.00 -67.39 25.29
C GLN C 1 15.09 -66.97 24.14
N VAL C 2 15.59 -66.07 23.29
CA VAL C 2 14.82 -65.59 22.15
C VAL C 2 14.75 -66.70 21.11
N GLN C 3 13.53 -67.05 20.70
CA GLN C 3 13.30 -68.09 19.72
C GLN C 3 12.26 -67.62 18.71
N LEU C 4 12.56 -67.81 17.43
CA LEU C 4 11.64 -67.51 16.33
C LEU C 4 11.35 -68.79 15.57
N VAL C 5 10.07 -69.09 15.40
CA VAL C 5 9.63 -70.34 14.75
C VAL C 5 8.66 -70.00 13.64
N GLN C 6 8.85 -70.62 12.48
CA GLN C 6 8.01 -70.48 11.31
C GLN C 6 7.56 -71.86 10.85
N SER C 7 6.83 -71.88 9.74
CA SER C 7 6.37 -73.14 9.15
C SER C 7 7.54 -73.86 8.48
N GLY C 8 7.41 -75.18 8.40
CA GLY C 8 8.47 -76.01 7.85
C GLY C 8 8.60 -75.92 6.35
N ALA C 9 7.57 -76.36 5.63
CA ALA C 9 7.57 -76.38 4.17
C ALA C 9 6.23 -75.85 3.66
N GLU C 10 6.26 -75.32 2.45
CA GLU C 10 5.06 -74.73 1.84
C GLU C 10 5.10 -74.97 0.34
N VAL C 11 4.02 -75.53 -0.19
CA VAL C 11 3.84 -75.76 -1.62
C VAL C 11 2.60 -75.01 -2.07
N LYS C 12 2.76 -74.17 -3.10
CA LYS C 12 1.67 -73.35 -3.59
C LYS C 12 1.75 -73.23 -5.10
N LYS C 13 0.59 -73.27 -5.76
CA LYS C 13 0.55 -73.10 -7.20
C LYS C 13 0.78 -71.64 -7.57
N PRO C 14 1.30 -71.37 -8.77
CA PRO C 14 1.52 -69.98 -9.17
C PRO C 14 0.22 -69.20 -9.30
N GLY C 15 0.30 -67.90 -9.01
CA GLY C 15 -0.86 -67.03 -9.09
C GLY C 15 -1.71 -66.98 -7.85
N ALA C 16 -1.42 -67.79 -6.84
CA ALA C 16 -2.18 -67.82 -5.60
C ALA C 16 -1.51 -66.94 -4.56
N SER C 17 -2.01 -67.00 -3.32
CA SER C 17 -1.48 -66.23 -2.21
C SER C 17 -1.04 -67.19 -1.10
N VAL C 18 -0.03 -66.76 -0.34
CA VAL C 18 0.56 -67.56 0.72
C VAL C 18 0.64 -66.74 1.99
N LYS C 19 0.50 -67.42 3.13
CA LYS C 19 0.55 -66.84 4.45
C LYS C 19 1.69 -67.49 5.22
N VAL C 20 2.57 -66.68 5.80
CA VAL C 20 3.70 -67.15 6.59
C VAL C 20 3.58 -66.59 8.00
N SER C 21 3.70 -67.45 8.99
CA SER C 21 3.59 -67.07 10.40
C SER C 21 4.96 -67.14 11.06
N CYS C 22 5.33 -66.08 11.78
CA CYS C 22 6.57 -66.00 12.54
C CYS C 22 6.19 -65.79 14.00
N LYS C 23 6.31 -66.85 14.81
CA LYS C 23 5.97 -66.78 16.23
C LYS C 23 7.25 -66.60 17.03
N ALA C 24 7.24 -65.62 17.93
CA ALA C 24 8.40 -65.24 18.72
C ALA C 24 8.14 -65.56 20.19
N SER C 25 9.16 -66.07 20.88
CA SER C 25 9.06 -66.42 22.28
C SER C 25 10.34 -66.02 22.99
N GLY C 26 10.21 -65.71 24.29
CA GLY C 26 11.35 -65.39 25.13
C GLY C 26 11.61 -63.92 25.33
N TYR C 27 10.82 -63.03 24.71
CA TYR C 27 11.02 -61.60 24.89
C TYR C 27 9.71 -60.89 24.57
N THR C 28 9.62 -59.62 24.98
CA THR C 28 8.43 -58.82 24.74
C THR C 28 8.28 -58.56 23.25
N PHE C 29 7.12 -58.89 22.70
CA PHE C 29 6.90 -58.76 21.27
C PHE C 29 6.88 -57.31 20.81
N THR C 30 6.42 -56.41 21.66
CA THR C 30 6.27 -55.00 21.31
C THR C 30 7.50 -54.16 21.62
N GLY C 31 8.64 -54.81 21.87
CA GLY C 31 9.86 -54.09 22.22
C GLY C 31 10.82 -53.87 21.08
N TYR C 32 10.67 -54.62 19.99
CA TYR C 32 11.60 -54.57 18.86
C TYR C 32 10.83 -54.68 17.56
N TYR C 33 11.39 -54.10 16.50
CA TYR C 33 10.84 -54.24 15.16
C TYR C 33 10.97 -55.68 14.68
N MET C 34 10.21 -56.02 13.65
CA MET C 34 10.28 -57.33 13.02
C MET C 34 10.50 -57.18 11.53
N HIS C 35 11.58 -57.78 11.01
CA HIS C 35 11.97 -57.65 9.62
C HIS C 35 11.72 -58.97 8.89
N TRP C 36 11.35 -58.85 7.61
CA TRP C 36 11.16 -59.99 6.73
C TRP C 36 12.11 -59.85 5.54
N VAL C 37 12.83 -60.95 5.24
CA VAL C 37 13.75 -61.01 4.12
C VAL C 37 13.50 -62.31 3.36
N ARG C 38 14.03 -62.39 2.15
CA ARG C 38 13.87 -63.54 1.28
C ARG C 38 15.22 -63.95 0.70
N GLN C 39 15.41 -65.26 0.50
CA GLN C 39 16.65 -65.81 -0.05
C GLN C 39 16.28 -66.91 -1.03
N ALA C 40 16.60 -66.69 -2.32
CA ALA C 40 16.39 -67.71 -3.33
C ALA C 40 17.57 -68.69 -3.33
N PRO C 41 17.36 -69.92 -3.80
CA PRO C 41 18.48 -70.88 -3.86
C PRO C 41 19.55 -70.39 -4.83
N GLY C 42 20.77 -70.30 -4.33
CA GLY C 42 21.89 -69.75 -5.11
C GLY C 42 22.08 -68.26 -4.94
N GLN C 43 20.98 -67.50 -4.98
CA GLN C 43 21.04 -66.06 -4.79
C GLN C 43 21.19 -65.73 -3.31
N GLY C 44 21.64 -64.51 -3.04
CA GLY C 44 21.86 -64.06 -1.68
C GLY C 44 20.59 -63.63 -0.99
N LEU C 45 20.73 -62.74 -0.01
CA LEU C 45 19.62 -62.27 0.80
C LEU C 45 18.98 -61.05 0.14
N GLU C 46 17.66 -61.06 0.03
CA GLU C 46 16.89 -59.94 -0.48
C GLU C 46 16.01 -59.42 0.65
N TRP C 47 16.13 -58.13 0.95
CA TRP C 47 15.36 -57.53 2.02
C TRP C 47 13.97 -57.15 1.53
N MET C 48 12.95 -57.67 2.22
CA MET C 48 11.56 -57.40 1.86
C MET C 48 10.98 -56.21 2.60
N GLY C 49 11.06 -56.19 3.93
CA GLY C 49 10.51 -55.05 4.64
C GLY C 49 10.60 -55.20 6.13
N TRP C 50 9.99 -54.25 6.83
CA TRP C 50 9.91 -54.27 8.29
C TRP C 50 8.53 -53.82 8.76
N ILE C 51 8.20 -54.23 9.98
CA ILE C 51 6.92 -53.94 10.61
C ILE C 51 7.17 -53.60 12.08
N ASN C 52 6.50 -52.56 12.56
CA ASN C 52 6.53 -52.19 13.97
C ASN C 52 5.41 -52.91 14.72
N PRO C 53 5.70 -53.78 15.70
CA PRO C 53 4.60 -54.49 16.37
C PRO C 53 3.63 -53.59 17.12
N ASN C 54 4.09 -52.47 17.68
CA ASN C 54 3.21 -51.64 18.50
C ASN C 54 2.06 -51.08 17.68
N SER C 55 2.36 -50.24 16.69
CA SER C 55 1.36 -49.69 15.80
C SER C 55 1.21 -50.60 14.58
N GLY C 56 0.42 -50.18 13.61
CA GLY C 56 0.28 -50.90 12.36
C GLY C 56 1.21 -50.37 11.29
N ARG C 57 2.24 -49.63 11.70
CA ARG C 57 3.16 -49.01 10.74
C ARG C 57 4.06 -50.08 10.14
N THR C 58 4.03 -50.19 8.82
CA THR C 58 4.85 -51.14 8.07
C THR C 58 5.50 -50.43 6.91
N ASN C 59 6.67 -50.93 6.50
CA ASN C 59 7.37 -50.39 5.33
C ASN C 59 7.91 -51.53 4.50
N TYR C 60 7.77 -51.42 3.19
CA TYR C 60 8.23 -52.41 2.23
C TYR C 60 9.17 -51.76 1.23
N ALA C 61 10.09 -52.57 0.70
CA ALA C 61 11.05 -52.08 -0.28
C ALA C 61 10.38 -51.96 -1.65
N GLN C 62 11.15 -51.53 -2.64
CA GLN C 62 10.63 -51.43 -3.99
C GLN C 62 10.34 -52.82 -4.56
N LYS C 63 9.48 -52.85 -5.57
CA LYS C 63 9.03 -54.08 -6.22
C LYS C 63 8.20 -54.97 -5.28
N PHE C 64 7.74 -54.43 -4.16
CA PHE C 64 6.90 -55.17 -3.23
C PHE C 64 5.71 -54.38 -2.70
N GLN C 65 5.60 -53.09 -2.99
CA GLN C 65 4.48 -52.30 -2.48
C GLN C 65 3.18 -52.75 -3.13
N GLY C 66 2.20 -53.11 -2.30
CA GLY C 66 0.93 -53.63 -2.76
C GLY C 66 0.92 -55.12 -3.02
N ARG C 67 2.06 -55.69 -3.43
CA ARG C 67 2.14 -57.12 -3.71
C ARG C 67 2.19 -57.95 -2.43
N VAL C 68 2.71 -57.38 -1.33
CA VAL C 68 2.85 -58.08 -0.07
C VAL C 68 2.31 -57.21 1.05
N THR C 69 1.90 -57.85 2.14
CA THR C 69 1.39 -57.14 3.32
C THR C 69 1.89 -57.85 4.58
N MET C 70 2.03 -57.05 5.64
CA MET C 70 2.50 -57.52 6.94
C MET C 70 1.52 -57.10 8.01
N THR C 71 1.14 -58.03 8.87
CA THR C 71 0.27 -57.77 10.02
C THR C 71 0.85 -58.48 11.24
N ARG C 72 0.21 -58.30 12.38
CA ARG C 72 0.70 -58.91 13.62
C ARG C 72 -0.47 -59.15 14.56
N ASP C 73 -0.26 -60.08 15.50
CA ASP C 73 -1.22 -60.39 16.56
C ASP C 73 -0.46 -60.35 17.87
N THR C 74 -0.78 -59.36 18.71
CA THR C 74 -0.07 -59.16 19.97
C THR C 74 -0.50 -60.14 21.04
N SER C 75 -1.77 -60.59 21.02
CA SER C 75 -2.24 -61.50 22.05
C SER C 75 -1.47 -62.82 22.03
N ILE C 76 -1.22 -63.37 20.83
CA ILE C 76 -0.42 -64.57 20.67
C ILE C 76 1.02 -64.25 20.27
N SER C 77 1.35 -62.99 19.99
CA SER C 77 2.70 -62.57 19.61
C SER C 77 3.18 -63.34 18.38
N THR C 78 2.48 -63.09 17.26
CA THR C 78 2.82 -63.75 16.00
C THR C 78 2.67 -62.77 14.85
N ALA C 79 3.71 -62.69 14.02
CA ALA C 79 3.69 -61.83 12.84
C ALA C 79 3.22 -62.63 11.62
N TYR C 80 2.42 -61.99 10.78
CA TYR C 80 1.84 -62.60 9.60
C TYR C 80 2.33 -61.87 8.35
N MET C 81 2.77 -62.66 7.36
CA MET C 81 3.27 -62.16 6.09
C MET C 81 2.41 -62.75 4.98
N GLU C 82 1.64 -61.91 4.30
CA GLU C 82 0.74 -62.36 3.24
C GLU C 82 1.31 -61.88 1.90
N LEU C 83 1.68 -62.83 1.05
CA LEU C 83 2.26 -62.54 -0.25
C LEU C 83 1.36 -63.10 -1.34
N SER C 84 0.94 -62.24 -2.25
CA SER C 84 0.04 -62.60 -3.35
C SER C 84 0.78 -62.53 -4.67
N ARG C 85 0.17 -63.14 -5.70
CA ARG C 85 0.69 -63.11 -7.06
C ARG C 85 2.05 -63.80 -7.13
N LEU C 86 2.09 -65.05 -6.67
CA LEU C 86 3.32 -65.82 -6.69
C LEU C 86 3.68 -66.19 -8.12
N ARG C 87 4.96 -66.01 -8.47
CA ARG C 87 5.48 -66.30 -9.80
C ARG C 87 6.34 -67.55 -9.75
N SER C 88 6.93 -67.91 -10.89
CA SER C 88 7.77 -69.10 -10.94
C SER C 88 9.09 -68.91 -10.21
N ASP C 89 9.58 -67.67 -10.13
CA ASP C 89 10.86 -67.38 -9.51
C ASP C 89 10.74 -67.10 -8.01
N ASP C 90 9.56 -67.27 -7.42
CA ASP C 90 9.36 -67.00 -6.00
C ASP C 90 9.70 -68.19 -5.12
N THR C 91 10.17 -69.30 -5.70
CA THR C 91 10.59 -70.45 -4.91
C THR C 91 11.81 -70.07 -4.09
N ALA C 92 11.63 -69.88 -2.79
CA ALA C 92 12.69 -69.33 -1.96
C ALA C 92 12.37 -69.55 -0.49
N VAL C 93 13.35 -69.24 0.36
CA VAL C 93 13.22 -69.34 1.81
C VAL C 93 13.01 -67.94 2.36
N TYR C 94 11.91 -67.75 3.08
CA TYR C 94 11.59 -66.48 3.71
C TYR C 94 12.01 -66.52 5.18
N TYR C 95 12.78 -65.53 5.60
CA TYR C 95 13.35 -65.48 6.94
C TYR C 95 12.79 -64.29 7.72
N CYS C 96 12.55 -64.53 9.00
CA CYS C 96 11.98 -63.57 9.94
C CYS C 96 13.05 -63.22 10.96
N ALA C 97 13.33 -61.92 11.12
CA ALA C 97 14.43 -61.45 11.95
C ALA C 97 13.95 -60.37 12.90
N ARG C 98 14.72 -60.18 13.97
CA ARG C 98 14.43 -59.17 14.99
C ARG C 98 15.31 -57.96 14.77
N GLY C 99 14.69 -56.79 14.66
CA GLY C 99 15.41 -55.57 14.36
C GLY C 99 15.96 -54.87 15.59
N GLY C 100 15.93 -53.54 15.58
CA GLY C 100 16.46 -52.76 16.67
C GLY C 100 15.45 -52.56 17.79
N TRP C 101 15.81 -51.70 18.74
CA TRP C 101 14.99 -51.42 19.90
C TRP C 101 14.08 -50.23 19.63
N ILE C 102 12.82 -50.36 20.03
CA ILE C 102 11.84 -49.29 19.88
C ILE C 102 12.00 -48.34 21.06
N SER C 103 12.34 -47.08 20.78
CA SER C 103 12.63 -46.10 21.83
C SER C 103 11.70 -44.90 21.84
N LEU C 104 10.95 -44.65 20.76
CA LEU C 104 10.02 -43.53 20.65
C LEU C 104 10.71 -42.17 20.66
N TYR C 105 12.03 -42.13 20.46
CA TYR C 105 12.79 -40.89 20.39
C TYR C 105 13.72 -40.80 19.19
N TYR C 106 14.13 -41.92 18.61
CA TYR C 106 14.94 -41.92 17.39
C TYR C 106 14.53 -43.11 16.54
N ASP C 107 14.70 -42.97 15.23
CA ASP C 107 14.26 -43.97 14.27
C ASP C 107 15.30 -45.09 14.21
N SER C 108 14.99 -46.21 14.87
CA SER C 108 15.86 -47.38 14.90
C SER C 108 15.42 -48.47 13.94
N SER C 109 14.44 -48.19 13.08
CA SER C 109 13.92 -49.20 12.17
C SER C 109 14.93 -49.60 11.10
N GLY C 110 15.72 -48.64 10.62
CA GLY C 110 16.62 -48.88 9.51
C GLY C 110 17.97 -49.48 9.86
N TYR C 111 18.25 -49.71 11.14
CA TYR C 111 19.53 -50.28 11.52
C TYR C 111 19.59 -51.75 11.12
N PRO C 112 20.60 -52.20 10.32
CA PRO C 112 20.64 -53.62 9.93
C PRO C 112 21.33 -54.49 10.98
N ASN C 113 20.71 -54.59 12.15
CA ASN C 113 21.21 -55.39 13.27
C ASN C 113 20.19 -56.49 13.57
N PHE C 114 20.48 -57.70 13.09
CA PHE C 114 19.59 -58.86 13.24
C PHE C 114 20.31 -59.89 14.09
N ASP C 115 19.99 -59.92 15.39
CA ASP C 115 20.65 -60.86 16.29
C ASP C 115 20.18 -62.29 16.07
N TYR C 116 18.86 -62.50 15.94
CA TYR C 116 18.26 -63.82 15.87
C TYR C 116 17.51 -64.00 14.57
N TRP C 117 17.51 -65.24 14.08
CA TRP C 117 16.85 -65.62 12.84
C TRP C 117 16.04 -66.89 13.05
N GLY C 118 14.94 -67.00 12.32
CA GLY C 118 14.16 -68.22 12.30
C GLY C 118 14.75 -69.25 11.35
N GLN C 119 14.17 -70.46 11.38
CA GLN C 119 14.66 -71.51 10.50
C GLN C 119 14.29 -71.26 9.05
N GLY C 120 13.31 -70.40 8.79
CA GLY C 120 12.93 -70.06 7.43
C GLY C 120 11.78 -70.91 6.92
N THR C 121 10.94 -70.29 6.10
CA THR C 121 9.80 -70.96 5.47
C THR C 121 10.13 -71.14 3.99
N LEU C 122 10.14 -72.40 3.54
CA LEU C 122 10.49 -72.72 2.16
C LEU C 122 9.21 -72.75 1.32
N VAL C 123 9.04 -71.72 0.48
CA VAL C 123 7.95 -71.68 -0.48
C VAL C 123 8.47 -72.26 -1.77
N THR C 124 7.72 -73.20 -2.35
CA THR C 124 8.10 -73.90 -3.57
C THR C 124 6.96 -73.79 -4.57
N VAL C 125 7.29 -73.39 -5.80
CA VAL C 125 6.31 -73.21 -6.86
C VAL C 125 6.66 -74.12 -8.03
N SER C 126 7.21 -75.29 -7.72
CA SER C 126 7.60 -76.25 -8.76
C SER C 126 6.39 -76.99 -9.30
N GLN D 1 17.41 -51.29 -10.90
CA GLN D 1 17.81 -51.46 -9.48
C GLN D 1 19.05 -52.34 -9.37
N SER D 2 20.03 -51.88 -8.60
CA SER D 2 21.28 -52.60 -8.39
C SER D 2 21.61 -52.62 -6.90
N ALA D 3 22.19 -53.73 -6.46
CA ALA D 3 22.59 -53.90 -5.08
C ALA D 3 24.02 -53.39 -4.89
N LEU D 4 24.56 -53.55 -3.69
CA LEU D 4 25.93 -53.12 -3.42
C LEU D 4 26.92 -53.96 -4.21
N THR D 5 27.97 -53.32 -4.69
CA THR D 5 29.02 -54.00 -5.45
C THR D 5 29.93 -54.75 -4.48
N GLN D 6 30.00 -56.07 -4.63
CA GLN D 6 30.80 -56.94 -3.77
C GLN D 6 31.53 -57.95 -4.64
N PRO D 7 32.75 -58.36 -4.28
CA PRO D 7 33.41 -59.43 -5.03
C PRO D 7 32.63 -60.73 -4.95
N ALA D 8 32.71 -61.51 -6.03
CA ALA D 8 31.99 -62.78 -6.12
C ALA D 8 32.80 -63.97 -5.62
N SER D 9 34.12 -63.83 -5.50
CA SER D 9 34.97 -64.94 -5.07
C SER D 9 36.20 -64.39 -4.37
N VAL D 10 36.45 -64.84 -3.15
CA VAL D 10 37.64 -64.50 -2.39
C VAL D 10 38.29 -65.78 -1.91
N SER D 11 39.59 -65.91 -2.14
CA SER D 11 40.36 -67.10 -1.78
C SER D 11 41.49 -66.72 -0.85
N GLY D 12 41.83 -67.63 0.06
CA GLY D 12 42.89 -67.41 1.01
C GLY D 12 43.49 -68.72 1.50
N SER D 13 44.34 -68.64 2.52
CA SER D 13 45.00 -69.80 3.12
C SER D 13 44.92 -69.72 4.63
N PRO D 14 45.07 -70.84 5.34
CA PRO D 14 45.06 -70.79 6.80
C PRO D 14 46.20 -69.94 7.34
N GLY D 15 45.96 -69.28 8.48
CA GLY D 15 46.96 -68.45 9.09
C GLY D 15 47.34 -67.25 8.24
N GLN D 16 46.35 -66.57 7.69
CA GLN D 16 46.58 -65.42 6.82
C GLN D 16 45.54 -64.35 7.12
N SER D 17 45.92 -63.10 6.84
CA SER D 17 45.03 -61.96 7.01
C SER D 17 44.44 -61.61 5.66
N ILE D 18 43.12 -61.70 5.54
CA ILE D 18 42.40 -61.48 4.29
C ILE D 18 41.31 -60.45 4.53
N THR D 19 41.20 -59.49 3.61
CA THR D 19 40.21 -58.42 3.69
C THR D 19 39.23 -58.54 2.53
N ILE D 20 37.94 -58.48 2.84
CA ILE D 20 36.87 -58.49 1.85
C ILE D 20 36.16 -57.14 1.93
N SER D 21 36.17 -56.40 0.82
CA SER D 21 35.67 -55.03 0.78
C SER D 21 34.42 -54.96 -0.08
N CYS D 22 33.37 -54.34 0.46
CA CYS D 22 32.14 -54.05 -0.28
C CYS D 22 31.97 -52.54 -0.39
N THR D 23 31.66 -52.09 -1.60
CA THR D 23 31.48 -50.67 -1.91
C THR D 23 30.11 -50.45 -2.53
N GLY D 24 29.58 -49.24 -2.37
CA GLY D 24 28.27 -48.89 -2.86
C GLY D 24 28.19 -47.48 -3.39
N THR D 25 26.98 -46.93 -3.44
CA THR D 25 26.75 -45.60 -3.96
C THR D 25 27.06 -44.55 -2.89
N SER D 26 26.89 -43.28 -3.25
CA SER D 26 27.16 -42.18 -2.34
C SER D 26 26.08 -42.00 -1.27
N SER D 27 24.91 -42.63 -1.45
CA SER D 27 23.82 -42.50 -0.49
C SER D 27 23.75 -43.65 0.50
N ASP D 28 24.26 -44.83 0.14
CA ASP D 28 24.19 -46.00 1.02
C ASP D 28 25.35 -46.01 2.01
N VAL D 29 26.58 -45.93 1.52
CA VAL D 29 27.78 -46.01 2.34
C VAL D 29 28.51 -44.67 2.40
N GLY D 30 28.06 -43.66 1.67
CA GLY D 30 28.80 -42.40 1.62
C GLY D 30 28.69 -41.61 2.91
N SER D 31 27.50 -41.61 3.55
CA SER D 31 27.26 -40.77 4.70
C SER D 31 26.51 -41.48 5.82
N TYR D 32 26.39 -42.81 5.78
CA TYR D 32 25.74 -43.59 6.83
C TYR D 32 26.75 -44.57 7.40
N ASN D 33 26.83 -44.61 8.74
CA ASN D 33 27.77 -45.48 9.45
C ASN D 33 27.11 -46.78 9.92
N LEU D 34 26.13 -47.28 9.16
CA LEU D 34 25.43 -48.52 9.48
C LEU D 34 25.81 -49.55 8.42
N VAL D 35 26.89 -50.28 8.68
CA VAL D 35 27.35 -51.36 7.82
C VAL D 35 27.52 -52.60 8.69
N SER D 36 26.96 -53.72 8.23
CA SER D 36 26.98 -54.97 8.98
C SER D 36 27.51 -56.09 8.11
N TRP D 37 28.12 -57.07 8.76
CA TRP D 37 28.63 -58.27 8.12
C TRP D 37 28.05 -59.51 8.79
N TYR D 38 27.42 -60.36 7.99
CA TYR D 38 26.85 -61.62 8.43
C TYR D 38 27.53 -62.77 7.70
N GLN D 39 27.51 -63.96 8.32
CA GLN D 39 27.99 -65.17 7.68
C GLN D 39 26.87 -66.21 7.66
N GLN D 40 26.96 -67.14 6.72
CA GLN D 40 25.91 -68.12 6.51
C GLN D 40 26.51 -69.36 5.87
N HIS D 41 26.44 -70.49 6.57
CA HIS D 41 26.70 -71.77 5.94
C HIS D 41 25.46 -72.23 5.18
N PRO D 42 25.61 -73.05 4.14
CA PRO D 42 24.44 -73.55 3.42
C PRO D 42 23.60 -74.44 4.31
N GLY D 43 22.28 -74.34 4.17
CA GLY D 43 21.36 -75.18 4.90
C GLY D 43 20.97 -74.71 6.28
N LYS D 44 21.43 -73.55 6.72
CA LYS D 44 21.05 -73.01 8.02
C LYS D 44 20.95 -71.49 7.91
N ALA D 45 20.39 -70.89 8.96
CA ALA D 45 20.17 -69.45 8.97
C ALA D 45 21.48 -68.71 9.19
N PRO D 46 21.57 -67.44 8.77
CA PRO D 46 22.77 -66.65 9.03
C PRO D 46 22.82 -66.18 10.48
N LYS D 47 23.95 -65.58 10.84
CA LYS D 47 24.11 -64.97 12.15
C LYS D 47 24.98 -63.73 12.02
N LEU D 48 24.83 -62.82 12.97
CA LEU D 48 25.59 -61.58 12.95
C LEU D 48 27.04 -61.84 13.29
N MET D 49 27.94 -61.16 12.58
CA MET D 49 29.37 -61.20 12.85
C MET D 49 29.91 -59.83 13.24
N ILE D 50 29.61 -58.79 12.48
CA ILE D 50 30.04 -57.42 12.78
C ILE D 50 28.87 -56.49 12.57
N TYR D 51 28.69 -55.54 13.49
CA TYR D 51 27.66 -54.52 13.38
C TYR D 51 28.26 -53.16 13.69
N GLU D 52 27.70 -52.13 13.05
CA GLU D 52 28.18 -50.75 13.19
C GLU D 52 29.65 -50.65 12.82
N VAL D 53 29.98 -51.08 11.60
CA VAL D 53 31.26 -50.90 10.92
C VAL D 53 32.45 -51.50 11.67
N SER D 54 32.60 -51.22 12.97
CA SER D 54 33.76 -51.69 13.74
C SER D 54 33.43 -52.34 15.07
N LYS D 55 32.21 -52.21 15.59
CA LYS D 55 31.88 -52.83 16.86
C LYS D 55 31.73 -54.34 16.70
N ARG D 56 31.80 -55.04 17.83
CA ARG D 56 31.78 -56.49 17.88
C ARG D 56 30.67 -56.94 18.82
N PRO D 57 29.78 -57.84 18.41
CA PRO D 57 28.76 -58.34 19.34
C PRO D 57 29.34 -59.39 20.29
N SER D 58 28.62 -59.62 21.38
CA SER D 58 29.01 -60.62 22.36
C SER D 58 28.85 -62.02 21.77
N GLY D 59 29.86 -62.86 21.94
CA GLY D 59 29.87 -64.22 21.42
C GLY D 59 30.81 -64.44 20.27
N VAL D 60 31.36 -63.37 19.67
CA VAL D 60 32.29 -63.47 18.56
C VAL D 60 33.68 -63.12 19.08
N SER D 61 34.66 -63.95 18.72
CA SER D 61 36.02 -63.75 19.18
C SER D 61 36.67 -62.58 18.45
N ASN D 62 37.95 -62.35 18.74
CA ASN D 62 38.69 -61.22 18.18
C ASN D 62 39.34 -61.53 16.84
N ARG D 63 38.84 -62.55 16.13
CA ARG D 63 39.40 -62.87 14.82
C ARG D 63 38.99 -61.87 13.76
N PHE D 64 37.81 -61.28 13.90
CA PHE D 64 37.24 -60.38 12.89
C PHE D 64 37.46 -58.92 13.28
N SER D 65 37.44 -58.06 12.27
CA SER D 65 37.60 -56.62 12.47
C SER D 65 36.72 -55.90 11.45
N GLY D 66 36.94 -54.61 11.29
CA GLY D 66 36.15 -53.84 10.33
C GLY D 66 36.80 -52.50 10.04
N SER D 67 36.29 -51.85 9.01
CA SER D 67 36.78 -50.54 8.61
C SER D 67 35.68 -49.78 7.90
N LYS D 68 35.88 -48.46 7.77
CA LYS D 68 34.89 -47.59 7.14
C LYS D 68 35.65 -46.41 6.56
N SER D 69 35.75 -46.35 5.23
CA SER D 69 36.48 -45.30 4.54
C SER D 69 35.78 -44.97 3.24
N GLY D 70 35.51 -43.68 3.02
CA GLY D 70 34.90 -43.22 1.79
C GLY D 70 33.54 -43.86 1.52
N ASN D 71 33.46 -44.66 0.46
CA ASN D 71 32.23 -45.33 0.06
C ASN D 71 32.42 -46.85 0.05
N THR D 72 33.28 -47.37 0.91
CA THR D 72 33.53 -48.80 1.00
C THR D 72 33.81 -49.19 2.44
N ALA D 73 33.53 -50.45 2.75
CA ALA D 73 33.78 -51.01 4.07
C ALA D 73 34.35 -52.42 3.92
N SER D 74 35.34 -52.74 4.75
CA SER D 74 36.10 -53.98 4.63
C SER D 74 36.02 -54.79 5.92
N LEU D 75 35.80 -56.10 5.76
CA LEU D 75 35.89 -57.07 6.85
C LEU D 75 37.25 -57.75 6.75
N THR D 76 38.03 -57.65 7.82
CA THR D 76 39.37 -58.24 7.88
C THR D 76 39.33 -59.45 8.80
N ILE D 77 39.76 -60.59 8.29
CA ILE D 77 39.79 -61.84 9.04
C ILE D 77 41.25 -62.29 9.12
N SER D 78 41.73 -62.50 10.35
CA SER D 78 43.09 -62.93 10.61
C SER D 78 43.08 -64.33 11.21
N GLY D 79 43.99 -65.18 10.73
CA GLY D 79 44.05 -66.55 11.19
C GLY D 79 42.92 -67.40 10.65
N LEU D 80 42.88 -67.58 9.33
CA LEU D 80 41.81 -68.34 8.71
C LEU D 80 41.89 -69.82 9.07
N GLN D 81 40.74 -70.47 9.06
CA GLN D 81 40.61 -71.89 9.32
C GLN D 81 39.70 -72.51 8.26
N ALA D 82 39.63 -73.84 8.26
CA ALA D 82 38.76 -74.54 7.32
C ALA D 82 37.28 -74.33 7.62
N GLU D 83 36.95 -73.89 8.84
CA GLU D 83 35.55 -73.66 9.20
C GLU D 83 35.00 -72.39 8.58
N ASP D 84 35.85 -71.51 8.07
CA ASP D 84 35.41 -70.22 7.52
C ASP D 84 34.87 -70.33 6.11
N GLU D 85 34.92 -71.51 5.48
CA GLU D 85 34.39 -71.67 4.14
C GLU D 85 32.87 -71.61 4.15
N ALA D 86 32.32 -70.43 3.92
CA ALA D 86 30.87 -70.22 3.92
C ALA D 86 30.59 -68.94 3.14
N ASP D 87 29.33 -68.51 3.18
CA ASP D 87 28.91 -67.28 2.50
C ASP D 87 29.02 -66.10 3.45
N TYR D 88 29.45 -64.96 2.93
CA TYR D 88 29.55 -63.72 3.69
C TYR D 88 28.73 -62.64 3.01
N TYR D 89 27.94 -61.91 3.78
CA TYR D 89 27.04 -60.88 3.27
C TYR D 89 27.33 -59.56 3.95
N CYS D 90 27.47 -58.50 3.15
CA CYS D 90 27.69 -57.14 3.62
C CYS D 90 26.43 -56.33 3.39
N CYS D 91 25.79 -55.93 4.49
CA CYS D 91 24.52 -55.21 4.47
C CYS D 91 24.73 -53.77 4.90
N SER D 92 23.87 -52.88 4.40
CA SER D 92 23.99 -51.46 4.69
C SER D 92 22.60 -50.82 4.67
N TYR D 93 22.54 -49.59 5.18
CA TYR D 93 21.31 -48.81 5.25
C TYR D 93 21.33 -47.80 4.10
N ALA D 94 20.32 -47.87 3.23
CA ALA D 94 20.28 -47.09 2.00
C ALA D 94 19.43 -45.84 2.10
N GLY D 95 18.95 -45.49 3.29
CA GLY D 95 18.15 -44.30 3.46
C GLY D 95 16.66 -44.56 3.23
N SER D 96 15.86 -43.61 3.69
CA SER D 96 14.40 -43.70 3.57
C SER D 96 13.85 -44.96 4.23
N SER D 97 14.48 -45.36 5.34
CA SER D 97 14.07 -46.55 6.09
C SER D 97 14.09 -47.80 5.22
N THR D 98 15.14 -47.94 4.42
CA THR D 98 15.35 -49.09 3.55
C THR D 98 16.68 -49.74 3.87
N VAL D 99 16.70 -51.07 3.84
CA VAL D 99 17.89 -51.86 4.14
C VAL D 99 18.27 -52.65 2.89
N ILE D 100 19.54 -52.59 2.51
CA ILE D 100 20.03 -53.21 1.28
C ILE D 100 21.18 -54.15 1.63
N PHE D 101 21.15 -55.34 1.01
CA PHE D 101 22.16 -56.36 1.19
C PHE D 101 23.13 -56.37 0.02
N GLY D 102 24.26 -57.05 0.21
CA GLY D 102 25.27 -57.15 -0.81
C GLY D 102 24.98 -58.23 -1.84
N GLY D 103 25.83 -58.28 -2.85
CA GLY D 103 25.65 -59.28 -3.90
C GLY D 103 25.85 -60.70 -3.42
N GLY D 104 26.88 -60.92 -2.61
CA GLY D 104 27.21 -62.24 -2.10
C GLY D 104 28.63 -62.66 -2.41
N THR D 105 29.29 -63.29 -1.43
CA THR D 105 30.66 -63.76 -1.58
C THR D 105 30.78 -65.15 -0.97
N LYS D 106 31.71 -65.93 -1.51
CA LYS D 106 31.99 -67.29 -1.02
C LYS D 106 33.48 -67.37 -0.73
N LEU D 107 33.83 -67.49 0.55
CA LEU D 107 35.23 -67.59 0.95
C LEU D 107 35.75 -69.00 0.68
N THR D 108 36.94 -69.09 0.09
CA THR D 108 37.59 -70.34 -0.24
C THR D 108 38.92 -70.43 0.49
N VAL D 109 39.25 -71.63 0.97
CA VAL D 109 40.50 -71.90 1.67
C VAL D 109 41.28 -72.91 0.84
N LEU D 110 42.51 -72.56 0.47
CA LEU D 110 43.35 -73.43 -0.34
C LEU D 110 44.34 -74.19 0.53
N GLU E 2 24.22 65.36 2.45
CA GLU E 2 25.05 64.47 3.25
C GLU E 2 25.35 63.19 2.48
N ASN E 3 26.50 62.59 2.76
CA ASN E 3 26.92 61.35 2.11
C ASN E 3 26.31 60.16 2.85
N LEU E 4 25.73 59.24 2.07
CA LEU E 4 25.07 58.06 2.61
C LEU E 4 25.76 56.80 2.13
N TRP E 5 25.65 55.74 2.93
CA TRP E 5 26.25 54.46 2.63
C TRP E 5 25.23 53.36 2.85
N VAL E 6 25.32 52.29 2.06
CA VAL E 6 24.41 51.17 2.16
C VAL E 6 24.71 50.38 3.43
N THR E 7 23.66 49.97 4.13
CA THR E 7 23.76 49.12 5.31
C THR E 7 22.69 48.03 5.22
N VAL E 8 23.08 46.79 5.52
CA VAL E 8 22.18 45.65 5.44
C VAL E 8 21.64 45.36 6.84
N TYR E 9 20.33 45.17 6.93
CA TYR E 9 19.63 44.85 8.17
C TYR E 9 18.99 43.48 8.05
N TYR E 10 19.14 42.68 9.11
CA TYR E 10 18.57 41.35 9.19
C TYR E 10 17.49 41.32 10.28
N GLY E 11 16.50 40.47 10.08
CA GLY E 11 15.35 40.43 10.97
C GLY E 11 14.46 41.63 10.79
N VAL E 12 13.97 41.82 9.57
CA VAL E 12 13.16 42.98 9.20
C VAL E 12 11.73 42.51 8.99
N PRO E 13 10.72 43.18 9.61
CA PRO E 13 9.33 42.73 9.40
C PRO E 13 8.77 43.16 8.06
N VAL E 14 9.16 42.46 7.00
CA VAL E 14 8.64 42.66 5.65
C VAL E 14 8.13 41.31 5.15
N TRP E 15 6.91 41.28 4.63
CA TRP E 15 6.27 40.05 4.20
C TRP E 15 5.65 40.22 2.82
N LYS E 16 5.53 39.10 2.12
CA LYS E 16 4.90 39.04 0.80
C LYS E 16 3.99 37.83 0.71
N GLU E 17 2.97 37.93 -0.14
CA GLU E 17 2.07 36.81 -0.35
C GLU E 17 2.81 35.64 -0.99
N ALA E 18 2.54 34.44 -0.50
CA ALA E 18 3.20 33.24 -0.99
C ALA E 18 2.31 32.03 -0.72
N LYS E 19 2.74 30.87 -1.22
CA LYS E 19 2.02 29.62 -1.12
C LYS E 19 2.84 28.64 -0.31
N THR E 20 2.19 27.97 0.66
CA THR E 20 2.87 26.98 1.48
C THR E 20 1.83 26.02 2.06
N THR E 21 2.32 24.89 2.56
CA THR E 21 1.48 23.88 3.18
C THR E 21 1.47 24.07 4.69
N LEU E 22 0.28 24.27 5.24
CA LEU E 22 0.13 24.51 6.68
C LEU E 22 -0.02 23.18 7.42
N PHE E 23 0.05 23.26 8.75
CA PHE E 23 -0.08 22.11 9.63
C PHE E 23 -1.43 22.16 10.34
N CYS E 24 -2.08 21.00 10.45
CA CYS E 24 -3.31 20.87 11.22
C CYS E 24 -2.96 20.61 12.67
N ALA E 25 -3.81 21.12 13.57
CA ALA E 25 -3.61 20.97 15.01
C ALA E 25 -4.96 20.85 15.70
N SER E 26 -4.94 20.26 16.89
CA SER E 26 -6.13 20.06 17.69
C SER E 26 -5.79 20.25 19.16
N ASP E 27 -6.83 20.24 19.99
CA ASP E 27 -6.66 20.41 21.43
C ASP E 27 -6.16 19.11 22.05
N ALA E 28 -5.96 19.13 23.38
CA ALA E 28 -5.44 17.98 24.11
C ALA E 28 -6.59 17.00 24.39
N ARG E 29 -7.04 16.35 23.32
CA ARG E 29 -8.12 15.37 23.42
C ARG E 29 -7.54 14.03 23.88
N ALA E 30 -8.17 13.42 24.88
CA ALA E 30 -7.73 12.13 25.37
C ALA E 30 -8.13 11.03 24.40
N TYR E 31 -7.33 9.95 24.39
CA TYR E 31 -7.62 8.81 23.52
C TYR E 31 -8.94 8.15 23.89
N GLU E 32 -9.23 8.05 25.20
CA GLU E 32 -10.47 7.50 25.72
C GLU E 32 -10.58 6.05 25.24
N LYS E 33 -11.61 5.66 24.50
CA LYS E 33 -11.78 4.28 24.06
C LYS E 33 -10.90 4.01 22.84
N GLU E 34 -11.00 2.79 22.32
CA GLU E 34 -10.27 2.43 21.11
C GLU E 34 -10.75 3.20 19.89
N VAL E 35 -12.01 3.63 19.88
CA VAL E 35 -12.54 4.41 18.78
C VAL E 35 -11.83 5.77 18.75
N HIS E 36 -11.38 6.18 17.56
CA HIS E 36 -10.72 7.45 17.36
C HIS E 36 -11.31 8.16 16.15
N ASN E 37 -11.23 9.49 16.18
CA ASN E 37 -11.79 10.29 15.11
C ASN E 37 -10.95 10.16 13.84
N VAL E 38 -11.58 10.42 12.71
CA VAL E 38 -10.89 10.30 11.43
C VAL E 38 -9.77 11.34 11.31
N TRP E 39 -10.03 12.57 11.77
CA TRP E 39 -9.13 13.69 11.62
C TRP E 39 -8.72 14.30 12.96
N ALA E 40 -8.36 13.44 13.91
CA ALA E 40 -7.86 13.91 15.20
C ALA E 40 -6.97 12.85 15.82
N THR E 41 -5.83 13.29 16.37
CA THR E 41 -4.89 12.42 17.07
C THR E 41 -4.29 11.35 16.18
N HIS E 42 -4.35 11.54 14.86
CA HIS E 42 -3.75 10.61 13.90
C HIS E 42 -2.93 11.31 12.82
N ALA E 43 -3.19 12.59 12.53
CA ALA E 43 -2.47 13.30 11.49
C ALA E 43 -2.12 14.74 11.86
N CYS E 44 -2.36 15.16 13.10
CA CYS E 44 -2.15 16.54 13.53
C CYS E 44 -1.32 16.54 14.81
N VAL E 45 -1.13 17.73 15.38
CA VAL E 45 -0.24 17.95 16.51
C VAL E 45 -0.99 18.72 17.59
N PRO E 46 -0.82 18.41 18.89
CA PRO E 46 -1.41 19.28 19.91
C PRO E 46 -0.82 20.68 19.86
N THR E 47 -1.66 21.67 20.13
CA THR E 47 -1.29 23.08 20.09
C THR E 47 -1.40 23.68 21.49
N ASP E 48 -1.01 24.96 21.58
CA ASP E 48 -1.03 25.71 22.82
C ASP E 48 -1.54 27.12 22.52
N PRO E 49 -2.65 27.59 23.12
CA PRO E 49 -3.14 28.95 22.80
C PRO E 49 -2.44 30.06 23.57
N SER E 50 -1.29 29.76 24.18
CA SER E 50 -0.56 30.78 24.91
C SER E 50 -0.20 32.00 24.07
N PRO E 51 0.37 31.89 22.87
CA PRO E 51 0.55 33.09 22.04
C PRO E 51 -0.79 33.65 21.59
N GLN E 52 -0.88 34.98 21.60
CA GLN E 52 -2.10 35.70 21.27
C GLN E 52 -1.93 36.41 19.93
N GLU E 53 -3.06 36.91 19.41
CA GLU E 53 -3.05 37.65 18.16
C GLU E 53 -2.63 39.09 18.44
N LEU E 54 -1.43 39.45 17.97
CA LEU E 54 -0.89 40.78 18.23
C LEU E 54 -1.37 41.73 17.13
N VAL E 55 -2.04 42.80 17.53
CA VAL E 55 -2.67 43.72 16.58
C VAL E 55 -1.65 44.73 16.10
N LEU E 56 -1.56 44.91 14.77
CA LEU E 56 -0.70 45.91 14.15
C LEU E 56 -1.57 47.13 13.85
N GLY E 57 -1.31 48.23 14.58
CA GLY E 57 -2.15 49.40 14.50
C GLY E 57 -1.81 50.41 13.44
N ASN E 58 -0.83 50.13 12.57
CA ASN E 58 -0.41 51.07 11.53
C ASN E 58 -0.14 50.38 10.21
N VAL E 59 -0.82 49.27 9.92
CA VAL E 59 -0.64 48.53 8.68
C VAL E 59 -1.97 48.51 7.92
N THR E 60 -1.87 48.53 6.60
CA THR E 60 -3.02 48.46 5.69
C THR E 60 -2.74 47.35 4.70
N GLU E 61 -3.22 46.14 5.01
CA GLU E 61 -2.97 44.95 4.20
C GLU E 61 -4.24 44.59 3.44
N ASN E 62 -4.10 44.37 2.14
CA ASN E 62 -5.23 43.94 1.32
C ASN E 62 -5.49 42.45 1.51
N PHE E 63 -6.77 42.08 1.59
CA PHE E 63 -7.19 40.71 1.78
C PHE E 63 -8.12 40.29 0.66
N ASN E 64 -8.01 39.01 0.28
CA ASN E 64 -8.87 38.42 -0.73
C ASN E 64 -9.43 37.11 -0.21
N MET E 65 -10.67 36.81 -0.60
CA MET E 65 -11.39 35.63 -0.15
C MET E 65 -11.47 34.54 -1.22
N TRP E 66 -11.96 34.90 -2.41
CA TRP E 66 -12.21 33.89 -3.44
C TRP E 66 -10.92 33.38 -4.07
N LYS E 67 -9.90 34.23 -4.18
CA LYS E 67 -8.59 33.82 -4.71
C LYS E 67 -7.69 33.48 -3.53
N ASN E 68 -7.88 32.27 -3.00
CA ASN E 68 -7.11 31.79 -1.86
C ASN E 68 -6.95 30.29 -1.97
N ASP E 69 -5.71 29.82 -1.89
CA ASP E 69 -5.40 28.40 -1.98
C ASP E 69 -5.46 27.69 -0.63
N MET E 70 -5.66 28.43 0.46
CA MET E 70 -5.76 27.79 1.78
C MET E 70 -6.96 26.86 1.85
N VAL E 71 -8.11 27.30 1.32
CA VAL E 71 -9.30 26.45 1.32
C VAL E 71 -9.08 25.25 0.41
N ASP E 72 -8.40 25.46 -0.72
CA ASP E 72 -8.09 24.33 -1.61
C ASP E 72 -7.18 23.33 -0.92
N GLN E 73 -6.19 23.82 -0.18
CA GLN E 73 -5.30 22.93 0.56
C GLN E 73 -6.07 22.17 1.63
N MET E 74 -7.00 22.85 2.32
CA MET E 74 -7.82 22.17 3.31
C MET E 74 -8.68 21.08 2.67
N HIS E 75 -9.26 21.38 1.51
CA HIS E 75 -10.07 20.38 0.81
C HIS E 75 -9.22 19.18 0.40
N GLU E 76 -8.01 19.44 -0.12
CA GLU E 76 -7.13 18.34 -0.50
C GLU E 76 -6.74 17.49 0.72
N ASP E 77 -6.45 18.14 1.85
CA ASP E 77 -6.10 17.40 3.06
C ASP E 77 -7.26 16.55 3.54
N ILE E 78 -8.48 17.10 3.51
CA ILE E 78 -9.65 16.35 3.94
C ILE E 78 -9.88 15.16 3.02
N ILE E 79 -9.72 15.35 1.71
CA ILE E 79 -9.88 14.25 0.76
C ILE E 79 -8.85 13.17 1.02
N SER E 80 -7.59 13.57 1.26
CA SER E 80 -6.54 12.59 1.53
C SER E 80 -6.84 11.82 2.81
N LEU E 81 -7.28 12.51 3.86
CA LEU E 81 -7.60 11.83 5.11
C LEU E 81 -8.76 10.85 4.93
N TRP E 82 -9.80 11.26 4.19
CA TRP E 82 -10.93 10.37 3.96
C TRP E 82 -10.52 9.16 3.13
N ASP E 83 -9.66 9.34 2.13
CA ASP E 83 -9.17 8.21 1.36
C ASP E 83 -8.35 7.27 2.23
N GLN E 84 -7.51 7.82 3.11
CA GLN E 84 -6.71 7.00 4.00
C GLN E 84 -7.58 6.21 4.97
N SER E 85 -8.64 6.84 5.49
CA SER E 85 -9.47 6.19 6.49
C SER E 85 -10.23 5.00 5.93
N LEU E 86 -10.58 5.03 4.64
CA LEU E 86 -11.35 3.96 4.02
C LEU E 86 -10.50 2.78 3.58
N LYS E 87 -9.16 2.86 3.69
CA LYS E 87 -8.33 1.74 3.27
C LYS E 87 -8.43 0.55 4.22
N PRO E 88 -8.14 0.68 5.52
CA PRO E 88 -8.12 -0.52 6.38
C PRO E 88 -9.48 -1.18 6.60
N CYS E 89 -10.57 -0.49 6.31
CA CYS E 89 -11.89 -1.04 6.54
C CYS E 89 -12.20 -2.11 5.49
N VAL E 90 -13.27 -2.88 5.73
CA VAL E 90 -13.56 -4.05 4.90
C VAL E 90 -13.96 -3.60 3.50
N LYS E 91 -13.66 -4.47 2.52
CA LYS E 91 -13.99 -4.23 1.12
C LYS E 91 -15.34 -4.83 0.73
N LEU E 92 -16.04 -5.50 1.65
CA LEU E 92 -17.31 -6.15 1.37
C LEU E 92 -17.12 -7.17 0.24
N THR E 93 -17.73 -6.92 -0.95
CA THR E 93 -17.74 -7.72 -2.19
C THR E 93 -19.08 -8.44 -2.37
N PRO E 94 -19.34 -9.59 -1.71
CA PRO E 94 -20.38 -10.49 -2.25
C PRO E 94 -21.81 -10.06 -1.98
N LEU E 95 -22.02 -8.83 -1.50
CA LEU E 95 -23.36 -8.43 -1.08
C LEU E 95 -24.32 -8.31 -2.26
N CYS E 96 -23.92 -7.65 -3.34
CA CYS E 96 -24.84 -7.40 -4.44
C CYS E 96 -25.05 -8.71 -5.20
N VAL E 97 -26.19 -9.35 -4.95
CA VAL E 97 -26.58 -10.57 -5.63
C VAL E 97 -28.05 -10.45 -6.00
N THR E 98 -28.64 -11.52 -6.55
CA THR E 98 -30.05 -11.51 -6.90
C THR E 98 -30.86 -11.49 -5.59
N LEU E 99 -30.97 -10.29 -5.03
CA LEU E 99 -31.72 -10.11 -3.78
C LEU E 99 -33.19 -10.41 -4.03
N ILE E 100 -33.81 -11.10 -3.08
CA ILE E 100 -35.24 -11.41 -3.12
C ILE E 100 -35.89 -10.55 -2.05
N CYS E 101 -36.56 -9.48 -2.47
CA CYS E 101 -37.15 -8.51 -1.55
C CYS E 101 -38.66 -8.71 -1.48
N SER E 102 -39.20 -8.63 -0.25
CA SER E 102 -40.61 -8.87 0.01
C SER E 102 -41.18 -7.75 0.87
N ASN E 103 -42.51 -7.63 0.83
CA ASN E 103 -43.18 -6.60 1.63
C ASN E 103 -43.00 -6.84 3.12
N ALA E 104 -42.94 -8.11 3.55
CA ALA E 104 -42.69 -8.48 4.93
C ALA E 104 -43.77 -7.93 5.86
N THR E 105 -43.47 -7.82 7.16
CA THR E 105 -44.46 -7.40 8.13
C THR E 105 -44.82 -5.92 7.99
N VAL E 106 -43.97 -5.11 7.38
CA VAL E 106 -44.27 -3.69 7.24
C VAL E 106 -45.28 -3.51 6.13
N LYS E 107 -46.26 -2.63 6.37
CA LYS E 107 -47.41 -2.44 5.50
C LYS E 107 -47.40 -1.01 4.95
N ASN E 108 -48.45 -0.69 4.20
CA ASN E 108 -48.52 0.59 3.50
C ASN E 108 -48.56 1.75 4.49
N GLY E 109 -47.94 2.86 4.11
CA GLY E 109 -47.94 4.06 4.92
C GLY E 109 -47.24 5.19 4.18
N THR E 110 -47.32 6.38 4.79
CA THR E 110 -46.67 7.56 4.22
C THR E 110 -45.18 7.60 4.49
N VAL E 111 -44.66 6.71 5.33
CA VAL E 111 -43.22 6.70 5.62
C VAL E 111 -42.47 6.12 4.42
N GLU E 112 -41.17 6.45 4.34
CA GLU E 112 -40.35 5.95 3.25
C GLU E 112 -40.21 4.44 3.31
N GLU E 113 -40.28 3.85 4.51
CA GLU E 113 -40.32 2.41 4.68
C GLU E 113 -39.01 1.75 4.25
N MET E 114 -38.86 0.46 4.53
CA MET E 114 -37.71 -0.33 4.15
C MET E 114 -38.17 -1.64 3.51
N LYS E 115 -37.28 -2.24 2.74
CA LYS E 115 -37.55 -3.50 2.05
C LYS E 115 -36.74 -4.61 2.71
N ASN E 116 -37.41 -5.71 3.04
CA ASN E 116 -36.77 -6.88 3.63
C ASN E 116 -36.31 -7.78 2.49
N CYS E 117 -34.99 -7.87 2.30
CA CYS E 117 -34.40 -8.62 1.20
C CYS E 117 -33.56 -9.75 1.75
N SER E 118 -33.81 -10.95 1.23
CA SER E 118 -33.05 -12.15 1.54
C SER E 118 -32.10 -12.47 0.39
N PHE E 119 -30.94 -13.01 0.74
CA PHE E 119 -29.90 -13.31 -0.24
C PHE E 119 -28.97 -14.37 0.32
N ASN E 120 -28.20 -14.98 -0.58
CA ASN E 120 -27.23 -16.00 -0.21
C ASN E 120 -25.88 -15.35 0.08
N THR E 121 -25.31 -15.69 1.24
CA THR E 121 -24.03 -15.16 1.68
C THR E 121 -23.05 -16.30 1.90
N THR E 122 -21.78 -16.02 1.63
CA THR E 122 -20.72 -17.00 1.85
C THR E 122 -20.44 -17.12 3.34
N THR E 123 -20.52 -18.34 3.86
CA THR E 123 -20.30 -18.58 5.28
C THR E 123 -18.81 -18.60 5.58
N GLU E 124 -18.45 -19.04 6.80
CA GLU E 124 -17.03 -19.16 7.15
C GLU E 124 -16.30 -20.09 6.20
N ILE E 125 -16.98 -21.11 5.68
CA ILE E 125 -16.46 -21.90 4.58
C ILE E 125 -16.62 -21.09 3.30
N ARG E 126 -15.52 -20.90 2.58
CA ARG E 126 -15.52 -20.07 1.39
C ARG E 126 -16.01 -20.79 0.14
N ASP E 127 -16.32 -22.07 0.24
CA ASP E 127 -16.95 -22.84 -0.84
C ASP E 127 -18.31 -23.35 -0.40
N LYS E 128 -19.02 -22.56 0.40
CA LYS E 128 -20.34 -22.91 0.89
C LYS E 128 -21.13 -21.62 1.11
N GLU E 129 -22.45 -21.73 1.01
CA GLU E 129 -23.34 -20.59 1.10
C GLU E 129 -24.49 -20.89 2.05
N LYS E 130 -25.02 -19.82 2.66
CA LYS E 130 -26.19 -19.91 3.53
C LYS E 130 -27.11 -18.74 3.21
N LYS E 131 -28.31 -18.77 3.80
CA LYS E 131 -29.33 -17.76 3.55
C LYS E 131 -29.34 -16.74 4.67
N GLU E 132 -29.37 -15.45 4.32
CA GLU E 132 -29.46 -14.37 5.29
C GLU E 132 -30.44 -13.33 4.76
N TYR E 133 -30.80 -12.39 5.62
CA TYR E 133 -31.76 -11.35 5.26
C TYR E 133 -31.37 -10.05 5.93
N ALA E 134 -31.83 -8.94 5.35
CA ALA E 134 -31.56 -7.63 5.91
C ALA E 134 -32.57 -6.63 5.38
N LEU E 135 -32.72 -5.53 6.11
CA LEU E 135 -33.60 -4.43 5.74
C LEU E 135 -32.78 -3.35 5.04
N PHE E 136 -33.24 -2.92 3.86
CA PHE E 136 -32.54 -1.92 3.07
C PHE E 136 -33.48 -0.78 2.70
N TYR E 137 -32.92 0.41 2.58
CA TYR E 137 -33.69 1.57 2.16
C TYR E 137 -34.00 1.52 0.68
N LYS E 138 -35.13 2.12 0.29
CA LYS E 138 -35.54 2.09 -1.10
C LYS E 138 -34.54 2.76 -2.05
N PRO E 139 -33.96 3.92 -1.74
CA PRO E 139 -32.95 4.49 -2.64
C PRO E 139 -31.74 3.59 -2.84
N ASP E 140 -31.43 2.72 -1.89
CA ASP E 140 -30.32 1.78 -2.01
C ASP E 140 -30.67 0.51 -2.77
N ILE E 141 -31.92 0.38 -3.24
CA ILE E 141 -32.39 -0.80 -3.95
C ILE E 141 -32.85 -0.38 -5.33
N VAL E 142 -32.45 -1.13 -6.35
CA VAL E 142 -32.79 -0.86 -7.74
C VAL E 142 -33.29 -2.16 -8.37
N PRO E 143 -34.26 -2.13 -9.30
CA PRO E 143 -34.61 -3.37 -10.00
C PRO E 143 -33.43 -3.92 -10.78
N LEU E 144 -33.34 -5.26 -10.81
CA LEU E 144 -32.18 -5.92 -11.43
C LEU E 144 -32.15 -5.67 -12.93
N SER E 145 -33.29 -5.87 -13.61
CA SER E 145 -33.35 -5.80 -15.06
C SER E 145 -34.61 -5.04 -15.48
N GLU E 146 -34.60 -4.57 -16.73
CA GLU E 146 -35.74 -3.85 -17.28
C GLU E 146 -37.00 -4.71 -17.37
N THR E 147 -36.87 -6.02 -17.35
CA THR E 147 -38.03 -6.90 -17.42
C THR E 147 -38.88 -6.76 -16.16
N ASN E 148 -40.17 -7.02 -16.31
CA ASN E 148 -41.13 -6.86 -15.22
C ASN E 148 -40.91 -7.95 -14.19
N ASN E 149 -40.37 -7.58 -13.03
CA ASN E 149 -40.16 -8.52 -11.93
C ASN E 149 -40.15 -7.73 -10.63
N THR E 150 -41.16 -7.94 -9.79
CA THR E 150 -41.34 -7.19 -8.56
C THR E 150 -40.73 -7.88 -7.34
N SER E 151 -40.03 -9.00 -7.53
CA SER E 151 -39.44 -9.75 -6.44
C SER E 151 -37.92 -9.79 -6.45
N GLU E 152 -37.28 -9.60 -7.61
CA GLU E 152 -35.83 -9.66 -7.74
C GLU E 152 -35.27 -8.25 -7.83
N TYR E 153 -34.28 -7.95 -7.00
CA TYR E 153 -33.73 -6.61 -6.90
C TYR E 153 -32.21 -6.64 -6.76
N ARG E 154 -31.59 -5.48 -6.63
CA ARG E 154 -30.14 -5.36 -6.64
C ARG E 154 -29.77 -4.12 -5.84
N LEU E 155 -28.52 -4.07 -5.39
CA LEU E 155 -28.01 -2.85 -4.81
C LEU E 155 -27.80 -1.80 -5.89
N ILE E 156 -27.81 -0.53 -5.48
CA ILE E 156 -27.56 0.57 -6.41
C ILE E 156 -26.14 0.55 -6.95
N ASN E 157 -25.24 -0.16 -6.30
CA ASN E 157 -23.83 -0.21 -6.68
C ASN E 157 -23.61 -1.36 -7.66
N CYS E 158 -22.36 -1.74 -7.86
CA CYS E 158 -21.89 -2.84 -8.72
C CYS E 158 -22.06 -2.55 -10.20
N ASN E 159 -22.51 -1.33 -10.57
CA ASN E 159 -22.32 -0.80 -11.91
C ASN E 159 -21.20 0.23 -11.96
N THR E 160 -20.78 0.76 -10.82
CA THR E 160 -19.69 1.71 -10.69
C THR E 160 -18.61 1.07 -9.82
N SER E 161 -17.62 1.87 -9.42
CA SER E 161 -16.51 1.37 -8.62
C SER E 161 -17.01 0.72 -7.32
N ALA E 162 -16.17 -0.12 -6.75
CA ALA E 162 -16.55 -0.91 -5.59
C ALA E 162 -16.77 0.00 -4.37
N CYS E 163 -17.41 -0.59 -3.36
CA CYS E 163 -17.82 0.12 -2.15
C CYS E 163 -17.13 -0.47 -0.93
N THR E 164 -16.67 0.41 -0.03
CA THR E 164 -16.02 0.01 1.21
C THR E 164 -16.88 0.45 2.38
N GLN E 165 -17.23 -0.50 3.24
CA GLN E 165 -18.00 -0.17 4.43
C GLN E 165 -17.16 0.65 5.39
N ALA E 166 -17.77 1.68 5.97
CA ALA E 166 -17.09 2.48 6.98
C ALA E 166 -16.85 1.65 8.23
N CYS E 167 -15.67 1.81 8.82
CA CYS E 167 -15.34 1.08 10.04
C CYS E 167 -16.30 1.48 11.15
N PRO E 168 -16.74 0.54 11.99
CA PRO E 168 -17.55 0.93 13.16
C PRO E 168 -16.74 1.54 14.29
N LYS E 169 -15.41 1.45 14.23
CA LYS E 169 -14.52 1.97 15.28
C LYS E 169 -13.98 3.36 14.95
N VAL E 170 -14.65 4.11 14.06
CA VAL E 170 -14.30 5.49 13.76
C VAL E 170 -15.57 6.32 13.80
N THR E 171 -15.41 7.60 14.14
CA THR E 171 -16.53 8.52 14.30
C THR E 171 -16.37 9.72 13.37
N PHE E 172 -17.50 10.24 12.89
CA PHE E 172 -17.55 11.38 11.99
C PHE E 172 -17.90 12.67 12.72
N GLU E 173 -17.46 12.82 13.96
CA GLU E 173 -17.75 14.03 14.73
C GLU E 173 -16.93 15.19 14.19
N PRO E 174 -17.56 16.29 13.73
CA PRO E 174 -16.72 17.43 13.26
C PRO E 174 -16.09 18.22 14.41
N ILE E 175 -15.02 17.66 14.97
CA ILE E 175 -14.27 18.33 16.04
C ILE E 175 -13.54 19.53 15.45
N PRO E 176 -13.37 20.63 16.20
CA PRO E 176 -12.68 21.79 15.63
C PRO E 176 -11.20 21.51 15.42
N ILE E 177 -10.63 22.17 14.40
CA ILE E 177 -9.23 22.05 14.07
C ILE E 177 -8.66 23.44 13.83
N HIS E 178 -7.34 23.55 13.95
CA HIS E 178 -6.61 24.80 13.74
C HIS E 178 -5.55 24.59 12.66
N TYR E 179 -5.26 25.66 11.93
CA TYR E 179 -4.22 25.65 10.90
C TYR E 179 -3.11 26.60 11.33
N CYS E 180 -1.88 26.07 11.39
CA CYS E 180 -0.70 26.81 11.81
C CYS E 180 0.28 26.87 10.65
N ALA E 181 0.88 28.05 10.44
CA ALA E 181 1.86 28.19 9.38
C ALA E 181 3.20 27.59 9.82
N PRO E 182 4.03 27.11 8.87
CA PRO E 182 5.36 26.62 9.26
C PRO E 182 6.30 27.75 9.65
N ALA E 183 7.54 27.40 9.99
CA ALA E 183 8.54 28.40 10.32
C ALA E 183 8.83 29.28 9.11
N GLY E 184 9.07 30.56 9.36
CA GLY E 184 9.32 31.52 8.31
C GLY E 184 8.09 32.11 7.67
N TYR E 185 6.90 31.69 8.08
CA TYR E 185 5.64 32.21 7.57
C TYR E 185 4.82 32.80 8.71
N ALA E 186 3.79 33.55 8.34
CA ALA E 186 2.93 34.22 9.32
C ALA E 186 1.49 34.20 8.82
N ILE E 187 0.56 34.32 9.77
CA ILE E 187 -0.87 34.34 9.49
C ILE E 187 -1.40 35.70 9.95
N LEU E 188 -2.07 36.41 9.04
CA LEU E 188 -2.68 37.70 9.31
C LEU E 188 -4.19 37.56 9.30
N LYS E 189 -4.83 38.03 10.36
CA LYS E 189 -6.27 37.96 10.54
C LYS E 189 -6.84 39.38 10.55
N CYS E 190 -7.92 39.59 9.80
CA CYS E 190 -8.59 40.89 9.76
C CYS E 190 -9.67 40.91 10.83
N ASN E 191 -9.55 41.83 11.78
CA ASN E 191 -10.49 41.94 12.88
C ASN E 191 -11.69 42.83 12.56
N ASP E 192 -11.71 43.46 11.39
CA ASP E 192 -12.84 44.30 11.03
C ASP E 192 -14.09 43.46 10.84
N GLU E 193 -15.21 43.97 11.36
CA GLU E 193 -16.50 43.28 11.25
C GLU E 193 -17.28 43.68 10.01
N THR E 194 -16.80 44.64 9.24
CA THR E 194 -17.47 45.10 8.02
C THR E 194 -16.74 44.63 6.76
N PHE E 195 -16.11 43.46 6.83
CA PHE E 195 -15.36 42.93 5.70
C PHE E 195 -16.34 42.30 4.70
N ASN E 196 -16.32 42.81 3.46
CA ASN E 196 -17.25 42.38 2.42
C ASN E 196 -16.63 41.35 1.48
N GLY E 197 -15.44 40.84 1.78
CA GLY E 197 -14.79 39.83 0.97
C GLY E 197 -13.48 40.31 0.38
N THR E 198 -13.41 41.59 0.02
CA THR E 198 -12.20 42.16 -0.56
C THR E 198 -11.96 43.56 0.00
N GLY E 199 -10.88 44.22 -0.46
CA GLY E 199 -10.55 45.55 0.00
C GLY E 199 -9.59 45.54 1.17
N PRO E 200 -9.04 46.71 1.51
CA PRO E 200 -8.07 46.77 2.60
C PRO E 200 -8.70 46.53 3.96
N CYS E 201 -7.87 46.08 4.89
CA CYS E 201 -8.25 45.85 6.27
C CYS E 201 -7.53 46.86 7.16
N SER E 202 -8.30 47.58 7.97
CA SER E 202 -7.74 48.60 8.85
C SER E 202 -7.36 48.06 10.23
N ASN E 203 -7.69 46.80 10.53
CA ASN E 203 -7.38 46.18 11.83
C ASN E 203 -6.87 44.77 11.55
N VAL E 204 -5.54 44.64 11.43
CA VAL E 204 -4.88 43.37 11.12
C VAL E 204 -4.14 42.91 12.37
N SER E 205 -4.07 41.59 12.55
CA SER E 205 -3.37 40.99 13.69
C SER E 205 -2.60 39.76 13.24
N THR E 206 -1.37 39.64 13.73
CA THR E 206 -0.55 38.46 13.47
C THR E 206 -0.87 37.40 14.51
N VAL E 207 -1.20 36.19 14.04
CA VAL E 207 -1.61 35.09 14.91
C VAL E 207 -0.81 33.86 14.56
N GLN E 208 -0.52 33.05 15.58
CA GLN E 208 0.25 31.82 15.38
C GLN E 208 -0.56 30.77 14.62
N CYS E 209 -1.83 30.58 15.01
CA CYS E 209 -2.68 29.57 14.42
C CYS E 209 -4.09 30.13 14.28
N THR E 210 -4.88 29.49 13.42
CA THR E 210 -6.26 29.87 13.22
C THR E 210 -7.12 29.32 14.37
N HIS E 211 -8.37 29.78 14.42
CA HIS E 211 -9.31 29.35 15.45
C HIS E 211 -9.86 27.98 15.10
N GLY E 212 -10.79 27.49 15.90
CA GLY E 212 -11.37 26.18 15.66
C GLY E 212 -12.20 26.18 14.39
N ILE E 213 -11.85 25.30 13.45
CA ILE E 213 -12.55 25.17 12.17
C ILE E 213 -13.39 23.90 12.23
N ARG E 214 -14.70 24.04 12.05
CA ARG E 214 -15.61 22.91 12.13
C ARG E 214 -15.81 22.31 10.75
N PRO E 215 -15.37 21.06 10.48
CA PRO E 215 -15.61 20.44 9.17
C PRO E 215 -16.98 19.77 9.08
N VAL E 216 -18.03 20.58 9.09
CA VAL E 216 -19.40 20.07 9.00
C VAL E 216 -19.78 19.93 7.53
N VAL E 217 -20.36 18.78 7.19
CA VAL E 217 -20.76 18.49 5.82
C VAL E 217 -22.19 18.95 5.62
N SER E 218 -22.38 19.94 4.75
CA SER E 218 -23.71 20.46 4.43
C SER E 218 -23.68 21.08 3.05
N THR E 219 -24.87 21.17 2.44
CA THR E 219 -25.02 21.68 1.08
C THR E 219 -25.80 22.98 1.05
N GLN E 220 -27.00 23.02 1.62
CA GLN E 220 -27.86 24.19 1.55
C GLN E 220 -27.60 25.18 2.68
N LEU E 221 -27.42 24.68 3.90
CA LEU E 221 -27.25 25.49 5.10
C LEU E 221 -25.85 25.26 5.68
N LEU E 222 -25.50 26.09 6.66
CA LEU E 222 -24.26 25.98 7.41
C LEU E 222 -24.59 25.70 8.86
N LEU E 223 -24.08 24.59 9.39
CA LEU E 223 -24.38 24.13 10.73
C LEU E 223 -23.14 24.21 11.61
N ASN E 224 -23.32 24.67 12.85
CA ASN E 224 -22.24 24.76 13.83
C ASN E 224 -21.08 25.61 13.31
N GLY E 225 -21.41 26.67 12.57
CA GLY E 225 -20.42 27.60 12.08
C GLY E 225 -20.17 28.74 13.05
N SER E 226 -19.36 29.68 12.62
CA SER E 226 -19.06 30.87 13.40
C SER E 226 -20.18 31.90 13.25
N LEU E 227 -20.22 32.84 14.19
CA LEU E 227 -21.23 33.89 14.22
C LEU E 227 -20.60 35.25 13.90
N ALA E 228 -21.37 36.10 13.23
CA ALA E 228 -20.90 37.43 12.91
C ALA E 228 -20.83 38.28 14.17
N GLU E 229 -20.08 39.39 14.08
CA GLU E 229 -19.86 40.24 15.25
C GLU E 229 -21.06 41.13 15.54
N LYS E 230 -21.51 41.88 14.53
CA LYS E 230 -22.54 42.90 14.71
C LYS E 230 -23.81 42.60 13.95
N GLU E 231 -23.73 42.32 12.64
CA GLU E 231 -24.91 42.16 11.81
C GLU E 231 -24.67 41.06 10.78
N ILE E 232 -25.75 40.71 10.08
CA ILE E 232 -25.67 39.74 8.99
C ILE E 232 -24.86 40.35 7.86
N VAL E 233 -23.90 39.59 7.34
CA VAL E 233 -22.99 40.09 6.31
C VAL E 233 -23.10 39.20 5.09
N ILE E 234 -23.21 39.83 3.91
CA ILE E 234 -23.41 39.14 2.65
C ILE E 234 -22.12 39.18 1.85
N ARG E 235 -21.70 38.01 1.34
CA ARG E 235 -20.45 37.87 0.59
C ARG E 235 -20.77 37.27 -0.78
N SER E 236 -20.05 37.73 -1.79
CA SER E 236 -20.23 37.22 -3.14
C SER E 236 -19.07 37.70 -4.02
N GLU E 237 -18.64 36.82 -4.92
CA GLU E 237 -17.57 37.19 -5.83
C GLU E 237 -17.99 38.33 -6.74
N ASN E 238 -19.21 38.28 -7.27
CA ASN E 238 -19.73 39.35 -8.11
C ASN E 238 -21.25 39.21 -8.16
N LEU E 239 -21.96 40.24 -7.67
CA LEU E 239 -23.41 40.20 -7.65
C LEU E 239 -24.00 40.21 -9.05
N THR E 240 -23.32 40.80 -10.03
CA THR E 240 -23.85 40.86 -11.38
C THR E 240 -23.98 39.46 -11.98
N ASN E 241 -22.99 38.60 -11.75
CA ASN E 241 -22.99 37.25 -12.28
C ASN E 241 -23.92 36.37 -11.46
N ASN E 242 -25.00 35.89 -12.09
CA ASN E 242 -25.95 35.01 -11.40
C ASN E 242 -25.43 33.58 -11.26
N ALA E 243 -24.45 33.18 -12.07
CA ALA E 243 -23.91 31.82 -11.98
C ALA E 243 -23.15 31.60 -10.67
N LYS E 244 -22.68 32.66 -10.03
CA LYS E 244 -21.91 32.51 -8.80
C LYS E 244 -22.84 32.17 -7.64
N ILE E 245 -22.22 31.84 -6.50
CA ILE E 245 -22.91 31.44 -5.29
C ILE E 245 -22.74 32.55 -4.25
N ILE E 246 -23.85 32.96 -3.64
CA ILE E 246 -23.86 34.09 -2.71
C ILE E 246 -24.04 33.56 -1.29
N ILE E 247 -23.12 33.93 -0.40
CA ILE E 247 -23.08 33.45 0.98
C ILE E 247 -23.65 34.52 1.87
N VAL E 248 -24.43 34.12 2.86
CA VAL E 248 -25.00 35.01 3.87
C VAL E 248 -24.58 34.49 5.23
N HIS E 249 -23.81 35.28 5.97
CA HIS E 249 -23.33 34.91 7.29
C HIS E 249 -24.20 35.60 8.33
N LEU E 250 -24.92 34.79 9.11
CA LEU E 250 -25.89 35.28 10.07
C LEU E 250 -25.20 35.86 11.30
N HIS E 251 -25.96 36.67 12.05
CA HIS E 251 -25.51 37.22 13.32
C HIS E 251 -26.00 36.40 14.52
N THR E 252 -27.24 35.90 14.45
CA THR E 252 -27.84 35.10 15.50
C THR E 252 -28.08 33.68 15.00
N PRO E 253 -27.68 32.63 15.72
CA PRO E 253 -27.95 31.28 15.24
C PRO E 253 -29.42 30.93 15.32
N VAL E 254 -29.83 29.94 14.52
CA VAL E 254 -31.19 29.41 14.53
C VAL E 254 -31.13 27.96 15.00
N GLU E 255 -31.85 27.66 16.06
CA GLU E 255 -31.84 26.30 16.60
C GLU E 255 -32.58 25.34 15.67
N ILE E 256 -31.97 24.20 15.40
CA ILE E 256 -32.57 23.16 14.54
C ILE E 256 -32.44 21.83 15.26
N VAL E 257 -33.52 21.05 15.27
CA VAL E 257 -33.56 19.78 15.98
C VAL E 257 -34.06 18.71 15.02
N CYS E 258 -33.17 17.78 14.64
CA CYS E 258 -33.52 16.66 13.79
C CYS E 258 -33.61 15.39 14.63
N THR E 259 -34.43 14.45 14.18
CA THR E 259 -34.63 13.22 14.94
C THR E 259 -35.10 12.10 14.03
N ARG E 260 -34.73 10.88 14.41
CA ARG E 260 -35.18 9.64 13.77
C ARG E 260 -35.93 8.83 14.81
N PRO E 261 -37.26 8.92 14.90
CA PRO E 261 -37.97 8.18 15.97
C PRO E 261 -37.88 6.67 15.84
N ASN E 262 -37.51 6.13 14.68
CA ASN E 262 -37.47 4.69 14.50
C ASN E 262 -36.40 4.07 15.41
N ASN E 263 -36.72 2.89 15.94
CA ASN E 263 -35.82 2.13 16.82
C ASN E 263 -35.29 0.94 16.02
N ASN E 264 -34.18 1.15 15.33
CA ASN E 264 -33.57 0.11 14.53
C ASN E 264 -32.76 -0.85 15.41
N THR E 265 -32.46 -2.01 14.85
CA THR E 265 -31.68 -3.05 15.52
C THR E 265 -30.46 -3.36 14.66
N ARG E 266 -29.30 -3.43 15.30
CA ARG E 266 -28.05 -3.70 14.60
C ARG E 266 -27.85 -5.20 14.43
N LYS E 267 -27.63 -5.63 13.20
CA LYS E 267 -27.40 -7.02 12.85
C LYS E 267 -25.93 -7.25 12.57
N SER E 268 -25.54 -8.53 12.55
CA SER E 268 -24.17 -8.93 12.25
C SER E 268 -24.20 -10.15 11.36
N VAL E 269 -23.62 -10.03 10.16
CA VAL E 269 -23.54 -11.11 9.18
C VAL E 269 -22.08 -11.34 8.85
N ARG E 270 -21.63 -12.59 8.93
CA ARG E 270 -20.25 -12.96 8.61
C ARG E 270 -20.09 -12.97 7.10
N ILE E 271 -19.76 -11.81 6.54
CA ILE E 271 -19.49 -11.66 5.11
C ILE E 271 -17.97 -11.76 4.96
N GLY E 272 -17.48 -12.92 4.56
CA GLY E 272 -16.06 -13.16 4.43
C GLY E 272 -15.45 -13.62 5.73
N PRO E 273 -14.16 -13.98 5.70
CA PRO E 273 -13.50 -14.52 6.89
C PRO E 273 -13.03 -13.40 7.82
N GLY E 274 -13.54 -13.40 9.05
CA GLY E 274 -13.07 -12.48 10.06
C GLY E 274 -13.56 -11.05 9.91
N GLN E 275 -14.37 -10.75 8.90
CA GLN E 275 -14.89 -9.42 8.65
C GLN E 275 -16.41 -9.48 8.65
N THR E 276 -17.03 -8.65 9.49
CA THR E 276 -18.47 -8.65 9.68
C THR E 276 -19.11 -7.52 8.88
N PHE E 277 -20.40 -7.69 8.60
CA PHE E 277 -21.21 -6.70 7.89
C PHE E 277 -22.42 -6.36 8.75
N TYR E 278 -22.63 -5.08 8.98
CA TYR E 278 -23.69 -4.59 9.85
C TYR E 278 -24.82 -3.99 9.02
N ALA E 279 -26.05 -4.38 9.35
CA ALA E 279 -27.24 -3.88 8.66
C ALA E 279 -28.36 -3.79 9.68
N THR E 280 -29.52 -3.33 9.21
CA THR E 280 -30.70 -3.18 10.05
C THR E 280 -31.47 -4.50 10.06
N GLY E 281 -31.61 -5.09 11.25
CA GLY E 281 -32.26 -6.38 11.38
C GLY E 281 -33.77 -6.28 11.47
N ASP E 282 -34.26 -5.47 12.41
CA ASP E 282 -35.69 -5.33 12.60
C ASP E 282 -35.95 -3.99 13.28
N ILE E 283 -37.18 -3.50 13.12
CA ILE E 283 -37.64 -2.25 13.73
C ILE E 283 -38.62 -2.62 14.83
N ILE E 284 -38.36 -2.15 16.04
CA ILE E 284 -39.18 -2.45 17.21
C ILE E 284 -40.12 -1.29 17.43
N GLY E 285 -41.42 -1.58 17.53
CA GLY E 285 -42.43 -0.55 17.71
C GLY E 285 -43.11 -0.18 16.42
N ASP E 286 -43.51 1.08 16.29
CA ASP E 286 -44.19 1.60 15.12
C ASP E 286 -43.20 2.29 14.20
N ILE E 287 -43.60 2.46 12.94
CA ILE E 287 -42.78 3.09 11.92
C ILE E 287 -43.19 4.56 11.84
N LYS E 288 -42.22 5.45 11.97
CA LYS E 288 -42.43 6.89 11.95
C LYS E 288 -41.47 7.56 10.98
N GLN E 289 -41.67 8.86 10.79
CA GLN E 289 -40.91 9.65 9.84
C GLN E 289 -39.83 10.44 10.57
N ALA E 290 -38.57 10.24 10.16
CA ALA E 290 -37.50 11.09 10.63
C ALA E 290 -37.69 12.50 10.08
N HIS E 291 -37.47 13.51 10.92
CA HIS E 291 -37.84 14.88 10.55
C HIS E 291 -36.95 15.86 11.29
N CYS E 292 -36.87 17.07 10.73
CA CYS E 292 -36.17 18.19 11.34
C CYS E 292 -37.17 19.30 11.66
N ASN E 293 -36.93 20.01 12.76
CA ASN E 293 -37.81 21.05 13.26
C ASN E 293 -37.02 22.33 13.44
N ILE E 294 -37.61 23.45 13.01
CA ILE E 294 -37.12 24.78 13.38
C ILE E 294 -38.32 25.63 13.73
N SER E 295 -38.04 26.76 14.39
CA SER E 295 -39.11 27.68 14.80
C SER E 295 -39.49 28.59 13.64
N GLU E 296 -40.79 28.74 13.41
CA GLU E 296 -41.26 29.51 12.26
C GLU E 296 -41.02 30.99 12.45
N GLU E 297 -41.27 31.52 13.65
CA GLU E 297 -41.14 32.96 13.86
C GLU E 297 -39.70 33.42 13.73
N LYS E 298 -38.77 32.70 14.36
CA LYS E 298 -37.37 33.07 14.27
C LYS E 298 -36.85 32.94 12.84
N TRP E 299 -37.27 31.89 12.14
CA TRP E 299 -36.85 31.73 10.75
C TRP E 299 -37.38 32.86 9.88
N ASN E 300 -38.64 33.26 10.09
CA ASN E 300 -39.21 34.36 9.32
C ASN E 300 -38.48 35.67 9.62
N ASP E 301 -38.16 35.91 10.90
CA ASP E 301 -37.41 37.11 11.25
C ASP E 301 -36.03 37.11 10.62
N THR E 302 -35.36 35.95 10.62
CA THR E 302 -34.05 35.86 9.98
C THR E 302 -34.15 36.11 8.48
N LEU E 303 -35.19 35.57 7.83
CA LEU E 303 -35.36 35.80 6.41
C LEU E 303 -35.63 37.27 6.13
N GLN E 304 -36.39 37.94 6.98
CA GLN E 304 -36.63 39.37 6.80
C GLN E 304 -35.35 40.18 7.00
N LYS E 305 -34.51 39.78 7.96
CA LYS E 305 -33.23 40.45 8.13
C LYS E 305 -32.35 40.26 6.90
N VAL E 306 -32.31 39.04 6.36
CA VAL E 306 -31.56 38.78 5.14
C VAL E 306 -32.12 39.60 3.98
N GLY E 307 -33.44 39.76 3.93
CA GLY E 307 -34.05 40.52 2.86
C GLY E 307 -33.69 42.00 2.92
N ILE E 308 -33.74 42.59 4.10
CA ILE E 308 -33.35 43.99 4.21
C ILE E 308 -31.86 44.18 3.96
N GLU E 309 -31.03 43.20 4.34
CA GLU E 309 -29.62 43.29 3.99
C GLU E 309 -29.40 43.18 2.48
N LEU E 310 -30.15 42.32 1.80
CA LEU E 310 -30.02 42.19 0.36
C LEU E 310 -30.54 43.42 -0.37
N GLN E 311 -31.54 44.09 0.21
CA GLN E 311 -32.14 45.25 -0.45
C GLN E 311 -31.16 46.41 -0.62
N LYS E 312 -30.05 46.41 0.12
CA LYS E 312 -29.03 47.44 -0.09
C LYS E 312 -28.46 47.37 -1.50
N HIS E 313 -28.17 46.16 -1.98
CA HIS E 313 -27.66 45.99 -3.34
C HIS E 313 -28.76 46.01 -4.38
N PHE E 314 -30.03 45.86 -3.98
CA PHE E 314 -31.16 45.79 -4.91
C PHE E 314 -32.24 46.74 -4.42
N PRO E 315 -32.07 48.06 -4.64
CA PRO E 315 -33.02 49.03 -4.08
C PRO E 315 -34.42 48.93 -4.67
N ASN E 316 -34.51 48.83 -6.00
CA ASN E 316 -35.79 48.87 -6.70
C ASN E 316 -36.33 47.50 -7.08
N LYS E 317 -35.70 46.41 -6.60
CA LYS E 317 -36.15 45.06 -6.88
C LYS E 317 -36.58 44.37 -5.60
N THR E 318 -37.69 43.65 -5.66
CA THR E 318 -38.20 42.92 -4.51
C THR E 318 -37.44 41.61 -4.33
N ILE E 319 -37.47 41.08 -3.11
CA ILE E 319 -36.80 39.84 -2.76
C ILE E 319 -37.86 38.75 -2.68
N LYS E 320 -37.57 37.60 -3.28
CA LYS E 320 -38.45 36.44 -3.23
C LYS E 320 -37.64 35.19 -2.94
N TYR E 321 -38.19 34.30 -2.10
CA TYR E 321 -37.57 33.04 -1.74
C TYR E 321 -38.43 31.91 -2.29
N ASN E 322 -37.79 31.01 -3.05
CA ASN E 322 -38.47 29.91 -3.72
C ASN E 322 -37.69 28.62 -3.48
N GLN E 323 -38.17 27.53 -4.08
CA GLN E 323 -37.55 26.22 -3.89
C GLN E 323 -36.32 26.08 -4.79
N SER E 324 -35.64 24.95 -4.66
CA SER E 324 -34.47 24.69 -5.47
C SER E 324 -34.87 24.43 -6.92
N ALA E 325 -33.91 24.63 -7.82
CA ALA E 325 -34.15 24.50 -9.27
C ALA E 325 -33.97 23.05 -9.71
N GLY E 326 -34.81 22.17 -9.14
CA GLY E 326 -34.80 20.78 -9.53
C GLY E 326 -33.48 20.09 -9.17
N GLY E 327 -33.15 19.07 -9.96
CA GLY E 327 -31.95 18.30 -9.76
C GLY E 327 -32.23 16.97 -9.07
N ASP E 328 -31.15 16.21 -8.86
CA ASP E 328 -31.25 14.91 -8.23
C ASP E 328 -31.45 15.07 -6.73
N MET E 329 -31.63 13.95 -6.03
CA MET E 329 -31.83 13.99 -4.59
C MET E 329 -30.62 14.57 -3.87
N GLU E 330 -29.41 14.27 -4.35
CA GLU E 330 -28.21 14.74 -3.68
C GLU E 330 -27.98 16.25 -3.84
N ILE E 331 -28.69 16.90 -4.75
CA ILE E 331 -28.50 18.31 -5.05
C ILE E 331 -29.62 19.17 -4.47
N THR E 332 -30.87 18.76 -4.69
CA THR E 332 -32.02 19.58 -4.31
C THR E 332 -32.38 19.48 -2.84
N THR E 333 -31.76 18.56 -2.09
CA THR E 333 -32.10 18.34 -0.69
C THR E 333 -30.91 18.70 0.20
N HIS E 334 -31.23 19.24 1.37
CA HIS E 334 -30.21 19.53 2.38
C HIS E 334 -29.63 18.21 2.88
N SER E 335 -28.39 17.92 2.47
CA SER E 335 -27.72 16.67 2.80
C SER E 335 -26.71 16.91 3.92
N PHE E 336 -26.82 16.13 4.99
CA PHE E 336 -25.89 16.24 6.10
C PHE E 336 -25.78 14.88 6.78
N ASN E 337 -24.90 14.81 7.78
CA ASN E 337 -24.69 13.58 8.55
C ASN E 337 -24.58 13.93 10.02
N CYS E 338 -25.21 13.14 10.86
CA CYS E 338 -25.13 13.32 12.30
C CYS E 338 -25.36 11.98 12.98
N GLY E 339 -24.64 11.74 14.08
CA GLY E 339 -24.76 10.50 14.82
C GLY E 339 -24.23 9.27 14.11
N GLY E 340 -23.77 9.41 12.87
CA GLY E 340 -23.44 8.29 12.01
C GLY E 340 -24.44 8.07 10.89
N GLU E 341 -25.59 8.75 10.92
CA GLU E 341 -26.63 8.59 9.92
C GLU E 341 -26.64 9.79 8.97
N PHE E 342 -26.86 9.50 7.68
CA PHE E 342 -26.87 10.50 6.62
C PHE E 342 -28.33 10.84 6.28
N PHE E 343 -28.68 12.11 6.49
CA PHE E 343 -30.03 12.62 6.23
C PHE E 343 -30.03 13.50 4.98
N TYR E 344 -31.12 13.42 4.22
CA TYR E 344 -31.38 14.30 3.08
C TYR E 344 -32.78 14.87 3.31
N CYS E 345 -32.87 16.13 3.67
CA CYS E 345 -34.11 16.77 4.04
C CYS E 345 -34.60 17.70 2.94
N ASN E 346 -35.88 17.58 2.60
CA ASN E 346 -36.50 18.44 1.59
C ASN E 346 -36.81 19.79 2.21
N THR E 347 -36.11 20.84 1.75
CA THR E 347 -36.25 22.19 2.28
C THR E 347 -37.17 23.06 1.45
N SER E 348 -38.16 22.45 0.79
CA SER E 348 -39.09 23.23 -0.03
C SER E 348 -40.01 24.09 0.81
N ASN E 349 -40.28 23.69 2.05
CA ASN E 349 -41.20 24.42 2.92
C ASN E 349 -40.54 25.59 3.64
N LEU E 350 -39.21 25.70 3.61
CA LEU E 350 -38.52 26.80 4.28
C LEU E 350 -38.59 28.08 3.45
N PHE E 351 -38.05 28.03 2.23
CA PHE E 351 -37.89 29.23 1.40
C PHE E 351 -39.18 29.47 0.64
N ASN E 352 -40.16 30.03 1.35
CA ASN E 352 -41.47 30.39 0.81
C ASN E 352 -41.86 31.73 1.41
N GLY E 353 -41.52 32.81 0.71
CA GLY E 353 -41.86 34.14 1.21
C GLY E 353 -41.37 35.21 0.26
N THR E 354 -41.71 36.45 0.60
CA THR E 354 -41.31 37.60 -0.21
C THR E 354 -41.16 38.81 0.70
N TYR E 355 -40.39 39.79 0.22
CA TYR E 355 -40.15 41.03 0.94
C TYR E 355 -39.99 42.13 -0.09
N ASN E 356 -40.94 43.05 -0.14
CA ASN E 356 -40.93 44.17 -1.05
C ASN E 356 -40.50 45.49 -0.39
N GLY E 357 -40.07 45.45 0.86
CA GLY E 357 -39.66 46.63 1.60
C GLY E 357 -40.52 46.97 2.80
N THR E 358 -41.56 46.18 3.10
CA THR E 358 -42.43 46.42 4.24
C THR E 358 -42.02 45.49 5.38
N TYR E 359 -41.70 46.06 6.54
CA TYR E 359 -41.27 45.28 7.68
C TYR E 359 -42.47 44.79 8.48
N ILE E 360 -42.44 43.52 8.86
CA ILE E 360 -43.51 42.88 9.63
C ILE E 360 -42.90 42.35 10.92
N SER E 361 -43.52 42.67 12.05
CA SER E 361 -43.05 42.26 13.37
C SER E 361 -44.08 41.34 13.99
N THR E 362 -43.62 40.22 14.55
CA THR E 362 -44.48 39.26 15.24
C THR E 362 -44.35 39.52 16.73
N ASN E 363 -45.42 40.05 17.33
CA ASN E 363 -45.44 40.43 18.73
C ASN E 363 -46.39 39.52 19.51
N SER E 364 -46.24 39.54 20.82
CA SER E 364 -47.05 38.72 21.74
C SER E 364 -46.80 37.26 21.38
N SER E 365 -47.84 36.46 21.12
CA SER E 365 -47.68 35.04 20.76
C SER E 365 -46.92 34.28 21.84
N ALA E 366 -47.53 34.23 23.03
CA ALA E 366 -46.93 33.46 24.12
C ALA E 366 -46.85 31.98 23.77
N ASN E 367 -47.91 31.44 23.17
CA ASN E 367 -47.91 30.06 22.69
C ASN E 367 -47.29 30.03 21.30
N SER E 368 -45.96 30.12 21.27
CA SER E 368 -45.19 30.20 20.04
C SER E 368 -44.67 28.83 19.60
N THR E 369 -45.41 27.77 19.88
CA THR E 369 -45.01 26.42 19.49
C THR E 369 -45.25 26.13 18.01
N SER E 370 -45.72 27.11 17.25
CA SER E 370 -45.92 26.92 15.81
C SER E 370 -44.55 26.83 15.15
N THR E 371 -44.13 25.59 14.87
CA THR E 371 -42.83 25.30 14.28
C THR E 371 -43.03 24.75 12.88
N ILE E 372 -41.95 24.75 12.09
CA ILE E 372 -41.95 24.21 10.74
C ILE E 372 -41.12 22.94 10.73
N THR E 373 -41.70 21.88 10.17
CA THR E 373 -41.11 20.54 10.15
C THR E 373 -40.80 20.15 8.71
N LEU E 374 -39.61 19.58 8.51
CA LEU E 374 -39.15 19.12 7.21
C LEU E 374 -38.96 17.60 7.27
N GLN E 375 -39.60 16.90 6.33
CA GLN E 375 -39.41 15.47 6.18
C GLN E 375 -38.02 15.19 5.61
N CYS E 376 -37.43 14.08 6.04
CA CYS E 376 -36.08 13.69 5.63
C CYS E 376 -36.05 12.22 5.26
N ARG E 377 -35.12 11.88 4.38
CA ARG E 377 -34.87 10.52 3.94
C ARG E 377 -33.45 10.13 4.33
N ILE E 378 -33.31 8.94 4.92
CA ILE E 378 -32.03 8.48 5.47
C ILE E 378 -31.40 7.54 4.45
N LYS E 379 -30.13 7.80 4.13
CA LYS E 379 -29.40 7.02 3.14
C LYS E 379 -28.18 6.36 3.78
N GLN E 380 -27.82 5.19 3.26
CA GLN E 380 -26.64 4.45 3.70
C GLN E 380 -25.52 4.45 2.67
N ILE E 381 -25.86 4.43 1.38
CA ILE E 381 -24.86 4.50 0.30
C ILE E 381 -24.58 5.97 0.02
N ILE E 382 -23.33 6.37 0.17
CA ILE E 382 -22.91 7.76 0.07
C ILE E 382 -21.86 7.87 -1.04
N ASN E 383 -22.05 8.86 -1.91
CA ASN E 383 -21.11 9.21 -2.99
C ASN E 383 -20.72 10.67 -2.88
N MET E 384 -20.33 11.07 -1.66
CA MET E 384 -20.17 12.49 -1.35
C MET E 384 -19.08 13.15 -2.18
N TRP E 385 -17.94 12.48 -2.39
CA TRP E 385 -16.81 13.02 -3.14
C TRP E 385 -16.50 12.08 -4.31
N GLN E 386 -16.66 12.58 -5.53
CA GLN E 386 -16.55 11.75 -6.71
C GLN E 386 -15.09 11.55 -7.12
N GLY E 387 -14.81 10.36 -7.65
CA GLY E 387 -13.52 10.08 -8.27
C GLY E 387 -12.39 9.75 -7.32
N VAL E 388 -12.67 9.51 -6.04
CA VAL E 388 -11.63 9.23 -5.05
C VAL E 388 -12.05 8.04 -4.19
N GLY E 389 -12.93 7.19 -4.72
CA GLY E 389 -13.51 6.12 -3.94
C GLY E 389 -14.81 6.57 -3.32
N ARG E 390 -15.70 7.10 -4.17
CA ARG E 390 -16.89 7.80 -3.68
C ARG E 390 -17.78 6.90 -2.84
N CYS E 391 -17.99 5.66 -3.27
CA CYS E 391 -18.99 4.81 -2.64
C CYS E 391 -18.58 4.45 -1.23
N MET E 392 -19.48 4.68 -0.28
CA MET E 392 -19.27 4.31 1.11
C MET E 392 -20.58 3.83 1.71
N TYR E 393 -20.52 2.75 2.49
CA TYR E 393 -21.69 2.22 3.19
C TYR E 393 -21.59 2.61 4.67
N ALA E 394 -22.51 3.45 5.12
CA ALA E 394 -22.54 3.87 6.51
C ALA E 394 -23.31 2.84 7.32
N PRO E 395 -22.71 2.18 8.31
CA PRO E 395 -23.45 1.16 9.06
C PRO E 395 -24.55 1.78 9.90
N PRO E 396 -25.65 1.07 10.14
CA PRO E 396 -26.71 1.65 10.98
C PRO E 396 -26.34 1.62 12.45
N ILE E 397 -27.10 2.38 13.23
CA ILE E 397 -26.89 2.52 14.66
C ILE E 397 -28.19 2.17 15.38
N ALA E 398 -28.08 1.33 16.41
CA ALA E 398 -29.25 0.90 17.15
C ALA E 398 -29.85 2.04 17.96
N GLY E 399 -31.17 1.99 18.14
CA GLY E 399 -31.87 2.99 18.90
C GLY E 399 -32.21 4.22 18.09
N ASN E 400 -33.07 5.07 18.67
CA ASN E 400 -33.47 6.31 18.04
C ASN E 400 -32.50 7.43 18.41
N ILE E 401 -32.30 8.36 17.48
CA ILE E 401 -31.29 9.39 17.61
C ILE E 401 -31.91 10.76 17.40
N THR E 402 -31.27 11.77 17.98
CA THR E 402 -31.62 13.16 17.77
C THR E 402 -30.34 13.98 17.69
N CYS E 403 -30.42 15.08 16.94
CA CYS E 403 -29.28 15.96 16.70
C CYS E 403 -29.76 17.40 16.78
N ARG E 404 -29.24 18.15 17.74
CA ARG E 404 -29.56 19.56 17.93
C ARG E 404 -28.35 20.38 17.50
N SER E 405 -28.57 21.33 16.60
CA SER E 405 -27.48 22.12 16.05
C SER E 405 -27.97 23.54 15.78
N ASN E 406 -27.05 24.38 15.28
CA ASN E 406 -27.30 25.80 15.07
C ASN E 406 -27.02 26.14 13.62
N ILE E 407 -28.02 26.70 12.94
CA ILE E 407 -27.84 27.23 11.60
C ILE E 407 -27.20 28.61 11.75
N THR E 408 -26.07 28.82 11.06
CA THR E 408 -25.31 30.06 11.14
C THR E 408 -25.06 30.72 9.80
N GLY E 409 -25.52 30.14 8.69
CA GLY E 409 -25.27 30.72 7.39
C GLY E 409 -26.19 30.12 6.35
N LEU E 410 -26.28 30.83 5.22
CA LEU E 410 -27.12 30.43 4.09
C LEU E 410 -26.33 30.55 2.81
N LEU E 411 -26.68 29.71 1.83
CA LEU E 411 -26.10 29.74 0.49
C LEU E 411 -27.24 29.89 -0.51
N LEU E 412 -27.15 30.89 -1.38
CA LEU E 412 -28.22 31.21 -2.31
C LEU E 412 -27.64 31.44 -3.71
N THR E 413 -28.54 31.46 -4.68
CA THR E 413 -28.21 31.74 -6.07
C THR E 413 -29.39 32.43 -6.73
N ARG E 414 -29.11 33.48 -7.50
CA ARG E 414 -30.16 34.25 -8.15
C ARG E 414 -30.52 33.61 -9.50
N ASP E 415 -31.44 34.24 -10.23
CA ASP E 415 -31.85 33.80 -11.55
C ASP E 415 -31.95 35.02 -12.46
N GLY E 416 -31.82 34.78 -13.76
CA GLY E 416 -31.81 35.86 -14.72
C GLY E 416 -33.18 36.45 -14.98
N GLY E 417 -33.18 37.54 -15.74
CA GLY E 417 -34.41 38.22 -16.10
C GLY E 417 -34.12 39.30 -17.14
N THR E 418 -35.20 39.83 -17.70
CA THR E 418 -35.08 40.83 -18.75
C THR E 418 -36.37 41.63 -18.82
N ASN E 419 -36.29 42.78 -19.50
CA ASN E 419 -37.45 43.65 -19.75
C ASN E 419 -38.07 44.14 -18.44
N SER E 420 -37.24 44.82 -17.65
CA SER E 420 -37.68 45.46 -16.40
C SER E 420 -38.36 44.46 -15.47
N ASN E 421 -37.80 43.27 -15.36
CA ASN E 421 -38.34 42.23 -14.50
C ASN E 421 -37.84 42.47 -13.09
N GLU E 422 -38.72 43.02 -12.24
CA GLU E 422 -38.39 43.34 -10.85
C GLU E 422 -38.77 42.21 -9.90
N THR E 423 -38.87 40.97 -10.39
CA THR E 423 -39.29 39.82 -9.61
C THR E 423 -38.16 38.79 -9.53
N GLU E 424 -36.94 39.25 -9.34
CA GLU E 424 -35.81 38.34 -9.17
C GLU E 424 -35.97 37.53 -7.89
N THR E 425 -35.67 36.25 -7.97
CA THR E 425 -35.86 35.31 -6.87
C THR E 425 -34.55 34.67 -6.46
N PHE E 426 -34.51 34.22 -5.21
CA PHE E 426 -33.35 33.53 -4.63
C PHE E 426 -33.73 32.08 -4.38
N ARG E 427 -32.80 31.17 -4.70
CA ARG E 427 -33.00 29.74 -4.54
C ARG E 427 -31.85 29.13 -3.75
N PRO E 428 -32.07 28.01 -3.05
CA PRO E 428 -30.94 27.37 -2.35
C PRO E 428 -29.88 26.90 -3.33
N ALA E 429 -28.64 26.84 -2.84
CA ALA E 429 -27.49 26.45 -3.64
C ALA E 429 -26.70 25.37 -2.92
N GLY E 430 -25.99 24.56 -3.70
CA GLY E 430 -25.15 23.51 -3.16
C GLY E 430 -24.08 23.10 -4.15
N GLY E 431 -23.79 21.79 -4.22
CA GLY E 431 -22.85 21.28 -5.19
C GLY E 431 -21.41 21.27 -4.70
N ASP E 432 -20.65 22.29 -5.10
CA ASP E 432 -19.23 22.34 -4.75
C ASP E 432 -19.05 22.43 -3.24
N MET E 433 -18.09 21.66 -2.73
CA MET E 433 -17.83 21.61 -1.30
C MET E 433 -16.84 22.66 -0.82
N ARG E 434 -16.18 23.37 -1.74
CA ARG E 434 -15.21 24.39 -1.32
C ARG E 434 -15.89 25.56 -0.64
N ASP E 435 -17.10 25.91 -1.08
CA ASP E 435 -17.79 27.07 -0.54
C ASP E 435 -18.17 26.89 0.93
N ASN E 436 -18.36 25.65 1.38
CA ASN E 436 -18.71 25.42 2.78
C ASN E 436 -17.59 25.88 3.71
N TRP E 437 -16.35 25.54 3.39
CA TRP E 437 -15.20 25.96 4.19
C TRP E 437 -14.64 27.32 3.76
N ARG E 438 -15.09 27.87 2.63
CA ARG E 438 -14.59 29.17 2.21
C ARG E 438 -15.07 30.29 3.11
N SER E 439 -16.24 30.12 3.74
CA SER E 439 -16.81 31.13 4.61
C SER E 439 -16.20 31.14 6.01
N GLU E 440 -15.33 30.18 6.33
CA GLU E 440 -14.74 30.07 7.65
C GLU E 440 -13.29 30.53 7.70
N LEU E 441 -12.56 30.44 6.58
CA LEU E 441 -11.16 30.89 6.49
C LEU E 441 -11.05 32.17 5.66
N TYR E 442 -12.11 32.97 5.60
CA TYR E 442 -12.06 34.21 4.82
C TYR E 442 -11.24 35.30 5.48
N LYS E 443 -10.97 35.18 6.79
CA LYS E 443 -10.25 36.21 7.51
C LYS E 443 -8.74 36.03 7.47
N TYR E 444 -8.25 34.82 7.26
CA TYR E 444 -6.83 34.51 7.41
C TYR E 444 -6.11 34.58 6.07
N LYS E 445 -4.92 35.18 6.09
CA LYS E 445 -4.03 35.23 4.95
C LYS E 445 -2.65 34.75 5.38
N VAL E 446 -2.02 33.93 4.54
CA VAL E 446 -0.71 33.37 4.82
C VAL E 446 0.34 34.17 4.05
N VAL E 447 1.39 34.60 4.75
CA VAL E 447 2.43 35.43 4.16
C VAL E 447 3.80 34.86 4.51
N LYS E 448 4.78 35.19 3.68
CA LYS E 448 6.16 34.75 3.82
C LYS E 448 7.02 35.93 4.22
N ILE E 449 7.80 35.76 5.28
CA ILE E 449 8.65 36.82 5.81
C ILE E 449 9.94 36.88 5.02
N GLU E 450 10.36 38.10 4.65
CA GLU E 450 11.64 38.34 3.99
C GLU E 450 12.50 39.21 4.90
N PRO E 451 13.37 38.62 5.73
CA PRO E 451 14.04 39.43 6.76
C PRO E 451 15.23 40.24 6.29
N LEU E 452 15.69 40.06 5.05
CA LEU E 452 16.87 40.75 4.55
C LEU E 452 16.45 42.10 3.96
N GLY E 453 17.10 43.18 4.41
CA GLY E 453 16.76 44.50 3.93
C GLY E 453 18.00 45.35 3.77
N VAL E 454 17.86 46.42 2.99
CA VAL E 454 18.92 47.37 2.68
C VAL E 454 18.41 48.77 2.95
N ALA E 455 19.21 49.59 3.63
CA ALA E 455 18.83 50.96 3.91
C ALA E 455 20.05 51.88 3.83
N PRO E 456 19.87 53.16 3.49
CA PRO E 456 20.99 54.09 3.53
C PRO E 456 21.15 54.77 4.87
N THR E 457 22.40 54.88 5.32
CA THR E 457 22.71 55.60 6.55
C THR E 457 24.16 56.04 6.50
N ARG E 458 24.49 57.02 7.34
CA ARG E 458 25.81 57.65 7.33
C ARG E 458 26.75 56.88 8.24
N CYS E 459 27.32 55.81 7.70
CA CYS E 459 28.29 55.00 8.43
C CYS E 459 29.21 54.31 7.43
N LYS E 460 30.36 53.86 7.94
CA LYS E 460 31.34 53.17 7.13
C LYS E 460 31.96 52.03 7.95
N ARG E 461 32.60 51.10 7.24
CA ARG E 461 33.28 50.00 7.91
C ARG E 461 34.46 50.51 8.72
N ARG E 462 34.64 49.94 9.92
CA ARG E 462 35.77 50.29 10.78
C ARG E 462 36.99 49.52 10.31
N VAL E 463 38.00 50.25 9.83
CA VAL E 463 39.25 49.64 9.35
C VAL E 463 40.40 50.09 10.24
N GLY F 10 6.63 40.43 20.66
CA GLY F 10 5.83 40.20 19.47
C GLY F 10 6.66 39.78 18.27
N PHE F 11 6.13 38.84 17.49
CA PHE F 11 6.86 38.38 16.32
C PHE F 11 6.93 39.46 15.24
N LEU F 12 5.87 40.25 15.10
CA LEU F 12 5.82 41.37 14.17
C LEU F 12 5.35 42.63 14.89
N GLY F 13 5.85 42.85 16.10
CA GLY F 13 5.50 44.04 16.86
C GLY F 13 6.09 45.32 16.29
N ALA F 14 7.20 45.22 15.57
CA ALA F 14 7.83 46.40 14.97
C ALA F 14 7.19 46.81 13.65
N ALA F 15 6.33 45.97 13.08
CA ALA F 15 5.69 46.32 11.81
C ALA F 15 4.75 47.50 11.99
N GLY F 16 4.74 48.39 10.99
CA GLY F 16 3.90 49.57 11.01
C GLY F 16 4.56 50.81 11.57
N SER F 17 5.66 50.67 12.30
CA SER F 17 6.37 51.81 12.87
C SER F 17 7.38 52.34 11.85
N THR F 18 8.08 53.41 12.25
CA THR F 18 9.07 54.01 11.38
C THR F 18 10.30 53.10 11.28
N MET F 19 11.14 53.38 10.28
CA MET F 19 12.36 52.60 10.09
C MET F 19 13.28 52.73 11.29
N GLY F 20 13.43 53.94 11.82
CA GLY F 20 14.26 54.12 13.01
C GLY F 20 13.69 53.40 14.22
N ALA F 21 12.38 53.49 14.42
CA ALA F 21 11.75 52.78 15.53
C ALA F 21 11.75 51.27 15.31
N ALA F 22 11.63 50.83 14.06
CA ALA F 22 11.61 49.41 13.74
C ALA F 22 13.00 48.78 13.76
N SER F 23 14.06 49.57 13.82
CA SER F 23 15.43 49.04 13.89
C SER F 23 15.84 48.81 15.34
N MET F 24 15.02 48.07 16.08
CA MET F 24 15.27 47.75 17.47
C MET F 24 14.63 46.41 17.78
N THR F 25 15.28 45.63 18.66
CA THR F 25 14.81 44.31 19.06
C THR F 25 14.59 43.42 17.84
N LEU F 26 15.55 43.45 16.92
CA LEU F 26 15.45 42.64 15.71
C LEU F 26 15.57 41.15 16.00
N THR F 27 16.10 40.78 17.17
CA THR F 27 16.33 39.37 17.47
C THR F 27 15.03 38.57 17.48
N VAL F 28 13.92 39.19 17.88
CA VAL F 28 12.63 38.50 17.88
C VAL F 28 12.15 38.15 16.49
N GLN F 29 12.68 38.81 15.46
CA GLN F 29 12.28 38.55 14.08
C GLN F 29 12.98 37.32 13.48
N ALA F 30 14.01 36.79 14.15
CA ALA F 30 14.81 35.70 13.60
C ALA F 30 15.02 34.61 14.65
N ARG F 31 13.94 34.25 15.33
CA ARG F 31 13.94 33.19 16.35
C ARG F 31 12.81 32.20 16.08
N ASN F 32 12.71 31.75 14.84
CA ASN F 32 11.76 30.72 14.47
C ASN F 32 12.29 29.34 14.86
N LEU F 33 11.41 28.48 15.38
CA LEU F 33 11.77 27.17 15.88
C LEU F 33 10.91 26.10 15.19
N LEU F 34 11.10 24.85 15.58
CA LEU F 34 10.39 23.74 14.98
C LEU F 34 8.94 23.71 15.46
N SER F 35 8.10 23.04 14.68
CA SER F 35 6.69 22.93 15.00
C SER F 35 6.06 21.83 14.16
N GLY F 36 5.03 21.19 14.73
CA GLY F 36 4.25 20.20 14.02
C GLY F 36 4.74 18.79 14.23
N THR F 37 3.84 17.84 13.97
CA THR F 37 4.14 16.42 14.00
C THR F 37 3.93 15.85 12.60
N VAL F 38 4.73 14.83 12.27
CA VAL F 38 4.82 14.38 10.88
C VAL F 38 3.53 13.67 10.47
N TRP F 39 2.99 14.07 9.32
CA TRP F 39 1.94 13.34 8.62
C TRP F 39 2.25 13.42 7.14
N GLY F 40 2.91 12.40 6.60
CA GLY F 40 3.34 12.41 5.22
C GLY F 40 4.68 13.11 5.04
N ILE F 41 5.07 13.26 3.78
CA ILE F 41 6.37 13.85 3.47
C ILE F 41 6.28 15.37 3.41
N LYS F 42 5.12 15.93 3.04
CA LYS F 42 4.98 17.37 2.94
C LYS F 42 5.18 18.06 4.28
N GLN F 43 4.85 17.40 5.39
CA GLN F 43 5.07 17.99 6.71
C GLN F 43 6.55 18.20 6.97
N LEU F 44 7.38 17.23 6.59
CA LEU F 44 8.83 17.36 6.71
C LEU F 44 9.41 18.30 5.66
N GLN F 45 8.73 18.46 4.53
CA GLN F 45 9.22 19.37 3.51
C GLN F 45 9.23 20.81 4.00
N ALA F 46 8.25 21.18 4.83
CA ALA F 46 8.25 22.52 5.40
C ALA F 46 9.47 22.73 6.29
N ARG F 47 9.82 21.74 7.11
CA ARG F 47 11.00 21.86 7.96
C ARG F 47 12.27 22.01 7.12
N VAL F 48 12.45 21.14 6.13
CA VAL F 48 13.71 21.18 5.39
C VAL F 48 13.80 22.44 4.54
N LEU F 49 12.68 22.92 3.98
CA LEU F 49 12.75 24.14 3.18
C LEU F 49 12.98 25.35 4.06
N ALA F 50 12.42 25.37 5.28
CA ALA F 50 12.73 26.43 6.21
C ALA F 50 14.21 26.44 6.58
N VAL F 51 14.78 25.25 6.82
CA VAL F 51 16.21 25.17 7.11
C VAL F 51 17.04 25.67 5.93
N GLU F 52 16.65 25.27 4.71
CA GLU F 52 17.38 25.70 3.53
C GLU F 52 17.31 27.20 3.35
N ARG F 53 16.14 27.79 3.59
CA ARG F 53 15.99 29.24 3.47
C ARG F 53 16.84 29.96 4.52
N TYR F 54 16.85 29.46 5.75
CA TYR F 54 17.66 30.08 6.79
C TYR F 54 19.15 30.00 6.44
N LEU F 55 19.60 28.83 5.95
CA LEU F 55 21.00 28.71 5.56
C LEU F 55 21.33 29.61 4.38
N ARG F 56 20.42 29.74 3.42
CA ARG F 56 20.64 30.64 2.30
C ARG F 56 20.79 32.07 2.77
N ASP F 57 19.91 32.52 3.67
CA ASP F 57 19.99 33.89 4.17
C ASP F 57 21.30 34.11 4.93
N GLN F 58 21.67 33.16 5.78
CA GLN F 58 22.92 33.30 6.55
C GLN F 58 24.13 33.32 5.64
N GLN F 59 24.13 32.48 4.60
CA GLN F 59 25.26 32.45 3.68
C GLN F 59 25.35 33.74 2.88
N LEU F 60 24.20 34.27 2.43
CA LEU F 60 24.20 35.54 1.71
C LEU F 60 24.70 36.66 2.60
N LEU F 61 24.29 36.68 3.86
CA LEU F 61 24.76 37.72 4.78
C LEU F 61 26.24 37.56 5.10
N GLY F 62 26.74 36.33 5.12
CA GLY F 62 28.13 36.10 5.49
C GLY F 62 29.12 36.41 4.40
N ILE F 63 28.74 36.22 3.13
CA ILE F 63 29.66 36.51 2.02
C ILE F 63 29.88 37.99 1.81
N TRP F 64 29.13 38.85 2.49
CA TRP F 64 29.34 40.29 2.46
C TRP F 64 30.21 40.79 3.60
N GLY F 65 30.77 39.89 4.41
CA GLY F 65 31.54 40.29 5.57
C GLY F 65 30.73 40.57 6.80
N CYS F 66 29.49 40.06 6.88
CA CYS F 66 28.58 40.30 7.99
C CYS F 66 28.19 38.94 8.58
N SER F 67 28.87 38.55 9.65
CA SER F 67 28.63 37.28 10.33
C SER F 67 28.33 37.55 11.79
N GLY F 68 27.20 37.04 12.28
CA GLY F 68 26.85 37.15 13.67
C GLY F 68 26.30 38.49 14.10
N LYS F 69 26.06 39.41 13.16
CA LYS F 69 25.55 40.74 13.47
C LYS F 69 24.44 41.10 12.49
N LEU F 70 23.31 41.53 13.03
CA LEU F 70 22.18 41.89 12.17
C LEU F 70 22.41 43.21 11.47
N ILE F 71 22.93 44.21 12.19
CA ILE F 71 23.28 45.51 11.62
C ILE F 71 24.73 45.46 11.21
N CYS F 72 25.00 45.84 9.96
CA CYS F 72 26.34 45.69 9.38
C CYS F 72 26.58 46.84 8.40
N CYS F 73 27.29 47.87 8.87
CA CYS F 73 27.66 48.98 8.00
C CYS F 73 28.79 48.57 7.06
N THR F 74 28.64 48.92 5.79
CA THR F 74 29.59 48.56 4.74
C THR F 74 30.24 49.83 4.19
N ASN F 75 31.13 49.65 3.20
CA ASN F 75 31.89 50.75 2.61
C ASN F 75 31.47 51.04 1.17
N VAL F 76 30.44 50.38 0.66
CA VAL F 76 30.00 50.63 -0.72
C VAL F 76 29.29 51.98 -0.78
N PRO F 77 29.64 52.88 -1.70
CA PRO F 77 28.91 54.16 -1.78
C PRO F 77 27.47 53.94 -2.22
N TRP F 78 26.60 54.81 -1.73
CA TRP F 78 25.17 54.76 -2.05
C TRP F 78 24.90 55.65 -3.26
N ASN F 79 24.48 55.03 -4.36
CA ASN F 79 24.16 55.79 -5.56
C ASN F 79 22.88 56.59 -5.35
N SER F 80 22.89 57.85 -5.80
CA SER F 80 21.73 58.71 -5.62
C SER F 80 20.57 58.34 -6.54
N SER F 81 20.83 57.62 -7.63
CA SER F 81 19.78 57.26 -8.57
C SER F 81 18.84 56.17 -8.06
N TRP F 82 19.25 55.44 -7.01
CA TRP F 82 18.42 54.35 -6.52
C TRP F 82 17.13 54.85 -5.88
N SER F 83 17.24 55.88 -5.04
CA SER F 83 16.09 56.39 -4.28
C SER F 83 15.88 57.88 -4.50
N ASN F 84 16.98 58.63 -4.60
CA ASN F 84 16.99 60.09 -4.74
C ASN F 84 15.99 60.78 -3.82
N ARG F 85 15.93 60.33 -2.56
CA ARG F 85 15.09 60.95 -1.54
C ARG F 85 15.95 61.32 -0.34
N ASN F 86 15.52 62.36 0.37
CA ASN F 86 16.30 62.89 1.49
C ASN F 86 16.27 61.93 2.67
N LEU F 87 17.19 62.13 3.61
CA LEU F 87 17.26 61.27 4.79
C LEU F 87 16.01 61.40 5.65
N SER F 88 15.40 62.59 5.69
CA SER F 88 14.18 62.80 6.46
C SER F 88 12.97 62.08 5.84
N GLU F 89 13.08 61.62 4.60
CA GLU F 89 11.99 60.90 3.94
C GLU F 89 12.08 59.39 4.12
N ILE F 90 13.05 58.90 4.89
CA ILE F 90 13.29 57.47 5.02
C ILE F 90 13.13 57.03 6.47
N TRP F 91 13.93 57.61 7.36
CA TRP F 91 14.02 57.15 8.75
C TRP F 91 13.06 57.87 9.69
N ASP F 92 12.21 58.77 9.18
CA ASP F 92 11.32 59.57 10.02
C ASP F 92 9.85 59.17 9.92
N ASN F 93 9.38 58.82 8.72
CA ASN F 93 7.96 58.53 8.51
C ASN F 93 7.73 57.23 7.74
N MET F 94 8.69 56.83 6.90
CA MET F 94 8.49 55.66 6.05
C MET F 94 8.63 54.37 6.86
N THR F 95 7.83 53.38 6.49
CA THR F 95 7.88 52.06 7.09
C THR F 95 8.78 51.14 6.29
N TRP F 96 9.09 49.98 6.89
CA TRP F 96 9.97 49.03 6.22
C TRP F 96 9.31 48.39 5.01
N LEU F 97 8.00 48.11 5.09
CA LEU F 97 7.32 47.48 3.96
C LEU F 97 7.27 48.41 2.76
N GLN F 98 6.93 49.68 2.98
CA GLN F 98 6.92 50.65 1.89
C GLN F 98 8.31 50.83 1.30
N TRP F 99 9.33 50.90 2.17
CA TRP F 99 10.69 51.05 1.68
C TRP F 99 11.13 49.85 0.86
N ASP F 100 10.77 48.64 1.29
CA ASP F 100 11.11 47.45 0.52
C ASP F 100 10.40 47.45 -0.83
N LYS F 101 9.11 47.81 -0.84
CA LYS F 101 8.38 47.86 -2.11
C LYS F 101 8.97 48.91 -3.05
N GLU F 102 9.52 49.99 -2.50
CA GLU F 102 10.10 51.04 -3.32
C GLU F 102 11.52 50.74 -3.76
N ILE F 103 12.26 49.91 -3.02
CA ILE F 103 13.68 49.67 -3.29
C ILE F 103 13.95 48.28 -3.84
N SER F 104 12.93 47.43 -4.00
CA SER F 104 13.16 46.07 -4.50
C SER F 104 13.69 46.04 -5.93
N ASN F 105 13.59 47.14 -6.68
CA ASN F 105 14.00 47.16 -8.07
C ASN F 105 15.51 47.20 -8.28
N TYR F 106 16.30 47.41 -7.21
CA TYR F 106 17.75 47.56 -7.32
C TYR F 106 18.48 46.72 -6.28
N THR F 107 17.95 45.53 -6.00
CA THR F 107 18.59 44.65 -5.02
C THR F 107 19.81 43.95 -5.61
N GLN F 108 19.74 43.54 -6.87
CA GLN F 108 20.82 42.75 -7.47
C GLN F 108 22.10 43.57 -7.59
N ILE F 109 21.98 44.84 -7.97
CA ILE F 109 23.16 45.69 -8.12
C ILE F 109 23.84 45.86 -6.76
N ILE F 110 23.05 46.08 -5.71
CA ILE F 110 23.61 46.25 -4.38
C ILE F 110 24.28 44.96 -3.92
N TYR F 111 23.66 43.82 -4.18
CA TYR F 111 24.25 42.55 -3.77
C TYR F 111 25.58 42.32 -4.50
N GLY F 112 25.62 42.59 -5.80
CA GLY F 112 26.86 42.41 -6.53
C GLY F 112 27.96 43.35 -6.05
N LEU F 113 27.60 44.61 -5.78
CA LEU F 113 28.58 45.55 -5.27
C LEU F 113 29.10 45.12 -3.90
N LEU F 114 28.22 44.62 -3.04
CA LEU F 114 28.65 44.16 -1.73
C LEU F 114 29.58 42.96 -1.84
N GLU F 115 29.27 42.02 -2.73
CA GLU F 115 30.14 40.87 -2.90
C GLU F 115 31.51 41.30 -3.42
N GLU F 116 31.53 42.18 -4.42
CA GLU F 116 32.81 42.64 -4.97
C GLU F 116 33.61 43.39 -3.91
N SER F 117 32.95 44.24 -3.14
CA SER F 117 33.64 45.02 -2.12
C SER F 117 34.21 44.10 -1.02
N GLN F 118 33.44 43.09 -0.61
CA GLN F 118 33.94 42.18 0.42
C GLN F 118 35.14 41.40 -0.09
N ASN F 119 35.08 40.91 -1.33
CA ASN F 119 36.22 40.17 -1.88
C ASN F 119 37.44 41.08 -1.98
N GLN F 120 37.25 42.32 -2.44
CA GLN F 120 38.36 43.25 -2.58
C GLN F 120 38.97 43.58 -1.22
N GLN F 121 38.13 43.81 -0.22
CA GLN F 121 38.64 44.11 1.12
C GLN F 121 39.40 42.92 1.70
N GLU F 122 38.88 41.70 1.50
CA GLU F 122 39.58 40.52 2.00
C GLU F 122 40.94 40.36 1.32
N LYS F 123 41.00 40.55 0.00
CA LYS F 123 42.26 40.43 -0.70
C LYS F 123 43.24 41.51 -0.26
N ASN F 124 42.77 42.74 -0.09
CA ASN F 124 43.65 43.82 0.37
C ASN F 124 44.17 43.55 1.77
N GLU F 125 43.32 43.05 2.66
CA GLU F 125 43.77 42.71 4.00
C GLU F 125 44.82 41.61 3.96
N GLN F 126 44.59 40.58 3.14
CA GLN F 126 45.56 39.49 3.04
C GLN F 126 46.88 39.98 2.48
N ASP F 127 46.85 40.92 1.52
CA ASP F 127 48.08 41.45 0.97
C ASP F 127 48.81 42.36 1.95
N LEU F 128 48.10 43.21 2.67
CA LEU F 128 48.76 44.16 3.56
C LEU F 128 49.27 43.51 4.84
N LEU F 129 48.53 42.55 5.40
CA LEU F 129 49.01 41.87 6.60
C LEU F 129 50.24 41.02 6.31
N ALA F 130 50.27 40.38 5.14
CA ALA F 130 51.35 39.44 4.83
C ALA F 130 52.67 40.13 4.52
N LEU F 131 52.64 41.24 3.77
CA LEU F 131 53.86 41.86 3.29
C LEU F 131 54.66 42.59 4.37
N ASP F 132 54.09 42.78 5.56
CA ASP F 132 54.81 43.45 6.64
C ASP F 132 55.82 42.50 7.27
N GLN G 1 -70.76 10.61 22.10
CA GLN G 1 -69.38 10.57 22.65
C GLN G 1 -68.67 9.29 22.20
N VAL G 2 -67.47 9.05 22.71
CA VAL G 2 -66.71 7.87 22.36
C VAL G 2 -67.36 6.65 23.01
N GLN G 3 -67.70 5.65 22.20
CA GLN G 3 -68.32 4.43 22.68
C GLN G 3 -67.64 3.23 22.04
N LEU G 4 -67.33 2.22 22.85
CA LEU G 4 -66.76 0.95 22.39
C LEU G 4 -67.71 -0.16 22.80
N VAL G 5 -68.08 -1.00 21.83
CA VAL G 5 -69.04 -2.07 22.06
C VAL G 5 -68.45 -3.38 21.54
N GLN G 6 -68.58 -4.43 22.35
CA GLN G 6 -68.12 -5.78 22.03
C GLN G 6 -69.28 -6.75 22.19
N SER G 7 -68.99 -8.04 22.01
CA SER G 7 -69.99 -9.08 22.20
C SER G 7 -70.27 -9.30 23.68
N GLY G 8 -71.47 -9.77 23.97
CA GLY G 8 -71.90 -9.96 25.34
C GLY G 8 -71.24 -11.15 26.03
N ALA G 9 -71.53 -12.36 25.53
CA ALA G 9 -71.02 -13.59 26.10
C ALA G 9 -70.50 -14.50 25.00
N GLU G 10 -69.56 -15.37 25.35
CA GLU G 10 -68.95 -16.27 24.38
C GLU G 10 -68.62 -17.59 25.08
N VAL G 11 -69.08 -18.69 24.49
CA VAL G 11 -68.79 -20.04 24.98
C VAL G 11 -68.09 -20.79 23.85
N LYS G 12 -66.93 -21.36 24.16
CA LYS G 12 -66.11 -22.05 23.17
C LYS G 12 -65.44 -23.26 23.82
N LYS G 13 -65.39 -24.36 23.07
CA LYS G 13 -64.72 -25.56 23.56
C LYS G 13 -63.20 -25.37 23.51
N PRO G 14 -62.44 -26.07 24.36
CA PRO G 14 -60.99 -25.91 24.32
C PRO G 14 -60.40 -26.42 23.03
N GLY G 15 -59.29 -25.80 22.61
CA GLY G 15 -58.60 -26.16 21.41
C GLY G 15 -59.10 -25.50 20.14
N ALA G 16 -60.19 -24.73 20.21
CA ALA G 16 -60.77 -24.06 19.08
C ALA G 16 -60.26 -22.62 19.01
N SER G 17 -60.82 -21.83 18.10
CA SER G 17 -60.46 -20.44 17.90
C SER G 17 -61.68 -19.56 18.11
N VAL G 18 -61.44 -18.33 18.58
CA VAL G 18 -62.50 -17.38 18.90
C VAL G 18 -62.19 -16.05 18.24
N LYS G 19 -63.26 -15.34 17.87
CA LYS G 19 -63.20 -14.04 17.21
C LYS G 19 -63.94 -13.04 18.09
N VAL G 20 -63.29 -11.92 18.40
CA VAL G 20 -63.87 -10.86 19.21
C VAL G 20 -63.87 -9.58 18.38
N SER G 21 -65.03 -8.91 18.35
CA SER G 21 -65.20 -7.68 17.59
C SER G 21 -65.35 -6.50 18.54
N CYS G 22 -64.57 -5.45 18.28
CA CYS G 22 -64.64 -4.20 19.04
C CYS G 22 -65.01 -3.09 18.07
N LYS G 23 -66.26 -2.64 18.14
CA LYS G 23 -66.77 -1.59 17.28
C LYS G 23 -66.73 -0.25 18.04
N ALA G 24 -66.15 0.75 17.39
CA ALA G 24 -65.95 2.07 17.99
C ALA G 24 -66.80 3.10 17.27
N SER G 25 -67.42 4.00 18.03
CA SER G 25 -68.26 5.04 17.48
C SER G 25 -67.98 6.35 18.21
N GLY G 26 -68.18 7.46 17.50
CA GLY G 26 -68.06 8.79 18.07
C GLY G 26 -66.74 9.48 17.81
N TYR G 27 -65.80 8.84 17.12
CA TYR G 27 -64.51 9.45 16.83
C TYR G 27 -63.91 8.77 15.61
N THR G 28 -62.91 9.44 15.03
CA THR G 28 -62.23 8.89 13.86
C THR G 28 -61.45 7.64 14.24
N PHE G 29 -61.70 6.54 13.52
CA PHE G 29 -61.10 5.26 13.88
C PHE G 29 -59.59 5.26 13.64
N THR G 30 -59.13 6.01 12.64
CA THR G 30 -57.71 6.02 12.26
C THR G 30 -56.90 7.08 13.00
N GLY G 31 -57.45 7.65 14.07
CA GLY G 31 -56.76 8.71 14.79
C GLY G 31 -56.01 8.25 16.03
N TYR G 32 -56.33 7.06 16.54
CA TYR G 32 -55.76 6.56 17.78
C TYR G 32 -55.48 5.07 17.65
N TYR G 33 -54.48 4.60 18.41
CA TYR G 33 -54.19 3.18 18.49
C TYR G 33 -55.34 2.44 19.19
N MET G 34 -55.36 1.12 19.03
CA MET G 34 -56.34 0.27 19.71
C MET G 34 -55.61 -0.84 20.45
N HIS G 35 -55.85 -0.92 21.76
CA HIS G 35 -55.18 -1.89 22.63
C HIS G 35 -56.15 -2.98 23.06
N TRP G 36 -55.62 -4.18 23.20
CA TRP G 36 -56.37 -5.33 23.71
C TRP G 36 -55.69 -5.84 24.97
N VAL G 37 -56.50 -6.06 26.02
CA VAL G 37 -56.03 -6.60 27.29
C VAL G 37 -56.99 -7.70 27.73
N ARG G 38 -56.54 -8.50 28.70
CA ARG G 38 -57.31 -9.62 29.23
C ARG G 38 -57.31 -9.58 30.75
N GLN G 39 -58.42 -10.02 31.36
CA GLN G 39 -58.57 -10.05 32.81
C GLN G 39 -59.27 -11.35 33.19
N ALA G 40 -58.56 -12.22 33.91
CA ALA G 40 -59.16 -13.44 34.40
C ALA G 40 -59.92 -13.16 35.70
N PRO G 41 -60.91 -13.99 36.05
CA PRO G 41 -61.62 -13.77 37.32
C PRO G 41 -60.69 -13.96 38.50
N GLY G 42 -60.62 -12.95 39.36
CA GLY G 42 -59.70 -12.94 40.49
C GLY G 42 -58.36 -12.30 40.16
N GLN G 43 -57.79 -12.63 39.02
CA GLN G 43 -56.52 -12.06 38.60
C GLN G 43 -56.73 -10.66 38.04
N GLY G 44 -55.66 -9.89 38.02
CA GLY G 44 -55.70 -8.52 37.54
C GLY G 44 -55.73 -8.41 36.04
N LEU G 45 -55.24 -7.28 35.53
CA LEU G 45 -55.25 -7.00 34.09
C LEU G 45 -53.97 -7.51 33.47
N GLU G 46 -54.11 -8.23 32.35
CA GLU G 46 -52.97 -8.71 31.57
C GLU G 46 -53.02 -8.03 30.21
N TRP G 47 -51.93 -7.37 29.84
CA TRP G 47 -51.85 -6.67 28.58
C TRP G 47 -51.52 -7.65 27.45
N MET G 48 -52.35 -7.66 26.41
CA MET G 48 -52.16 -8.54 25.27
C MET G 48 -51.41 -7.87 24.14
N GLY G 49 -51.85 -6.71 23.67
CA GLY G 49 -51.14 -6.06 22.59
C GLY G 49 -51.82 -4.80 22.11
N TRP G 50 -51.26 -4.23 21.05
CA TRP G 50 -51.82 -3.04 20.41
C TRP G 50 -51.75 -3.17 18.89
N ILE G 51 -52.62 -2.41 18.23
CA ILE G 51 -52.75 -2.40 16.78
C ILE G 51 -52.95 -0.96 16.33
N ASN G 52 -52.26 -0.59 15.25
CA ASN G 52 -52.42 0.72 14.63
C ASN G 52 -53.49 0.63 13.55
N PRO G 53 -54.61 1.36 13.65
CA PRO G 53 -55.66 1.23 12.62
C PRO G 53 -55.22 1.64 11.22
N ASN G 54 -54.34 2.64 11.09
CA ASN G 54 -53.98 3.13 9.77
C ASN G 54 -53.31 2.06 8.93
N SER G 55 -52.14 1.60 9.35
CA SER G 55 -51.43 0.53 8.68
C SER G 55 -51.84 -0.81 9.29
N GLY G 56 -51.20 -1.89 8.85
CA GLY G 56 -51.43 -3.20 9.43
C GLY G 56 -50.43 -3.53 10.52
N ARG G 57 -49.77 -2.51 11.05
CA ARG G 57 -48.74 -2.71 12.06
C ARG G 57 -49.38 -3.09 13.39
N THR G 58 -48.99 -4.25 13.93
CA THR G 58 -49.50 -4.75 15.20
C THR G 58 -48.32 -5.23 16.04
N ASN G 59 -48.49 -5.17 17.36
CA ASN G 59 -47.49 -5.69 18.28
C ASN G 59 -48.17 -6.44 19.41
N TYR G 60 -47.60 -7.59 19.77
CA TYR G 60 -48.12 -8.45 20.82
C TYR G 60 -47.03 -8.67 21.87
N ALA G 61 -47.46 -8.90 23.11
CA ALA G 61 -46.53 -9.15 24.20
C ALA G 61 -46.01 -10.58 24.12
N GLN G 62 -45.15 -10.95 25.07
CA GLN G 62 -44.62 -12.29 25.12
C GLN G 62 -45.74 -13.28 25.47
N LYS G 63 -45.51 -14.54 25.12
CA LYS G 63 -46.47 -15.64 25.33
C LYS G 63 -47.73 -15.47 24.49
N PHE G 64 -47.70 -14.59 23.48
CA PHE G 64 -48.83 -14.40 22.58
C PHE G 64 -48.44 -14.29 21.11
N GLN G 65 -47.16 -14.24 20.76
CA GLN G 65 -46.76 -14.12 19.38
C GLN G 65 -47.11 -15.40 18.62
N GLY G 66 -47.86 -15.25 17.53
CA GLY G 66 -48.33 -16.37 16.75
C GLY G 66 -49.61 -17.00 17.26
N ARG G 67 -49.84 -16.97 18.56
CA ARG G 67 -51.04 -17.55 19.14
C ARG G 67 -52.27 -16.67 18.92
N VAL G 68 -52.09 -15.36 18.77
CA VAL G 68 -53.18 -14.41 18.60
C VAL G 68 -52.85 -13.49 17.44
N THR G 69 -53.89 -12.94 16.82
CA THR G 69 -53.73 -11.99 15.72
C THR G 69 -54.78 -10.88 15.85
N MET G 70 -54.42 -9.71 15.33
CA MET G 70 -55.28 -8.53 15.36
C MET G 70 -55.39 -7.96 13.95
N THR G 71 -56.62 -7.67 13.54
CA THR G 71 -56.90 -7.04 12.26
C THR G 71 -57.93 -5.94 12.48
N ARG G 72 -58.26 -5.22 11.41
CA ARG G 72 -59.21 -4.11 11.51
C ARG G 72 -59.93 -3.93 10.18
N ASP G 73 -61.10 -3.30 10.26
CA ASP G 73 -61.90 -2.94 9.09
C ASP G 73 -62.24 -1.45 9.22
N THR G 74 -61.68 -0.63 8.33
CA THR G 74 -61.86 0.80 8.39
C THR G 74 -63.22 1.25 7.87
N SER G 75 -63.78 0.52 6.90
CA SER G 75 -65.06 0.92 6.33
C SER G 75 -66.16 0.90 7.37
N ILE G 76 -66.20 -0.15 8.21
CA ILE G 76 -67.15 -0.22 9.31
C ILE G 76 -66.53 0.20 10.65
N SER G 77 -65.22 0.45 10.69
CA SER G 77 -64.55 0.88 11.91
C SER G 77 -64.73 -0.15 13.03
N THR G 78 -64.17 -1.34 12.80
CA THR G 78 -64.29 -2.43 13.78
C THR G 78 -62.97 -3.20 13.83
N ALA G 79 -62.46 -3.40 15.04
CA ALA G 79 -61.24 -4.17 15.25
C ALA G 79 -61.59 -5.62 15.55
N TYR G 80 -60.81 -6.53 14.99
CA TYR G 80 -61.00 -7.96 15.12
C TYR G 80 -59.82 -8.59 15.85
N MET G 81 -60.12 -9.43 16.84
CA MET G 81 -59.13 -10.13 17.64
C MET G 81 -59.39 -11.62 17.51
N GLU G 82 -58.46 -12.33 16.86
CA GLU G 82 -58.59 -13.77 16.61
C GLU G 82 -57.60 -14.49 17.51
N LEU G 83 -58.12 -15.30 18.44
CA LEU G 83 -57.30 -16.05 19.37
C LEU G 83 -57.54 -17.53 19.18
N SER G 84 -56.45 -18.26 18.92
CA SER G 84 -56.50 -19.69 18.67
C SER G 84 -55.87 -20.45 19.83
N ARG G 85 -56.12 -21.76 19.87
CA ARG G 85 -55.55 -22.66 20.87
C ARG G 85 -55.98 -22.26 22.27
N LEU G 86 -57.29 -22.25 22.47
CA LEU G 86 -57.84 -21.88 23.77
C LEU G 86 -57.64 -23.01 24.77
N ARG G 87 -57.13 -22.66 25.96
CA ARG G 87 -56.86 -23.61 27.02
C ARG G 87 -57.93 -23.50 28.10
N SER G 88 -57.76 -24.27 29.18
CA SER G 88 -58.75 -24.25 30.26
C SER G 88 -58.67 -22.98 31.08
N ASP G 89 -57.49 -22.34 31.13
CA ASP G 89 -57.29 -21.14 31.92
C ASP G 89 -57.59 -19.85 31.15
N ASP G 90 -58.11 -19.96 29.93
CA ASP G 90 -58.41 -18.79 29.11
C ASP G 90 -59.80 -18.21 29.39
N THR G 91 -60.54 -18.77 30.34
CA THR G 91 -61.84 -18.23 30.72
C THR G 91 -61.62 -16.87 31.35
N ALA G 92 -61.96 -15.80 30.63
CA ALA G 92 -61.61 -14.46 31.07
C ALA G 92 -62.41 -13.43 30.27
N VAL G 93 -62.31 -12.17 30.71
CA VAL G 93 -62.94 -11.04 30.04
C VAL G 93 -61.88 -10.29 29.26
N TYR G 94 -62.11 -10.15 27.96
CA TYR G 94 -61.21 -9.42 27.07
C TYR G 94 -61.73 -8.01 26.87
N TYR G 95 -60.87 -7.01 27.10
CA TYR G 95 -61.23 -5.61 27.06
C TYR G 95 -60.49 -4.90 25.93
N CYS G 96 -61.22 -3.99 25.27
CA CYS G 96 -60.75 -3.20 24.14
C CYS G 96 -60.66 -1.75 24.58
N ALA G 97 -59.49 -1.14 24.40
CA ALA G 97 -59.21 0.20 24.91
C ALA G 97 -58.63 1.07 23.81
N ARG G 98 -58.74 2.38 24.01
CA ARG G 98 -58.23 3.38 23.07
C ARG G 98 -56.92 3.93 23.59
N GLY G 99 -55.88 3.86 22.76
CA GLY G 99 -54.55 4.28 23.17
C GLY G 99 -54.30 5.77 22.95
N GLY G 100 -53.06 6.11 22.61
CA GLY G 100 -52.67 7.49 22.42
C GLY G 100 -53.02 8.00 21.03
N TRP G 101 -52.52 9.19 20.74
CA TRP G 101 -52.79 9.87 19.48
C TRP G 101 -51.72 9.53 18.45
N ILE G 102 -52.14 9.25 17.22
CA ILE G 102 -51.22 8.96 16.13
C ILE G 102 -50.76 10.28 15.54
N SER G 103 -49.45 10.54 15.59
CA SER G 103 -48.89 11.82 15.15
C SER G 103 -47.91 11.72 14.01
N LEU G 104 -47.37 10.53 13.71
CA LEU G 104 -46.42 10.31 12.63
C LEU G 104 -45.08 11.00 12.86
N TYR G 105 -44.81 11.46 14.09
CA TYR G 105 -43.54 12.09 14.44
C TYR G 105 -42.91 11.54 15.70
N TYR G 106 -43.68 10.94 16.60
CA TYR G 106 -43.14 10.29 17.78
C TYR G 106 -43.98 9.06 18.10
N ASP G 107 -43.34 8.08 18.74
CA ASP G 107 -43.96 6.79 19.01
C ASP G 107 -44.84 6.92 20.24
N SER G 108 -46.15 7.03 20.02
CA SER G 108 -47.13 7.16 21.09
C SER G 108 -47.84 5.84 21.39
N SER G 109 -47.39 4.73 20.79
CA SER G 109 -48.07 3.45 20.98
C SER G 109 -47.90 2.92 22.40
N GLY G 110 -46.75 3.13 23.02
CA GLY G 110 -46.45 2.56 24.31
C GLY G 110 -46.96 3.33 25.51
N TYR G 111 -47.61 4.47 25.32
CA TYR G 111 -48.12 5.23 26.45
C TYR G 111 -49.32 4.52 27.06
N PRO G 112 -49.31 4.20 28.38
CA PRO G 112 -50.47 3.51 28.97
C PRO G 112 -51.57 4.48 29.40
N ASN G 113 -52.17 5.15 28.42
CA ASN G 113 -53.26 6.10 28.64
C ASN G 113 -54.50 5.57 27.94
N PHE G 114 -55.42 5.00 28.72
CA PHE G 114 -56.65 4.40 28.20
C PHE G 114 -57.83 5.18 28.77
N ASP G 115 -58.38 6.10 27.98
CA ASP G 115 -59.48 6.92 28.47
C ASP G 115 -60.78 6.13 28.54
N TYR G 116 -61.08 5.35 27.50
CA TYR G 116 -62.36 4.66 27.36
C TYR G 116 -62.15 3.15 27.27
N TRP G 117 -63.11 2.41 27.81
CA TRP G 117 -63.08 0.95 27.83
C TRP G 117 -64.44 0.41 27.39
N GLY G 118 -64.41 -0.76 26.74
CA GLY G 118 -65.63 -1.46 26.40
C GLY G 118 -66.15 -2.25 27.58
N GLN G 119 -67.35 -2.83 27.40
CA GLN G 119 -67.94 -3.64 28.45
C GLN G 119 -67.21 -4.96 28.65
N GLY G 120 -66.45 -5.41 27.66
CA GLY G 120 -65.69 -6.63 27.76
C GLY G 120 -66.44 -7.83 27.20
N THR G 121 -65.68 -8.75 26.61
CA THR G 121 -66.20 -9.99 26.06
C THR G 121 -65.79 -11.14 26.97
N LEU G 122 -66.78 -11.84 27.51
CA LEU G 122 -66.54 -12.94 28.45
C LEU G 122 -66.40 -14.24 27.67
N VAL G 123 -65.18 -14.75 27.56
CA VAL G 123 -64.92 -16.06 26.98
C VAL G 123 -64.92 -17.06 28.11
N THR G 124 -65.68 -18.14 27.95
CA THR G 124 -65.83 -19.19 28.95
C THR G 124 -65.50 -20.54 28.33
N VAL G 125 -64.64 -21.31 28.98
CA VAL G 125 -64.21 -22.61 28.50
C VAL G 125 -64.58 -23.68 29.51
N SER G 126 -65.71 -23.48 30.20
CA SER G 126 -66.15 -24.42 31.22
C SER G 126 -66.79 -25.65 30.59
N GLN H 1 -41.11 -14.87 33.74
CA GLN H 1 -41.75 -13.57 33.57
C GLN H 1 -42.43 -13.15 34.87
N SER H 2 -42.17 -11.91 35.29
CA SER H 2 -42.76 -11.35 36.50
C SER H 2 -43.28 -9.95 36.22
N ALA H 3 -44.38 -9.60 36.86
CA ALA H 3 -45.00 -8.30 36.70
C ALA H 3 -44.42 -7.34 37.74
N LEU H 4 -44.94 -6.11 37.79
CA LEU H 4 -44.47 -5.13 38.75
C LEU H 4 -44.83 -5.57 40.16
N THR H 5 -43.93 -5.30 41.10
CA THR H 5 -44.15 -5.62 42.50
C THR H 5 -45.08 -4.59 43.12
N GLN H 6 -46.24 -5.05 43.61
CA GLN H 6 -47.24 -4.19 44.21
C GLN H 6 -47.76 -4.85 45.48
N PRO H 7 -48.13 -4.08 46.52
CA PRO H 7 -48.76 -4.70 47.69
C PRO H 7 -50.09 -5.35 47.34
N ALA H 8 -50.40 -6.43 48.05
CA ALA H 8 -51.62 -7.19 47.81
C ALA H 8 -52.80 -6.71 48.64
N SER H 9 -52.56 -5.95 49.71
CA SER H 9 -53.63 -5.50 50.59
C SER H 9 -53.21 -4.19 51.24
N VAL H 10 -54.06 -3.17 51.11
CA VAL H 10 -53.86 -1.87 51.75
C VAL H 10 -55.14 -1.52 52.48
N SER H 11 -55.02 -1.14 53.75
CA SER H 11 -56.14 -0.80 54.61
C SER H 11 -55.99 0.62 55.13
N GLY H 12 -57.11 1.30 55.30
CA GLY H 12 -57.12 2.65 55.81
C GLY H 12 -58.43 3.00 56.50
N SER H 13 -58.63 4.27 56.82
CA SER H 13 -59.83 4.76 57.47
C SER H 13 -60.32 6.02 56.78
N PRO H 14 -61.60 6.39 56.95
CA PRO H 14 -62.09 7.63 56.35
C PRO H 14 -61.35 8.84 56.90
N GLY H 15 -61.20 9.85 56.06
CA GLY H 15 -60.52 11.08 56.46
C GLY H 15 -59.06 10.86 56.80
N GLN H 16 -58.36 10.12 55.96
CA GLN H 16 -56.96 9.80 56.19
C GLN H 16 -56.21 9.86 54.87
N SER H 17 -54.91 10.14 54.95
CA SER H 17 -54.02 10.18 53.79
C SER H 17 -53.28 8.86 53.72
N ILE H 18 -53.49 8.12 52.62
CA ILE H 18 -52.92 6.79 52.43
C ILE H 18 -52.19 6.75 51.10
N THR H 19 -50.99 6.19 51.10
CA THR H 19 -50.15 6.08 49.91
C THR H 19 -49.96 4.62 49.55
N ILE H 20 -50.18 4.30 48.27
CA ILE H 20 -49.96 2.96 47.73
C ILE H 20 -48.84 3.06 46.71
N SER H 21 -47.75 2.34 46.96
CA SER H 21 -46.54 2.44 46.14
C SER H 21 -46.31 1.15 45.37
N CYS H 22 -46.06 1.28 44.07
CA CYS H 22 -45.69 0.17 43.20
C CYS H 22 -44.27 0.39 42.69
N THR H 23 -43.46 -0.65 42.76
CA THR H 23 -42.06 -0.62 42.34
C THR H 23 -41.80 -1.72 41.32
N GLY H 24 -40.81 -1.50 40.47
CA GLY H 24 -40.48 -2.44 39.42
C GLY H 24 -38.99 -2.54 39.16
N THR H 25 -38.63 -2.99 37.96
CA THR H 25 -37.23 -3.17 37.60
C THR H 25 -36.62 -1.84 37.16
N SER H 26 -35.33 -1.88 36.81
CA SER H 26 -34.62 -0.68 36.38
C SER H 26 -34.98 -0.24 34.97
N SER H 27 -35.64 -1.10 34.18
CA SER H 27 -36.01 -0.77 32.82
C SER H 27 -37.45 -0.27 32.67
N ASP H 28 -38.33 -0.67 33.58
CA ASP H 28 -39.74 -0.28 33.50
C ASP H 28 -39.97 1.10 34.12
N VAL H 29 -39.56 1.27 35.38
CA VAL H 29 -39.78 2.50 36.14
C VAL H 29 -38.49 3.27 36.39
N GLY H 30 -37.34 2.73 35.98
CA GLY H 30 -36.08 3.37 36.31
C GLY H 30 -35.77 4.59 35.46
N SER H 31 -36.21 4.59 34.19
CA SER H 31 -35.87 5.66 33.27
C SER H 31 -37.04 6.07 32.38
N TYR H 32 -38.26 5.63 32.65
CA TYR H 32 -39.44 6.01 31.89
C TYR H 32 -40.43 6.69 32.82
N ASN H 33 -40.96 7.83 32.38
CA ASN H 33 -41.89 8.63 33.15
C ASN H 33 -43.34 8.37 32.75
N LEU H 34 -43.66 7.15 32.33
CA LEU H 34 -45.00 6.74 31.94
C LEU H 34 -45.51 5.75 32.97
N VAL H 35 -46.15 6.27 34.02
CA VAL H 35 -46.77 5.47 35.07
C VAL H 35 -48.22 5.94 35.20
N SER H 36 -49.16 5.00 35.21
CA SER H 36 -50.58 5.30 35.27
C SER H 36 -51.22 4.51 36.40
N TRP H 37 -52.29 5.08 36.94
CA TRP H 37 -53.09 4.45 37.98
C TRP H 37 -54.55 4.42 37.54
N TYR H 38 -55.13 3.21 37.54
CA TYR H 38 -56.52 2.98 37.22
C TYR H 38 -57.23 2.38 38.43
N GLN H 39 -58.55 2.57 38.49
CA GLN H 39 -59.38 1.92 39.50
C GLN H 39 -60.46 1.11 38.81
N GLN H 40 -60.97 0.10 39.52
CA GLN H 40 -61.93 -0.83 38.96
C GLN H 40 -62.77 -1.44 40.07
N HIS H 41 -64.08 -1.17 40.04
CA HIS H 41 -65.00 -1.92 40.88
C HIS H 41 -65.30 -3.27 40.22
N PRO H 42 -65.64 -4.30 41.00
CA PRO H 42 -66.00 -5.58 40.39
C PRO H 42 -67.27 -5.47 39.55
N GLY H 43 -67.27 -6.17 38.43
CA GLY H 43 -68.43 -6.22 37.55
C GLY H 43 -68.56 -5.11 36.54
N LYS H 44 -67.58 -4.20 36.46
CA LYS H 44 -67.61 -3.15 35.45
C LYS H 44 -66.19 -2.87 35.00
N ALA H 45 -66.08 -2.09 33.93
CA ALA H 45 -64.79 -1.79 33.34
C ALA H 45 -64.01 -0.80 34.19
N PRO H 46 -62.68 -0.77 34.07
CA PRO H 46 -61.89 0.23 34.80
C PRO H 46 -61.99 1.60 34.14
N LYS H 47 -61.41 2.59 34.82
CA LYS H 47 -61.32 3.94 34.28
C LYS H 47 -60.01 4.57 34.75
N LEU H 48 -59.54 5.54 33.98
CA LEU H 48 -58.29 6.21 34.31
C LEU H 48 -58.47 7.12 35.52
N MET H 49 -57.48 7.10 36.40
CA MET H 49 -57.43 8.00 37.56
C MET H 49 -56.25 8.95 37.50
N ILE H 50 -55.04 8.44 37.25
CA ILE H 50 -53.85 9.27 37.13
C ILE H 50 -53.05 8.79 35.93
N TYR H 51 -52.53 9.74 35.15
CA TYR H 51 -51.68 9.45 34.01
C TYR H 51 -50.46 10.36 34.03
N GLU H 52 -49.35 9.84 33.51
CA GLU H 52 -48.08 10.54 33.49
C GLU H 52 -47.65 10.95 34.90
N VAL H 53 -47.57 9.97 35.79
CA VAL H 53 -46.99 10.03 37.13
C VAL H 53 -47.67 11.06 38.05
N SER H 54 -47.87 12.30 37.58
CA SER H 54 -48.44 13.35 38.42
C SER H 54 -49.56 14.14 37.78
N LYS H 55 -49.78 14.05 36.47
CA LYS H 55 -50.86 14.80 35.86
C LYS H 55 -52.21 14.19 36.20
N ARG H 56 -53.26 14.99 36.01
CA ARG H 56 -54.63 14.62 36.38
C ARG H 56 -55.52 14.77 35.15
N PRO H 57 -56.32 13.77 34.78
CA PRO H 57 -57.25 13.95 33.66
C PRO H 57 -58.49 14.72 34.09
N SER H 58 -59.17 15.26 33.08
CA SER H 58 -60.41 15.99 33.34
C SER H 58 -61.49 15.03 33.82
N GLY H 59 -62.24 15.44 34.84
CA GLY H 59 -63.30 14.64 35.43
C GLY H 59 -62.95 14.04 36.78
N VAL H 60 -61.69 14.09 37.19
CA VAL H 60 -61.25 13.56 38.47
C VAL H 60 -60.94 14.73 39.40
N SER H 61 -61.44 14.67 40.62
CA SER H 61 -61.26 15.74 41.59
C SER H 61 -59.83 15.75 42.11
N ASN H 62 -59.55 16.65 43.05
CA ASN H 62 -58.22 16.83 43.61
C ASN H 62 -57.93 15.92 44.79
N ARG H 63 -58.68 14.81 44.93
CA ARG H 63 -58.44 13.88 46.02
C ARG H 63 -57.17 13.06 45.80
N PHE H 64 -56.82 12.79 44.55
CA PHE H 64 -55.70 11.93 44.21
C PHE H 64 -54.47 12.74 43.84
N SER H 65 -53.31 12.13 43.98
CA SER H 65 -52.03 12.76 43.65
C SER H 65 -51.12 11.68 43.09
N GLY H 66 -49.82 11.99 42.98
CA GLY H 66 -48.87 11.03 42.45
C GLY H 66 -47.45 11.45 42.77
N SER H 67 -46.53 10.51 42.56
CA SER H 67 -45.12 10.76 42.78
C SER H 67 -44.29 9.85 41.88
N LYS H 68 -43.01 10.18 41.74
CA LYS H 68 -42.10 9.43 40.89
C LYS H 68 -40.69 9.61 41.46
N SER H 69 -40.14 8.56 42.05
CA SER H 69 -38.83 8.60 42.67
C SER H 69 -38.13 7.27 42.47
N GLY H 70 -36.90 7.31 41.97
CA GLY H 70 -36.10 6.11 41.79
C GLY H 70 -36.74 5.08 40.89
N ASN H 71 -37.13 3.95 41.47
CA ASN H 71 -37.77 2.85 40.74
C ASN H 71 -39.14 2.51 41.34
N THR H 72 -39.83 3.51 41.89
CA THR H 72 -41.14 3.30 42.47
C THR H 72 -41.99 4.54 42.25
N ALA H 73 -43.32 4.33 42.23
CA ALA H 73 -44.28 5.41 42.08
C ALA H 73 -45.44 5.17 43.02
N SER H 74 -45.92 6.25 43.65
CA SER H 74 -46.93 6.16 44.70
C SER H 74 -48.15 6.99 44.35
N LEU H 75 -49.33 6.40 44.59
CA LEU H 75 -50.60 7.10 44.50
C LEU H 75 -51.03 7.46 45.92
N THR H 76 -51.22 8.75 46.16
CA THR H 76 -51.63 9.28 47.47
C THR H 76 -53.09 9.70 47.40
N ILE H 77 -53.91 9.17 48.30
CA ILE H 77 -55.33 9.47 48.37
C ILE H 77 -55.58 10.10 49.73
N SER H 78 -56.16 11.30 49.73
CA SER H 78 -56.48 12.04 50.94
C SER H 78 -57.99 12.15 51.08
N GLY H 79 -58.49 11.95 52.30
CA GLY H 79 -59.92 11.99 52.55
C GLY H 79 -60.64 10.78 52.01
N LEU H 80 -60.32 9.61 52.55
CA LEU H 80 -60.93 8.38 52.07
C LEU H 80 -62.42 8.33 52.40
N GLN H 81 -63.16 7.60 51.58
CA GLN H 81 -64.59 7.38 51.77
C GLN H 81 -64.89 5.90 51.56
N ALA H 82 -66.13 5.50 51.85
CA ALA H 82 -66.52 4.11 51.66
C ALA H 82 -66.63 3.74 50.18
N GLU H 83 -66.72 4.73 49.29
CA GLU H 83 -66.81 4.44 47.87
C GLU H 83 -65.49 3.99 47.28
N ASP H 84 -64.37 4.21 47.97
CA ASP H 84 -63.05 3.89 47.44
C ASP H 84 -62.70 2.41 47.57
N GLU H 85 -63.55 1.59 48.19
CA GLU H 85 -63.27 0.16 48.30
C GLU H 85 -63.42 -0.52 46.95
N ALA H 86 -62.30 -0.64 46.22
CA ALA H 86 -62.29 -1.27 44.91
C ALA H 86 -60.87 -1.71 44.62
N ASP H 87 -60.63 -2.15 43.38
CA ASP H 87 -59.32 -2.57 42.94
C ASP H 87 -58.57 -1.40 42.33
N TYR H 88 -57.26 -1.34 42.60
CA TYR H 88 -56.39 -0.31 42.04
C TYR H 88 -55.24 -0.99 41.30
N TYR H 89 -54.96 -0.50 40.09
CA TYR H 89 -53.93 -1.08 39.23
C TYR H 89 -52.93 -0.01 38.84
N CYS H 90 -51.64 -0.34 38.99
CA CYS H 90 -50.53 0.53 38.63
C CYS H 90 -49.86 -0.03 37.38
N CYS H 91 -49.97 0.71 36.28
CA CYS H 91 -49.46 0.30 34.98
C CYS H 91 -48.26 1.14 34.59
N SER H 92 -47.37 0.55 33.78
CA SER H 92 -46.15 1.23 33.38
C SER H 92 -45.73 0.75 32.00
N TYR H 93 -44.79 1.48 31.40
CA TYR H 93 -44.24 1.18 30.09
C TYR H 93 -42.89 0.50 30.27
N ALA H 94 -42.76 -0.73 29.76
CA ALA H 94 -41.61 -1.57 30.00
C ALA H 94 -40.59 -1.55 28.87
N GLY H 95 -40.76 -0.67 27.88
CA GLY H 95 -39.83 -0.58 26.78
C GLY H 95 -40.17 -1.55 25.65
N SER H 96 -39.57 -1.28 24.48
CA SER H 96 -39.78 -2.08 23.28
C SER H 96 -41.26 -2.12 22.90
N SER H 97 -41.96 -1.01 23.12
CA SER H 97 -43.38 -0.88 22.77
C SER H 97 -44.22 -1.95 23.49
N THR H 98 -43.91 -2.16 24.78
CA THR H 98 -44.64 -3.11 25.61
C THR H 98 -45.18 -2.39 26.84
N VAL H 99 -46.40 -2.77 27.24
CA VAL H 99 -47.08 -2.17 28.38
C VAL H 99 -47.31 -3.27 29.41
N ILE H 100 -46.96 -2.98 30.67
CA ILE H 100 -47.01 -3.95 31.76
C ILE H 100 -47.87 -3.39 32.89
N PHE H 101 -48.73 -4.23 33.44
CA PHE H 101 -49.63 -3.88 34.53
C PHE H 101 -49.08 -4.41 35.84
N GLY H 102 -49.64 -3.91 36.94
CA GLY H 102 -49.23 -4.32 38.27
C GLY H 102 -49.89 -5.61 38.71
N GLY H 103 -49.45 -6.10 39.87
CA GLY H 103 -50.00 -7.33 40.39
C GLY H 103 -51.46 -7.22 40.77
N GLY H 104 -51.84 -6.11 41.43
CA GLY H 104 -53.20 -5.89 41.87
C GLY H 104 -53.29 -5.58 43.36
N THR H 105 -54.14 -4.64 43.72
CA THR H 105 -54.34 -4.24 45.10
C THR H 105 -55.83 -4.03 45.36
N LYS H 106 -56.25 -4.29 46.59
CA LYS H 106 -57.64 -4.11 47.03
C LYS H 106 -57.63 -3.19 48.24
N LEU H 107 -58.20 -2.00 48.08
CA LEU H 107 -58.25 -1.04 49.17
C LEU H 107 -59.38 -1.39 50.12
N THR H 108 -59.09 -1.36 51.43
CA THR H 108 -60.05 -1.67 52.47
C THR H 108 -60.23 -0.46 53.37
N VAL H 109 -61.46 -0.22 53.80
CA VAL H 109 -61.81 0.88 54.70
C VAL H 109 -62.34 0.28 55.98
N LEU H 110 -61.73 0.64 57.10
CA LEU H 110 -62.12 0.11 58.41
C LEU H 110 -63.03 1.09 59.14
N GLU I 2 62.45 31.03 2.11
CA GLU I 2 61.41 31.84 2.79
C GLU I 2 60.56 30.99 3.71
N ASN I 3 60.05 31.59 4.78
CA ASN I 3 59.20 30.90 5.74
C ASN I 3 57.76 30.92 5.25
N LEU I 4 57.11 29.75 5.31
CA LEU I 4 55.76 29.57 4.84
C LEU I 4 54.85 29.15 6.00
N TRP I 5 53.57 29.48 5.87
CA TRP I 5 52.57 29.17 6.87
C TRP I 5 51.35 28.58 6.19
N VAL I 6 50.67 27.68 6.90
CA VAL I 6 49.47 27.03 6.35
C VAL I 6 48.31 28.02 6.35
N THR I 7 47.55 28.01 5.25
CA THR I 7 46.35 28.82 5.10
C THR I 7 45.25 27.96 4.51
N VAL I 8 44.05 28.05 5.07
CA VAL I 8 42.90 27.26 4.63
C VAL I 8 42.05 28.11 3.69
N TYR I 9 41.69 27.52 2.55
CA TYR I 9 40.86 28.15 1.54
C TYR I 9 39.55 27.38 1.41
N TYR I 10 38.45 28.12 1.33
CA TYR I 10 37.12 27.57 1.17
C TYR I 10 36.56 27.99 -0.18
N GLY I 11 35.72 27.11 -0.74
CA GLY I 11 35.21 27.32 -2.09
C GLY I 11 36.27 27.08 -3.13
N VAL I 12 36.83 25.88 -3.13
CA VAL I 12 37.94 25.49 -4.00
C VAL I 12 37.40 24.54 -5.06
N PRO I 13 37.66 24.75 -6.36
CA PRO I 13 37.15 23.81 -7.38
C PRO I 13 37.97 22.54 -7.45
N VAL I 14 37.75 21.63 -6.50
CA VAL I 14 38.36 20.31 -6.48
C VAL I 14 37.24 19.29 -6.35
N TRP I 15 37.26 18.27 -7.22
CA TRP I 15 36.20 17.28 -7.27
C TRP I 15 36.77 15.87 -7.30
N LYS I 16 35.98 14.92 -6.82
CA LYS I 16 36.34 13.51 -6.83
C LYS I 16 35.13 12.68 -7.26
N GLU I 17 35.41 11.51 -7.84
CA GLU I 17 34.34 10.61 -8.24
C GLU I 17 33.58 10.10 -7.02
N ALA I 18 32.26 10.06 -7.11
CA ALA I 18 31.42 9.63 -6.01
C ALA I 18 30.09 9.12 -6.56
N LYS I 19 29.27 8.59 -5.66
CA LYS I 19 27.98 8.00 -6.00
C LYS I 19 26.87 8.80 -5.32
N THR I 20 25.83 9.13 -6.08
CA THR I 20 24.70 9.87 -5.55
C THR I 20 23.48 9.63 -6.41
N THR I 21 22.32 9.96 -5.88
CA THR I 21 21.04 9.82 -6.57
C THR I 21 20.68 11.13 -7.24
N LEU I 22 20.50 11.10 -8.56
CA LEU I 22 20.18 12.30 -9.31
C LEU I 22 18.66 12.50 -9.37
N PHE I 23 18.26 13.67 -9.87
CA PHE I 23 16.86 14.04 -10.01
C PHE I 23 16.47 14.04 -11.48
N CYS I 24 15.29 13.50 -11.77
CA CYS I 24 14.73 13.54 -13.11
C CYS I 24 14.00 14.86 -13.32
N ALA I 25 14.03 15.35 -14.56
CA ALA I 25 13.40 16.61 -14.91
C ALA I 25 12.87 16.54 -16.33
N SER I 26 11.89 17.39 -16.62
CA SER I 26 11.26 17.46 -17.93
C SER I 26 10.95 18.90 -18.27
N ASP I 27 10.50 19.12 -19.50
CA ASP I 27 10.15 20.45 -19.96
C ASP I 27 8.79 20.87 -19.41
N ALA I 28 8.35 22.07 -19.77
CA ALA I 28 7.08 22.62 -19.29
C ALA I 28 5.94 22.06 -20.14
N ARG I 29 5.66 20.78 -19.93
CA ARG I 29 4.58 20.10 -20.64
C ARG I 29 3.26 20.38 -19.94
N ALA I 30 2.25 20.77 -20.73
CA ALA I 30 0.94 21.04 -20.18
C ALA I 30 0.23 19.74 -19.83
N TYR I 31 -0.66 19.81 -18.84
CA TYR I 31 -1.42 18.63 -18.43
C TYR I 31 -2.34 18.16 -19.55
N GLU I 32 -2.95 19.10 -20.29
CA GLU I 32 -3.81 18.80 -21.44
C GLU I 32 -4.99 17.97 -20.94
N LYS I 33 -5.19 16.76 -21.44
CA LYS I 33 -6.32 15.93 -21.03
C LYS I 33 -6.01 15.23 -19.71
N GLU I 34 -6.97 14.43 -19.24
CA GLU I 34 -6.77 13.66 -18.02
C GLU I 34 -5.66 12.62 -18.17
N VAL I 35 -5.45 12.12 -19.38
CA VAL I 35 -4.37 11.16 -19.64
C VAL I 35 -3.04 11.84 -19.38
N HIS I 36 -2.16 11.14 -18.64
CA HIS I 36 -0.83 11.64 -18.32
C HIS I 36 0.19 10.54 -18.57
N ASN I 37 1.42 10.96 -18.88
CA ASN I 37 2.47 10.00 -19.16
C ASN I 37 2.93 9.30 -17.89
N VAL I 38 3.50 8.12 -18.06
CA VAL I 38 3.95 7.33 -16.92
C VAL I 38 5.09 8.04 -16.19
N TRP I 39 6.02 8.64 -16.93
CA TRP I 39 7.24 9.22 -16.39
C TRP I 39 7.34 10.72 -16.73
N ALA I 40 6.26 11.45 -16.55
CA ALA I 40 6.28 12.90 -16.76
C ALA I 40 5.19 13.55 -15.93
N THR I 41 5.54 14.66 -15.28
CA THR I 41 4.59 15.46 -14.50
C THR I 41 4.01 14.69 -13.31
N HIS I 42 4.66 13.60 -12.89
CA HIS I 42 4.23 12.83 -11.72
C HIS I 42 5.37 12.48 -10.78
N ALA I 43 6.63 12.46 -11.25
CA ALA I 43 7.76 12.11 -10.41
C ALA I 43 9.00 12.97 -10.66
N CYS I 44 8.89 14.04 -11.45
CA CYS I 44 10.03 14.86 -11.81
C CYS I 44 9.67 16.33 -11.60
N VAL I 45 10.59 17.21 -11.99
CA VAL I 45 10.48 18.65 -11.72
C VAL I 45 10.71 19.41 -13.02
N PRO I 46 9.98 20.50 -13.30
CA PRO I 46 10.32 21.32 -14.47
C PRO I 46 11.70 21.93 -14.31
N THR I 47 12.42 22.04 -15.43
CA THR I 47 13.78 22.55 -15.48
C THR I 47 13.81 23.84 -16.29
N ASP I 48 15.01 24.44 -16.34
CA ASP I 48 15.25 25.69 -17.07
C ASP I 48 16.59 25.58 -17.77
N PRO I 49 16.66 25.69 -19.12
CA PRO I 49 17.96 25.56 -19.79
C PRO I 49 18.80 26.83 -19.79
N SER I 50 18.45 27.80 -18.94
CA SER I 50 19.21 29.04 -18.88
C SER I 50 20.69 28.82 -18.57
N PRO I 51 21.09 28.05 -17.57
CA PRO I 51 22.52 27.76 -17.41
C PRO I 51 23.04 26.92 -18.57
N GLN I 52 24.25 27.24 -19.01
CA GLN I 52 24.89 26.59 -20.14
C GLN I 52 26.05 25.72 -19.66
N GLU I 53 26.56 24.90 -20.58
CA GLU I 53 27.70 24.04 -20.29
C GLU I 53 28.98 24.87 -20.41
N LEU I 54 29.63 25.13 -19.29
CA LEU I 54 30.83 25.95 -19.28
C LEU I 54 32.06 25.06 -19.53
N VAL I 55 32.81 25.37 -20.57
CA VAL I 55 33.92 24.52 -21.00
C VAL I 55 35.17 24.86 -20.20
N LEU I 56 35.81 23.84 -19.65
CA LEU I 56 37.08 23.99 -18.93
C LEU I 56 38.20 23.66 -19.90
N GLY I 57 38.98 24.69 -20.27
CA GLY I 57 39.99 24.55 -21.30
C GLY I 57 41.35 24.09 -20.86
N ASN I 58 41.54 23.74 -19.58
CA ASN I 58 42.83 23.31 -19.07
C ASN I 58 42.72 22.13 -18.11
N VAL I 59 41.71 21.28 -18.28
CA VAL I 59 41.50 20.11 -17.43
C VAL I 59 41.59 18.86 -18.29
N THR I 60 42.12 17.79 -17.69
CA THR I 60 42.23 16.48 -18.32
C THR I 60 41.61 15.46 -17.36
N GLU I 61 40.32 15.18 -17.56
CA GLU I 61 39.54 14.29 -16.71
C GLU I 61 39.32 12.96 -17.42
N ASN I 62 39.61 11.87 -16.72
CA ASN I 62 39.38 10.54 -17.27
C ASN I 62 37.91 10.18 -17.15
N PHE I 63 37.38 9.55 -18.20
CA PHE I 63 35.99 9.14 -18.27
C PHE I 63 35.89 7.64 -18.52
N ASN I 64 34.86 7.03 -17.93
CA ASN I 64 34.58 5.62 -18.12
C ASN I 64 33.10 5.44 -18.44
N MET I 65 32.82 4.46 -19.30
CA MET I 65 31.46 4.19 -19.77
C MET I 65 30.85 2.96 -19.13
N TRP I 66 31.56 1.82 -19.17
CA TRP I 66 30.98 0.57 -18.70
C TRP I 66 30.90 0.50 -17.19
N LYS I 67 31.85 1.12 -16.48
CA LYS I 67 31.83 1.17 -15.02
C LYS I 67 31.19 2.50 -14.61
N ASN I 68 29.86 2.51 -14.64
CA ASN I 68 29.11 3.71 -14.29
C ASN I 68 27.78 3.28 -13.69
N ASP I 69 27.47 3.80 -12.50
CA ASP I 69 26.24 3.48 -11.80
C ASP I 69 25.08 4.40 -12.20
N MET I 70 25.33 5.43 -13.01
CA MET I 70 24.26 6.31 -13.43
C MET I 70 23.22 5.56 -14.27
N VAL I 71 23.67 4.71 -15.18
CA VAL I 71 22.73 3.92 -15.98
C VAL I 71 21.99 2.92 -15.10
N ASP I 72 22.67 2.35 -14.11
CA ASP I 72 22.01 1.44 -13.19
C ASP I 72 20.94 2.17 -12.38
N GLN I 73 21.25 3.39 -11.94
CA GLN I 73 20.27 4.19 -11.21
C GLN I 73 19.08 4.54 -12.09
N MET I 74 19.34 4.86 -13.37
CA MET I 74 18.25 5.13 -14.30
C MET I 74 17.37 3.89 -14.48
N HIS I 75 18.00 2.72 -14.62
CA HIS I 75 17.23 1.49 -14.78
C HIS I 75 16.38 1.22 -13.54
N GLU I 76 16.95 1.42 -12.35
CA GLU I 76 16.19 1.21 -11.12
C GLU I 76 15.02 2.19 -11.03
N ASP I 77 15.24 3.45 -11.40
CA ASP I 77 14.16 4.43 -11.36
C ASP I 77 13.06 4.06 -12.34
N ILE I 78 13.42 3.62 -13.55
CA ILE I 78 12.42 3.24 -14.53
C ILE I 78 11.63 2.03 -14.04
N ILE I 79 12.31 1.05 -13.44
CA ILE I 79 11.62 -0.11 -12.90
C ILE I 79 10.65 0.29 -11.79
N SER I 80 11.10 1.19 -10.90
CA SER I 80 10.23 1.64 -9.82
C SER I 80 9.01 2.37 -10.37
N LEU I 81 9.20 3.23 -11.37
CA LEU I 81 8.08 3.96 -11.95
C LEU I 81 7.11 3.00 -12.63
N TRP I 82 7.62 2.00 -13.36
CA TRP I 82 6.74 1.04 -14.00
C TRP I 82 5.97 0.21 -12.98
N ASP I 83 6.62 -0.19 -11.90
CA ASP I 83 5.91 -0.92 -10.84
C ASP I 83 4.84 -0.05 -10.21
N GLN I 84 5.13 1.23 -9.97
CA GLN I 84 4.15 2.12 -9.39
C GLN I 84 2.96 2.32 -10.33
N SER I 85 3.22 2.43 -11.63
CA SER I 85 2.14 2.71 -12.58
C SER I 85 1.15 1.57 -12.68
N LEU I 86 1.61 0.33 -12.49
CA LEU I 86 0.74 -0.83 -12.62
C LEU I 86 -0.08 -1.12 -11.38
N LYS I 87 0.13 -0.39 -10.28
CA LYS I 87 -0.64 -0.66 -9.07
C LYS I 87 -2.09 -0.22 -9.20
N PRO I 88 -2.42 1.04 -9.51
CA PRO I 88 -3.84 1.45 -9.49
C PRO I 88 -4.69 0.83 -10.58
N CYS I 89 -4.08 0.26 -11.63
CA CYS I 89 -4.86 -0.31 -12.72
C CYS I 89 -5.50 -1.63 -12.28
N VAL I 90 -6.42 -2.13 -13.09
CA VAL I 90 -7.23 -3.28 -12.69
C VAL I 90 -6.36 -4.53 -12.60
N LYS I 91 -6.77 -5.45 -11.72
CA LYS I 91 -6.08 -6.71 -11.52
C LYS I 91 -6.65 -7.84 -12.39
N LEU I 92 -7.69 -7.57 -13.17
CA LEU I 92 -8.36 -8.58 -13.99
C LEU I 92 -8.86 -9.73 -13.10
N THR I 93 -8.26 -10.94 -13.23
CA THR I 93 -8.54 -12.20 -12.52
C THR I 93 -9.30 -13.18 -13.41
N PRO I 94 -10.64 -13.07 -13.58
CA PRO I 94 -11.39 -14.25 -14.02
C PRO I 94 -11.28 -14.57 -15.51
N LEU I 95 -10.35 -13.93 -16.22
CA LEU I 95 -10.33 -14.08 -17.67
C LEU I 95 -9.90 -15.49 -18.09
N CYS I 96 -8.85 -16.04 -17.49
CA CYS I 96 -8.33 -17.33 -17.95
C CYS I 96 -9.29 -18.42 -17.47
N VAL I 97 -10.12 -18.92 -18.38
CA VAL I 97 -11.05 -20.01 -18.11
C VAL I 97 -10.99 -20.97 -19.30
N THR I 98 -11.84 -21.98 -19.30
CA THR I 98 -11.89 -22.93 -20.40
C THR I 98 -12.44 -22.21 -21.63
N LEU I 99 -11.55 -21.45 -22.28
CA LEU I 99 -11.93 -20.72 -23.47
C LEU I 99 -12.31 -21.69 -24.59
N ILE I 100 -13.38 -21.37 -25.31
CA ILE I 100 -13.82 -22.15 -26.46
C ILE I 100 -13.50 -21.32 -27.70
N CYS I 101 -12.44 -21.69 -28.42
CA CYS I 101 -11.97 -20.93 -29.57
C CYS I 101 -12.37 -21.62 -30.87
N SER I 102 -12.81 -20.82 -31.83
CA SER I 102 -13.31 -21.32 -33.11
C SER I 102 -12.65 -20.56 -34.25
N ASN I 103 -12.69 -21.18 -35.44
CA ASN I 103 -12.13 -20.55 -36.63
C ASN I 103 -12.87 -19.26 -36.99
N ALA I 104 -14.19 -19.23 -36.76
CA ALA I 104 -14.99 -18.04 -36.99
C ALA I 104 -14.97 -17.61 -38.45
N THR I 105 -15.32 -16.36 -38.73
CA THR I 105 -15.41 -15.89 -40.11
C THR I 105 -14.04 -15.78 -40.78
N VAL I 106 -12.96 -15.67 -40.00
CA VAL I 106 -11.64 -15.54 -40.60
C VAL I 106 -11.18 -16.91 -41.10
N LYS I 107 -10.58 -16.92 -42.29
CA LYS I 107 -10.24 -18.14 -43.00
C LYS I 107 -8.72 -18.22 -43.18
N ASN I 108 -8.27 -19.25 -43.89
CA ASN I 108 -6.85 -19.52 -44.03
C ASN I 108 -6.14 -18.39 -44.78
N GLY I 109 -4.90 -18.14 -44.39
CA GLY I 109 -4.09 -17.12 -45.04
C GLY I 109 -2.70 -17.11 -44.46
N THR I 110 -1.84 -16.31 -45.09
CA THR I 110 -0.46 -16.18 -44.63
C THR I 110 -0.33 -15.24 -43.43
N VAL I 111 -1.40 -14.52 -43.07
CA VAL I 111 -1.33 -13.63 -41.92
C VAL I 111 -1.32 -14.44 -40.63
N GLU I 112 -0.83 -13.81 -39.56
CA GLU I 112 -0.79 -14.48 -38.26
C GLU I 112 -2.19 -14.77 -37.75
N GLU I 113 -3.17 -13.95 -38.12
CA GLU I 113 -4.58 -14.21 -37.82
C GLU I 113 -4.86 -14.14 -36.32
N MET I 114 -6.14 -14.18 -35.96
CA MET I 114 -6.58 -14.17 -34.57
C MET I 114 -7.59 -15.28 -34.36
N LYS I 115 -7.76 -15.69 -33.11
CA LYS I 115 -8.71 -16.73 -32.71
C LYS I 115 -9.87 -16.09 -31.97
N ASN I 116 -11.09 -16.42 -32.38
CA ASN I 116 -12.31 -15.95 -31.73
C ASN I 116 -12.67 -16.93 -30.63
N CYS I 117 -12.52 -16.50 -29.37
CA CYS I 117 -12.73 -17.35 -28.22
C CYS I 117 -13.87 -16.81 -27.38
N SER I 118 -14.82 -17.69 -27.06
CA SER I 118 -15.94 -17.40 -26.18
C SER I 118 -15.69 -18.01 -24.80
N PHE I 119 -16.17 -17.31 -23.78
CA PHE I 119 -15.96 -17.74 -22.40
C PHE I 119 -17.03 -17.12 -21.52
N ASN I 120 -17.15 -17.69 -20.31
CA ASN I 120 -18.10 -17.20 -19.33
C ASN I 120 -17.45 -16.15 -18.45
N THR I 121 -18.11 -15.01 -18.31
CA THR I 121 -17.63 -13.89 -17.51
C THR I 121 -18.63 -13.55 -16.43
N THR I 122 -18.12 -13.11 -15.28
CA THR I 122 -18.98 -12.70 -14.18
C THR I 122 -19.59 -11.34 -14.50
N THR I 123 -20.92 -11.27 -14.43
CA THR I 123 -21.62 -10.04 -14.73
C THR I 123 -21.57 -9.09 -13.54
N GLU I 124 -22.37 -8.02 -13.58
CA GLU I 124 -22.43 -7.09 -12.46
C GLU I 124 -22.85 -7.80 -11.18
N ILE I 125 -23.68 -8.82 -11.29
CA ILE I 125 -23.94 -9.72 -10.17
C ILE I 125 -22.74 -10.64 -10.03
N ARG I 126 -22.18 -10.69 -8.82
CA ARG I 126 -20.97 -11.47 -8.57
C ARG I 126 -21.23 -12.94 -8.32
N ASP I 127 -22.50 -13.37 -8.28
CA ASP I 127 -22.88 -14.77 -8.19
C ASP I 127 -23.69 -15.18 -9.42
N LYS I 128 -23.34 -14.62 -10.58
CA LYS I 128 -24.02 -14.90 -11.83
C LYS I 128 -23.03 -14.74 -12.97
N GLU I 129 -23.24 -15.50 -14.04
CA GLU I 129 -22.32 -15.53 -15.17
C GLU I 129 -23.10 -15.34 -16.47
N LYS I 130 -22.42 -14.79 -17.47
CA LYS I 130 -22.96 -14.63 -18.81
C LYS I 130 -21.88 -15.02 -19.81
N LYS I 131 -22.26 -15.06 -21.09
CA LYS I 131 -21.37 -15.48 -22.16
C LYS I 131 -20.84 -14.26 -22.91
N GLU I 132 -19.53 -14.24 -23.15
CA GLU I 132 -18.90 -13.16 -23.90
C GLU I 132 -17.88 -13.79 -24.84
N TYR I 133 -17.36 -12.97 -25.77
CA TYR I 133 -16.39 -13.45 -26.75
C TYR I 133 -15.39 -12.34 -27.04
N ALA I 134 -14.22 -12.75 -27.51
CA ALA I 134 -13.17 -11.80 -27.86
C ALA I 134 -12.18 -12.45 -28.81
N LEU I 135 -11.45 -11.60 -29.54
CA LEU I 135 -10.41 -12.03 -30.45
C LEU I 135 -9.06 -11.94 -29.76
N PHE I 136 -8.29 -13.03 -29.81
CA PHE I 136 -6.99 -13.11 -29.17
C PHE I 136 -5.93 -13.55 -30.17
N TYR I 137 -4.70 -13.08 -29.95
CA TYR I 137 -3.59 -13.47 -30.79
C TYR I 137 -3.13 -14.88 -30.45
N LYS I 138 -2.59 -15.56 -31.46
CA LYS I 138 -2.15 -16.94 -31.26
C LYS I 138 -1.07 -17.09 -30.20
N PRO I 139 -0.03 -16.25 -30.14
CA PRO I 139 0.96 -16.38 -29.04
C PRO I 139 0.35 -16.23 -27.66
N ASP I 140 -0.78 -15.52 -27.53
CA ASP I 140 -1.45 -15.35 -26.25
C ASP I 140 -2.38 -16.50 -25.91
N ILE I 141 -2.49 -17.51 -26.77
CA ILE I 141 -3.38 -18.65 -26.58
C ILE I 141 -2.55 -19.92 -26.56
N VAL I 142 -2.81 -20.79 -25.58
CA VAL I 142 -2.09 -22.05 -25.42
C VAL I 142 -3.13 -23.16 -25.25
N PRO I 143 -2.88 -24.39 -25.72
CA PRO I 143 -3.81 -25.48 -25.40
C PRO I 143 -3.89 -25.73 -23.91
N LEU I 144 -5.10 -26.07 -23.45
CA LEU I 144 -5.33 -26.23 -22.01
C LEU I 144 -4.56 -27.42 -21.46
N SER I 145 -4.63 -28.57 -22.13
CA SER I 145 -4.05 -29.81 -21.64
C SER I 145 -3.36 -30.53 -22.78
N GLU I 146 -2.47 -31.46 -22.41
CA GLU I 146 -1.74 -32.25 -23.40
C GLU I 146 -2.66 -33.15 -24.22
N THR I 147 -3.86 -33.44 -23.73
CA THR I 147 -4.79 -34.27 -24.48
C THR I 147 -5.22 -33.56 -25.77
N ASN I 148 -5.58 -34.37 -26.76
CA ASN I 148 -5.95 -33.86 -28.08
C ASN I 148 -7.31 -33.18 -27.99
N ASN I 149 -7.32 -31.85 -28.09
CA ASN I 149 -8.56 -31.08 -28.08
C ASN I 149 -8.30 -29.77 -28.81
N THR I 150 -8.94 -29.59 -29.96
CA THR I 150 -8.71 -28.43 -30.82
C THR I 150 -9.73 -27.31 -30.58
N SER I 151 -10.59 -27.44 -29.57
CA SER I 151 -11.61 -26.44 -29.27
C SER I 151 -11.45 -25.76 -27.92
N GLU I 152 -10.77 -26.40 -26.97
CA GLU I 152 -10.59 -25.85 -25.63
C GLU I 152 -9.19 -25.28 -25.49
N TYR I 153 -9.09 -24.03 -25.05
CA TYR I 153 -7.82 -23.33 -24.97
C TYR I 153 -7.72 -22.52 -23.69
N ARG I 154 -6.61 -21.79 -23.51
CA ARG I 154 -6.33 -21.09 -22.27
C ARG I 154 -5.42 -19.92 -22.60
N LEU I 155 -5.39 -18.93 -21.72
CA LEU I 155 -4.39 -17.88 -21.83
C LEU I 155 -3.00 -18.42 -21.51
N ILE I 156 -1.98 -17.74 -22.04
CA ILE I 156 -0.61 -18.11 -21.76
C ILE I 156 -0.24 -17.90 -20.29
N ASN I 157 -1.02 -17.12 -19.56
CA ASN I 157 -0.76 -16.80 -18.17
C ASN I 157 -1.43 -17.85 -17.27
N CYS I 158 -1.54 -17.53 -15.98
CA CYS I 158 -2.19 -18.33 -14.94
C CYS I 158 -1.39 -19.58 -14.58
N ASN I 159 -0.20 -19.77 -15.15
CA ASN I 159 0.82 -20.66 -14.61
C ASN I 159 1.92 -19.91 -13.89
N THR I 160 2.04 -18.61 -14.12
CA THR I 160 3.00 -17.73 -13.48
C THR I 160 2.23 -16.67 -12.69
N SER I 161 2.95 -15.65 -12.21
CA SER I 161 2.33 -14.59 -11.42
C SER I 161 1.21 -13.91 -12.20
N ALA I 162 0.32 -13.27 -11.44
CA ALA I 162 -0.87 -12.67 -12.03
C ALA I 162 -0.52 -11.51 -12.95
N CYS I 163 -1.50 -11.11 -13.75
CA CYS I 163 -1.34 -10.09 -14.77
C CYS I 163 -2.25 -8.90 -14.48
N THR I 164 -1.73 -7.70 -14.71
CA THR I 164 -2.46 -6.45 -14.51
C THR I 164 -2.59 -5.75 -15.85
N GLN I 165 -3.83 -5.43 -16.24
CA GLN I 165 -4.05 -4.70 -17.48
C GLN I 165 -3.54 -3.28 -17.35
N ALA I 166 -2.88 -2.80 -18.40
CA ALA I 166 -2.42 -1.42 -18.42
C ALA I 166 -3.62 -0.48 -18.47
N CYS I 167 -3.53 0.62 -17.72
CA CYS I 167 -4.61 1.59 -17.71
C CYS I 167 -4.78 2.20 -19.11
N PRO I 168 -6.00 2.44 -19.56
CA PRO I 168 -6.17 3.16 -20.84
C PRO I 168 -5.92 4.65 -20.74
N LYS I 169 -5.80 5.20 -19.53
CA LYS I 169 -5.59 6.62 -19.33
C LYS I 169 -4.12 6.97 -19.09
N VAL I 170 -3.20 6.12 -19.53
CA VAL I 170 -1.77 6.40 -19.48
C VAL I 170 -1.17 6.06 -20.84
N THR I 171 -0.10 6.77 -21.20
CA THR I 171 0.55 6.65 -22.49
C THR I 171 2.01 6.25 -22.32
N PHE I 172 2.52 5.46 -23.26
CA PHE I 172 3.90 4.99 -23.26
C PHE I 172 4.78 5.78 -24.22
N GLU I 173 4.52 7.08 -24.37
CA GLU I 173 5.31 7.93 -25.26
C GLU I 173 6.69 8.16 -24.65
N PRO I 174 7.80 7.77 -25.32
CA PRO I 174 9.12 8.09 -24.72
C PRO I 174 9.50 9.56 -24.84
N ILE I 175 8.92 10.37 -23.97
CA ILE I 175 9.24 11.80 -23.93
C ILE I 175 10.66 11.97 -23.38
N PRO I 176 11.42 12.97 -23.83
CA PRO I 176 12.79 13.13 -23.32
C PRO I 176 12.79 13.57 -21.86
N ILE I 177 13.84 13.16 -21.16
CA ILE I 177 14.04 13.51 -19.76
C ILE I 177 15.47 13.94 -19.56
N HIS I 178 15.69 14.69 -18.47
CA HIS I 178 17.01 15.19 -18.10
C HIS I 178 17.35 14.72 -16.69
N TYR I 179 18.64 14.53 -16.43
CA TYR I 179 19.14 14.14 -15.12
C TYR I 179 19.99 15.28 -14.57
N CYS I 180 19.64 15.76 -13.37
CA CYS I 180 20.32 16.86 -12.72
C CYS I 180 20.92 16.37 -11.41
N ALA I 181 22.16 16.78 -11.12
CA ALA I 181 22.81 16.38 -9.89
C ALA I 181 22.27 17.21 -8.73
N PRO I 182 22.27 16.67 -7.49
CA PRO I 182 21.84 17.49 -6.35
C PRO I 182 22.85 18.56 -5.98
N ALA I 183 22.56 19.33 -4.94
CA ALA I 183 23.49 20.35 -4.48
C ALA I 183 24.78 19.70 -3.98
N GLY I 184 25.90 20.36 -4.24
CA GLY I 184 27.21 19.86 -3.85
C GLY I 184 27.84 18.91 -4.85
N TYR I 185 27.15 18.58 -5.93
CA TYR I 185 27.65 17.70 -6.97
C TYR I 185 27.68 18.44 -8.30
N ALA I 186 28.37 17.85 -9.28
CA ALA I 186 28.52 18.45 -10.60
C ALA I 186 28.51 17.36 -11.65
N ILE I 187 28.15 17.75 -12.87
CA ILE I 187 28.09 16.86 -14.02
C ILE I 187 29.11 17.37 -15.05
N LEU I 188 30.01 16.49 -15.46
CA LEU I 188 31.03 16.79 -16.47
C LEU I 188 30.70 16.03 -17.75
N LYS I 189 30.69 16.75 -18.87
CA LYS I 189 30.37 16.21 -20.19
C LYS I 189 31.59 16.34 -21.07
N CYS I 190 31.93 15.26 -21.77
CA CYS I 190 33.05 15.26 -22.70
C CYS I 190 32.55 15.66 -24.09
N ASN I 191 33.06 16.77 -24.61
CA ASN I 191 32.65 17.29 -25.90
C ASN I 191 33.44 16.70 -27.06
N ASP I 192 34.45 15.88 -26.80
CA ASP I 192 35.21 15.26 -27.87
C ASP I 192 34.35 14.30 -28.67
N GLU I 193 34.48 14.34 -29.99
CA GLU I 193 33.72 13.47 -30.88
C GLU I 193 34.43 12.16 -31.19
N THR I 194 35.67 11.99 -30.72
CA THR I 194 36.45 10.78 -30.95
C THR I 194 36.57 9.94 -29.69
N PHE I 195 35.54 9.97 -28.83
CA PHE I 195 35.56 9.23 -27.58
C PHE I 195 35.24 7.76 -27.86
N ASN I 196 36.18 6.88 -27.56
CA ASN I 196 36.04 5.45 -27.82
C ASN I 196 35.48 4.67 -26.64
N GLY I 197 35.10 5.35 -25.55
CA GLY I 197 34.53 4.70 -24.39
C GLY I 197 35.34 4.94 -23.13
N THR I 198 36.66 5.02 -23.26
CA THR I 198 37.56 5.24 -22.14
C THR I 198 38.67 6.20 -22.53
N GLY I 199 39.57 6.49 -21.59
CA GLY I 199 40.68 7.38 -21.83
C GLY I 199 40.36 8.82 -21.45
N PRO I 200 41.38 9.67 -21.44
CA PRO I 200 41.17 11.06 -21.02
C PRO I 200 40.38 11.85 -22.06
N CYS I 201 39.72 12.89 -21.58
CA CYS I 201 38.95 13.82 -22.40
C CYS I 201 39.64 15.17 -22.40
N SER I 202 39.93 15.69 -23.59
CA SER I 202 40.61 16.97 -23.73
C SER I 202 39.65 18.16 -23.79
N ASN I 203 38.34 17.93 -23.85
CA ASN I 203 37.33 18.99 -23.92
C ASN I 203 36.21 18.61 -22.97
N VAL I 204 36.29 19.10 -21.74
CA VAL I 204 35.31 18.81 -20.68
C VAL I 204 34.52 20.08 -20.41
N SER I 205 33.25 19.90 -20.05
CA SER I 205 32.37 21.03 -19.73
C SER I 205 31.50 20.68 -18.53
N THR I 206 31.37 21.63 -17.62
CA THR I 206 30.49 21.49 -16.46
C THR I 206 29.08 21.91 -16.87
N VAL I 207 28.10 21.04 -16.64
CA VAL I 207 26.72 21.29 -17.03
C VAL I 207 25.80 21.03 -15.84
N GLN I 208 24.72 21.80 -15.77
CA GLN I 208 23.76 21.66 -14.69
C GLN I 208 22.97 20.37 -14.80
N CYS I 209 22.49 20.06 -16.01
CA CYS I 209 21.66 18.88 -16.25
C CYS I 209 22.05 18.26 -17.58
N THR I 210 21.68 16.99 -17.74
CA THR I 210 21.92 16.28 -18.99
C THR I 210 20.90 16.71 -20.05
N HIS I 211 21.14 16.26 -21.28
CA HIS I 211 20.25 16.59 -22.39
C HIS I 211 19.04 15.67 -22.36
N GLY I 212 18.17 15.78 -23.36
CA GLY I 212 16.98 14.96 -23.41
C GLY I 212 17.34 13.50 -23.64
N ILE I 213 16.92 12.64 -22.72
CA ILE I 213 17.18 11.20 -22.79
C ILE I 213 15.88 10.51 -23.18
N ARG I 214 15.91 9.79 -24.30
CA ARG I 214 14.73 9.13 -24.82
C ARG I 214 14.65 7.70 -24.27
N PRO I 215 13.65 7.36 -23.44
CA PRO I 215 13.53 5.96 -22.96
C PRO I 215 12.77 5.07 -23.94
N VAL I 216 13.39 4.80 -25.09
CA VAL I 216 12.78 3.96 -26.11
C VAL I 216 13.12 2.50 -25.82
N VAL I 217 12.13 1.64 -25.87
CA VAL I 217 12.31 0.21 -25.60
C VAL I 217 12.63 -0.50 -26.91
N SER I 218 13.84 -1.05 -27.00
CA SER I 218 14.26 -1.80 -28.19
C SER I 218 15.34 -2.78 -27.78
N THR I 219 15.51 -3.82 -28.60
CA THR I 219 16.46 -4.89 -28.34
C THR I 219 17.57 -4.95 -29.38
N GLN I 220 17.23 -5.02 -30.66
CA GLN I 220 18.24 -5.16 -31.71
C GLN I 220 18.76 -3.82 -32.20
N LEU I 221 17.87 -2.84 -32.39
CA LEU I 221 18.21 -1.53 -32.93
C LEU I 221 17.96 -0.45 -31.88
N LEU I 222 18.41 0.77 -32.19
CA LEU I 222 18.19 1.94 -31.36
C LEU I 222 17.36 2.94 -32.15
N LEU I 223 16.21 3.33 -31.61
CA LEU I 223 15.26 4.20 -32.27
C LEU I 223 15.17 5.53 -31.56
N ASN I 224 15.13 6.61 -32.33
CA ASN I 224 14.98 7.97 -31.80
C ASN I 224 16.10 8.30 -30.82
N GLY I 225 17.30 7.81 -31.09
CA GLY I 225 18.47 8.11 -30.30
C GLY I 225 19.18 9.35 -30.78
N SER I 226 20.33 9.62 -30.16
CA SER I 226 21.17 10.73 -30.54
C SER I 226 22.02 10.36 -31.75
N LEU I 227 22.55 11.39 -32.41
CA LEU I 227 23.38 11.23 -33.59
C LEU I 227 24.82 11.62 -33.30
N ALA I 228 25.76 10.93 -33.94
CA ALA I 228 27.16 11.23 -33.77
C ALA I 228 27.50 12.55 -34.45
N GLU I 229 28.64 13.13 -34.06
CA GLU I 229 29.03 14.45 -34.56
C GLU I 229 29.59 14.37 -35.97
N LYS I 230 30.60 13.51 -36.18
CA LYS I 230 31.34 13.47 -37.43
C LYS I 230 31.19 12.14 -38.16
N GLU I 231 31.43 11.02 -37.49
CA GLU I 231 31.42 9.71 -38.15
C GLU I 231 30.82 8.67 -37.24
N ILE I 232 30.61 7.47 -37.81
CA ILE I 232 30.12 6.33 -37.04
C ILE I 232 31.20 5.92 -36.05
N VAL I 233 30.82 5.73 -34.79
CA VAL I 233 31.77 5.43 -33.72
C VAL I 233 31.38 4.09 -33.08
N ILE I 234 32.37 3.22 -32.89
CA ILE I 234 32.18 1.87 -32.38
C ILE I 234 32.67 1.82 -30.94
N ARG I 235 31.83 1.28 -30.06
CA ARG I 235 32.12 1.18 -28.63
C ARG I 235 32.03 -0.27 -28.18
N SER I 236 32.93 -0.67 -27.29
CA SER I 236 32.93 -2.04 -26.77
C SER I 236 33.82 -2.09 -25.55
N GLU I 237 33.41 -2.89 -24.56
CA GLU I 237 34.21 -3.07 -23.36
C GLU I 237 35.55 -3.72 -23.68
N ASN I 238 35.53 -4.75 -24.53
CA ASN I 238 36.76 -5.41 -24.95
C ASN I 238 36.47 -6.19 -26.22
N LEU I 239 37.15 -5.84 -27.32
CA LEU I 239 36.92 -6.51 -28.58
C LEU I 239 37.37 -7.97 -28.56
N THR I 240 38.36 -8.30 -27.74
CA THR I 240 38.84 -9.68 -27.69
C THR I 240 37.75 -10.62 -27.17
N ASN I 241 37.00 -10.19 -26.15
CA ASN I 241 35.95 -11.02 -25.58
C ASN I 241 34.73 -10.99 -26.48
N ASN I 242 34.36 -12.15 -27.03
CA ASN I 242 33.18 -12.27 -27.88
C ASN I 242 31.89 -12.31 -27.10
N ALA I 243 31.93 -12.61 -25.80
CA ALA I 243 30.71 -12.64 -24.99
C ALA I 243 30.12 -11.26 -24.77
N LYS I 244 30.92 -10.20 -24.91
CA LYS I 244 30.43 -8.86 -24.69
C LYS I 244 29.55 -8.40 -25.86
N ILE I 245 28.95 -7.23 -25.69
CA ILE I 245 28.04 -6.64 -26.67
C ILE I 245 28.70 -5.39 -27.24
N ILE I 246 28.73 -5.28 -28.57
CA ILE I 246 29.43 -4.21 -29.26
C ILE I 246 28.39 -3.23 -29.82
N ILE I 247 28.52 -1.96 -29.47
CA ILE I 247 27.58 -0.91 -29.84
C ILE I 247 28.17 -0.13 -31.00
N VAL I 248 27.34 0.23 -31.97
CA VAL I 248 27.73 1.05 -33.10
C VAL I 248 26.79 2.25 -33.14
N HIS I 249 27.36 3.45 -32.97
CA HIS I 249 26.60 4.69 -32.97
C HIS I 249 26.74 5.34 -34.34
N LEU I 250 25.62 5.44 -35.05
CA LEU I 250 25.60 5.94 -36.42
C LEU I 250 25.77 7.46 -36.46
N HIS I 251 26.12 7.95 -37.64
CA HIS I 251 26.23 9.37 -37.91
C HIS I 251 24.99 9.94 -38.60
N THR I 252 24.39 9.17 -39.51
CA THR I 252 23.18 9.56 -40.23
C THR I 252 22.03 8.64 -39.85
N PRO I 253 20.86 9.14 -39.50
CA PRO I 253 19.75 8.24 -39.17
C PRO I 253 19.21 7.53 -40.39
N VAL I 254 18.54 6.40 -40.16
CA VAL I 254 17.88 5.64 -41.20
C VAL I 254 16.38 5.66 -40.93
N GLU I 255 15.61 6.14 -41.91
CA GLU I 255 14.16 6.24 -41.74
C GLU I 255 13.54 4.85 -41.75
N ILE I 256 12.66 4.59 -40.79
CA ILE I 256 11.94 3.32 -40.68
C ILE I 256 10.46 3.62 -40.50
N VAL I 257 9.61 2.91 -41.22
CA VAL I 257 8.16 3.15 -41.19
C VAL I 257 7.46 1.82 -40.94
N CYS I 258 6.87 1.66 -39.76
CA CYS I 258 6.10 0.48 -39.43
C CYS I 258 4.61 0.80 -39.48
N THR I 259 3.80 -0.21 -39.75
CA THR I 259 2.36 0.00 -39.90
C THR I 259 1.60 -1.29 -39.64
N ARG I 260 0.39 -1.13 -39.12
CA ARG I 260 -0.57 -2.22 -38.93
C ARG I 260 -1.81 -1.90 -39.76
N PRO I 261 -1.92 -2.42 -40.99
CA PRO I 261 -3.07 -2.06 -41.83
C PRO I 261 -4.42 -2.53 -41.29
N ASN I 262 -4.44 -3.48 -40.35
CA ASN I 262 -5.70 -4.00 -39.84
C ASN I 262 -6.47 -2.91 -39.10
N ASN I 263 -7.79 -2.92 -39.25
CA ASN I 263 -8.69 -1.96 -38.61
C ASN I 263 -9.44 -2.70 -37.51
N ASN I 264 -8.85 -2.72 -36.32
CA ASN I 264 -9.45 -3.40 -35.19
C ASN I 264 -10.55 -2.54 -34.56
N THR I 265 -11.40 -3.18 -33.77
CA THR I 265 -12.49 -2.54 -33.06
C THR I 265 -12.32 -2.77 -31.56
N ARG I 266 -12.44 -1.71 -30.78
CA ARG I 266 -12.26 -1.79 -29.33
C ARG I 266 -13.56 -2.25 -28.68
N LYS I 267 -13.49 -3.32 -27.90
CA LYS I 267 -14.63 -3.87 -27.18
C LYS I 267 -14.54 -3.49 -25.70
N SER I 268 -15.66 -3.65 -25.01
CA SER I 268 -15.74 -3.37 -23.57
C SER I 268 -16.54 -4.48 -22.90
N VAL I 269 -15.90 -5.18 -21.95
CA VAL I 269 -16.54 -6.26 -21.20
C VAL I 269 -16.47 -5.91 -19.72
N ARG I 270 -17.60 -5.98 -19.04
CA ARG I 270 -17.64 -5.71 -17.60
C ARG I 270 -17.08 -6.92 -16.86
N ILE I 271 -15.77 -6.90 -16.63
CA ILE I 271 -15.08 -7.94 -15.87
C ILE I 271 -14.91 -7.39 -14.46
N GLY I 272 -15.78 -7.82 -13.54
CA GLY I 272 -15.76 -7.33 -12.18
C GLY I 272 -16.60 -6.07 -12.03
N PRO I 273 -16.75 -5.60 -10.80
CA PRO I 273 -17.60 -4.43 -10.53
C PRO I 273 -16.86 -3.12 -10.79
N GLY I 274 -17.37 -2.33 -11.72
CA GLY I 274 -16.85 -1.00 -11.98
C GLY I 274 -15.53 -0.97 -12.73
N GLN I 275 -14.99 -2.11 -13.12
CA GLN I 275 -13.73 -2.20 -13.84
C GLN I 275 -13.97 -2.92 -15.17
N THR I 276 -13.59 -2.27 -16.26
CA THR I 276 -13.84 -2.77 -17.61
C THR I 276 -12.59 -3.42 -18.18
N PHE I 277 -12.81 -4.31 -19.14
CA PHE I 277 -11.74 -5.01 -19.85
C PHE I 277 -11.89 -4.74 -21.35
N TYR I 278 -10.80 -4.35 -21.99
CA TYR I 278 -10.80 -3.96 -23.39
C TYR I 278 -10.09 -5.02 -24.21
N ALA I 279 -10.73 -5.43 -25.32
CA ALA I 279 -10.17 -6.43 -26.22
C ALA I 279 -10.54 -6.05 -27.65
N THR I 280 -10.16 -6.91 -28.59
CA THR I 280 -10.47 -6.71 -30.00
C THR I 280 -11.80 -7.40 -30.30
N GLY I 281 -12.79 -6.63 -30.73
CA GLY I 281 -14.11 -7.17 -31.00
C GLY I 281 -14.24 -7.78 -32.37
N ASP I 282 -13.91 -7.00 -33.40
CA ASP I 282 -14.02 -7.47 -34.78
C ASP I 282 -13.06 -6.66 -35.64
N ILE I 283 -12.72 -7.23 -36.79
CA ILE I 283 -11.84 -6.60 -37.77
C ILE I 283 -12.70 -6.24 -38.97
N ILE I 284 -12.70 -4.96 -39.34
CA ILE I 284 -13.51 -4.44 -40.44
C ILE I 284 -12.63 -4.38 -41.67
N GLY I 285 -13.09 -4.98 -42.77
CA GLY I 285 -12.34 -5.02 -44.01
C GLY I 285 -11.61 -6.32 -44.19
N ASP I 286 -10.45 -6.27 -44.85
CA ASP I 286 -9.63 -7.44 -45.12
C ASP I 286 -8.53 -7.57 -44.08
N ILE I 287 -7.96 -8.77 -43.98
CA ILE I 287 -6.90 -9.08 -43.04
C ILE I 287 -5.57 -8.94 -43.76
N LYS I 288 -4.67 -8.14 -43.21
CA LYS I 288 -3.36 -7.86 -43.79
C LYS I 288 -2.28 -8.05 -42.75
N GLN I 289 -1.03 -7.96 -43.21
CA GLN I 289 0.15 -8.20 -42.38
C GLN I 289 0.75 -6.87 -41.94
N ALA I 290 0.85 -6.67 -40.62
CA ALA I 290 1.62 -5.54 -40.10
C ALA I 290 3.08 -5.72 -40.44
N HIS I 291 3.73 -4.63 -40.88
CA HIS I 291 5.07 -4.75 -41.41
C HIS I 291 5.83 -3.45 -41.21
N CYS I 292 7.15 -3.55 -41.26
CA CYS I 292 8.06 -2.41 -41.20
C CYS I 292 8.82 -2.31 -42.52
N ASN I 293 9.13 -1.09 -42.92
CA ASN I 293 9.80 -0.79 -44.18
C ASN I 293 11.02 0.08 -43.91
N ILE I 294 12.13 -0.26 -44.56
CA ILE I 294 13.28 0.64 -44.66
C ILE I 294 13.78 0.62 -46.10
N SER I 295 14.63 1.60 -46.42
CA SER I 295 15.19 1.70 -47.76
C SER I 295 16.41 0.79 -47.89
N GLU I 296 16.46 0.03 -48.97
CA GLU I 296 17.53 -0.95 -49.15
C GLU I 296 18.86 -0.28 -49.42
N GLU I 297 18.88 0.75 -50.26
CA GLU I 297 20.15 1.38 -50.64
C GLU I 297 20.80 2.07 -49.44
N LYS I 298 20.02 2.84 -48.68
CA LYS I 298 20.59 3.52 -47.52
C LYS I 298 21.04 2.53 -46.46
N TRP I 299 20.29 1.45 -46.26
CA TRP I 299 20.69 0.44 -45.30
C TRP I 299 21.99 -0.25 -45.73
N ASN I 300 22.11 -0.55 -47.03
CA ASN I 300 23.34 -1.17 -47.52
C ASN I 300 24.53 -0.21 -47.36
N ASP I 301 24.33 1.07 -47.66
CA ASP I 301 25.40 2.04 -47.49
C ASP I 301 25.81 2.16 -46.02
N THR I 302 24.82 2.15 -45.11
CA THR I 302 25.13 2.20 -43.69
C THR I 302 25.89 0.97 -43.25
N LEU I 303 25.51 -0.21 -43.74
CA LEU I 303 26.22 -1.43 -43.40
C LEU I 303 27.65 -1.39 -43.93
N GLN I 304 27.85 -0.85 -45.13
CA GLN I 304 29.21 -0.73 -45.65
C GLN I 304 30.04 0.24 -44.82
N LYS I 305 29.43 1.34 -44.38
CA LYS I 305 30.14 2.28 -43.50
C LYS I 305 30.52 1.59 -42.19
N VAL I 306 29.60 0.83 -41.61
CA VAL I 306 29.90 0.10 -40.38
C VAL I 306 31.01 -0.93 -40.63
N GLY I 307 31.00 -1.55 -41.80
CA GLY I 307 32.03 -2.53 -42.11
C GLY I 307 33.41 -1.91 -42.22
N ILE I 308 33.53 -0.78 -42.93
CA ILE I 308 34.83 -0.12 -43.03
C ILE I 308 35.28 0.41 -41.67
N GLU I 309 34.35 0.88 -40.83
CA GLU I 309 34.73 1.26 -39.48
C GLU I 309 35.18 0.06 -38.66
N LEU I 310 34.57 -1.10 -38.85
CA LEU I 310 34.98 -2.30 -38.14
C LEU I 310 36.31 -2.83 -38.64
N GLN I 311 36.61 -2.62 -39.92
CA GLN I 311 37.84 -3.14 -40.51
C GLN I 311 39.09 -2.52 -39.90
N LYS I 312 38.96 -1.39 -39.21
CA LYS I 312 40.12 -0.81 -38.53
C LYS I 312 40.64 -1.75 -37.45
N HIS I 313 39.74 -2.34 -36.67
CA HIS I 313 40.14 -3.30 -35.64
C HIS I 313 40.41 -4.68 -36.18
N PHE I 314 39.96 -4.98 -37.41
CA PHE I 314 40.08 -6.31 -38.01
C PHE I 314 40.65 -6.14 -39.42
N PRO I 315 41.96 -5.89 -39.54
CA PRO I 315 42.53 -5.60 -40.86
C PRO I 315 42.48 -6.78 -41.82
N ASN I 316 42.87 -7.96 -41.35
CA ASN I 316 43.01 -9.15 -42.21
C ASN I 316 41.81 -10.08 -42.15
N LYS I 317 40.72 -9.68 -41.49
CA LYS I 317 39.51 -10.49 -41.39
C LYS I 317 38.36 -9.79 -42.09
N THR I 318 37.58 -10.56 -42.84
CA THR I 318 36.42 -10.02 -43.54
C THR I 318 35.25 -9.87 -42.58
N ILE I 319 34.30 -9.00 -42.95
CA ILE I 319 33.11 -8.74 -42.16
C ILE I 319 31.94 -9.45 -42.81
N LYS I 320 31.14 -10.14 -42.00
CA LYS I 320 29.94 -10.82 -42.47
C LYS I 320 28.78 -10.53 -41.53
N TYR I 321 27.59 -10.32 -42.11
CA TYR I 321 26.37 -10.07 -41.36
C TYR I 321 25.42 -11.23 -41.56
N ASN I 322 24.95 -11.82 -40.46
CA ASN I 322 24.10 -13.00 -40.49
C ASN I 322 22.91 -12.78 -39.54
N GLN I 323 22.06 -13.80 -39.43
CA GLN I 323 20.87 -13.71 -38.60
C GLN I 323 21.22 -13.93 -37.13
N SER I 324 20.22 -13.80 -36.27
CA SER I 324 20.42 -14.02 -34.84
C SER I 324 20.66 -15.49 -34.54
N ALA I 325 21.30 -15.76 -33.41
CA ALA I 325 21.67 -17.11 -33.02
C ALA I 325 20.52 -17.80 -32.28
N GLY I 326 19.40 -17.94 -32.99
CA GLY I 326 18.26 -18.65 -32.44
C GLY I 326 17.66 -17.91 -31.25
N GLY I 327 17.05 -18.70 -30.36
CA GLY I 327 16.40 -18.18 -29.16
C GLY I 327 14.90 -18.09 -29.32
N ASP I 328 14.26 -17.61 -28.26
CA ASP I 328 12.82 -17.48 -28.22
C ASP I 328 12.40 -16.27 -29.04
N MET I 329 11.08 -16.07 -29.17
CA MET I 329 10.56 -14.93 -29.93
C MET I 329 10.99 -13.60 -29.31
N GLU I 330 11.04 -13.52 -27.99
CA GLU I 330 11.39 -12.27 -27.31
C GLU I 330 12.86 -11.90 -27.48
N ILE I 331 13.71 -12.82 -27.93
CA ILE I 331 15.14 -12.60 -28.03
C ILE I 331 15.57 -12.40 -29.47
N THR I 332 15.12 -13.27 -30.37
CA THR I 332 15.60 -13.28 -31.75
C THR I 332 14.92 -12.23 -32.63
N THR I 333 13.88 -11.56 -32.14
CA THR I 333 13.11 -10.60 -32.91
C THR I 333 13.28 -9.20 -32.33
N HIS I 334 13.31 -8.21 -33.22
CA HIS I 334 13.33 -6.81 -32.80
C HIS I 334 12.01 -6.48 -32.13
N SER I 335 12.04 -6.33 -30.80
CA SER I 335 10.84 -6.07 -30.00
C SER I 335 10.79 -4.59 -29.63
N PHE I 336 9.66 -3.95 -29.94
CA PHE I 336 9.47 -2.55 -29.58
C PHE I 336 7.99 -2.29 -29.37
N ASN I 337 7.67 -1.06 -28.98
CA ASN I 337 6.29 -0.65 -28.76
C ASN I 337 6.09 0.74 -29.34
N CYS I 338 4.96 0.94 -30.02
CA CYS I 338 4.62 2.24 -30.56
C CYS I 338 3.11 2.34 -30.68
N GLY I 339 2.57 3.53 -30.41
CA GLY I 339 1.14 3.77 -30.47
C GLY I 339 0.33 3.08 -29.39
N GLY I 340 0.97 2.30 -28.52
CA GLY I 340 0.29 1.41 -27.59
C GLY I 340 0.37 -0.05 -27.95
N GLU I 341 0.85 -0.38 -29.16
CA GLU I 341 0.94 -1.75 -29.62
C GLU I 341 2.39 -2.23 -29.58
N PHE I 342 2.56 -3.49 -29.20
CA PHE I 342 3.88 -4.13 -29.06
C PHE I 342 4.13 -5.00 -30.28
N PHE I 343 5.18 -4.65 -31.04
CA PHE I 343 5.57 -5.35 -32.25
C PHE I 343 6.84 -6.17 -32.00
N TYR I 344 6.91 -7.32 -32.64
CA TYR I 344 8.10 -8.18 -32.66
C TYR I 344 8.37 -8.49 -34.13
N CYS I 345 9.40 -7.88 -34.69
CA CYS I 345 9.69 -7.98 -36.12
C CYS I 345 10.90 -8.88 -36.36
N ASN I 346 10.74 -9.80 -37.31
CA ASN I 346 11.83 -10.70 -37.68
C ASN I 346 12.81 -9.95 -38.58
N THR I 347 14.03 -9.74 -38.08
CA THR I 347 15.05 -8.99 -38.79
C THR I 347 16.05 -9.90 -39.51
N SER I 348 15.61 -11.08 -39.92
CA SER I 348 16.50 -12.00 -40.63
C SER I 348 16.87 -11.49 -42.02
N ASN I 349 16.03 -10.66 -42.63
CA ASN I 349 16.26 -10.16 -43.98
C ASN I 349 17.15 -8.93 -44.02
N LEU I 350 17.43 -8.31 -42.86
CA LEU I 350 18.29 -7.12 -42.84
C LEU I 350 19.76 -7.51 -42.92
N PHE I 351 20.23 -8.28 -41.94
CA PHE I 351 21.66 -8.60 -41.81
C PHE I 351 21.97 -9.78 -42.72
N ASN I 352 22.15 -9.48 -44.00
CA ASN I 352 22.52 -10.45 -45.02
C ASN I 352 23.48 -9.77 -45.99
N GLY I 353 24.78 -9.92 -45.73
CA GLY I 353 25.77 -9.30 -46.59
C GLY I 353 27.17 -9.56 -46.07
N THR I 354 28.14 -9.10 -46.85
CA THR I 354 29.54 -9.28 -46.50
C THR I 354 30.36 -8.13 -47.06
N TYR I 355 31.52 -7.91 -46.47
CA TYR I 355 32.43 -6.85 -46.88
C TYR I 355 33.85 -7.34 -46.63
N ASN I 356 34.59 -7.58 -47.71
CA ASN I 356 35.97 -8.04 -47.65
C ASN I 356 36.98 -6.94 -47.90
N GLY I 357 36.55 -5.68 -48.00
CA GLY I 357 37.42 -4.56 -48.26
C GLY I 357 37.18 -3.85 -49.58
N THR I 358 36.22 -4.30 -50.40
CA THR I 358 35.90 -3.68 -51.68
C THR I 358 34.68 -2.78 -51.51
N TYR I 359 34.83 -1.51 -51.85
CA TYR I 359 33.75 -0.54 -51.71
C TYR I 359 32.85 -0.57 -52.94
N ILE I 360 31.54 -0.58 -52.71
CA ILE I 360 30.54 -0.60 -53.77
C ILE I 360 29.65 0.62 -53.60
N SER I 361 29.46 1.37 -54.68
CA SER I 361 28.65 2.59 -54.68
C SER I 361 27.44 2.39 -55.59
N THR I 362 26.27 2.76 -55.09
CA THR I 362 25.03 2.70 -55.84
C THR I 362 24.74 4.08 -56.40
N ASN I 363 24.87 4.23 -57.72
CA ASN I 363 24.71 5.50 -58.40
C ASN I 363 23.47 5.47 -59.28
N SER I 364 23.01 6.65 -59.68
CA SER I 364 21.83 6.82 -60.53
C SER I 364 20.65 6.23 -59.76
N SER I 365 19.87 5.32 -60.35
CA SER I 365 18.72 4.70 -59.67
C SER I 365 17.71 5.77 -59.22
N ALA I 366 17.15 6.48 -60.21
CA ALA I 366 16.12 7.47 -59.91
C ALA I 366 14.90 6.80 -59.29
N ASN I 367 14.49 5.65 -59.82
CA ASN I 367 13.38 4.88 -59.26
C ASN I 367 13.95 3.98 -58.16
N SER I 368 14.20 4.61 -57.00
CA SER I 368 14.82 3.96 -55.86
C SER I 368 13.80 3.47 -54.84
N THR I 369 12.61 3.07 -55.32
CA THR I 369 11.57 2.56 -54.44
C THR I 369 11.81 1.13 -53.99
N SER I 370 12.93 0.52 -54.36
CA SER I 370 13.26 -0.84 -53.91
C SER I 370 13.57 -0.79 -52.43
N THR I 371 12.59 -1.14 -51.61
CA THR I 371 12.70 -1.12 -50.15
C THR I 371 12.70 -2.55 -49.63
N ILE I 372 13.11 -2.70 -48.37
CA ILE I 372 13.11 -3.99 -47.68
C ILE I 372 12.05 -3.94 -46.60
N THR I 373 11.21 -4.97 -46.59
CA THR I 373 10.06 -5.08 -45.71
C THR I 373 10.26 -6.24 -44.75
N LEU I 374 9.95 -6.01 -43.48
CA LEU I 374 10.06 -7.01 -42.43
C LEU I 374 8.66 -7.30 -41.87
N GLN I 375 8.28 -8.57 -41.87
CA GLN I 375 7.04 -8.99 -41.23
C GLN I 375 7.17 -8.90 -39.71
N CYS I 376 6.05 -8.57 -39.06
CA CYS I 376 6.02 -8.38 -37.63
C CYS I 376 4.80 -9.08 -37.04
N ARG I 377 4.93 -9.49 -35.78
CA ARG I 377 3.86 -10.11 -35.01
C ARG I 377 3.54 -9.22 -33.82
N ILE I 378 2.25 -8.98 -33.59
CA ILE I 378 1.79 -8.05 -32.56
C ILE I 378 1.37 -8.85 -31.35
N LYS I 379 1.89 -8.47 -30.18
CA LYS I 379 1.61 -9.17 -28.93
C LYS I 379 0.93 -8.24 -27.94
N GLN I 380 0.08 -8.83 -27.09
CA GLN I 380 -0.61 -8.11 -26.02
C GLN I 380 -0.10 -8.45 -24.64
N ILE I 381 0.32 -9.71 -24.41
CA ILE I 381 0.90 -10.12 -23.14
C ILE I 381 2.40 -9.84 -23.18
N ILE I 382 2.87 -9.01 -22.25
CA ILE I 382 4.24 -8.53 -22.23
C ILE I 382 4.88 -8.95 -20.91
N ASN I 383 6.10 -9.50 -20.99
CA ASN I 383 6.92 -9.87 -19.85
C ASN I 383 8.27 -9.20 -19.96
N MET I 384 8.26 -7.89 -20.20
CA MET I 384 9.47 -7.17 -20.58
C MET I 384 10.52 -7.19 -19.48
N TRP I 385 10.11 -7.01 -18.22
CA TRP I 385 11.04 -6.97 -17.08
C TRP I 385 10.63 -8.06 -16.09
N GLN I 386 11.52 -9.03 -15.89
CA GLN I 386 11.20 -10.20 -15.08
C GLN I 386 11.35 -9.92 -13.59
N GLY I 387 10.49 -10.55 -12.79
CA GLY I 387 10.62 -10.55 -11.35
C GLY I 387 10.12 -9.31 -10.64
N VAL I 388 9.37 -8.45 -11.33
CA VAL I 388 8.87 -7.20 -10.73
C VAL I 388 7.41 -6.99 -11.11
N GLY I 389 6.72 -8.07 -11.45
CA GLY I 389 5.37 -7.97 -11.97
C GLY I 389 5.40 -7.93 -13.47
N ARG I 390 6.08 -8.91 -14.07
CA ARG I 390 6.41 -8.86 -15.49
C ARG I 390 5.16 -8.82 -16.36
N CYS I 391 4.15 -9.62 -16.03
CA CYS I 391 3.01 -9.77 -16.92
C CYS I 391 2.21 -8.49 -17.01
N MET I 392 1.96 -8.05 -18.24
CA MET I 392 1.14 -6.88 -18.50
C MET I 392 0.31 -7.12 -19.76
N TYR I 393 -0.96 -6.73 -19.72
CA TYR I 393 -1.85 -6.83 -20.87
C TYR I 393 -2.02 -5.45 -21.47
N ALA I 394 -1.56 -5.28 -22.70
CA ALA I 394 -1.67 -4.00 -23.40
C ALA I 394 -3.02 -3.94 -24.11
N PRO I 395 -3.92 -3.01 -23.77
CA PRO I 395 -5.22 -2.99 -24.43
C PRO I 395 -5.08 -2.63 -25.91
N PRO I 396 -5.95 -3.14 -26.77
CA PRO I 396 -5.86 -2.77 -28.19
C PRO I 396 -6.38 -1.37 -28.44
N ILE I 397 -6.07 -0.87 -29.63
CA ILE I 397 -6.44 0.47 -30.05
C ILE I 397 -7.19 0.39 -31.38
N ALA I 398 -8.33 1.07 -31.45
CA ALA I 398 -9.14 1.05 -32.66
C ALA I 398 -8.45 1.76 -33.81
N GLY I 399 -8.73 1.27 -35.02
CA GLY I 399 -8.17 1.87 -36.22
C GLY I 399 -6.78 1.36 -36.52
N ASN I 400 -6.32 1.68 -37.74
CA ASN I 400 -4.99 1.29 -38.19
C ASN I 400 -3.98 2.36 -37.80
N ILE I 401 -2.75 1.91 -37.51
CA ILE I 401 -1.72 2.77 -36.96
C ILE I 401 -0.46 2.67 -37.80
N THR I 402 0.34 3.73 -37.75
CA THR I 402 1.65 3.78 -38.36
C THR I 402 2.61 4.52 -37.43
N CYS I 403 3.89 4.16 -37.52
CA CYS I 403 4.93 4.72 -36.67
C CYS I 403 6.17 4.95 -37.51
N ARG I 404 6.56 6.21 -37.66
CA ARG I 404 7.76 6.59 -38.40
C ARG I 404 8.82 7.02 -37.40
N SER I 405 10.01 6.41 -37.50
CA SER I 405 11.08 6.67 -36.54
C SER I 405 12.42 6.60 -37.26
N ASN I 406 13.49 6.84 -36.49
CA ASN I 406 14.84 6.92 -37.01
C ASN I 406 15.73 5.93 -36.29
N ILE I 407 16.35 5.04 -37.04
CA ILE I 407 17.37 4.15 -36.50
C ILE I 407 18.67 4.93 -36.39
N THR I 408 19.26 4.94 -35.19
CA THR I 408 20.46 5.70 -34.89
C THR I 408 21.59 4.86 -34.32
N GLY I 409 21.40 3.56 -34.12
CA GLY I 409 22.44 2.74 -33.56
C GLY I 409 22.15 1.26 -33.78
N LEU I 410 23.21 0.46 -33.61
CA LEU I 410 23.14 -0.98 -33.78
C LEU I 410 23.83 -1.67 -32.62
N LEU I 411 23.37 -2.87 -32.30
CA LEU I 411 23.95 -3.73 -31.28
C LEU I 411 24.31 -5.06 -31.93
N LEU I 412 25.57 -5.48 -31.78
CA LEU I 412 26.07 -6.68 -32.43
C LEU I 412 26.85 -7.52 -31.43
N THR I 413 27.13 -8.76 -31.85
CA THR I 413 27.93 -9.70 -31.07
C THR I 413 28.66 -10.62 -32.05
N ARG I 414 29.94 -10.85 -31.78
CA ARG I 414 30.76 -11.69 -32.65
C ARG I 414 30.61 -13.16 -32.27
N ASP I 415 31.36 -14.02 -32.95
CA ASP I 415 31.38 -15.45 -32.66
C ASP I 415 32.82 -15.94 -32.73
N GLY I 416 33.09 -17.04 -32.04
CA GLY I 416 34.44 -17.54 -31.94
C GLY I 416 34.91 -18.26 -33.20
N GLY I 417 36.19 -18.60 -33.21
CA GLY I 417 36.80 -19.29 -34.32
C GLY I 417 38.19 -19.74 -33.95
N THR I 418 38.76 -20.57 -34.82
CA THR I 418 40.10 -21.12 -34.58
C THR I 418 40.68 -21.57 -35.91
N ASN I 419 42.01 -21.81 -35.89
CA ASN I 419 42.75 -22.32 -37.05
C ASN I 419 42.65 -21.37 -38.24
N SER I 420 43.09 -20.13 -38.02
CA SER I 420 43.17 -19.12 -39.08
C SER I 420 41.83 -18.92 -39.77
N ASN I 421 40.76 -18.89 -38.98
CA ASN I 421 39.41 -18.69 -39.51
C ASN I 421 39.18 -17.20 -39.71
N GLU I 422 39.27 -16.74 -40.95
CA GLU I 422 39.09 -15.35 -41.31
C GLU I 422 37.66 -15.01 -41.70
N THR I 423 36.69 -15.83 -41.26
CA THR I 423 35.28 -15.67 -41.61
C THR I 423 34.44 -15.35 -40.37
N GLU I 424 34.95 -14.48 -39.50
CA GLU I 424 34.20 -14.08 -38.33
C GLU I 424 32.96 -13.29 -38.76
N THR I 425 31.84 -13.56 -38.10
CA THR I 425 30.55 -12.98 -38.45
C THR I 425 29.98 -12.18 -37.28
N PHE I 426 29.11 -11.24 -37.62
CA PHE I 426 28.41 -10.40 -36.66
C PHE I 426 26.93 -10.76 -36.68
N ARG I 427 26.33 -10.83 -35.49
CA ARG I 427 24.92 -11.19 -35.33
C ARG I 427 24.23 -10.14 -34.47
N PRO I 428 22.91 -9.95 -34.62
CA PRO I 428 22.20 -9.02 -33.73
C PRO I 428 22.25 -9.48 -32.29
N ALA I 429 22.18 -8.50 -31.39
CA ALA I 429 22.26 -8.74 -29.94
C ALA I 429 21.10 -8.06 -29.25
N GLY I 430 20.72 -8.61 -28.09
CA GLY I 430 19.67 -8.05 -27.28
C GLY I 430 19.78 -8.48 -25.83
N GLY I 431 18.64 -8.77 -25.20
CA GLY I 431 18.64 -9.28 -23.84
C GLY I 431 18.64 -8.20 -22.78
N ASP I 432 19.81 -7.90 -22.22
CA ASP I 432 19.91 -6.94 -21.14
C ASP I 432 19.47 -5.56 -21.61
N MET I 433 18.70 -4.88 -20.76
CA MET I 433 18.16 -3.58 -21.08
C MET I 433 19.08 -2.43 -20.70
N ARG I 434 20.15 -2.69 -19.95
CA ARG I 434 21.06 -1.62 -19.54
C ARG I 434 21.81 -1.05 -20.74
N ASP I 435 22.14 -1.89 -21.72
CA ASP I 435 22.92 -1.44 -22.87
C ASP I 435 22.18 -0.43 -23.71
N ASN I 436 20.83 -0.47 -23.72
CA ASN I 436 20.07 0.48 -24.52
C ASN I 436 20.30 1.92 -24.04
N TRP I 437 20.26 2.13 -22.72
CA TRP I 437 20.50 3.44 -22.15
C TRP I 437 21.97 3.72 -21.87
N ARG I 438 22.83 2.70 -21.96
CA ARG I 438 24.26 2.92 -21.72
C ARG I 438 24.88 3.78 -22.81
N SER I 439 24.36 3.70 -24.03
CA SER I 439 24.91 4.45 -25.16
C SER I 439 24.48 5.91 -25.18
N GLU I 440 23.58 6.33 -24.28
CA GLU I 440 23.08 7.70 -24.26
C GLU I 440 23.66 8.54 -23.13
N LEU I 441 24.08 7.91 -22.03
CA LEU I 441 24.71 8.61 -20.90
C LEU I 441 26.20 8.31 -20.81
N TYR I 442 26.83 7.97 -21.94
CA TYR I 442 28.26 7.66 -21.94
C TYR I 442 29.13 8.91 -21.79
N LYS I 443 28.58 10.09 -22.03
CA LYS I 443 29.36 11.32 -21.97
C LYS I 443 29.40 11.95 -20.59
N TYR I 444 28.41 11.66 -19.73
CA TYR I 444 28.25 12.36 -18.47
C TYR I 444 28.91 11.60 -17.33
N LYS I 445 29.60 12.34 -16.46
CA LYS I 445 30.17 11.80 -15.24
C LYS I 445 29.75 12.68 -14.07
N VAL I 446 29.37 12.05 -12.96
CA VAL I 446 28.92 12.75 -11.76
C VAL I 446 30.08 12.80 -10.77
N VAL I 447 30.35 13.99 -10.24
CA VAL I 447 31.47 14.20 -9.33
C VAL I 447 30.98 14.99 -8.12
N LYS I 448 31.71 14.84 -7.01
CA LYS I 448 31.42 15.47 -5.73
C LYS I 448 32.48 16.53 -5.47
N ILE I 449 32.04 17.75 -5.15
CA ILE I 449 32.94 18.88 -4.92
C ILE I 449 33.43 18.83 -3.49
N GLU I 450 34.74 19.04 -3.32
CA GLU I 450 35.37 19.14 -2.00
C GLU I 450 35.95 20.55 -1.85
N PRO I 451 35.22 21.50 -1.25
CA PRO I 451 35.66 22.90 -1.30
C PRO I 451 36.74 23.27 -0.29
N LEU I 452 37.08 22.40 0.65
CA LEU I 452 38.05 22.70 1.69
C LEU I 452 39.45 22.38 1.17
N GLY I 453 40.36 23.35 1.27
CA GLY I 453 41.73 23.16 0.80
C GLY I 453 42.72 23.84 1.72
N VAL I 454 43.97 23.38 1.60
CA VAL I 454 45.09 23.88 2.39
C VAL I 454 46.22 24.24 1.45
N ALA I 455 46.83 25.41 1.66
CA ALA I 455 47.95 25.85 0.84
C ALA I 455 48.97 26.58 1.69
N PRO I 456 50.25 26.57 1.29
CA PRO I 456 51.25 27.37 2.01
C PRO I 456 51.40 28.76 1.42
N THR I 457 51.49 29.75 2.31
CA THR I 457 51.74 31.12 1.90
C THR I 457 52.35 31.88 3.07
N ARG I 458 52.99 33.01 2.76
CA ARG I 458 53.75 33.78 3.74
C ARG I 458 52.81 34.78 4.41
N CYS I 459 52.09 34.30 5.42
CA CYS I 459 51.21 35.15 6.20
C CYS I 459 51.04 34.55 7.59
N LYS I 460 50.59 35.39 8.51
CA LYS I 460 50.37 34.98 9.89
C LYS I 460 49.11 35.65 10.43
N ARG I 461 48.60 35.11 11.53
CA ARG I 461 47.42 35.68 12.17
C ARG I 461 47.76 37.06 12.74
N ARG I 462 46.81 37.99 12.58
CA ARG I 462 46.96 39.34 13.13
C ARG I 462 46.56 39.31 14.60
N VAL I 463 47.53 39.57 15.48
CA VAL I 463 47.31 39.59 16.92
C VAL I 463 47.53 40.99 17.46
N GLY J 10 30.57 31.41 -13.56
CA GLY J 10 30.69 29.98 -13.73
C GLY J 10 30.86 29.24 -12.42
N PHE J 11 30.20 28.07 -12.30
CA PHE J 11 30.30 27.30 -11.07
C PHE J 11 31.69 26.73 -10.89
N LEU J 12 32.35 26.33 -11.98
CA LEU J 12 33.71 25.83 -11.97
C LEU J 12 34.55 26.55 -13.02
N GLY J 13 34.36 27.87 -13.12
CA GLY J 13 35.15 28.66 -14.04
C GLY J 13 36.61 28.80 -13.66
N ALA J 14 36.93 28.68 -12.37
CA ALA J 14 38.30 28.79 -11.91
C ALA J 14 39.09 27.48 -12.06
N ALA J 15 38.42 26.38 -12.36
CA ALA J 15 39.12 25.11 -12.51
C ALA J 15 40.02 25.15 -13.74
N GLY J 16 41.21 24.54 -13.60
CA GLY J 16 42.17 24.48 -14.66
C GLY J 16 43.22 25.59 -14.65
N SER J 17 42.95 26.68 -13.94
CA SER J 17 43.88 27.80 -13.86
C SER J 17 44.87 27.57 -12.73
N THR J 18 45.80 28.51 -12.56
CA THR J 18 46.79 28.40 -11.51
C THR J 18 46.15 28.64 -10.15
N MET J 19 46.88 28.27 -9.09
CA MET J 19 46.37 28.47 -7.74
C MET J 19 46.16 29.94 -7.44
N GLY J 20 47.11 30.79 -7.86
CA GLY J 20 46.95 32.22 -7.65
C GLY J 20 45.77 32.78 -8.43
N ALA J 21 45.62 32.36 -9.69
CA ALA J 21 44.48 32.82 -10.48
C ALA J 21 43.18 32.22 -9.96
N ALA J 22 43.21 31.00 -9.45
CA ALA J 22 42.01 30.34 -8.95
C ALA J 22 41.60 30.82 -7.56
N SER J 23 42.44 31.60 -6.88
CA SER J 23 42.10 32.15 -5.57
C SER J 23 41.39 33.49 -5.71
N MET J 24 40.34 33.53 -6.52
CA MET J 24 39.57 34.73 -6.77
C MET J 24 38.13 34.34 -7.07
N THR J 25 37.19 35.17 -6.64
CA THR J 25 35.76 34.93 -6.85
C THR J 25 35.36 33.56 -6.32
N LEU J 26 35.85 33.24 -5.12
CA LEU J 26 35.53 31.96 -4.50
C LEU J 26 34.06 31.86 -4.10
N THR J 27 33.36 32.99 -3.99
CA THR J 27 31.97 32.97 -3.52
C THR J 27 31.07 32.15 -4.45
N VAL J 28 31.36 32.13 -5.74
CA VAL J 28 30.56 31.35 -6.68
C VAL J 28 30.69 29.86 -6.45
N GLN J 29 31.74 29.42 -5.76
CA GLN J 29 31.95 28.00 -5.49
C GLN J 29 31.13 27.49 -4.30
N ALA J 30 30.53 28.38 -3.52
CA ALA J 30 29.82 28.00 -2.29
C ALA J 30 28.47 28.69 -2.23
N ARG J 31 27.74 28.66 -3.34
CA ARG J 31 26.39 29.23 -3.45
C ARG J 31 25.44 28.21 -4.07
N ASN J 32 25.46 27.00 -3.54
CA ASN J 32 24.52 25.96 -3.95
C ASN J 32 23.18 26.17 -3.24
N LEU J 33 22.10 25.98 -3.99
CA LEU J 33 20.74 26.21 -3.51
C LEU J 33 19.92 24.93 -3.68
N LEU J 34 18.62 25.02 -3.33
CA LEU J 34 17.74 23.88 -3.41
C LEU J 34 17.35 23.59 -4.86
N SER J 35 16.91 22.36 -5.10
CA SER J 35 16.51 21.95 -6.43
C SER J 35 15.71 20.65 -6.34
N GLY J 36 14.80 20.47 -7.29
CA GLY J 36 14.05 19.24 -7.43
C GLY J 36 12.72 19.28 -6.69
N THR J 37 11.84 18.37 -7.11
CA THR J 37 10.54 18.15 -6.47
C THR J 37 10.50 16.72 -5.94
N VAL J 38 9.79 16.54 -4.83
CA VAL J 38 9.89 15.30 -4.07
C VAL J 38 9.24 14.16 -4.84
N TRP J 39 9.96 13.05 -4.96
CA TRP J 39 9.40 11.77 -5.40
C TRP J 39 10.06 10.69 -4.56
N GLY J 40 9.39 10.26 -3.50
CA GLY J 40 9.96 9.31 -2.57
C GLY J 40 10.83 9.97 -1.53
N ILE J 41 11.49 9.12 -0.73
CA ILE J 41 12.31 9.63 0.37
C ILE J 41 13.72 9.96 -0.11
N LYS J 42 14.22 9.25 -1.13
CA LYS J 42 15.58 9.49 -1.61
C LYS J 42 15.75 10.91 -2.17
N GLN J 43 14.69 11.49 -2.71
CA GLN J 43 14.78 12.88 -3.21
C GLN J 43 15.07 13.84 -2.06
N LEU J 44 14.41 13.64 -0.93
CA LEU J 44 14.67 14.46 0.26
C LEU J 44 15.99 14.11 0.92
N GLN J 45 16.46 12.87 0.73
CA GLN J 45 17.75 12.49 1.31
C GLN J 45 18.88 13.30 0.73
N ALA J 46 18.81 13.63 -0.56
CA ALA J 46 19.83 14.48 -1.15
C ALA J 46 19.86 15.85 -0.48
N ARG J 47 18.69 16.44 -0.24
CA ARG J 47 18.64 17.74 0.43
C ARG J 47 19.25 17.67 1.82
N VAL J 48 18.83 16.68 2.62
CA VAL J 48 19.29 16.65 4.00
C VAL J 48 20.77 16.32 4.07
N LEU J 49 21.28 15.46 3.19
CA LEU J 49 22.70 15.14 3.22
C LEU J 49 23.53 16.33 2.74
N ALA J 50 23.02 17.09 1.76
CA ALA J 50 23.72 18.31 1.37
C ALA J 50 23.78 19.31 2.52
N VAL J 51 22.67 19.46 3.25
CA VAL J 51 22.66 20.36 4.41
C VAL J 51 23.65 19.87 5.46
N GLU J 52 23.68 18.56 5.71
CA GLU J 52 24.60 18.02 6.71
C GLU J 52 26.05 18.25 6.29
N ARG J 53 26.36 18.05 5.02
CA ARG J 53 27.71 18.28 4.54
C ARG J 53 28.11 19.75 4.67
N TYR J 54 27.19 20.66 4.32
CA TYR J 54 27.48 22.08 4.46
C TYR J 54 27.73 22.46 5.91
N LEU J 55 26.89 21.94 6.82
CA LEU J 55 27.09 22.23 8.24
C LEU J 55 28.39 21.64 8.75
N ARG J 56 28.75 20.44 8.28
CA ARG J 56 30.02 19.84 8.68
C ARG J 56 31.19 20.69 8.23
N ASP J 57 31.16 21.15 6.97
CA ASP J 57 32.24 21.99 6.46
C ASP J 57 32.33 23.30 7.25
N GLN J 58 31.20 23.93 7.51
CA GLN J 58 31.21 25.20 8.24
C GLN J 58 31.71 25.00 9.68
N GLN J 59 31.31 23.90 10.31
CA GLN J 59 31.77 23.64 11.68
C GLN J 59 33.27 23.36 11.71
N LEU J 60 33.77 22.59 10.74
CA LEU J 60 35.20 22.33 10.68
C LEU J 60 35.98 23.61 10.45
N LEU J 61 35.48 24.49 9.58
CA LEU J 61 36.17 25.75 9.34
C LEU J 61 36.09 26.67 10.55
N GLY J 62 35.00 26.60 11.32
CA GLY J 62 34.83 27.49 12.46
C GLY J 62 35.64 27.13 13.67
N ILE J 63 35.88 25.83 13.89
CA ILE J 63 36.66 25.41 15.06
C ILE J 63 38.14 25.73 14.93
N TRP J 64 38.59 26.16 13.76
CA TRP J 64 39.96 26.62 13.56
C TRP J 64 40.12 28.13 13.74
N GLY J 65 39.06 28.84 14.15
CA GLY J 65 39.10 30.28 14.26
C GLY J 65 38.81 31.01 12.98
N CYS J 66 38.14 30.38 12.02
CA CYS J 66 37.84 30.95 10.71
C CYS J 66 36.33 30.89 10.50
N SER J 67 35.66 32.01 10.78
CA SER J 67 34.21 32.12 10.65
C SER J 67 33.89 33.30 9.73
N GLY J 68 33.10 33.04 8.70
CA GLY J 68 32.64 34.07 7.80
C GLY J 68 33.66 34.53 6.78
N LYS J 69 34.81 33.88 6.69
CA LYS J 69 35.87 34.27 5.76
C LYS J 69 36.41 33.02 5.07
N LEU J 70 36.48 33.06 3.74
CA LEU J 70 36.98 31.91 3.00
C LEU J 70 38.49 31.79 3.11
N ILE J 71 39.20 32.91 3.00
CA ILE J 71 40.65 32.93 3.17
C ILE J 71 40.95 33.25 4.63
N CYS J 72 41.79 32.43 5.26
CA CYS J 72 42.03 32.53 6.70
C CYS J 72 43.48 32.12 6.97
N CYS J 73 44.35 33.11 7.13
CA CYS J 73 45.73 32.86 7.49
C CYS J 73 45.82 32.48 8.96
N THR J 74 46.62 31.45 9.24
CA THR J 74 46.80 30.92 10.59
C THR J 74 48.25 31.09 11.03
N ASN J 75 48.55 30.64 12.25
CA ASN J 75 49.87 30.77 12.84
C ASN J 75 50.62 29.45 12.96
N VAL J 76 50.06 28.36 12.45
CA VAL J 76 50.74 27.06 12.54
C VAL J 76 51.92 27.04 11.57
N PRO J 77 53.13 26.67 11.99
CA PRO J 77 54.24 26.61 11.03
C PRO J 77 54.02 25.51 10.00
N TRP J 78 54.54 25.75 8.80
CA TRP J 78 54.43 24.80 7.69
C TRP J 78 55.65 23.89 7.69
N ASN J 79 55.44 22.60 7.94
CA ASN J 79 56.54 21.64 7.92
C ASN J 79 57.03 21.45 6.50
N SER J 80 58.36 21.41 6.34
CA SER J 80 58.95 21.26 5.02
C SER J 80 58.79 19.85 4.46
N SER J 81 58.56 18.86 5.31
CA SER J 81 58.44 17.47 4.86
C SER J 81 57.13 17.18 4.15
N TRP J 82 56.12 18.04 4.28
CA TRP J 82 54.83 17.77 3.67
C TRP J 82 54.89 17.85 2.14
N SER J 83 55.55 18.89 1.62
CA SER J 83 55.59 19.13 0.18
C SER J 83 57.02 19.24 -0.33
N ASN J 84 57.90 19.88 0.46
CA ASN J 84 59.29 20.16 0.13
C ASN J 84 59.46 20.66 -1.31
N ARG J 85 58.58 21.56 -1.74
CA ARG J 85 58.67 22.20 -3.05
C ARG J 85 58.69 23.71 -2.88
N ASN J 86 59.34 24.39 -3.82
CA ASN J 86 59.51 25.83 -3.72
C ASN J 86 58.18 26.56 -3.95
N LEU J 87 58.15 27.84 -3.59
CA LEU J 87 56.93 28.63 -3.74
C LEU J 87 56.58 28.80 -5.22
N SER J 88 57.58 28.88 -6.09
CA SER J 88 57.34 29.01 -7.53
C SER J 88 56.76 27.75 -8.14
N GLU J 89 56.79 26.62 -7.43
CA GLU J 89 56.24 25.36 -7.92
C GLU J 89 54.79 25.14 -7.50
N ILE J 90 54.18 26.11 -6.81
CA ILE J 90 52.83 25.95 -6.25
C ILE J 90 51.89 26.98 -6.85
N TRP J 91 52.20 28.26 -6.65
CA TRP J 91 51.28 29.34 -7.01
C TRP J 91 51.48 29.88 -8.42
N ASP J 92 52.38 29.30 -9.21
CA ASP J 92 52.70 29.81 -10.54
C ASP J 92 52.19 28.92 -11.67
N ASN J 93 52.25 27.60 -11.52
CA ASN J 93 51.88 26.68 -12.60
C ASN J 93 50.93 25.58 -12.13
N MET J 94 50.99 25.22 -10.86
CA MET J 94 50.20 24.10 -10.37
C MET J 94 48.73 24.49 -10.21
N THR J 95 47.84 23.53 -10.49
CA THR J 95 46.41 23.72 -10.33
C THR J 95 45.97 23.21 -8.96
N TRP J 96 44.71 23.54 -8.60
CA TRP J 96 44.20 23.13 -7.30
C TRP J 96 43.95 21.63 -7.23
N LEU J 97 43.52 21.01 -8.33
CA LEU J 97 43.26 19.58 -8.30
C LEU J 97 44.56 18.79 -8.12
N GLN J 98 45.60 19.16 -8.86
CA GLN J 98 46.90 18.50 -8.71
C GLN J 98 47.44 18.70 -7.31
N TRP J 99 47.33 19.93 -6.77
CA TRP J 99 47.82 20.19 -5.44
C TRP J 99 47.06 19.38 -4.40
N ASP J 100 45.74 19.26 -4.55
CA ASP J 100 44.96 18.44 -3.62
C ASP J 100 45.37 16.97 -3.70
N LYS J 101 45.55 16.45 -4.92
CA LYS J 101 45.97 15.07 -5.07
C LYS J 101 47.35 14.83 -4.48
N GLU J 102 48.22 15.84 -4.52
CA GLU J 102 49.57 15.71 -3.98
C GLU J 102 49.62 15.91 -2.46
N ILE J 103 48.68 16.66 -1.89
CA ILE J 103 48.73 17.03 -0.47
C ILE J 103 47.69 16.31 0.37
N SER J 104 46.83 15.47 -0.23
CA SER J 104 45.79 14.79 0.55
C SER J 104 46.35 13.82 1.59
N ASN J 105 47.63 13.45 1.49
CA ASN J 105 48.21 12.47 2.41
C ASN J 105 48.52 13.02 3.79
N TYR J 106 48.42 14.33 4.01
CA TYR J 106 48.78 14.96 5.27
C TYR J 106 47.71 15.95 5.73
N THR J 107 46.45 15.62 5.49
CA THR J 107 45.36 16.50 5.91
C THR J 107 45.07 16.39 7.40
N GLN J 108 45.16 15.18 7.95
CA GLN J 108 44.79 14.97 9.35
C GLN J 108 45.75 15.68 10.29
N ILE J 109 47.04 15.64 9.99
CA ILE J 109 48.02 16.30 10.85
C ILE J 109 47.77 17.81 10.86
N ILE J 110 47.50 18.39 9.68
CA ILE J 110 47.24 19.82 9.60
C ILE J 110 45.97 20.17 10.37
N TYR J 111 44.92 19.35 10.24
CA TYR J 111 43.68 19.62 10.95
C TYR J 111 43.89 19.57 12.46
N GLY J 112 44.62 18.57 12.95
CA GLY J 112 44.89 18.47 14.37
C GLY J 112 45.71 19.65 14.88
N LEU J 113 46.73 20.05 14.11
CA LEU J 113 47.54 21.20 14.50
C LEU J 113 46.70 22.47 14.54
N LEU J 114 45.82 22.66 13.56
CA LEU J 114 44.96 23.84 13.54
C LEU J 114 44.02 23.85 14.74
N GLU J 115 43.44 22.70 15.08
CA GLU J 115 42.55 22.65 16.23
C GLU J 115 43.31 22.97 17.51
N GLU J 116 44.49 22.37 17.69
CA GLU J 116 45.28 22.63 18.90
C GLU J 116 45.69 24.09 18.97
N SER J 117 46.11 24.67 17.84
CA SER J 117 46.52 26.07 17.83
C SER J 117 45.36 27.00 18.14
N GLN J 118 44.18 26.72 17.59
CA GLN J 118 43.03 27.58 17.87
C GLN J 118 42.64 27.49 19.35
N ASN J 119 42.63 26.29 19.91
CA ASN J 119 42.31 26.16 21.33
C ASN J 119 43.33 26.89 22.19
N GLN J 120 44.62 26.74 21.87
CA GLN J 120 45.66 27.40 22.65
C GLN J 120 45.55 28.92 22.54
N GLN J 121 45.29 29.44 21.34
CA GLN J 121 45.14 30.88 21.18
C GLN J 121 43.93 31.40 21.94
N GLU J 122 42.81 30.66 21.91
CA GLU J 122 41.63 31.09 22.65
C GLU J 122 41.91 31.11 24.15
N LYS J 123 42.57 30.07 24.67
CA LYS J 123 42.88 30.04 26.09
C LYS J 123 43.83 31.16 26.47
N ASN J 124 44.84 31.42 25.65
CA ASN J 124 45.78 32.50 25.94
C ASN J 124 45.09 33.86 25.91
N GLU J 125 44.19 34.08 24.95
CA GLU J 125 43.44 35.33 24.91
C GLU J 125 42.58 35.48 26.16
N GLN J 126 41.90 34.41 26.56
CA GLN J 126 41.06 34.48 27.75
C GLN J 126 41.89 34.77 29.00
N ASP J 127 43.08 34.18 29.09
CA ASP J 127 43.94 34.43 30.24
C ASP J 127 44.51 35.85 30.25
N LEU J 128 44.94 36.36 29.09
CA LEU J 128 45.58 37.67 29.05
C LEU J 128 44.57 38.81 29.19
N LEU J 129 43.38 38.68 28.58
CA LEU J 129 42.38 39.73 28.70
C LEU J 129 41.86 39.83 30.13
N ALA J 130 41.70 38.68 30.80
CA ALA J 130 41.09 38.66 32.13
C ALA J 130 42.00 39.21 33.21
N LEU J 131 43.29 38.87 33.18
CA LEU J 131 44.20 39.20 34.27
C LEU J 131 44.57 40.68 34.33
N ASP J 132 44.24 41.47 33.31
CA ASP J 132 44.55 42.90 33.34
C ASP J 132 43.58 43.64 34.23
N GLN K 1 -7.21 -11.52 -73.64
CA GLN K 1 -7.28 -10.43 -72.64
C GLN K 1 -8.21 -10.82 -71.50
N VAL K 2 -8.46 -9.89 -70.58
CA VAL K 2 -9.33 -10.16 -69.44
C VAL K 2 -10.77 -10.24 -69.93
N GLN K 3 -11.44 -11.34 -69.63
CA GLN K 3 -12.82 -11.57 -70.03
C GLN K 3 -13.60 -12.11 -68.84
N LEU K 4 -14.80 -11.56 -68.62
CA LEU K 4 -15.72 -12.02 -67.59
C LEU K 4 -17.03 -12.42 -68.26
N VAL K 5 -17.49 -13.64 -67.99
CA VAL K 5 -18.68 -14.19 -68.61
C VAL K 5 -19.62 -14.70 -67.54
N GLN K 6 -20.90 -14.36 -67.67
CA GLN K 6 -21.97 -14.78 -66.78
C GLN K 6 -23.07 -15.44 -67.58
N SER K 7 -24.15 -15.80 -66.90
CA SER K 7 -25.30 -16.41 -67.56
C SER K 7 -26.08 -15.34 -68.33
N GLY K 8 -26.78 -15.79 -69.38
CA GLY K 8 -27.52 -14.88 -70.24
C GLY K 8 -28.78 -14.32 -69.61
N ALA K 9 -29.74 -15.19 -69.31
CA ALA K 9 -31.02 -14.80 -68.75
C ALA K 9 -31.39 -15.74 -67.62
N GLU K 10 -32.21 -15.25 -66.70
CA GLU K 10 -32.62 -16.02 -65.53
C GLU K 10 -34.04 -15.64 -65.15
N VAL K 11 -34.90 -16.64 -65.01
CA VAL K 11 -36.28 -16.46 -64.58
C VAL K 11 -36.48 -17.28 -63.31
N LYS K 12 -36.97 -16.64 -62.25
CA LYS K 12 -37.15 -17.28 -60.96
C LYS K 12 -38.41 -16.75 -60.30
N LYS K 13 -39.15 -17.64 -59.65
CA LYS K 13 -40.34 -17.25 -58.93
C LYS K 13 -39.96 -16.53 -57.63
N PRO K 14 -40.82 -15.65 -57.11
CA PRO K 14 -40.48 -14.96 -55.87
C PRO K 14 -40.39 -15.91 -54.69
N GLY K 15 -39.52 -15.57 -53.74
CA GLY K 15 -39.34 -16.37 -52.55
C GLY K 15 -38.33 -17.49 -52.68
N ALA K 16 -37.79 -17.72 -53.87
CA ALA K 16 -36.82 -18.78 -54.11
C ALA K 16 -35.41 -18.21 -54.02
N SER K 17 -34.42 -19.03 -54.38
CA SER K 17 -33.02 -18.63 -54.38
C SER K 17 -32.43 -18.80 -55.78
N VAL K 18 -31.44 -17.96 -56.09
CA VAL K 18 -30.82 -17.93 -57.40
C VAL K 18 -29.30 -17.97 -57.23
N LYS K 19 -28.65 -18.60 -58.22
CA LYS K 19 -27.21 -18.77 -58.27
C LYS K 19 -26.70 -18.10 -59.54
N VAL K 20 -25.70 -17.24 -59.40
CA VAL K 20 -25.09 -16.54 -60.52
C VAL K 20 -23.61 -16.89 -60.56
N SER K 21 -23.12 -17.29 -61.73
CA SER K 21 -21.73 -17.68 -61.93
C SER K 21 -21.01 -16.61 -62.76
N CYS K 22 -19.85 -16.19 -62.27
CA CYS K 22 -18.98 -15.24 -62.97
C CYS K 22 -17.65 -15.93 -63.23
N LYS K 23 -17.42 -16.33 -64.48
CA LYS K 23 -16.19 -17.02 -64.86
C LYS K 23 -15.24 -16.01 -65.49
N ALA K 24 -14.00 -16.00 -65.02
CA ALA K 24 -12.98 -15.05 -65.44
C ALA K 24 -11.88 -15.77 -66.18
N SER K 25 -11.41 -15.18 -67.27
CA SER K 25 -10.34 -15.75 -68.09
C SER K 25 -9.37 -14.65 -68.50
N GLY K 26 -8.12 -15.04 -68.70
CA GLY K 26 -7.09 -14.15 -69.18
C GLY K 26 -6.18 -13.57 -68.11
N TYR K 27 -6.41 -13.88 -66.84
CA TYR K 27 -5.57 -13.37 -65.77
C TYR K 27 -5.67 -14.29 -64.57
N THR K 28 -4.73 -14.14 -63.64
CA THR K 28 -4.71 -14.95 -62.43
C THR K 28 -5.92 -14.60 -61.57
N PHE K 29 -6.69 -15.62 -61.20
CA PHE K 29 -7.93 -15.38 -60.45
C PHE K 29 -7.65 -14.88 -59.04
N THR K 30 -6.54 -15.31 -58.44
CA THR K 30 -6.21 -14.97 -57.05
C THR K 30 -5.39 -13.69 -56.93
N GLY K 31 -5.33 -12.87 -57.99
CA GLY K 31 -4.52 -11.66 -57.96
C GLY K 31 -5.31 -10.40 -57.67
N TYR K 32 -6.63 -10.44 -57.83
CA TYR K 32 -7.48 -9.27 -57.67
C TYR K 32 -8.77 -9.64 -56.97
N TYR K 33 -9.36 -8.67 -56.27
CA TYR K 33 -10.65 -8.85 -55.65
C TYR K 33 -11.74 -8.99 -56.73
N MET K 34 -12.91 -9.49 -56.32
CA MET K 34 -14.06 -9.61 -57.21
C MET K 34 -15.26 -8.94 -56.57
N HIS K 35 -15.85 -7.97 -57.26
CA HIS K 35 -16.97 -7.18 -56.75
C HIS K 35 -18.25 -7.56 -57.48
N TRP K 36 -19.35 -7.52 -56.74
CA TRP K 36 -20.69 -7.76 -57.27
C TRP K 36 -21.54 -6.52 -57.04
N VAL K 37 -22.23 -6.07 -58.10
CA VAL K 37 -23.13 -4.93 -58.04
C VAL K 37 -24.43 -5.30 -58.76
N ARG K 38 -25.46 -4.49 -58.53
CA ARG K 38 -26.78 -4.72 -59.09
C ARG K 38 -27.30 -3.42 -59.71
N GLN K 39 -28.07 -3.54 -60.79
CA GLN K 39 -28.65 -2.41 -61.50
C GLN K 39 -30.08 -2.76 -61.91
N ALA K 40 -31.05 -2.08 -61.31
CA ALA K 40 -32.44 -2.26 -61.70
C ALA K 40 -32.74 -1.44 -62.95
N PRO K 41 -33.75 -1.83 -63.74
CA PRO K 41 -34.10 -1.03 -64.93
C PRO K 41 -34.59 0.35 -64.52
N GLY K 42 -33.97 1.37 -65.09
CA GLY K 42 -34.26 2.76 -64.72
C GLY K 42 -33.38 3.28 -63.61
N GLN K 43 -33.20 2.50 -62.56
CA GLN K 43 -32.36 2.89 -61.43
C GLN K 43 -30.89 2.70 -61.79
N GLY K 44 -30.03 3.40 -61.05
CA GLY K 44 -28.60 3.35 -61.28
C GLY K 44 -27.95 2.08 -60.74
N LEU K 45 -26.66 2.19 -60.42
CA LEU K 45 -25.89 1.06 -59.95
C LEU K 45 -25.96 0.99 -58.42
N GLU K 46 -26.24 -0.21 -57.91
CA GLU K 46 -26.25 -0.47 -56.48
C GLU K 46 -25.14 -1.46 -56.16
N TRP K 47 -24.26 -1.08 -55.24
CA TRP K 47 -23.13 -1.92 -54.87
C TRP K 47 -23.56 -2.98 -53.86
N MET K 48 -23.33 -4.24 -54.19
CA MET K 48 -23.70 -5.35 -53.32
C MET K 48 -22.56 -5.77 -52.40
N GLY K 49 -21.38 -6.06 -52.93
CA GLY K 49 -20.30 -6.45 -52.05
C GLY K 49 -19.05 -6.82 -52.81
N TRP K 50 -18.07 -7.33 -52.05
CA TRP K 50 -16.81 -7.81 -52.62
C TRP K 50 -16.36 -9.08 -51.92
N ILE K 51 -15.53 -9.84 -52.63
CA ILE K 51 -15.00 -11.11 -52.17
C ILE K 51 -13.53 -11.21 -52.56
N ASN K 52 -12.71 -11.69 -51.63
CA ASN K 52 -11.29 -11.94 -51.89
C ASN K 52 -11.11 -13.37 -52.37
N PRO K 53 -10.63 -13.61 -53.60
CA PRO K 53 -10.51 -15.00 -54.07
C PRO K 53 -9.56 -15.86 -53.25
N ASN K 54 -8.48 -15.29 -52.70
CA ASN K 54 -7.49 -16.10 -52.00
C ASN K 54 -8.09 -16.79 -50.78
N SER K 55 -8.53 -16.01 -49.80
CA SER K 55 -9.17 -16.53 -48.61
C SER K 55 -10.69 -16.57 -48.84
N GLY K 56 -11.44 -16.93 -47.81
CA GLY K 56 -12.88 -16.90 -47.88
C GLY K 56 -13.46 -15.60 -47.34
N ARG K 57 -12.63 -14.57 -47.25
CA ARG K 57 -13.06 -13.30 -46.69
C ARG K 57 -13.97 -12.57 -47.68
N THR K 58 -15.19 -12.28 -47.24
CA THR K 58 -16.18 -11.58 -48.04
C THR K 58 -16.78 -10.46 -47.22
N ASN K 59 -17.24 -9.41 -47.90
CA ASN K 59 -17.92 -8.29 -47.24
C ASN K 59 -19.10 -7.86 -48.09
N TYR K 60 -20.22 -7.61 -47.41
CA TYR K 60 -21.46 -7.18 -48.04
C TYR K 60 -21.91 -5.85 -47.44
N ALA K 61 -22.64 -5.08 -48.24
CA ALA K 61 -23.15 -3.79 -47.79
C ALA K 61 -24.37 -4.01 -46.90
N GLN K 62 -24.95 -2.89 -46.43
CA GLN K 62 -26.15 -2.98 -45.62
C GLN K 62 -27.33 -3.46 -46.46
N LYS K 63 -28.33 -3.99 -45.77
CA LYS K 63 -29.53 -4.56 -46.39
C LYS K 63 -29.24 -5.82 -47.21
N PHE K 64 -28.05 -6.41 -47.03
CA PHE K 64 -27.69 -7.64 -47.71
C PHE K 64 -27.00 -8.67 -46.82
N GLN K 65 -26.68 -8.35 -45.58
CA GLN K 65 -26.00 -9.31 -44.71
C GLN K 65 -26.95 -10.45 -44.36
N GLY K 66 -26.51 -11.68 -44.63
CA GLY K 66 -27.31 -12.86 -44.42
C GLY K 66 -28.24 -13.20 -45.57
N ARG K 67 -28.72 -12.19 -46.29
CA ARG K 67 -29.62 -12.43 -47.42
C ARG K 67 -28.88 -12.95 -48.65
N VAL K 68 -27.59 -12.63 -48.79
CA VAL K 68 -26.79 -13.03 -49.94
C VAL K 68 -25.48 -13.61 -49.45
N THR K 69 -24.87 -14.46 -50.28
CA THR K 69 -23.58 -15.06 -49.96
C THR K 69 -22.74 -15.14 -51.23
N MET K 70 -21.42 -15.09 -51.04
CA MET K 70 -20.45 -15.15 -52.12
C MET K 70 -19.43 -16.24 -51.82
N THR K 71 -19.16 -17.08 -52.82
CA THR K 71 -18.14 -18.12 -52.73
C THR K 71 -17.34 -18.12 -54.03
N ARG K 72 -16.32 -18.98 -54.09
CA ARG K 72 -15.47 -19.03 -55.26
C ARG K 72 -14.91 -20.44 -55.43
N ASP K 73 -14.49 -20.74 -56.65
CA ASP K 73 -13.83 -22.00 -56.98
C ASP K 73 -12.56 -21.66 -57.74
N THR K 74 -11.41 -21.93 -57.12
CA THR K 74 -10.12 -21.57 -57.70
C THR K 74 -9.70 -22.53 -58.81
N SER K 75 -10.08 -23.80 -58.71
CA SER K 75 -9.66 -24.77 -59.73
C SER K 75 -10.21 -24.41 -61.10
N ILE K 76 -11.48 -24.00 -61.17
CA ILE K 76 -12.08 -23.53 -62.42
C ILE K 76 -12.10 -22.02 -62.52
N SER K 77 -11.71 -21.30 -61.46
CA SER K 77 -11.68 -19.83 -61.47
C SER K 77 -13.05 -19.25 -61.79
N THR K 78 -14.01 -19.52 -60.90
CA THR K 78 -15.38 -19.04 -61.08
C THR K 78 -15.94 -18.59 -59.74
N ALA K 79 -16.50 -17.39 -59.70
CA ALA K 79 -17.14 -16.86 -58.51
C ALA K 79 -18.64 -17.16 -58.54
N TYR K 80 -19.18 -17.49 -57.37
CA TYR K 80 -20.57 -17.86 -57.20
C TYR K 80 -21.26 -16.87 -56.28
N MET K 81 -22.44 -16.41 -56.70
CA MET K 81 -23.26 -15.45 -55.96
C MET K 81 -24.61 -16.09 -55.72
N GLU K 82 -24.91 -16.40 -54.45
CA GLU K 82 -26.16 -17.05 -54.07
C GLU K 82 -27.03 -16.03 -53.36
N LEU K 83 -28.18 -15.71 -53.95
CA LEU K 83 -29.11 -14.74 -53.40
C LEU K 83 -30.44 -15.41 -53.11
N SER K 84 -30.89 -15.32 -51.87
CA SER K 84 -32.13 -15.94 -51.41
C SER K 84 -33.17 -14.87 -51.11
N ARG K 85 -34.42 -15.32 -50.99
CA ARG K 85 -35.54 -14.45 -50.61
C ARG K 85 -35.75 -13.36 -51.66
N LEU K 86 -35.92 -13.79 -52.91
CA LEU K 86 -36.14 -12.85 -54.00
C LEU K 86 -37.52 -12.23 -53.88
N ARG K 87 -37.58 -10.91 -54.05
CA ARG K 87 -38.81 -10.15 -53.96
C ARG K 87 -39.25 -9.70 -55.35
N SER K 88 -40.34 -8.93 -55.42
CA SER K 88 -40.84 -8.47 -56.71
C SER K 88 -39.94 -7.40 -57.32
N ASP K 89 -39.23 -6.64 -56.49
CA ASP K 89 -38.39 -5.55 -56.95
C ASP K 89 -36.96 -5.99 -57.27
N ASP K 90 -36.67 -7.29 -57.21
CA ASP K 90 -35.33 -7.80 -57.48
C ASP K 90 -35.07 -8.05 -58.96
N THR K 91 -36.03 -7.76 -59.83
CA THR K 91 -35.83 -7.90 -61.27
C THR K 91 -34.77 -6.89 -61.71
N ALA K 92 -33.58 -7.37 -62.01
CA ALA K 92 -32.46 -6.47 -62.26
C ALA K 92 -31.31 -7.23 -62.92
N VAL K 93 -30.30 -6.48 -63.35
CA VAL K 93 -29.10 -7.03 -63.96
C VAL K 93 -27.98 -7.00 -62.92
N TYR K 94 -27.41 -8.16 -62.64
CA TYR K 94 -26.30 -8.29 -61.71
C TYR K 94 -24.99 -8.31 -62.48
N TYR K 95 -24.06 -7.45 -62.09
CA TYR K 95 -22.78 -7.29 -62.77
C TYR K 95 -21.62 -7.70 -61.88
N CYS K 96 -20.64 -8.35 -62.50
CA CYS K 96 -19.44 -8.87 -61.86
C CYS K 96 -18.25 -8.06 -62.36
N ALA K 97 -17.47 -7.50 -61.43
CA ALA K 97 -16.39 -6.59 -61.77
C ALA K 97 -15.11 -7.00 -61.06
N ARG K 98 -13.98 -6.53 -61.60
CA ARG K 98 -12.66 -6.82 -61.07
C ARG K 98 -12.17 -5.62 -60.26
N GLY K 99 -11.81 -5.84 -59.00
CA GLY K 99 -11.41 -4.77 -58.12
C GLY K 99 -9.94 -4.42 -58.22
N GLY K 100 -9.32 -4.07 -57.09
CA GLY K 100 -7.94 -3.68 -57.07
C GLY K 100 -7.00 -4.88 -56.97
N TRP K 101 -5.73 -4.56 -56.75
CA TRP K 101 -4.67 -5.57 -56.67
C TRP K 101 -4.47 -6.01 -55.23
N ILE K 102 -4.34 -7.32 -55.04
CA ILE K 102 -4.10 -7.88 -53.71
C ILE K 102 -2.60 -7.81 -53.44
N SER K 103 -2.21 -7.08 -52.40
CA SER K 103 -0.81 -6.83 -52.09
C SER K 103 -0.36 -7.38 -50.74
N LEU K 104 -1.28 -7.70 -49.83
CA LEU K 104 -0.96 -8.23 -48.50
C LEU K 104 -0.24 -7.22 -47.62
N TYR K 105 -0.23 -5.94 -47.99
CA TYR K 105 0.39 -4.89 -47.19
C TYR K 105 -0.51 -3.67 -46.98
N TYR K 106 -1.48 -3.44 -47.85
CA TYR K 106 -2.45 -2.36 -47.66
C TYR K 106 -3.80 -2.82 -48.18
N ASP K 107 -4.86 -2.24 -47.60
CA ASP K 107 -6.23 -2.67 -47.90
C ASP K 107 -6.66 -1.99 -49.20
N SER K 108 -6.65 -2.76 -50.29
CA SER K 108 -7.06 -2.29 -51.60
C SER K 108 -8.47 -2.72 -51.98
N SER K 109 -9.22 -3.31 -51.05
CA SER K 109 -10.54 -3.82 -51.35
C SER K 109 -11.54 -2.69 -51.63
N GLY K 110 -11.42 -1.57 -50.91
CA GLY K 110 -12.38 -0.50 -51.01
C GLY K 110 -12.17 0.48 -52.14
N TYR K 111 -11.14 0.32 -52.95
CA TYR K 111 -10.90 1.25 -54.05
C TYR K 111 -11.95 1.02 -55.15
N PRO K 112 -12.72 2.04 -55.58
CA PRO K 112 -13.71 1.82 -56.65
C PRO K 112 -13.09 1.94 -58.04
N ASN K 113 -12.22 0.99 -58.38
CA ASN K 113 -11.55 0.94 -59.67
C ASN K 113 -11.93 -0.38 -60.34
N PHE K 114 -12.87 -0.32 -61.28
CA PHE K 114 -13.40 -1.49 -61.99
C PHE K 114 -13.04 -1.33 -63.47
N ASP K 115 -11.96 -2.00 -63.89
CA ASP K 115 -11.52 -1.89 -65.27
C ASP K 115 -12.45 -2.66 -66.22
N TYR K 116 -12.82 -3.88 -65.85
CA TYR K 116 -13.58 -4.77 -66.72
C TYR K 116 -14.91 -5.15 -66.09
N TRP K 117 -15.90 -5.38 -66.94
CA TRP K 117 -17.24 -5.73 -66.53
C TRP K 117 -17.76 -6.88 -67.38
N GLY K 118 -18.60 -7.73 -66.77
CA GLY K 118 -19.27 -8.77 -67.52
C GLY K 118 -20.51 -8.24 -68.22
N GLN K 119 -21.12 -9.10 -69.04
CA GLN K 119 -22.32 -8.70 -69.75
C GLN K 119 -23.52 -8.56 -68.83
N GLY K 120 -23.48 -9.16 -67.65
CA GLY K 120 -24.55 -9.05 -66.68
C GLY K 120 -25.54 -10.20 -66.79
N THR K 121 -26.08 -10.59 -65.62
CA THR K 121 -27.09 -11.62 -65.52
C THR K 121 -28.43 -10.98 -65.21
N LEU K 122 -29.40 -11.17 -66.09
CA LEU K 122 -30.72 -10.56 -65.95
C LEU K 122 -31.62 -11.51 -65.16
N VAL K 123 -31.90 -11.17 -63.92
CA VAL K 123 -32.86 -11.90 -63.09
C VAL K 123 -34.20 -11.21 -63.26
N THR K 124 -35.23 -11.99 -63.56
CA THR K 124 -36.58 -11.50 -63.79
C THR K 124 -37.55 -12.24 -62.89
N VAL K 125 -38.39 -11.49 -62.19
CA VAL K 125 -39.36 -12.05 -61.25
C VAL K 125 -40.77 -11.65 -61.69
N SER K 126 -40.98 -11.54 -62.99
CA SER K 126 -42.27 -11.15 -63.54
C SER K 126 -43.25 -12.32 -63.50
N GLN L 1 -31.28 5.23 -45.25
CA GLN L 1 -30.06 5.14 -46.10
C GLN L 1 -30.22 6.03 -47.33
N SER L 2 -29.20 6.85 -47.61
CA SER L 2 -29.20 7.74 -48.76
C SER L 2 -27.87 7.63 -49.49
N ALA L 3 -27.92 7.75 -50.81
CA ALA L 3 -26.74 7.69 -51.65
C ALA L 3 -26.17 9.08 -51.81
N LEU L 4 -25.11 9.21 -52.62
CA LEU L 4 -24.51 10.51 -52.87
C LEU L 4 -25.47 11.42 -53.63
N THR L 5 -25.46 12.70 -53.28
CA THR L 5 -26.30 13.68 -53.93
C THR L 5 -25.69 14.06 -55.28
N GLN L 6 -26.44 13.81 -56.36
CA GLN L 6 -25.98 14.08 -57.72
C GLN L 6 -27.13 14.72 -58.50
N PRO L 7 -26.84 15.63 -59.43
CA PRO L 7 -27.92 16.16 -60.27
C PRO L 7 -28.56 15.07 -61.13
N ALA L 8 -29.85 15.22 -61.38
CA ALA L 8 -30.61 14.25 -62.15
C ALA L 8 -30.63 14.53 -63.64
N SER L 9 -30.29 15.75 -64.06
CA SER L 9 -30.32 16.12 -65.48
C SER L 9 -29.30 17.21 -65.74
N VAL L 10 -28.42 16.98 -66.70
CA VAL L 10 -27.43 17.96 -67.14
C VAL L 10 -27.54 18.08 -68.65
N SER L 11 -27.63 19.31 -69.15
CA SER L 11 -27.77 19.59 -70.57
C SER L 11 -26.64 20.49 -71.03
N GLY L 12 -26.22 20.29 -72.27
CA GLY L 12 -25.15 21.08 -72.86
C GLY L 12 -25.26 21.14 -74.37
N SER L 13 -24.22 21.67 -75.02
CA SER L 13 -24.15 21.80 -76.47
C SER L 13 -22.81 21.33 -76.97
N PRO L 14 -22.70 20.96 -78.25
CA PRO L 14 -21.39 20.56 -78.79
C PRO L 14 -20.38 21.70 -78.70
N GLY L 15 -19.12 21.33 -78.51
CA GLY L 15 -18.06 22.32 -78.42
C GLY L 15 -18.19 23.23 -77.22
N GLN L 16 -18.48 22.64 -76.06
CA GLN L 16 -18.68 23.41 -74.83
C GLN L 16 -18.05 22.66 -73.67
N SER L 17 -17.65 23.42 -72.65
CA SER L 17 -17.07 22.87 -71.42
C SER L 17 -18.18 22.79 -70.38
N ILE L 18 -18.49 21.57 -69.92
CA ILE L 18 -19.58 21.33 -68.98
C ILE L 18 -19.02 20.52 -67.81
N THR L 19 -19.40 20.94 -66.60
CA THR L 19 -18.96 20.29 -65.37
C THR L 19 -20.15 19.68 -64.65
N ILE L 20 -20.01 18.41 -64.24
CA ILE L 20 -21.02 17.70 -63.48
C ILE L 20 -20.40 17.40 -62.11
N SER L 21 -21.02 17.90 -61.05
CA SER L 21 -20.49 17.82 -59.70
C SER L 21 -21.37 16.93 -58.84
N CYS L 22 -20.74 15.98 -58.14
CA CYS L 22 -21.40 15.13 -57.17
C CYS L 22 -20.82 15.41 -55.78
N THR L 23 -21.70 15.58 -54.81
CA THR L 23 -21.34 15.89 -53.42
C THR L 23 -21.95 14.86 -52.49
N GLY L 24 -21.27 14.61 -51.37
CA GLY L 24 -21.71 13.63 -50.40
C GLY L 24 -21.54 14.10 -48.97
N THR L 25 -21.50 13.15 -48.03
CA THR L 25 -21.37 13.47 -46.63
C THR L 25 -19.91 13.75 -46.27
N SER L 26 -19.65 14.01 -45.00
CA SER L 26 -18.31 14.31 -44.53
C SER L 26 -17.43 13.06 -44.42
N SER L 27 -18.02 11.87 -44.44
CA SER L 27 -17.26 10.62 -44.32
C SER L 27 -16.94 9.97 -45.65
N ASP L 28 -17.74 10.22 -46.69
CA ASP L 28 -17.52 9.61 -47.99
C ASP L 28 -16.51 10.40 -48.82
N VAL L 29 -16.75 11.69 -49.01
CA VAL L 29 -15.92 12.55 -49.83
C VAL L 29 -15.13 13.57 -49.00
N GLY L 30 -15.36 13.63 -47.69
CA GLY L 30 -14.72 14.67 -46.89
C GLY L 30 -13.24 14.43 -46.68
N SER L 31 -12.85 13.16 -46.51
CA SER L 31 -11.47 12.83 -46.16
C SER L 31 -10.91 11.63 -46.93
N TYR L 32 -11.58 11.18 -47.99
CA TYR L 32 -11.11 10.08 -48.83
C TYR L 32 -10.94 10.59 -50.25
N ASN L 33 -9.78 10.28 -50.85
CA ASN L 33 -9.44 10.72 -52.21
C ASN L 33 -9.72 9.63 -53.24
N LEU L 34 -10.74 8.80 -53.00
CA LEU L 34 -11.13 7.73 -53.92
C LEU L 34 -12.50 8.10 -54.50
N VAL L 35 -12.47 8.83 -55.62
CA VAL L 35 -13.67 9.20 -56.36
C VAL L 35 -13.46 8.77 -57.80
N SER L 36 -14.45 8.08 -58.37
CA SER L 36 -14.38 7.56 -59.72
C SER L 36 -15.60 7.99 -60.51
N TRP L 37 -15.41 8.10 -61.82
CA TRP L 37 -16.47 8.43 -62.76
C TRP L 37 -16.52 7.37 -63.86
N TYR L 38 -17.71 6.78 -64.02
CA TYR L 38 -17.98 5.79 -65.06
C TYR L 38 -19.07 6.31 -65.99
N GLN L 39 -19.09 5.81 -67.22
CA GLN L 39 -20.15 6.10 -68.17
C GLN L 39 -20.79 4.78 -68.62
N GLN L 40 -22.04 4.88 -69.07
CA GLN L 40 -22.82 3.70 -69.43
C GLN L 40 -23.88 4.08 -70.44
N HIS L 41 -23.80 3.53 -71.64
CA HIS L 41 -24.91 3.60 -72.57
C HIS L 41 -25.95 2.54 -72.21
N PRO L 42 -27.23 2.76 -72.54
CA PRO L 42 -28.22 1.72 -72.24
C PRO L 42 -27.98 0.47 -73.04
N GLY L 43 -28.22 -0.68 -72.40
CA GLY L 43 -28.10 -1.96 -73.07
C GLY L 43 -26.71 -2.56 -73.09
N LYS L 44 -25.73 -1.95 -72.44
CA LYS L 44 -24.39 -2.52 -72.36
C LYS L 44 -23.78 -2.16 -71.02
N ALA L 45 -22.66 -2.81 -70.71
CA ALA L 45 -22.01 -2.63 -69.43
C ALA L 45 -21.29 -1.27 -69.37
N PRO L 46 -21.07 -0.74 -68.16
CA PRO L 46 -20.30 0.50 -68.04
C PRO L 46 -18.82 0.27 -68.24
N LYS L 47 -18.08 1.38 -68.28
CA LYS L 47 -16.63 1.34 -68.35
C LYS L 47 -16.06 2.51 -67.57
N LEU L 48 -14.82 2.34 -67.13
CA LEU L 48 -14.16 3.39 -66.35
C LEU L 48 -13.79 4.57 -67.24
N MET L 49 -14.00 5.78 -66.72
CA MET L 49 -13.59 7.01 -67.38
C MET L 49 -12.55 7.77 -66.58
N ILE L 50 -12.78 7.99 -65.28
CA ILE L 50 -11.81 8.67 -64.42
C ILE L 50 -11.71 7.89 -63.12
N TYR L 51 -10.48 7.73 -62.62
CA TYR L 51 -10.23 7.09 -61.33
C TYR L 51 -9.26 7.92 -60.53
N GLU L 52 -9.40 7.86 -59.20
CA GLU L 52 -8.58 8.63 -58.27
C GLU L 52 -8.66 10.12 -58.58
N VAL L 53 -9.89 10.64 -58.59
CA VAL L 53 -10.25 12.07 -58.63
C VAL L 53 -9.72 12.80 -59.87
N SER L 54 -8.43 12.65 -60.20
CA SER L 54 -7.84 13.38 -61.32
C SER L 54 -7.01 12.53 -62.27
N LYS L 55 -6.66 11.30 -61.92
CA LYS L 55 -5.87 10.47 -62.83
C LYS L 55 -6.73 9.97 -63.98
N ARG L 56 -6.05 9.53 -65.05
CA ARG L 56 -6.70 9.11 -66.27
C ARG L 56 -6.21 7.70 -66.62
N PRO L 57 -7.11 6.75 -66.89
CA PRO L 57 -6.65 5.43 -67.32
C PRO L 57 -6.24 5.41 -68.79
N SER L 58 -5.49 4.38 -69.15
CA SER L 58 -5.04 4.20 -70.53
C SER L 58 -6.24 3.83 -71.40
N GLY L 59 -6.35 4.50 -72.55
CA GLY L 59 -7.44 4.27 -73.49
C GLY L 59 -8.43 5.41 -73.57
N VAL L 60 -8.39 6.36 -72.63
CA VAL L 60 -9.29 7.51 -72.61
C VAL L 60 -8.51 8.74 -73.03
N SER L 61 -9.07 9.52 -73.95
CA SER L 61 -8.41 10.70 -74.47
C SER L 61 -8.42 11.82 -73.42
N ASN L 62 -7.90 12.98 -73.81
CA ASN L 62 -7.76 14.12 -72.91
C ASN L 62 -9.00 15.01 -72.88
N ARG L 63 -10.16 14.47 -73.27
CA ARG L 63 -11.38 15.26 -73.24
C ARG L 63 -11.91 15.44 -71.81
N PHE L 64 -11.65 14.48 -70.93
CA PHE L 64 -12.19 14.48 -69.58
C PHE L 64 -11.14 14.97 -68.59
N SER L 65 -11.62 15.47 -67.45
CA SER L 65 -10.75 15.94 -66.38
C SER L 65 -11.43 15.60 -65.05
N GLY L 66 -10.94 16.20 -63.97
CA GLY L 66 -11.50 15.95 -62.66
C GLY L 66 -11.06 16.98 -61.66
N SER L 67 -11.72 16.98 -60.51
CA SER L 67 -11.40 17.90 -59.43
C SER L 67 -11.81 17.28 -58.10
N LYS L 68 -11.29 17.85 -57.02
CA LYS L 68 -11.55 17.35 -55.67
C LYS L 68 -11.42 18.54 -54.71
N SER L 69 -12.55 19.02 -54.19
CA SER L 69 -12.57 20.16 -53.29
C SER L 69 -13.63 19.95 -52.23
N GLY L 70 -13.25 20.11 -50.96
CA GLY L 70 -14.18 20.01 -49.86
C GLY L 70 -14.88 18.66 -49.78
N ASN L 71 -16.19 18.67 -50.04
CA ASN L 71 -17.02 17.47 -50.00
C ASN L 71 -17.72 17.23 -51.33
N THR L 72 -17.10 17.65 -52.44
CA THR L 72 -17.67 17.48 -53.75
C THR L 72 -16.55 17.23 -54.76
N ALA L 73 -16.89 16.54 -55.85
CA ALA L 73 -15.97 16.26 -56.93
C ALA L 73 -16.69 16.44 -58.26
N SER L 74 -15.99 17.04 -59.23
CA SER L 74 -16.58 17.43 -60.49
C SER L 74 -15.84 16.79 -61.66
N LEU L 75 -16.61 16.27 -62.62
CA LEU L 75 -16.10 15.79 -63.90
C LEU L 75 -16.34 16.89 -64.93
N THR L 76 -15.26 17.35 -65.56
CA THR L 76 -15.30 18.40 -66.57
C THR L 76 -15.06 17.78 -67.93
N ILE L 77 -15.99 18.02 -68.86
CA ILE L 77 -15.91 17.50 -70.22
C ILE L 77 -15.87 18.70 -71.15
N SER L 78 -14.84 18.74 -72.00
CA SER L 78 -14.64 19.82 -72.96
C SER L 78 -14.77 19.27 -74.38
N GLY L 79 -15.47 20.00 -75.23
CA GLY L 79 -15.69 19.56 -76.59
C GLY L 79 -16.71 18.44 -76.68
N LEU L 80 -17.95 18.72 -76.30
CA LEU L 80 -18.98 17.70 -76.29
C LEU L 80 -19.34 17.27 -77.71
N GLN L 81 -19.81 16.04 -77.84
CA GLN L 81 -20.26 15.47 -79.09
C GLN L 81 -21.59 14.75 -78.86
N ALA L 82 -22.22 14.33 -79.96
CA ALA L 82 -23.48 13.59 -79.84
C ALA L 82 -23.29 12.20 -79.25
N GLU L 83 -22.06 11.68 -79.25
CA GLU L 83 -21.82 10.35 -78.69
C GLU L 83 -21.85 10.36 -77.17
N ASP L 84 -21.78 11.52 -76.53
CA ASP L 84 -21.70 11.61 -75.08
C ASP L 84 -23.07 11.48 -74.40
N GLU L 85 -24.16 11.37 -75.17
CA GLU L 85 -25.48 11.22 -74.58
C GLU L 85 -25.63 9.83 -73.98
N ALA L 86 -25.34 9.70 -72.69
CA ALA L 86 -25.44 8.43 -71.98
C ALA L 86 -25.55 8.72 -70.50
N ASP L 87 -25.48 7.68 -69.67
CA ASP L 87 -25.55 7.81 -68.23
C ASP L 87 -24.15 7.96 -67.65
N TYR L 88 -24.02 8.80 -66.64
CA TYR L 88 -22.76 9.02 -65.93
C TYR L 88 -22.97 8.75 -64.45
N TYR L 89 -22.04 8.00 -63.85
CA TYR L 89 -22.13 7.60 -62.46
C TYR L 89 -20.88 8.03 -61.72
N CYS L 90 -21.07 8.66 -60.57
CA CYS L 90 -19.99 9.12 -59.69
C CYS L 90 -19.98 8.22 -58.46
N CYS L 91 -18.91 7.44 -58.31
CA CYS L 91 -18.75 6.47 -57.25
C CYS L 91 -17.68 6.93 -56.27
N SER L 92 -17.81 6.51 -55.01
CA SER L 92 -16.88 6.92 -53.97
C SER L 92 -16.77 5.82 -52.92
N TYR L 93 -15.76 5.97 -52.07
CA TYR L 93 -15.49 5.02 -50.98
C TYR L 93 -16.02 5.63 -49.68
N ALA L 94 -16.94 4.92 -49.03
CA ALA L 94 -17.66 5.44 -47.88
C ALA L 94 -17.09 4.96 -46.54
N GLY L 95 -15.95 4.29 -46.55
CA GLY L 95 -15.35 3.82 -45.32
C GLY L 95 -15.86 2.45 -44.90
N SER L 96 -15.12 1.82 -44.00
CA SER L 96 -15.44 0.49 -43.48
C SER L 96 -15.52 -0.53 -44.61
N SER L 97 -14.67 -0.36 -45.62
CA SER L 97 -14.61 -1.28 -46.77
C SER L 97 -15.96 -1.36 -47.49
N THR L 98 -16.59 -0.20 -47.66
CA THR L 98 -17.86 -0.08 -48.37
C THR L 98 -17.71 0.89 -49.53
N VAL L 99 -18.36 0.56 -50.65
CA VAL L 99 -18.32 1.36 -51.86
C VAL L 99 -19.73 1.83 -52.16
N ILE L 100 -19.87 3.12 -52.44
CA ILE L 100 -21.18 3.75 -52.65
C ILE L 100 -21.18 4.45 -54.00
N PHE L 101 -22.27 4.29 -54.74
CA PHE L 101 -22.45 4.90 -56.05
C PHE L 101 -23.36 6.12 -55.95
N GLY L 102 -23.37 6.91 -57.01
CA GLY L 102 -24.17 8.10 -57.07
C GLY L 102 -25.61 7.81 -57.47
N GLY L 103 -26.44 8.87 -57.40
CA GLY L 103 -27.84 8.72 -57.75
C GLY L 103 -28.05 8.39 -59.22
N GLY L 104 -27.31 9.07 -60.10
CA GLY L 104 -27.44 8.86 -61.53
C GLY L 104 -27.72 10.15 -62.28
N THR L 105 -27.08 10.32 -63.45
CA THR L 105 -27.25 11.50 -64.28
C THR L 105 -27.33 11.08 -65.73
N LYS L 106 -28.09 11.85 -66.51
CA LYS L 106 -28.25 11.61 -67.95
C LYS L 106 -27.84 12.89 -68.69
N LEU L 107 -26.75 12.82 -69.44
CA LEU L 107 -26.27 13.97 -70.19
C LEU L 107 -27.09 14.15 -71.47
N THR L 108 -27.51 15.39 -71.73
CA THR L 108 -28.29 15.73 -72.90
C THR L 108 -27.53 16.73 -73.75
N VAL L 109 -27.62 16.59 -75.07
CA VAL L 109 -26.98 17.48 -76.03
C VAL L 109 -28.07 18.15 -76.84
N LEU L 110 -28.07 19.48 -76.85
CA LEU L 110 -29.08 20.25 -77.56
C LEU L 110 -28.55 20.71 -78.92
C1 NAG M . 14.52 -38.37 4.79
C2 NAG M . 15.57 -39.45 4.52
C3 NAG M . 16.38 -39.09 3.29
C4 NAG M . 15.47 -38.82 2.10
C5 NAG M . 14.42 -37.77 2.48
C6 NAG M . 13.40 -37.53 1.39
C7 NAG M . 17.03 -40.80 5.96
C8 NAG M . 17.89 -40.81 7.19
N2 NAG M . 16.43 -39.63 5.68
O3 NAG M . 17.26 -40.18 2.97
O4 NAG M . 16.23 -38.34 0.99
O5 NAG M . 13.70 -38.20 3.64
O6 NAG M . 12.90 -38.75 0.86
O7 NAG M . 16.88 -41.80 5.27
H2 NAG M . 15.10 -40.29 4.34
H3 NAG M . 16.92 -38.30 3.47
H4 NAG M . 15.02 -39.65 1.85
H5 NAG M . 14.88 -36.93 2.68
H61 NAG M . 13.82 -37.02 0.67
H62 NAG M . 12.66 -37.02 1.75
H81 NAG M . 18.43 -41.62 7.21
H82 NAG M . 17.32 -40.80 7.99
H83 NAG M . 18.47 -40.02 7.20
HN2 NAG M . 16.58 -38.92 6.23
HO3 NAG M . 17.54 -40.10 2.14
HO6 NAG M . 12.42 -38.59 0.13
C1 NAG M . 16.08 -39.26 -0.12
C2 NAG M . 16.25 -38.48 -1.43
C3 NAG M . 16.15 -39.46 -2.61
C4 NAG M . 17.14 -40.60 -2.45
C5 NAG M . 16.95 -41.28 -1.10
C6 NAG M . 18.00 -42.33 -0.81
C7 NAG M . 15.55 -36.13 -1.40
C8 NAG M . 14.41 -35.18 -1.58
N2 NAG M . 15.27 -37.43 -1.55
O3 NAG M . 16.42 -38.75 -3.81
O4 NAG M . 16.93 -41.56 -3.48
O5 NAG M . 17.06 -40.31 -0.04
O6 NAG M . 17.43 -43.48 -0.19
O7 NAG M . 16.69 -35.74 -1.16
H2 NAG M . 17.15 -38.11 -1.44
H3 NAG M . 15.25 -39.81 -2.64
H4 NAG M . 18.05 -40.25 -2.51
H5 NAG M . 16.07 -41.68 -1.06
H61 NAG M . 18.69 -41.96 -0.23
H62 NAG M . 18.41 -42.59 -1.66
H81 NAG M . 14.65 -34.31 -1.19
H82 NAG M . 13.63 -35.53 -1.13
H83 NAG M . 14.23 -35.07 -2.53
HN2 NAG M . 14.41 -37.66 -1.74
HO3 NAG M . 16.32 -39.29 -4.51
HO6 NAG M . 18.08 -43.99 0.13
C1 BMA M . 17.98 -41.44 -4.46
C2 BMA M . 18.28 -42.86 -4.98
C3 BMA M . 19.25 -42.80 -6.17
C4 BMA M . 18.79 -41.77 -7.21
C5 BMA M . 18.58 -40.41 -6.54
C6 BMA M . 18.10 -39.34 -7.51
O2 BMA M . 17.10 -43.50 -5.45
O3 BMA M . 19.43 -44.07 -6.77
O4 BMA M . 19.77 -41.65 -8.24
O5 BMA M . 17.58 -40.57 -5.52
O6 BMA M . 18.09 -38.09 -6.82
H2 BMA M . 18.74 -43.45 -4.17
H3 BMA M . 20.25 -42.49 -5.81
H4 BMA M . 17.82 -42.11 -7.62
H5 BMA M . 19.52 -40.07 -6.10
H61 BMA M . 17.09 -39.61 -7.86
H62 BMA M . 18.77 -39.33 -8.37
HO2 BMA M . 17.35 -43.95 -6.27
HO3 BMA M . 19.98 -43.92 -7.56
HO4 BMA M . 19.27 -41.47 -9.05
HO6 BMA M . 17.95 -38.27 -5.89
C1 NAG N . 17.08 -37.51 24.63
C2 NAG N . 17.95 -38.20 23.58
C3 NAG N . 17.42 -39.60 23.28
C4 NAG N . 17.28 -40.40 24.56
C5 NAG N . 16.42 -39.64 25.57
C6 NAG N . 16.32 -40.32 26.90
C7 NAG N . 19.18 -36.99 21.82
C8 NAG N . 19.05 -36.19 20.56
N2 NAG N . 18.03 -37.41 22.36
O3 NAG N . 18.32 -40.26 22.39
O4 NAG N . 16.69 -41.67 24.29
O5 NAG N . 16.98 -38.34 25.80
O6 NAG N . 15.64 -39.51 27.85
O7 NAG N . 20.26 -37.26 22.32
H2 NAG N . 18.85 -38.30 23.96
H3 NAG N . 16.55 -39.52 22.86
H4 NAG N . 18.17 -40.54 24.95
H5 NAG N . 15.52 -39.54 25.18
H61 NAG N . 17.22 -40.52 27.23
H62 NAG N . 15.83 -41.16 26.79
H81 NAG N . 19.94 -35.91 20.26
H82 NAG N . 18.52 -35.39 20.74
H83 NAG N . 18.62 -36.73 19.88
HN2 NAG N . 17.25 -37.18 21.94
HO3 NAG N . 18.08 -41.12 22.31
HO6 NAG N . 14.85 -39.27 27.52
C1 NAG N . 17.68 -42.69 24.57
C2 NAG N . 16.95 -43.97 24.98
C3 NAG N . 17.95 -45.08 25.24
C4 NAG N . 18.87 -45.26 24.04
C5 NAG N . 19.51 -43.92 23.66
C6 NAG N . 20.34 -44.01 22.39
C7 NAG N . 14.84 -44.14 26.25
C8 NAG N . 14.15 -43.82 27.53
N2 NAG N . 16.12 -43.73 26.15
O3 NAG N . 17.26 -46.29 25.51
O4 NAG N . 19.90 -46.18 24.37
O5 NAG N . 18.50 -42.95 23.42
O6 NAG N . 20.43 -42.75 21.75
O7 NAG N . 14.29 -44.76 25.34
H2 NAG N . 16.38 -44.24 24.24
H3 NAG N . 18.49 -44.85 26.02
H4 NAG N . 18.36 -45.59 23.29
H5 NAG N . 20.08 -43.63 24.38
H61 NAG N . 19.93 -44.65 21.79
H62 NAG N . 21.24 -44.31 22.62
H81 NAG N . 13.23 -44.13 27.50
H82 NAG N . 14.15 -42.86 27.68
H83 NAG N . 14.61 -44.26 28.28
HN2 NAG N . 16.48 -43.29 26.86
HO3 NAG N . 17.83 -46.91 25.78
HO6 NAG N . 19.82 -42.20 22.09
C1 BMA N . 19.58 -47.47 23.79
C2 BMA N . 20.92 -48.15 23.42
C3 BMA N . 20.69 -49.61 23.03
C4 BMA N . 19.81 -50.34 24.06
C5 BMA N . 18.50 -49.55 24.25
C6 BMA N . 17.54 -50.19 25.25
O2 BMA N . 21.81 -48.15 24.52
O3 BMA N . 21.93 -50.31 22.87
O4 BMA N . 19.52 -51.65 23.62
O5 BMA N . 18.83 -48.24 24.72
O6 BMA N . 18.16 -51.32 25.83
H2 BMA N . 21.36 -47.60 22.57
H3 BMA N . 20.18 -49.66 22.06
H4 BMA N . 20.34 -50.34 25.03
H5 BMA N . 17.98 -49.47 23.28
H61 BMA N . 16.62 -50.44 24.73
H62 BMA N . 17.31 -49.42 26.00
HO2 BMA N . 22.23 -49.04 24.52
HO4 BMA N . 19.22 -52.13 24.41
C1 MAN N . 21.94 -51.02 21.62
C2 MAN N . 23.12 -52.03 21.67
C3 MAN N . 24.46 -51.31 21.47
C4 MAN N . 24.41 -50.39 20.25
C5 MAN N . 23.28 -49.39 20.43
C6 MAN N . 23.15 -48.41 19.27
O2 MAN N . 23.05 -52.99 20.62
O3 MAN N . 25.54 -52.24 21.36
O4 MAN N . 25.65 -49.70 20.12
O5 MAN N . 22.05 -50.12 20.52
O6 MAN N . 22.56 -49.10 18.18
H2 MAN N . 23.12 -52.53 22.65
H3 MAN N . 24.68 -50.70 22.37
H4 MAN N . 24.22 -51.00 19.36
H5 MAN N . 23.44 -48.81 21.36
H61 MAN N . 24.15 -48.02 19.02
H62 MAN N . 22.53 -47.57 19.61
HO3 MAN N . 25.13 -53.11 21.28
HO4 MAN N . 25.80 -49.60 19.17
HO6 MAN N . 21.90 -49.71 18.53
C1 MAN N . 22.41 -54.18 21.13
C2 MAN N . 23.15 -55.40 20.51
C3 MAN N . 22.80 -55.55 19.04
C4 MAN N . 21.28 -55.53 18.86
C5 MAN N . 20.71 -54.22 19.42
C6 MAN N . 19.21 -54.12 19.28
O2 MAN N . 22.74 -56.64 21.12
O3 MAN N . 23.36 -56.72 18.47
O4 MAN N . 20.96 -55.63 17.48
O5 MAN N . 21.03 -54.17 20.82
O6 MAN N . 18.84 -52.76 19.49
H2 MAN N . 24.24 -55.25 20.63
H3 MAN N . 23.22 -54.70 18.49
H4 MAN N . 20.85 -56.36 19.43
H5 MAN N . 21.17 -53.37 18.89
H61 MAN N . 18.74 -54.78 20.02
H62 MAN N . 18.92 -54.47 18.28
HO3 MAN N . 22.79 -56.94 17.72
HO4 MAN N . 20.60 -56.52 17.36
HO6 MAN N . 19.54 -52.33 19.99
C1 MAN N . 23.70 -57.04 22.12
C2 MAN N . 24.80 -57.90 21.43
C3 MAN N . 24.25 -59.25 21.00
C4 MAN N . 23.53 -59.95 22.17
C5 MAN N . 22.44 -59.02 22.72
C6 MAN N . 21.71 -59.60 23.91
O2 MAN N . 25.87 -58.20 22.33
O3 MAN N . 25.26 -60.10 20.48
O4 MAN N . 22.94 -61.15 21.71
O5 MAN N . 23.04 -57.78 23.14
O6 MAN N . 20.55 -58.82 24.16
H2 MAN N . 25.18 -57.36 20.56
H3 MAN N . 23.52 -59.09 20.19
H4 MAN N . 24.26 -60.14 22.96
H5 MAN N . 21.70 -58.83 21.93
H61 MAN N . 22.39 -59.60 24.77
H62 MAN N . 21.45 -60.64 23.68
HO2 MAN N . 25.51 -58.23 23.24
HO3 MAN N . 25.94 -60.14 21.17
HO4 MAN N . 23.10 -61.79 22.43
HO6 MAN N . 19.98 -59.32 24.75
C1 MAN N . 17.74 -51.42 27.20
C2 MAN N . 18.91 -52.01 28.01
C3 MAN N . 19.14 -53.47 27.62
C4 MAN N . 17.83 -54.27 27.72
C5 MAN N . 16.74 -53.60 26.86
C6 MAN N . 15.39 -54.29 26.97
O2 MAN N . 18.62 -52.03 29.42
O3 MAN N . 20.14 -54.07 28.43
O4 MAN N . 18.05 -55.59 27.25
O5 MAN N . 16.58 -52.23 27.31
O6 MAN N . 15.11 -54.54 28.35
H2 MAN N . 19.82 -51.43 27.81
H3 MAN N . 19.50 -53.51 26.58
H4 MAN N . 17.51 -54.27 28.77
H5 MAN N . 17.06 -53.61 25.82
H61 MAN N . 15.41 -55.21 26.37
H62 MAN N . 14.64 -53.61 26.53
HO2 MAN N . 19.00 -52.83 29.80
HO4 MAN N . 19.01 -55.74 27.35
C1 MAN N . 21.40 -53.98 27.74
C2 MAN N . 22.18 -55.28 28.06
C3 MAN N . 22.63 -55.29 29.52
C4 MAN N . 23.35 -53.98 29.87
C5 MAN N . 22.44 -52.78 29.55
C6 MAN N . 23.11 -51.44 29.82
O2 MAN N . 23.38 -55.37 27.28
O3 MAN N . 23.46 -56.40 29.81
O4 MAN N . 23.68 -53.96 31.25
O5 MAN N . 22.11 -52.82 28.15
O6 MAN N . 22.12 -50.43 29.67
H2 MAN N . 21.52 -56.14 27.86
H3 MAN N . 21.74 -55.37 30.16
H4 MAN N . 24.26 -53.90 29.25
H5 MAN N . 21.54 -52.85 30.16
H61 MAN N . 23.94 -51.31 29.10
H62 MAN N . 23.52 -51.47 30.83
HO2 MAN N . 24.02 -55.93 27.75
HO3 MAN N . 23.63 -56.35 30.77
HO4 MAN N . 24.50 -53.45 31.32
HO6 MAN N . 22.56 -49.57 29.84
C1 MAN N . 14.16 -55.63 28.43
C2 MAN N . 13.57 -55.61 29.87
C3 MAN N . 14.59 -56.10 30.89
C4 MAN N . 15.20 -57.44 30.44
C5 MAN N . 15.82 -57.28 29.05
C6 MAN N . 16.44 -58.55 28.51
O2 MAN N . 12.45 -56.50 29.99
O3 MAN N . 14.04 -56.22 32.20
O4 MAN N . 16.20 -57.85 31.36
O5 MAN N . 14.78 -56.86 28.14
O6 MAN N . 17.16 -58.23 27.33
H2 MAN N . 13.26 -54.57 30.12
H3 MAN N . 15.40 -55.36 30.96
H4 MAN N . 14.39 -58.19 30.38
H5 MAN N . 16.59 -56.51 29.09
H61 MAN N . 15.62 -59.26 28.31
H62 MAN N . 17.08 -58.97 29.29
HO2 MAN N . 12.46 -56.89 30.87
HO3 MAN N . 14.56 -56.92 32.63
HO4 MAN N . 16.19 -58.81 31.34
HO6 MAN N . 16.56 -57.76 26.73
C1 NAG O . -4.16 -39.24 1.98
C2 NAG O . -3.29 -40.41 1.55
C3 NAG O . -3.12 -40.42 0.03
C4 NAG O . -4.49 -40.39 -0.65
C5 NAG O . -5.33 -39.24 -0.11
C6 NAG O . -6.75 -39.26 -0.64
C7 NAG O . -1.56 -41.26 3.08
C8 NAG O . -0.19 -41.03 3.65
N2 NAG O . -1.99 -40.34 2.20
O3 NAG O . -2.41 -41.58 -0.36
O4 NAG O . -4.31 -40.23 -2.05
O5 NAG O . -5.43 -39.31 1.32
O6 NAG O . -7.64 -38.58 0.23
O7 NAG O . -2.24 -42.22 3.41
H2 NAG O . -3.74 -41.22 1.80
H3 NAG O . -2.62 -39.63 -0.24
H4 NAG O . -4.95 -41.23 -0.48
H5 NAG O . -4.91 -38.39 -0.36
H61 NAG O . -7.05 -40.18 -0.75
H62 NAG O . -6.77 -38.82 -1.51
H81 NAG O . 0.02 -41.75 4.28
H82 NAG O . -0.17 -40.17 4.11
H83 NAG O . 0.47 -41.02 2.92
HN2 NAG O . -1.44 -39.65 1.99
HO3 NAG O . -2.95 -42.13 -0.79
HO6 NAG O . -7.35 -38.64 1.06
C1 NAG O . -4.71 -41.43 -2.74
C2 NAG O . -4.55 -41.21 -4.24
C3 NAG O . -4.92 -42.48 -5.00
C4 NAG O . -4.13 -43.67 -4.47
C5 NAG O . -4.31 -43.79 -2.96
C6 NAG O . -3.46 -44.88 -2.34
C7 NAG O . -4.84 -38.88 -4.96
C8 NAG O . -5.82 -37.84 -5.42
N2 NAG O . -5.35 -40.09 -4.69
O3 NAG O . -4.65 -42.30 -6.39
O4 NAG O . -4.58 -44.86 -5.09
O5 NAG O . -3.92 -42.56 -2.32
O6 NAG O . -2.11 -44.78 -2.75
O7 NAG O . -3.64 -38.64 -4.85
H2 NAG O . -3.61 -41.03 -4.41
H3 NAG O . -5.87 -42.65 -4.88
H4 NAG O . -3.19 -43.54 -4.67
H5 NAG O . -5.25 -43.97 -2.76
H61 NAG O . -3.81 -45.74 -2.62
H62 NAG O . -3.51 -44.81 -1.38
H81 NAG O . -5.34 -37.02 -5.64
H82 NAG O . -6.47 -37.67 -4.71
H83 NAG O . -6.30 -38.17 -6.21
HN2 NAG O . -6.25 -40.21 -4.79
HO3 NAG O . -4.83 -43.04 -6.83
HO4 NAG O . -3.92 -45.46 -5.08
HO6 NAG O . -1.68 -45.53 -2.55
C1 NAG P . 18.57 -36.04 11.57
C2 NAG P . 19.54 -34.87 11.78
C3 NAG P . 20.99 -35.36 11.80
C4 NAG P . 21.16 -36.47 12.82
C5 NAG P . 20.17 -37.59 12.52
C6 NAG P . 20.22 -38.72 13.52
C7 NAG P . 19.80 -32.59 10.87
C8 NAG P . 19.54 -31.69 9.71
N2 NAG P . 19.36 -33.86 10.74
O3 NAG P . 21.86 -34.28 12.12
O4 NAG P . 22.48 -36.99 12.77
O5 NAG P . 18.83 -37.07 12.54
O6 NAG P . 18.91 -39.04 14.00
O7 NAG P . 20.39 -32.21 11.87
H2 NAG P . 19.35 -34.46 12.64
H3 NAG P . 21.22 -35.70 10.91
H4 NAG P . 20.98 -36.13 13.70
H5 NAG P . 20.35 -37.95 11.63
H61 NAG P . 20.78 -38.44 14.28
H62 NAG P . 20.61 -39.51 13.11
H81 NAG P . 19.80 -30.78 9.94
H82 NAG P . 18.59 -31.71 9.48
H83 NAG P . 20.06 -31.99 8.93
HN2 NAG P . 18.94 -34.09 9.97
HO3 NAG P . 22.12 -34.35 12.96
HO6 NAG P . 18.33 -38.46 13.69
C1 NAG P . 23.11 -36.73 14.04
C2 NAG P . 24.46 -37.44 14.09
C3 NAG P . 25.18 -37.14 15.40
C4 NAG P . 25.27 -35.63 15.62
C5 NAG P . 23.89 -35.00 15.50
C6 NAG P . 23.93 -33.49 15.60
C7 NAG P . 23.55 -39.64 14.70
C8 NAG P . 23.52 -41.11 14.37
N2 NAG P . 24.32 -38.87 13.92
O3 NAG P . 26.48 -37.71 15.39
O4 NAG P . 25.81 -35.35 16.90
O5 NAG P . 23.30 -35.32 14.24
O6 NAG P . 24.10 -33.05 16.94
O7 NAG P . 22.91 -39.18 15.64
H2 NAG P . 25.02 -37.10 13.37
H3 NAG P . 24.68 -37.52 16.15
H4 NAG P . 25.86 -35.25 14.94
H5 NAG P . 23.33 -35.34 16.22
H61 NAG P . 23.08 -33.13 15.25
H62 NAG P . 24.66 -33.15 15.04
H81 NAG P . 22.96 -41.58 15.00
H82 NAG P . 24.42 -41.47 14.40
H83 NAG P . 23.15 -41.23 13.47
HN2 NAG P . 24.77 -39.28 13.23
HO3 NAG P . 26.88 -37.56 16.16
HO4 NAG P . 25.17 -35.03 17.44
HO6 NAG P . 23.55 -32.38 17.11
C1 NAG Q . -35.30 0.44 21.43
C2 NAG Q . -36.07 0.41 22.75
C3 NAG Q . -35.19 -0.15 23.86
C4 NAG Q . -34.62 -1.50 23.46
C5 NAG Q . -33.91 -1.39 22.10
C6 NAG Q . -33.43 -2.72 21.57
C7 NAG Q . -37.66 1.94 23.82
C8 NAG Q . -38.01 3.38 24.09
N2 NAG Q . -36.55 1.74 23.11
O3 NAG Q . -35.96 -0.29 25.05
O4 NAG Q . -33.68 -1.95 24.43
O5 NAG Q . -34.83 -0.87 21.12
O6 NAG Q . -34.42 -3.72 21.68
O7 NAG Q . -38.34 1.02 24.25
H2 NAG Q . -36.84 -0.18 22.65
H3 NAG Q . -34.45 0.47 24.03
H4 NAG Q . -35.35 -2.14 23.39
H5 NAG Q . -33.16 -0.79 22.18
H61 NAG Q . -32.63 -2.99 22.08
H62 NAG Q . -33.18 -2.61 20.64
H81 NAG Q . -38.69 3.42 24.80
H82 NAG Q . -38.36 3.78 23.28
H83 NAG Q . -37.21 3.86 24.38
HN2 NAG Q . -36.09 2.46 22.81
HO3 NAG Q . -35.56 -0.88 25.60
HO6 NAG Q . -34.06 -4.52 21.51
C1 NAG Q . -34.13 -3.20 24.99
C2 NAG Q . -32.93 -4.02 25.44
C3 NAG Q . -33.39 -5.32 26.09
C4 NAG Q . -34.38 -5.04 27.21
C5 NAG Q . -35.53 -4.16 26.70
C6 NAG Q . -36.47 -3.72 27.80
C7 NAG Q . -30.84 -3.70 24.18
C8 NAG Q . -30.05 -4.11 22.98
N2 NAG Q . -32.02 -4.29 24.34
O3 NAG Q . -32.27 -6.02 26.61
O4 NAG Q . -34.92 -6.26 27.70
O5 NAG Q . -35.00 -2.96 26.11
O6 NAG Q . -37.82 -3.77 27.37
O7 NAG Q . -30.43 -2.85 24.97
H2 NAG Q . -32.45 -3.50 26.13
H3 NAG Q . -33.82 -5.88 25.42
H4 NAG Q . -33.92 -4.57 27.94
H5 NAG Q . -36.03 -4.66 26.03
H61 NAG Q . -36.24 -2.82 28.06
H62 NAG Q . -36.36 -4.31 28.57
H81 NAG Q . -29.36 -3.45 22.79
H82 NAG Q . -30.64 -4.19 22.21
H83 NAG Q . -29.61 -4.97 23.16
HN2 NAG Q . -32.28 -4.92 23.71
HO3 NAG Q . -32.53 -6.79 26.96
HO6 NAG Q . -38.33 -3.34 27.96
C1 BMA Q . -34.32 -6.57 28.97
C2 BMA Q . -35.40 -7.24 29.85
C3 BMA Q . -34.78 -7.78 31.15
C4 BMA Q . -33.51 -8.60 30.87
C5 BMA Q . -32.53 -7.76 30.04
C6 BMA Q . -31.25 -8.51 29.71
O2 BMA Q . -35.96 -8.36 29.17
O3 BMA Q . -35.71 -8.55 31.88
O4 BMA Q . -32.91 -8.97 32.10
O5 BMA Q . -33.18 -7.41 28.80
O6 BMA Q . -30.36 -7.60 29.08
H2 BMA Q . -36.18 -6.50 30.08
H3 BMA Q . -34.51 -6.93 31.78
H4 BMA Q . -33.80 -9.48 30.28
H5 BMA Q . -32.26 -6.85 30.60
H61 BMA Q . -31.51 -9.36 29.04
H62 BMA Q . -30.84 -8.91 30.64
HO2 BMA Q . -36.12 -9.03 29.86
HO3 BMA Q . -35.22 -8.91 32.63
HO4 BMA Q . -32.51 -9.84 31.93
HO6 BMA Q . -30.88 -6.93 28.64
C1 NAG R . -41.45 18.58 15.58
C2 NAG R . -41.58 17.93 16.95
C3 NAG R . -42.83 17.04 16.99
C4 NAG R . -44.06 17.84 16.58
C5 NAG R . -43.82 18.48 15.21
C6 NAG R . -44.96 19.38 14.79
C7 NAG R . -39.67 17.34 18.38
C8 NAG R . -38.48 16.44 18.55
N2 NAG R . -40.40 17.15 17.28
O3 NAG R . -43.00 16.53 18.31
O4 NAG R . -45.20 16.99 16.52
O5 NAG R . -42.65 19.30 15.26
O6 NAG R . -44.65 20.08 13.60
O7 NAG R . -39.96 18.20 19.22
H2 NAG R . -41.70 18.63 17.61
H3 NAG R . -42.71 16.30 16.37
H4 NAG R . -44.21 18.55 17.24
H5 NAG R . -43.70 17.78 14.55
H61 NAG R . -45.15 20.02 15.50
H62 NAG R . -45.76 18.83 14.63
H81 NAG R . -38.02 16.67 19.38
H82 NAG R . -37.88 16.56 17.79
H83 NAG R . -38.78 15.51 18.60
HN2 NAG R . -40.14 16.50 16.70
HO3 NAG R . -43.79 16.13 18.37
HO6 NAG R . -44.25 19.53 13.02
C1 NAG R . -46.12 17.41 17.55
C2 NAG R . -47.54 17.07 17.11
C3 NAG R . -48.54 17.46 18.19
C4 NAG R . -48.15 16.83 19.53
C5 NAG R . -46.69 17.17 19.87
C6 NAG R . -46.21 16.47 21.12
C7 NAG R . -48.44 17.11 14.82
C8 NAG R . -48.70 17.96 13.61
N2 NAG R . -47.86 17.74 15.85
O3 NAG R . -49.83 17.03 17.81
O4 NAG R . -48.99 17.33 20.56
O5 NAG R . -45.83 16.75 18.80
O6 NAG R . -44.79 16.30 21.10
O7 NAG R . -48.74 15.93 14.86
H2 NAG R . -47.58 16.10 16.98
H3 NAG R . -48.53 18.43 18.29
H4 NAG R . -48.25 15.87 19.47
H5 NAG R . -46.61 18.12 19.99
H61 NAG R . -46.63 15.58 21.18
H62 NAG R . -46.46 16.99 21.90
H81 NAG R . -49.08 17.41 12.90
H82 NAG R . -47.86 18.34 13.29
H83 NAG R . -49.31 18.68 13.84
HN2 NAG R . -47.65 18.62 15.77
HO3 NAG R . -50.44 17.37 18.38
HO6 NAG R . -44.49 16.50 20.29
C1 BMA R . -50.00 16.36 20.86
C2 BMA R . -50.32 16.48 22.37
C3 BMA R . -51.56 15.65 22.72
C4 BMA R . -52.72 15.91 21.74
C5 BMA R . -52.23 15.66 20.30
C6 BMA R . -53.30 15.90 19.24
O2 BMA R . -50.62 17.82 22.70
O3 BMA R . -51.98 15.90 24.06
O4 BMA R . -53.80 15.05 22.03
O5 BMA R . -51.15 16.57 20.05
O6 BMA R . -54.48 16.37 19.87
H2 BMA R . -49.45 16.11 22.94
H3 BMA R . -51.31 14.58 22.66
H4 BMA R . -53.00 16.97 21.83
H5 BMA R . -51.87 14.63 20.21
H61 BMA R . -53.47 14.95 18.71
H62 BMA R . -52.89 16.63 18.54
HO2 BMA R . -51.24 17.79 23.46
HO4 BMA R . -54.57 15.44 21.59
C1 MAN R . -52.19 14.67 24.76
C2 MAN R . -52.99 14.99 26.06
C3 MAN R . -52.09 15.64 27.11
C4 MAN R . -50.80 14.84 27.30
C5 MAN R . -50.08 14.73 25.96
C6 MAN R . -48.77 13.96 26.03
O2 MAN R . -53.50 13.81 26.67
O3 MAN R . -52.76 15.79 28.35
O4 MAN R . -49.95 15.50 28.23
O5 MAN R . -50.94 14.03 25.04
O6 MAN R . -49.08 12.57 26.14
H2 MAN R . -53.80 15.68 25.80
H3 MAN R . -51.82 16.65 26.77
H4 MAN R . -51.06 13.83 27.64
H5 MAN R . -49.86 15.74 25.57
H61 MAN R . -48.20 14.32 26.90
H62 MAN R . -48.20 14.18 25.12
HO3 MAN R . -53.58 15.30 28.26
HO4 MAN R . -49.50 14.79 28.72
HO6 MAN R . -49.79 12.39 25.52
C1 MAN R . -54.87 13.63 26.24
C2 MAN R . -55.68 13.12 27.48
C3 MAN R . -55.31 11.67 27.79
C4 MAN R . -55.41 10.80 26.53
C5 MAN R . -54.49 11.37 25.45
C6 MAN R . -54.52 10.59 24.15
O2 MAN R . -57.08 13.10 27.22
O3 MAN R . -56.12 11.14 28.83
O4 MAN R . -55.04 9.47 26.83
O5 MAN R . -54.91 12.72 25.15
O6 MAN R . -53.40 10.95 23.36
H2 MAN R . -55.43 13.76 28.33
H3 MAN R . -54.27 11.64 28.14
H4 MAN R . -56.44 10.85 26.16
H5 MAN R . -53.45 11.38 25.82
H61 MAN R . -55.48 10.81 23.63
H62 MAN R . -54.52 9.51 24.39
HO3 MAN R . -56.12 10.17 28.68
HO4 MAN R . -55.87 8.96 26.80
HO6 MAN R . -53.11 11.83 23.67
C1 MAN R . -57.71 14.28 27.77
C2 MAN R . -58.10 13.99 29.25
C3 MAN R . -59.26 13.00 29.30
C4 MAN R . -60.42 13.46 28.40
C5 MAN R . -59.90 13.66 26.97
C6 MAN R . -60.97 14.17 26.03
O2 MAN R . -58.58 15.17 29.90
O3 MAN R . -59.72 12.80 30.64
O4 MAN R . -61.44 12.48 28.41
O5 MAN R . -58.83 14.64 27.00
O6 MAN R . -60.47 14.04 24.69
H2 MAN R . -57.24 13.57 29.77
H3 MAN R . -58.91 12.02 28.95
H4 MAN R . -60.79 14.42 28.78
H5 MAN R . -59.52 12.70 26.59
H61 MAN R . -61.19 15.21 26.28
H62 MAN R . -61.88 13.57 26.18
HO2 MAN R . -58.97 15.75 29.24
HO3 MAN R . -59.89 13.69 30.98
HO4 MAN R . -62.27 12.98 28.43
HO6 MAN R . -61.22 14.15 24.10
C1 MAN R . -55.13 17.30 18.98
C2 MAN R . -55.82 18.37 19.85
C3 MAN R . -56.99 17.75 20.61
C4 MAN R . -57.93 17.01 19.65
C5 MAN R . -57.14 15.97 18.84
C6 MAN R . -57.98 15.24 17.80
O2 MAN R . -56.39 19.41 19.05
O3 MAN R . -57.71 18.73 21.34
O4 MAN R . -58.95 16.36 20.39
O5 MAN R . -56.06 16.63 18.15
O6 MAN R . -58.75 16.19 17.09
H2 MAN R . -55.09 18.77 20.56
H3 MAN R . -56.60 17.03 21.34
H4 MAN R . -58.36 17.75 18.95
H5 MAN R . -56.73 15.22 19.54
H61 MAN R . -58.61 14.50 18.32
H62 MAN R . -57.28 14.70 17.14
HO2 MAN R . -57.20 19.72 19.47
HO4 MAN R . -59.01 16.84 21.23
C1 MAN R . -57.23 18.76 22.68
C2 MAN R . -58.44 19.04 23.60
C3 MAN R . -58.92 20.48 23.41
C4 MAN R . -57.75 21.47 23.55
C5 MAN R . -56.64 21.10 22.56
C6 MAN R . -55.43 22.00 22.65
O2 MAN R . -58.09 18.92 24.98
O3 MAN R . -59.95 20.81 24.33
O4 MAN R . -58.21 22.79 23.28
O5 MAN R . -56.21 19.75 22.82
O6 MAN R . -54.55 21.69 21.57
H2 MAN R . -59.24 18.34 23.34
H3 MAN R . -59.34 20.59 22.41
H4 MAN R . -57.34 21.40 24.57
H5 MAN R . -57.04 21.17 21.53
H61 MAN R . -54.94 21.83 23.63
H62 MAN R . -55.77 23.05 22.62
HO2 MAN R . -58.66 19.51 25.50
HO3 MAN R . -59.90 21.78 24.43
HO4 MAN R . -57.65 23.37 23.84
HO6 MAN R . -53.78 22.27 21.65
C1 MAN R . -59.91 15.53 16.52
C2 MAN R . -60.49 16.47 15.42
C3 MAN R . -61.18 17.67 16.06
C4 MAN R . -62.18 17.23 17.14
C5 MAN R . -61.44 16.37 18.19
C6 MAN R . -62.35 15.86 19.29
O2 MAN R . -61.49 15.82 14.65
O3 MAN R . -61.83 18.49 15.10
O4 MAN R . -62.76 18.35 17.77
O5 MAN R . -60.87 15.24 17.52
O6 MAN R . -61.52 15.29 20.30
H2 MAN R . -59.66 16.81 14.78
H3 MAN R . -60.43 18.31 16.55
H4 MAN R . -62.95 16.59 16.66
H5 MAN R . -60.64 16.98 18.64
H61 MAN R . -63.05 15.13 18.86
H62 MAN R . -62.93 16.72 19.68
HO2 MAN R . -62.11 16.47 14.31
HO3 MAN R . -62.51 18.99 15.59
HO4 MAN R . -63.65 18.07 18.04
HO6 MAN R . -61.08 16.01 20.77
C1 NAG S . -37.43 -10.87 6.43
C2 NAG S . -38.25 -11.14 7.69
C3 NAG S . -37.67 -12.35 8.42
C4 NAG S . -37.58 -13.55 7.51
C5 NAG S . -36.82 -13.19 6.23
C6 NAG S . -36.82 -14.30 5.21
C7 NAG S . -39.37 -9.27 8.82
C8 NAG S . -39.19 -8.10 9.74
N2 NAG S . -38.26 -9.97 8.55
O3 NAG S . -38.51 -12.65 9.54
O4 NAG S . -36.89 -14.60 8.17
O5 NAG S . -37.43 -12.05 5.60
O6 NAG S . -36.63 -13.79 3.89
O7 NAG S . -40.47 -9.58 8.37
H2 NAG S . -39.15 -11.37 7.41
H3 NAG S . -36.78 -12.13 8.76
H4 NAG S . -38.48 -13.84 7.26
H5 NAG S . -35.89 -12.97 6.47
H61 NAG S . -37.67 -14.77 5.24
H62 NAG S . -36.10 -14.92 5.42
H81 NAG S . -40.05 -7.66 9.88
H82 NAG S . -38.57 -7.46 9.33
H83 NAG S . -38.84 -8.40 10.60
HN2 NAG S . -37.48 -9.69 8.92
HO3 NAG S . -38.94 -13.42 9.39
HO6 NAG S . -36.81 -12.92 3.88
C1 NAG S . -37.80 -15.69 8.42
C2 NAG S . -37.03 -16.82 9.10
C3 NAG S . -37.96 -17.98 9.43
C4 NAG S . -39.15 -17.48 10.24
C5 NAG S . -39.84 -16.33 9.52
C6 NAG S . -40.96 -15.71 10.32
C7 NAG S . -34.65 -16.94 8.48
C8 NAG S . -33.65 -17.50 7.52
N2 NAG S . -35.92 -17.27 8.27
O3 NAG S . -37.25 -18.97 10.16
O4 NAG S . -40.09 -18.54 10.43
O5 NAG S . -38.90 -15.29 9.25
O6 NAG S . -40.56 -15.39 11.64
O7 NAG S . -34.32 -16.22 9.42
H2 NAG S . -36.68 -16.48 9.94
H3 NAG S . -38.29 -18.37 8.60
H4 NAG S . -38.85 -17.18 11.11
H5 NAG S . -40.20 -16.66 8.67
H61 NAG S . -41.71 -16.34 10.36
H62 NAG S . -41.26 -14.89 9.88
H81 NAG S . -32.75 -17.24 7.80
H82 NAG S . -33.83 -17.15 6.64
H83 NAG S . -33.72 -18.48 7.51
HN2 NAG S . -36.11 -17.82 7.55
HO3 NAG S . -37.81 -19.63 10.38
HO4 NAG S . -40.56 -18.39 11.17
HO6 NAG S . -41.26 -15.23 12.14
C1 NAG T . -35.12 8.67 21.65
C2 NAG T . -33.99 9.62 22.09
C3 NAG T . -34.27 10.17 23.49
C4 NAG T . -35.65 10.81 23.54
C5 NAG T . -36.70 9.80 23.11
C6 NAG T . -38.10 10.37 23.06
C7 NAG T . -31.54 9.58 22.05
C8 NAG T . -30.30 8.73 22.03
N2 NAG T . -32.71 8.94 22.07
O3 NAG T . -33.28 11.15 23.82
O4 NAG T . -35.94 11.25 24.86
O5 NAG T . -36.40 9.34 21.78
O6 NAG T . -38.73 10.08 21.82
O7 NAG T . -31.48 10.81 22.05
H2 NAG T . -33.96 10.38 21.47
H3 NAG T . -34.24 9.45 24.13
H4 NAG T . -35.68 11.57 22.93
H5 NAG T . -36.68 9.03 23.72
H61 NAG T . -38.04 11.33 23.18
H62 NAG T . -38.62 9.98 23.79
H81 NAG T . -29.52 9.29 21.91
H82 NAG T . -30.37 8.09 21.29
H83 NAG T . -30.23 8.24 22.87
HN2 NAG T . -32.70 8.03 22.06
HO3 NAG T . -33.62 11.96 23.71
HO6 NAG T . -38.15 9.69 21.28
C1 NAG T . -36.09 12.69 24.83
C2 NAG T . -36.59 13.17 26.20
C3 NAG T . -36.70 14.69 26.21
C4 NAG T . -35.38 15.32 25.80
C5 NAG T . -34.93 14.75 24.46
C6 NAG T . -33.56 15.25 24.03
C7 NAG T . -38.96 12.66 25.77
C8 NAG T . -40.19 11.97 26.28
N2 NAG T . -37.88 12.56 26.54
O3 NAG T . -37.05 15.13 27.52
O4 NAG T . -35.52 16.73 25.69
O5 NAG T . -34.84 13.33 24.53
O6 NAG T . -33.63 16.59 23.53
O7 NAG T . -38.96 13.27 24.71
H2 NAG T . -35.94 12.91 26.87
H3 NAG T . -37.39 14.98 25.59
H4 NAG T . -34.70 15.12 26.47
H5 NAG T . -35.58 14.99 23.77
H61 NAG T . -33.21 14.66 23.34
H62 NAG T . -32.96 15.23 24.80
H81 NAG T . -40.93 12.12 25.66
H82 NAG T . -40.43 12.32 27.16
H83 NAG T . -40.02 11.01 26.35
HN2 NAG T . -37.94 12.09 27.31
HO3 NAG T . -37.16 16.01 27.53
HO4 NAG T . -35.51 16.96 24.83
HO6 NAG T . -33.13 16.65 22.80
C1 NAG U . -11.87 1.70 -39.53
C2 NAG U . -12.48 2.45 -40.71
C3 NAG U . -13.30 3.64 -40.22
C4 NAG U . -14.32 3.20 -39.18
C5 NAG U . -13.64 2.41 -38.07
C6 NAG U . -14.61 1.84 -37.06
C7 NAG U . -11.66 3.04 -42.95
C8 NAG U . -10.48 3.49 -43.76
N2 NAG U . -11.45 2.88 -41.64
O3 NAG U . -13.96 4.25 -41.33
O4 NAG U . -14.97 4.34 -38.62
O5 NAG U . -12.91 1.31 -38.62
O6 NAG U . -15.70 1.19 -37.70
O7 NAG U . -12.76 2.82 -43.47
H2 NAG U . -13.08 1.84 -41.18
H3 NAG U . -12.69 4.30 -39.82
H4 NAG U . -14.98 2.63 -39.62
H5 NAG U . -13.01 3.00 -37.61
H61 NAG U . -14.94 2.55 -36.50
H62 NAG U . -14.13 1.19 -36.50
H81 NAG U . -10.78 3.77 -44.65
H82 NAG U . -9.85 2.74 -43.85
H83 NAG U . -10.04 4.23 -43.31
HN2 NAG U . -10.62 3.06 -41.31
HO3 NAG U . -14.65 4.73 -41.03
HO6 NAG U . -16.32 1.00 -37.10
C1 NAG U . -16.38 4.26 -38.90
C2 NAG U . -17.16 4.99 -37.80
C3 NAG U . -18.65 4.97 -38.10
C4 NAG U . -18.92 5.52 -39.49
C5 NAG U . -18.08 4.80 -40.53
C6 NAG U . -18.19 5.39 -41.92
C7 NAG U . -16.12 4.98 -35.57
C8 NAG U . -15.97 4.23 -34.28
N2 NAG U . -16.89 4.40 -36.49
O3 NAG U . -19.35 5.74 -37.13
O4 NAG U . -20.30 5.35 -39.82
O5 NAG U . -16.69 4.86 -40.17
O6 NAG U . -18.25 4.39 -42.92
O7 NAG U . -15.58 6.06 -35.75
H2 NAG U . -16.87 5.92 -37.79
H3 NAG U . -18.97 4.05 -38.05
H4 NAG U . -18.70 6.47 -39.50
H5 NAG U . -18.35 3.86 -40.57
H61 NAG U . -17.42 5.97 -42.08
H62 NAG U . -19.00 5.94 -41.96
H81 NAG U . -15.20 4.57 -33.78
H82 NAG U . -15.85 3.28 -34.47
H83 NAG U . -16.77 4.35 -33.74
HN2 NAG U . -17.28 3.59 -36.30
HO3 NAG U . -20.22 5.69 -37.28
HO6 NAG U . -18.12 4.76 -43.71
C1 BMA U . -20.98 6.62 -39.71
C2 BMA U . -22.05 6.67 -40.81
C3 BMA U . -22.94 7.90 -40.64
C4 BMA U . -23.44 8.05 -39.20
C5 BMA U . -22.24 8.03 -38.23
C6 BMA U . -22.65 8.14 -36.78
O2 BMA U . -22.92 5.55 -40.73
O3 BMA U . -24.04 7.89 -41.54
O4 BMA U . -24.15 9.27 -39.05
O5 BMA U . -21.55 6.79 -38.41
O6 BMA U . -21.47 8.28 -35.99
H2 BMA U . -21.55 6.70 -41.79
H3 BMA U . -22.36 8.82 -40.89
H4 BMA U . -24.07 7.18 -38.96
H5 BMA U . -21.57 8.87 -38.46
H61 BMA U . -23.22 7.24 -36.50
H62 BMA U . -23.31 9.01 -36.68
HO2 BMA U . -23.80 5.85 -41.00
HO3 BMA U . -24.58 8.65 -41.30
HO4 BMA U . -24.84 9.07 -38.39
HO6 BMA U . -21.74 8.38 -35.07
C1 NAG V . 6.21 -1.20 -47.60
C2 NAG V . 5.09 -0.28 -48.08
C3 NAG V . 4.11 -1.06 -48.94
C4 NAG V . 4.84 -1.76 -50.08
C5 NAG V . 5.96 -2.63 -49.51
C6 NAG V . 6.80 -3.28 -50.58
C7 NAG V . 4.27 1.66 -46.81
C8 NAG V . 3.52 2.11 -45.60
N2 NAG V . 4.42 0.34 -46.96
O3 NAG V . 3.14 -0.17 -49.47
O4 NAG V . 3.93 -2.57 -50.82
O5 NAG V . 6.85 -1.83 -48.72
O6 NAG V . 7.91 -3.96 -50.03
O7 NAG V . 4.71 2.46 -47.63
H2 NAG V . 5.50 0.41 -48.64
H3 NAG V . 3.66 -1.73 -48.39
H4 NAG V . 5.23 -1.09 -50.67
H5 NAG V . 5.57 -3.33 -48.95
H61 NAG V . 7.11 -2.60 -51.21
H62 NAG V . 6.25 -3.92 -51.08
H81 NAG V . 3.49 3.09 -45.57
H82 NAG V . 3.99 1.79 -44.80
H83 NAG V . 2.62 1.76 -45.61
HN2 NAG V . 4.05 -0.20 -46.31
HO3 NAG V . 2.64 -0.59 -50.08
HO6 NAG V . 7.65 -4.74 -49.70
C1 NAG V . 3.82 -2.02 -52.14
C2 NAG V . 3.49 -3.15 -53.12
C3 NAG V . 3.33 -2.60 -54.53
C4 NAG V . 2.32 -1.46 -54.54
C5 NAG V . 2.68 -0.41 -53.50
C6 NAG V . 1.64 0.68 -53.38
C7 NAG V . 4.25 -5.49 -53.00
C8 NAG V . 5.44 -6.40 -52.99
N2 NAG V . 4.53 -4.18 -53.09
O3 NAG V . 2.90 -3.64 -55.40
O4 NAG V . 2.29 -0.85 -55.83
O5 NAG V . 2.80 -1.02 -52.21
O6 NAG V . 1.67 1.28 -52.09
O7 NAG V . 3.11 -5.92 -52.96
H2 NAG V . 2.64 -3.54 -52.84
H3 NAG V . 4.19 -2.26 -54.84
H4 NAG V . 1.43 -1.82 -54.35
H5 NAG V . 3.54 0.00 -53.75
H61 NAG V . 0.76 0.30 -53.53
H62 NAG V . 1.82 1.37 -54.05
H81 NAG V . 5.15 -7.32 -52.89
H82 NAG V . 6.02 -6.17 -52.23
H83 NAG V . 5.95 -6.30 -53.82
HN2 NAG V . 5.40 -3.92 -53.13
HO3 NAG V . 2.94 -3.36 -56.24
HO6 NAG V . 2.20 0.80 -51.55
C1 BMA V . 1.16 -1.34 -56.57
C2 BMA V . 0.67 -0.18 -57.48
C3 BMA V . -0.37 -0.69 -58.47
C4 BMA V . 0.08 -1.97 -59.17
C5 BMA V . 0.44 -3.02 -58.11
C6 BMA V . 0.91 -4.35 -58.68
O2 BMA V . 1.75 0.33 -58.25
O3 BMA V . -0.67 0.32 -59.44
O4 BMA V . -0.96 -2.48 -59.99
O5 BMA V . 1.51 -2.49 -57.31
O6 BMA V . 0.96 -4.25 -60.10
H2 BMA V . 0.24 0.60 -56.85
H3 BMA V . -1.31 -0.91 -57.94
H4 BMA V . 0.99 -1.76 -59.75
H5 BMA V . -0.44 -3.22 -57.47
H61 BMA V . 0.21 -5.14 -58.36
H62 BMA V . 1.90 -4.57 -58.26
HO2 BMA V . 1.37 0.63 -59.08
HO4 BMA V . -0.53 -3.10 -60.60
C1 MAN V . -2.11 0.48 -59.56
C2 MAN V . -2.38 1.28 -60.86
C3 MAN V . -2.05 2.77 -60.67
C4 MAN V . -2.69 3.31 -59.40
C5 MAN V . -2.21 2.48 -58.20
C6 MAN V . -2.78 2.95 -56.87
O2 MAN V . -3.76 1.24 -61.23
O3 MAN V . -2.46 3.54 -61.79
O4 MAN V . -2.33 4.67 -59.21
O5 MAN V . -2.64 1.12 -58.41
O6 MAN V . -4.15 2.52 -56.81
H2 MAN V . -1.75 0.86 -61.67
H3 MAN V . -0.96 2.88 -60.59
H4 MAN V . -3.78 3.21 -59.48
H5 MAN V . -1.12 2.53 -58.14
H61 MAN V . -2.70 4.05 -56.82
H62 MAN V . -2.18 2.52 -56.07
HO3 MAN V . -2.98 2.94 -62.35
HO4 MAN V . -3.10 5.10 -58.81
HO6 MAN V . -4.19 1.63 -57.16
C1 MAN V . -3.95 0.20 -62.20
C2 MAN V . -4.97 0.71 -63.25
C3 MAN V . -6.37 0.76 -62.67
C4 MAN V . -6.72 -0.59 -62.02
C5 MAN V . -5.69 -0.91 -60.94
C6 MAN V . -5.94 -2.24 -60.24
O2 MAN V . -5.06 -0.16 -64.38
O3 MAN V . -7.34 1.11 -63.63
O4 MAN V . -8.02 -0.52 -61.44
O5 MAN V . -4.39 -1.00 -61.56
O6 MAN V . -5.17 -2.27 -59.04
H2 MAN V . -4.66 1.73 -63.56
H3 MAN V . -6.40 1.54 -61.89
H4 MAN V . -6.67 -1.37 -62.79
H5 MAN V . -5.69 -0.11 -60.18
H61 MAN V . -5.67 -3.05 -60.93
H62 MAN V . -7.02 -2.32 -60.04
HO3 MAN V . -8.18 0.77 -63.29
HO4 MAN V . -8.57 -1.06 -62.02
HO6 MAN V . -4.45 -1.64 -59.14
C1 MAN V . -4.26 0.34 -65.48
C2 MAN V . -5.12 1.31 -66.32
C3 MAN V . -6.20 0.55 -67.09
C4 MAN V . -5.58 -0.62 -67.88
C5 MAN V . -4.81 -1.52 -66.92
C6 MAN V . -4.14 -2.69 -67.61
O2 MAN V . -4.32 1.97 -67.32
O3 MAN V . -6.92 1.42 -67.97
O4 MAN V . -6.62 -1.35 -68.51
O5 MAN V . -3.79 -0.75 -66.26
O6 MAN V . -3.70 -3.61 -66.62
H2 MAN V . -5.58 2.05 -65.66
H3 MAN V . -6.92 0.15 -66.38
H4 MAN V . -4.87 -0.21 -68.62
H5 MAN V . -5.51 -1.93 -66.18
H61 MAN V . -3.28 -2.29 -68.20
H62 MAN V . -4.86 -3.13 -68.31
HO2 MAN V . -3.60 1.38 -67.58
HO3 MAN V . -6.25 1.83 -68.54
HO4 MAN V . -7.35 -0.73 -68.63
HO6 MAN V . -3.48 -4.43 -67.06
C1 MAN V . 2.07 -5.06 -60.58
C2 MAN V . 2.65 -4.36 -61.83
C3 MAN V . 1.65 -4.43 -62.97
C4 MAN V . 1.19 -5.87 -63.21
C5 MAN V . 0.62 -6.47 -61.91
C6 MAN V . 0.23 -7.94 -62.04
O2 MAN V . 3.83 -5.02 -62.29
O3 MAN V . 2.20 -3.89 -64.17
O4 MAN V . 0.20 -5.91 -64.22
O5 MAN V . 1.63 -6.37 -60.88
O6 MAN V . 1.28 -8.64 -62.69
H2 MAN V . 2.85 -3.31 -61.58
H3 MAN V . 0.77 -3.82 -62.73
H4 MAN V . 2.08 -6.47 -63.51
H5 MAN V . -0.26 -5.89 -61.62
H61 MAN V . -0.72 -7.99 -62.58
H62 MAN V . 0.06 -8.31 -61.02
HO2 MAN V . 3.91 -4.88 -63.24
HO4 MAN V . 0.33 -5.09 -64.73
C1 MAN V . 1.80 -2.51 -64.28
C2 MAN V . 1.57 -2.23 -65.79
C3 MAN V . 2.90 -2.23 -66.53
C4 MAN V . 3.92 -1.31 -65.84
C5 MAN V . 4.08 -1.72 -64.37
C6 MAN V . 5.03 -0.83 -63.59
O2 MAN V . 1.00 -0.94 -65.99
O3 MAN V . 2.74 -1.85 -67.90
O4 MAN V . 5.16 -1.38 -66.49
O5 MAN V . 2.79 -1.67 -63.73
O6 MAN V . 5.24 -1.42 -62.31
H2 MAN V . 0.92 -3.02 -66.20
H3 MAN V . 3.31 -3.24 -66.53
H4 MAN V . 3.52 -0.27 -65.86
H5 MAN V . 4.46 -2.75 -64.33
H61 MAN V . 4.56 0.17 -63.50
H62 MAN V . 5.95 -0.74 -64.17
HO2 MAN V . 1.14 -0.68 -66.92
HO3 MAN V . 3.61 -1.50 -68.16
HO4 MAN V . 5.57 -0.50 -66.38
HO6 MAN V . 5.84 -0.83 -61.83
C1 MAN V . 0.73 -9.83 -63.30
C2 MAN V . 1.92 -10.77 -63.63
C3 MAN V . 2.72 -10.23 -64.82
C4 MAN V . 1.78 -9.91 -66.00
C5 MAN V . 0.71 -8.91 -65.53
C6 MAN V . -0.28 -8.54 -66.62
O2 MAN V . 1.48 -12.07 -64.03
O3 MAN V . 3.73 -11.13 -65.24
O4 MAN V . 2.52 -9.35 -67.07
O5 MAN V . -0.03 -9.51 -64.45
O6 MAN V . -1.08 -7.47 -66.14
H2 MAN V . 2.58 -10.84 -62.75
H3 MAN V . 3.22 -9.31 -64.53
H4 MAN V . 1.28 -10.84 -66.31
H5 MAN V . 1.20 -8.01 -65.18
H61 MAN V . -0.89 -9.42 -66.86
H62 MAN V . 0.29 -8.26 -67.52
HO2 MAN V . 2.03 -12.39 -64.74
HO3 MAN V . 4.08 -10.76 -66.07
HO4 MAN V . 2.05 -9.62 -67.87
HO6 MAN V . -0.53 -6.68 -66.14
C1 NAG W . -17.10 -14.98 -32.31
C2 NAG W . -17.90 -14.37 -33.45
C3 NAG W . -19.22 -13.80 -32.91
C4 NAG W . -19.98 -14.86 -32.13
C5 NAG W . -19.07 -15.49 -31.06
C6 NAG W . -19.73 -16.65 -30.34
C7 NAG W . -16.75 -13.43 -35.41
C8 NAG W . -15.97 -12.26 -35.93
N2 NAG W . -17.15 -13.33 -34.13
O3 NAG W . -20.02 -13.35 -33.99
O4 NAG W . -21.11 -14.27 -31.49
O5 NAG W . -17.87 -15.98 -31.66
O6 NAG W . -18.76 -17.53 -29.80
O7 NAG W . -16.99 -14.41 -36.09
H2 NAG W . -18.12 -15.08 -34.07
H3 NAG W . -19.02 -13.05 -32.32
H4 NAG W . -20.27 -15.57 -32.74
H5 NAG W . -18.84 -14.80 -30.40
H61 NAG W . -20.28 -17.14 -30.98
H62 NAG W . -20.29 -16.31 -29.63
H81 NAG W . -15.73 -12.43 -36.87
H82 NAG W . -15.16 -12.14 -35.40
H83 NAG W . -16.51 -11.46 -35.89
HN2 NAG W . -16.93 -12.58 -33.66
HO3 NAG W . -20.71 -13.88 -34.10
HO6 NAG W . -17.97 -17.37 -30.17
C1 NAG W . -22.31 -14.78 -32.09
C2 NAG W . -23.51 -14.15 -31.37
C3 NAG W . -24.81 -14.62 -32.00
C4 NAG W . -24.81 -14.36 -33.50
C5 NAG W . -23.56 -14.98 -34.14
C6 NAG W . -23.43 -14.66 -35.61
C7 NAG W . -23.09 -13.59 -29.01
C8 NAG W . -23.14 -14.08 -27.60
N2 NAG W . -23.48 -14.45 -29.95
O3 NAG W . -25.91 -13.94 -31.40
O4 NAG W . -25.96 -14.92 -34.10
O5 NAG W . -22.38 -14.47 -33.49
O6 NAG W . -23.57 -13.27 -35.86
O7 NAG W . -22.74 -12.45 -29.29
H2 NAG W . -23.46 -13.18 -31.49
H3 NAG W . -24.91 -15.58 -31.85
H4 NAG W . -24.80 -13.40 -33.66
H5 NAG W . -23.59 -15.94 -34.02
H61 NAG W . -24.12 -15.14 -36.11
H62 NAG W . -22.55 -14.95 -35.92
H81 NAG W . -22.89 -13.37 -26.99
H82 NAG W . -22.51 -14.82 -27.50
H83 NAG W . -24.04 -14.39 -27.39
HN2 NAG W . -23.74 -15.29 -29.69
HO3 NAG W . -26.66 -14.19 -31.78
HO4 NAG W . -26.15 -14.48 -34.85
HO6 NAG W . -23.68 -13.14 -36.73
C1 NAG X . -4.35 4.20 -41.73
C2 NAG X . -3.50 5.35 -41.17
C3 NAG X . -3.52 6.55 -42.13
C4 NAG X . -3.13 6.12 -43.53
C5 NAG X . -4.05 5.00 -43.99
C6 NAG X . -3.68 4.46 -45.36
C7 NAG X . -3.19 6.46 -39.00
C8 NAG X . -3.82 6.78 -37.68
N2 NAG X . -3.94 5.74 -39.85
O3 NAG X . -2.63 7.55 -41.67
O4 NAG X . -3.24 7.21 -44.43
O5 NAG X . -3.94 3.89 -43.07
O6 NAG X . -3.58 3.04 -45.35
O7 NAG X . -2.06 6.82 -39.28
H2 NAG X . -2.56 5.04 -41.11
H3 NAG X . -4.43 6.91 -42.15
H4 NAG X . -2.22 5.80 -43.52
H5 NAG X . -4.97 5.30 -44.00
H61 NAG X . -2.82 4.83 -45.63
H62 NAG X . -4.37 4.73 -46.00
H81 NAG X . -3.16 7.19 -37.10
H82 NAG X . -4.14 5.96 -37.25
H83 NAG X . -4.57 7.39 -37.81
HN2 NAG X . -4.79 5.50 -39.59
HO3 NAG X . -1.90 7.55 -42.17
HO6 NAG X . -3.78 2.73 -44.54
C1 NAG X . -1.93 7.51 -44.95
C2 NAG X . -2.05 8.56 -46.06
C3 NAG X . -0.66 8.93 -46.58
C4 NAG X . 0.24 9.37 -45.44
C5 NAG X . 0.26 8.29 -44.35
C6 NAG X . 1.05 8.71 -43.13
C7 NAG X . -2.66 6.96 -47.82
C8 NAG X . -3.64 6.62 -48.91
N2 NAG X . -2.89 8.08 -47.14
O3 NAG X . -0.78 9.98 -47.53
O4 NAG X . 1.56 9.59 -45.90
O5 NAG X . -1.08 8.01 -43.91
O6 NAG X . 2.45 8.62 -43.35
O7 NAG X . -1.70 6.22 -47.57
H2 NAG X . -2.45 9.36 -45.69
H3 NAG X . -0.26 8.16 -47.02
H4 NAG X . -0.11 10.20 -45.06
H5 NAG X . 0.65 7.48 -44.71
H61 NAG X . 0.81 8.12 -42.38
H62 NAG X . 0.82 9.62 -42.90
H81 NAG X . -3.37 5.80 -49.36
H82 NAG X . -3.67 7.35 -49.56
H83 NAG X . -4.53 6.50 -48.52
HN2 NAG X . -3.62 8.57 -47.38
HO3 NAG X . 0.01 10.18 -47.86
HO4 NAG X . 2.09 8.93 -45.62
HO6 NAG X . 2.85 8.24 -42.65
#